data_2DAX
#
_entry.id   2DAX
#
_entity_poly.entity_id   1
_entity_poly.type   'polypeptide(L)'
_entity_poly.pdbx_seq_one_letter_code
;GSSGSSGEQAEAQLAELDLLASMFPGENELIVNDQLAVAELKDCIEKKTMEGRSSKVYFTINMNLDVSDEKMAMFSLACI
LPFKYPAVLPEITVRSVLLSRSQQTQLNTDLTAFLQKHCHGDVCILNATEWVREHASGYVSRDTSSSGPSSG
;
_entity_poly.pdbx_strand_id   A
#
# COMPACT_ATOMS: atom_id res chain seq x y z
N GLY A 1 32.48 14.45 10.67
CA GLY A 1 32.39 13.04 10.34
C GLY A 1 31.15 12.71 9.54
N SER A 2 31.33 12.14 8.36
CA SER A 2 30.21 11.77 7.50
C SER A 2 29.59 10.46 7.95
N SER A 3 28.27 10.45 8.06
CA SER A 3 27.54 9.26 8.49
C SER A 3 26.70 8.69 7.35
N GLY A 4 26.53 7.38 7.35
CA GLY A 4 25.74 6.73 6.32
C GLY A 4 26.03 7.28 4.94
N SER A 5 25.12 7.06 4.00
CA SER A 5 25.29 7.54 2.63
C SER A 5 24.35 8.71 2.34
N SER A 6 24.85 9.69 1.60
CA SER A 6 24.08 10.87 1.25
C SER A 6 22.67 10.48 0.80
N GLY A 7 21.77 11.45 0.75
CA GLY A 7 20.41 11.19 0.33
C GLY A 7 19.83 9.96 1.01
N GLU A 8 19.77 9.99 2.34
CA GLU A 8 19.23 8.87 3.09
C GLU A 8 17.76 8.64 2.76
N GLN A 9 17.05 9.73 2.48
CA GLN A 9 15.64 9.66 2.15
C GLN A 9 15.39 8.64 1.03
N ALA A 10 16.15 8.78 -0.06
CA ALA A 10 16.01 7.88 -1.19
C ALA A 10 16.26 6.43 -0.78
N GLU A 11 17.22 6.24 0.11
CA GLU A 11 17.56 4.90 0.58
C GLU A 11 16.50 4.39 1.56
N ALA A 12 15.88 5.31 2.28
CA ALA A 12 14.84 4.95 3.24
C ALA A 12 13.66 4.28 2.55
N GLN A 13 13.33 4.74 1.36
CA GLN A 13 12.21 4.18 0.59
C GLN A 13 12.63 2.88 -0.09
N LEU A 14 13.63 2.96 -0.96
CA LEU A 14 14.11 1.79 -1.68
C LEU A 14 14.27 0.60 -0.74
N ALA A 15 15.01 0.80 0.35
CA ALA A 15 15.23 -0.26 1.32
C ALA A 15 13.95 -1.07 1.55
N GLU A 16 12.90 -0.39 1.98
CA GLU A 16 11.62 -1.04 2.23
C GLU A 16 11.18 -1.87 1.02
N LEU A 17 10.90 -1.19 -0.08
CA LEU A 17 10.47 -1.84 -1.30
C LEU A 17 11.22 -3.15 -1.51
N ASP A 18 12.55 -3.08 -1.47
CA ASP A 18 13.38 -4.26 -1.65
C ASP A 18 12.99 -5.36 -0.69
N LEU A 19 12.66 -4.98 0.55
CA LEU A 19 12.26 -5.94 1.57
C LEU A 19 10.90 -6.54 1.24
N LEU A 20 9.90 -5.67 1.10
CA LEU A 20 8.54 -6.13 0.79
C LEU A 20 8.56 -7.26 -0.24
N ALA A 21 9.16 -6.98 -1.39
CA ALA A 21 9.25 -7.97 -2.46
C ALA A 21 9.45 -9.38 -1.88
N SER A 22 10.29 -9.49 -0.85
CA SER A 22 10.56 -10.76 -0.21
C SER A 22 9.39 -11.20 0.66
N MET A 23 8.86 -10.26 1.45
CA MET A 23 7.74 -10.54 2.33
C MET A 23 6.61 -11.22 1.57
N PHE A 24 6.54 -10.96 0.27
CA PHE A 24 5.50 -11.55 -0.57
C PHE A 24 6.11 -12.36 -1.70
N PRO A 25 6.50 -13.61 -1.39
CA PRO A 25 7.10 -14.52 -2.38
C PRO A 25 6.10 -14.98 -3.42
N GLY A 26 4.82 -14.95 -3.06
CA GLY A 26 3.78 -15.38 -3.98
C GLY A 26 3.92 -14.74 -5.35
N GLU A 27 3.22 -15.29 -6.33
CA GLU A 27 3.27 -14.77 -7.70
C GLU A 27 2.19 -13.71 -7.91
N ASN A 28 1.05 -13.89 -7.26
CA ASN A 28 -0.06 -12.95 -7.38
C ASN A 28 -0.38 -12.30 -6.04
N GLU A 29 0.67 -11.86 -5.34
CA GLU A 29 0.50 -11.22 -4.04
C GLU A 29 0.72 -9.72 -4.15
N LEU A 30 1.75 -9.33 -4.90
CA LEU A 30 2.07 -7.91 -5.09
C LEU A 30 2.54 -7.64 -6.52
N ILE A 31 1.97 -6.60 -7.12
CA ILE A 31 2.33 -6.24 -8.50
C ILE A 31 2.58 -4.73 -8.61
N VAL A 32 3.71 -4.37 -9.20
CA VAL A 32 4.06 -2.97 -9.38
C VAL A 32 3.95 -2.56 -10.84
N ASN A 33 3.12 -1.56 -11.10
CA ASN A 33 2.91 -1.07 -12.46
C ASN A 33 3.99 -0.05 -12.83
N ASP A 34 4.34 0.81 -11.88
CA ASP A 34 5.36 1.83 -12.10
C ASP A 34 6.72 1.36 -11.63
N GLN A 35 7.37 0.53 -12.43
CA GLN A 35 8.69 0.00 -12.10
C GLN A 35 9.77 1.07 -12.28
N LEU A 36 9.62 1.86 -13.33
CA LEU A 36 10.59 2.92 -13.63
C LEU A 36 10.87 3.75 -12.38
N ALA A 37 9.82 4.09 -11.64
CA ALA A 37 9.96 4.88 -10.43
C ALA A 37 11.08 4.34 -9.55
N VAL A 38 11.00 3.05 -9.22
CA VAL A 38 12.01 2.41 -8.39
C VAL A 38 13.40 2.59 -8.97
N ALA A 39 13.54 2.24 -10.24
CA ALA A 39 14.83 2.36 -10.93
C ALA A 39 15.46 3.72 -10.68
N GLU A 40 14.66 4.78 -10.77
CA GLU A 40 15.14 6.13 -10.55
C GLU A 40 15.58 6.33 -9.10
N LEU A 41 14.88 5.66 -8.19
CA LEU A 41 15.20 5.76 -6.77
C LEU A 41 16.50 5.03 -6.44
N LYS A 42 16.84 4.04 -7.27
CA LYS A 42 18.06 3.27 -7.08
C LYS A 42 19.26 3.98 -7.70
N ASP A 43 19.03 4.63 -8.82
CA ASP A 43 20.09 5.36 -9.52
C ASP A 43 20.39 6.68 -8.82
N CYS A 44 19.33 7.39 -8.42
CA CYS A 44 19.49 8.67 -7.74
C CYS A 44 20.48 8.56 -6.59
N ILE A 45 20.42 7.44 -5.87
CA ILE A 45 21.31 7.21 -4.74
C ILE A 45 22.76 7.09 -5.20
N GLU A 46 22.99 6.24 -6.20
CA GLU A 46 24.33 6.02 -6.74
C GLU A 46 24.92 7.32 -7.26
N LYS A 47 24.16 8.01 -8.11
CA LYS A 47 24.60 9.28 -8.68
C LYS A 47 24.61 10.38 -7.63
N LYS A 48 23.89 10.15 -6.54
CA LYS A 48 23.82 11.13 -5.46
C LYS A 48 23.55 12.53 -6.00
N THR A 49 22.64 12.62 -6.96
CA THR A 49 22.29 13.90 -7.58
C THR A 49 20.82 14.23 -7.34
N MET A 50 20.08 13.26 -6.81
CA MET A 50 18.66 13.46 -6.54
C MET A 50 17.99 14.23 -7.67
N GLU A 51 18.32 13.88 -8.91
CA GLU A 51 17.75 14.55 -10.07
C GLU A 51 17.29 13.54 -11.11
N GLY A 52 16.05 13.07 -10.98
CA GLY A 52 15.51 12.11 -11.91
C GLY A 52 14.10 11.68 -11.56
N ARG A 53 13.92 11.12 -10.36
CA ARG A 53 12.61 10.68 -9.92
C ARG A 53 11.53 11.64 -10.36
N SER A 54 10.81 11.28 -11.42
CA SER A 54 9.75 12.11 -11.95
C SER A 54 8.38 11.46 -11.74
N SER A 55 8.40 10.17 -11.43
CA SER A 55 7.17 9.42 -11.21
C SER A 55 7.15 8.81 -9.81
N LYS A 56 5.96 8.72 -9.23
CA LYS A 56 5.81 8.15 -7.89
C LYS A 56 5.78 6.62 -7.96
N VAL A 57 6.33 5.98 -6.94
CA VAL A 57 6.38 4.53 -6.88
C VAL A 57 4.98 3.94 -6.65
N TYR A 58 4.34 3.54 -7.73
CA TYR A 58 2.99 2.97 -7.65
C TYR A 58 3.04 1.44 -7.75
N PHE A 59 2.43 0.78 -6.77
CA PHE A 59 2.40 -0.68 -6.73
C PHE A 59 1.19 -1.18 -5.95
N THR A 60 0.48 -2.14 -6.54
CA THR A 60 -0.70 -2.71 -5.89
C THR A 60 -0.36 -4.01 -5.17
N ILE A 61 -1.07 -4.28 -4.08
CA ILE A 61 -0.85 -5.49 -3.30
C ILE A 61 -2.13 -6.31 -3.19
N ASN A 62 -2.12 -7.52 -3.74
CA ASN A 62 -3.27 -8.41 -3.70
C ASN A 62 -3.19 -9.34 -2.50
N MET A 63 -4.14 -9.19 -1.57
CA MET A 63 -4.17 -10.03 -0.38
C MET A 63 -5.46 -10.85 -0.33
N ASN A 64 -5.31 -12.16 -0.24
CA ASN A 64 -6.46 -13.07 -0.18
C ASN A 64 -6.95 -13.24 1.25
N LEU A 65 -8.15 -12.76 1.53
CA LEU A 65 -8.73 -12.86 2.86
C LEU A 65 -10.23 -13.13 2.79
N ASP A 66 -10.80 -13.61 3.89
CA ASP A 66 -12.23 -13.89 3.95
C ASP A 66 -13.00 -12.71 4.50
N VAL A 67 -14.23 -12.53 4.02
CA VAL A 67 -15.08 -11.44 4.47
C VAL A 67 -16.33 -11.96 5.17
N SER A 68 -17.03 -12.87 4.50
CA SER A 68 -18.25 -13.44 5.07
C SER A 68 -18.68 -14.68 4.28
N ASP A 69 -19.79 -15.29 4.69
CA ASP A 69 -20.30 -16.47 4.01
C ASP A 69 -19.19 -17.47 3.72
N GLU A 70 -18.29 -17.63 4.70
CA GLU A 70 -17.17 -18.55 4.54
C GLU A 70 -16.57 -18.46 3.14
N LYS A 71 -16.56 -17.25 2.59
CA LYS A 71 -16.01 -17.02 1.25
C LYS A 71 -14.75 -16.17 1.32
N MET A 72 -13.99 -16.16 0.23
CA MET A 72 -12.75 -15.39 0.16
C MET A 72 -12.80 -14.40 -1.00
N ALA A 73 -11.96 -13.37 -0.93
CA ALA A 73 -11.90 -12.36 -1.97
C ALA A 73 -10.53 -11.67 -2.00
N MET A 74 -10.21 -11.07 -3.14
CA MET A 74 -8.93 -10.37 -3.29
C MET A 74 -9.05 -8.90 -2.91
N PHE A 75 -8.04 -8.38 -2.25
CA PHE A 75 -8.03 -6.98 -1.83
C PHE A 75 -6.86 -6.23 -2.44
N SER A 76 -7.15 -5.33 -3.38
CA SER A 76 -6.12 -4.55 -4.04
C SER A 76 -5.78 -3.30 -3.24
N LEU A 77 -4.50 -3.17 -2.88
CA LEU A 77 -4.04 -2.02 -2.10
C LEU A 77 -3.07 -1.16 -2.92
N ALA A 78 -3.60 -0.15 -3.59
CA ALA A 78 -2.79 0.74 -4.40
C ALA A 78 -1.94 1.66 -3.52
N CYS A 79 -0.71 1.23 -3.24
CA CYS A 79 0.20 2.01 -2.41
C CYS A 79 1.09 2.92 -3.27
N ILE A 80 1.20 4.17 -2.87
CA ILE A 80 2.01 5.14 -3.60
C ILE A 80 3.00 5.84 -2.69
N LEU A 81 4.28 5.75 -3.02
CA LEU A 81 5.33 6.38 -2.22
C LEU A 81 5.73 7.72 -2.82
N PRO A 82 5.41 8.81 -2.09
CA PRO A 82 5.72 10.17 -2.53
C PRO A 82 7.22 10.46 -2.48
N PHE A 83 7.60 11.68 -2.84
CA PHE A 83 9.00 12.08 -2.82
C PHE A 83 9.38 12.70 -1.49
N LYS A 84 8.68 12.29 -0.43
CA LYS A 84 8.94 12.80 0.91
C LYS A 84 9.21 11.65 1.88
N TYR A 85 8.40 10.59 1.77
CA TYR A 85 8.55 9.44 2.64
C TYR A 85 10.01 9.24 3.05
N PRO A 86 10.23 8.85 4.31
CA PRO A 86 9.15 8.64 5.28
C PRO A 86 8.46 9.94 5.68
N ALA A 87 9.05 11.06 5.26
CA ALA A 87 8.50 12.37 5.59
C ALA A 87 6.97 12.32 5.68
N VAL A 88 6.31 12.21 4.53
CA VAL A 88 4.86 12.15 4.49
C VAL A 88 4.38 10.75 4.11
N LEU A 89 3.44 10.22 4.89
CA LEU A 89 2.89 8.89 4.64
C LEU A 89 2.44 8.75 3.18
N PRO A 90 2.45 7.51 2.68
CA PRO A 90 2.04 7.21 1.30
C PRO A 90 0.54 7.40 1.08
N GLU A 91 0.10 7.22 -0.15
CA GLU A 91 -1.32 7.38 -0.49
C GLU A 91 -1.96 6.02 -0.75
N ILE A 92 -1.85 5.12 0.23
CA ILE A 92 -2.43 3.78 0.11
C ILE A 92 -3.93 3.86 -0.10
N THR A 93 -4.40 3.36 -1.24
CA THR A 93 -5.82 3.36 -1.56
C THR A 93 -6.33 1.94 -1.77
N VAL A 94 -7.03 1.41 -0.76
CA VAL A 94 -7.59 0.07 -0.85
C VAL A 94 -8.84 0.04 -1.72
N ARG A 95 -8.92 -0.96 -2.59
CA ARG A 95 -10.06 -1.11 -3.48
C ARG A 95 -10.43 -2.58 -3.66
N SER A 96 -11.73 -2.85 -3.73
CA SER A 96 -12.21 -4.22 -3.90
C SER A 96 -13.70 -4.23 -4.26
N VAL A 97 -14.01 -4.83 -5.41
CA VAL A 97 -15.39 -4.91 -5.89
C VAL A 97 -16.35 -5.18 -4.73
N LEU A 98 -15.86 -5.86 -3.71
CA LEU A 98 -16.67 -6.18 -2.55
C LEU A 98 -17.17 -4.91 -1.85
N LEU A 99 -16.22 -4.05 -1.47
CA LEU A 99 -16.56 -2.79 -0.82
C LEU A 99 -17.22 -1.83 -1.79
N SER A 100 -18.27 -1.16 -1.33
CA SER A 100 -18.99 -0.19 -2.16
C SER A 100 -18.33 1.18 -2.09
N ARG A 101 -18.87 2.13 -2.85
CA ARG A 101 -18.35 3.48 -2.88
C ARG A 101 -18.35 4.10 -1.48
N SER A 102 -19.48 3.99 -0.79
CA SER A 102 -19.61 4.53 0.56
C SER A 102 -18.62 3.88 1.51
N GLN A 103 -18.79 2.57 1.72
CA GLN A 103 -17.91 1.83 2.61
C GLN A 103 -16.45 2.09 2.28
N GLN A 104 -16.03 1.62 1.11
CA GLN A 104 -14.65 1.80 0.67
C GLN A 104 -14.09 3.14 1.15
N THR A 105 -14.85 4.20 0.91
CA THR A 105 -14.43 5.54 1.32
C THR A 105 -14.02 5.56 2.79
N GLN A 106 -14.98 5.30 3.67
CA GLN A 106 -14.72 5.29 5.11
C GLN A 106 -13.52 4.42 5.43
N LEU A 107 -13.49 3.21 4.86
CA LEU A 107 -12.39 2.29 5.09
C LEU A 107 -11.04 2.97 4.89
N ASN A 108 -10.81 3.45 3.67
CA ASN A 108 -9.56 4.12 3.34
C ASN A 108 -9.24 5.20 4.37
N THR A 109 -10.13 6.18 4.50
CA THR A 109 -9.94 7.27 5.44
C THR A 109 -9.36 6.78 6.75
N ASP A 110 -9.78 5.58 7.16
CA ASP A 110 -9.29 4.99 8.41
C ASP A 110 -7.88 4.41 8.22
N LEU A 111 -7.74 3.51 7.26
CA LEU A 111 -6.45 2.89 6.99
C LEU A 111 -5.32 3.90 7.14
N THR A 112 -5.54 5.10 6.63
CA THR A 112 -4.53 6.16 6.72
C THR A 112 -4.30 6.58 8.16
N ALA A 113 -5.38 6.90 8.87
CA ALA A 113 -5.29 7.31 10.25
C ALA A 113 -4.43 6.35 11.06
N PHE A 114 -4.73 5.06 10.95
CA PHE A 114 -3.98 4.03 11.67
C PHE A 114 -2.51 4.41 11.77
N LEU A 115 -1.86 4.56 10.62
CA LEU A 115 -0.45 4.91 10.57
C LEU A 115 -0.20 6.27 11.22
N GLN A 116 -0.88 7.29 10.71
CA GLN A 116 -0.73 8.64 11.23
C GLN A 116 -0.52 8.61 12.74
N LYS A 117 -1.16 7.66 13.41
CA LYS A 117 -1.05 7.52 14.86
C LYS A 117 0.04 6.53 15.22
N HIS A 118 -0.16 5.27 14.85
CA HIS A 118 0.82 4.22 15.14
C HIS A 118 2.13 4.49 14.42
N CYS A 119 2.11 4.46 13.09
CA CYS A 119 3.30 4.69 12.29
C CYS A 119 3.33 6.13 11.78
N HIS A 120 4.20 6.94 12.39
CA HIS A 120 4.33 8.34 12.00
C HIS A 120 5.80 8.74 11.89
N GLY A 121 6.24 8.99 10.66
CA GLY A 121 7.63 9.38 10.44
C GLY A 121 8.55 8.19 10.30
N ASP A 122 8.04 7.12 9.68
CA ASP A 122 8.83 5.91 9.48
C ASP A 122 8.36 5.17 8.23
N VAL A 123 9.18 4.20 7.80
CA VAL A 123 8.85 3.41 6.62
C VAL A 123 8.19 2.09 6.99
N CYS A 124 6.87 2.12 7.15
CA CYS A 124 6.12 0.92 7.51
C CYS A 124 4.90 0.75 6.63
N ILE A 125 5.06 0.00 5.54
CA ILE A 125 3.96 -0.24 4.61
C ILE A 125 3.16 -1.47 5.01
N LEU A 126 3.79 -2.36 5.76
CA LEU A 126 3.14 -3.58 6.21
C LEU A 126 2.12 -3.28 7.30
N ASN A 127 2.55 -2.57 8.33
CA ASN A 127 1.67 -2.22 9.44
C ASN A 127 0.26 -1.92 8.94
N ALA A 128 0.16 -1.44 7.71
CA ALA A 128 -1.14 -1.12 7.12
C ALA A 128 -1.85 -2.39 6.66
N THR A 129 -1.23 -3.09 5.72
CA THR A 129 -1.82 -4.33 5.18
C THR A 129 -2.40 -5.19 6.31
N GLU A 130 -1.77 -5.12 7.48
CA GLU A 130 -2.22 -5.90 8.62
C GLU A 130 -3.48 -5.30 9.23
N TRP A 131 -3.55 -3.97 9.25
CA TRP A 131 -4.70 -3.27 9.80
C TRP A 131 -5.90 -3.38 8.86
N VAL A 132 -5.63 -3.68 7.60
CA VAL A 132 -6.69 -3.82 6.60
C VAL A 132 -7.35 -5.19 6.70
N ARG A 133 -6.61 -6.23 6.35
CA ARG A 133 -7.11 -7.59 6.39
C ARG A 133 -8.06 -7.78 7.58
N GLU A 134 -7.80 -7.06 8.66
CA GLU A 134 -8.63 -7.14 9.86
C GLU A 134 -9.91 -6.33 9.69
N HIS A 135 -9.75 -5.02 9.51
CA HIS A 135 -10.90 -4.13 9.33
C HIS A 135 -11.65 -4.46 8.06
N ALA A 136 -10.94 -4.47 6.94
CA ALA A 136 -11.55 -4.76 5.64
C ALA A 136 -12.66 -5.80 5.79
N SER A 137 -12.29 -7.02 6.12
CA SER A 137 -13.26 -8.10 6.30
C SER A 137 -14.51 -7.60 7.00
N GLY A 138 -14.31 -6.78 8.02
CA GLY A 138 -15.43 -6.24 8.77
C GLY A 138 -16.30 -5.32 7.93
N TYR A 139 -15.67 -4.36 7.28
CA TYR A 139 -16.40 -3.41 6.43
C TYR A 139 -17.32 -4.14 5.46
N VAL A 140 -16.77 -5.13 4.77
CA VAL A 140 -17.55 -5.91 3.80
C VAL A 140 -18.79 -6.52 4.46
N SER A 141 -19.95 -6.19 3.91
CA SER A 141 -21.21 -6.70 4.43
C SER A 141 -21.95 -7.51 3.38
N ARG A 142 -22.06 -8.82 3.63
CA ARG A 142 -22.74 -9.71 2.70
C ARG A 142 -23.82 -10.52 3.41
N ASP A 143 -25.06 -10.37 2.96
CA ASP A 143 -26.18 -11.09 3.56
C ASP A 143 -26.91 -11.93 2.51
N THR A 144 -26.44 -13.16 2.31
CA THR A 144 -27.05 -14.06 1.34
C THR A 144 -27.50 -15.36 2.00
N SER A 145 -27.77 -15.29 3.30
CA SER A 145 -28.21 -16.46 4.05
C SER A 145 -29.04 -16.06 5.26
N SER A 146 -30.33 -16.39 5.23
CA SER A 146 -31.24 -16.06 6.32
C SER A 146 -31.47 -17.27 7.22
N SER A 147 -31.92 -17.00 8.45
CA SER A 147 -32.17 -18.07 9.41
C SER A 147 -33.62 -18.55 9.30
N GLY A 148 -33.89 -19.72 9.90
CA GLY A 148 -35.22 -20.28 9.85
C GLY A 148 -35.56 -20.90 8.51
N PRO A 149 -35.15 -22.15 8.31
CA PRO A 149 -35.39 -22.88 7.06
C PRO A 149 -36.86 -23.23 6.87
N SER A 150 -37.34 -23.11 5.63
CA SER A 150 -38.73 -23.40 5.31
C SER A 150 -38.86 -24.77 4.63
N SER A 151 -39.84 -25.55 5.05
CA SER A 151 -40.06 -26.88 4.50
C SER A 151 -41.36 -26.91 3.69
N GLY A 152 -41.34 -27.64 2.58
CA GLY A 152 -42.52 -27.74 1.74
C GLY A 152 -42.49 -26.77 0.58
N GLY A 1 31.55 25.98 -6.95
CA GLY A 1 32.41 25.21 -6.06
C GLY A 1 32.15 23.72 -6.14
N SER A 2 32.23 23.05 -5.01
CA SER A 2 32.01 21.61 -4.95
C SER A 2 31.07 21.23 -3.81
N SER A 3 29.78 21.16 -4.12
CA SER A 3 28.77 20.82 -3.12
C SER A 3 28.13 19.48 -3.43
N GLY A 4 27.47 18.90 -2.44
CA GLY A 4 26.82 17.62 -2.62
C GLY A 4 25.90 17.26 -1.47
N SER A 5 24.62 17.08 -1.77
CA SER A 5 23.63 16.74 -0.75
C SER A 5 23.61 15.23 -0.51
N SER A 6 23.25 14.84 0.72
CA SER A 6 23.19 13.44 1.08
C SER A 6 21.91 12.80 0.55
N GLY A 7 21.99 11.51 0.21
CA GLY A 7 20.83 10.80 -0.30
C GLY A 7 20.31 9.77 0.67
N GLU A 8 20.04 10.19 1.90
CA GLU A 8 19.54 9.29 2.93
C GLU A 8 18.06 8.98 2.70
N GLN A 9 17.23 10.02 2.79
CA GLN A 9 15.80 9.87 2.60
C GLN A 9 15.50 8.91 1.44
N ALA A 10 16.17 9.12 0.31
CA ALA A 10 15.98 8.27 -0.85
C ALA A 10 16.07 6.80 -0.48
N GLU A 11 17.01 6.47 0.40
CA GLU A 11 17.20 5.09 0.83
C GLU A 11 16.00 4.60 1.64
N ALA A 12 15.61 5.38 2.64
CA ALA A 12 14.47 5.03 3.48
C ALA A 12 13.38 4.34 2.67
N GLN A 13 12.79 5.08 1.74
CA GLN A 13 11.73 4.53 0.91
C GLN A 13 12.13 3.17 0.33
N LEU A 14 13.14 3.17 -0.52
CA LEU A 14 13.63 1.93 -1.14
C LEU A 14 13.64 0.80 -0.12
N ALA A 15 14.28 1.04 1.02
CA ALA A 15 14.38 0.04 2.07
C ALA A 15 13.11 -0.81 2.13
N GLU A 16 12.00 -0.19 2.53
CA GLU A 16 10.73 -0.89 2.63
C GLU A 16 10.45 -1.71 1.37
N LEU A 17 10.37 -1.03 0.24
CA LEU A 17 10.11 -1.70 -1.04
C LEU A 17 10.91 -2.99 -1.15
N ASP A 18 12.19 -2.91 -0.81
CA ASP A 18 13.07 -4.07 -0.87
C ASP A 18 12.53 -5.21 0.00
N LEU A 19 12.09 -4.87 1.21
CA LEU A 19 11.54 -5.85 2.13
C LEU A 19 10.25 -6.45 1.59
N LEU A 20 9.36 -5.59 1.11
CA LEU A 20 8.08 -6.04 0.56
C LEU A 20 8.29 -7.07 -0.55
N ALA A 21 8.94 -6.64 -1.63
CA ALA A 21 9.21 -7.52 -2.75
C ALA A 21 9.52 -8.94 -2.28
N SER A 22 10.40 -9.04 -1.29
CA SER A 22 10.79 -10.34 -0.74
C SER A 22 9.62 -11.01 -0.03
N MET A 23 8.89 -10.22 0.76
CA MET A 23 7.75 -10.75 1.50
C MET A 23 6.74 -11.40 0.55
N PHE A 24 6.53 -10.77 -0.60
CA PHE A 24 5.59 -11.29 -1.59
C PHE A 24 6.34 -11.95 -2.75
N PRO A 25 6.41 -13.29 -2.71
CA PRO A 25 7.09 -14.07 -3.76
C PRO A 25 6.35 -14.04 -5.09
N GLY A 26 5.03 -14.18 -5.02
CA GLY A 26 4.22 -14.17 -6.23
C GLY A 26 2.80 -14.62 -5.98
N GLU A 27 2.41 -15.74 -6.58
CA GLU A 27 1.06 -16.26 -6.42
C GLU A 27 0.05 -15.13 -6.28
N ASN A 28 0.06 -14.21 -7.23
CA ASN A 28 -0.87 -13.08 -7.21
C ASN A 28 -0.82 -12.37 -5.86
N GLU A 29 0.39 -12.17 -5.34
CA GLU A 29 0.56 -11.51 -4.06
C GLU A 29 0.73 -10.00 -4.23
N LEU A 30 1.82 -9.61 -4.89
CA LEU A 30 2.10 -8.19 -5.14
C LEU A 30 2.53 -7.97 -6.58
N ILE A 31 2.04 -6.89 -7.17
CA ILE A 31 2.38 -6.55 -8.55
C ILE A 31 2.81 -5.09 -8.68
N VAL A 32 4.02 -4.87 -9.16
CA VAL A 32 4.54 -3.51 -9.34
C VAL A 32 4.46 -3.09 -10.80
N ASN A 33 3.39 -2.39 -11.15
CA ASN A 33 3.20 -1.92 -12.51
C ASN A 33 4.31 -0.96 -12.92
N ASP A 34 4.53 0.06 -12.10
CA ASP A 34 5.58 1.05 -12.37
C ASP A 34 6.96 0.47 -12.08
N GLN A 35 7.89 0.68 -13.00
CA GLN A 35 9.25 0.18 -12.85
C GLN A 35 10.26 1.31 -12.96
N LEU A 36 9.96 2.29 -13.80
CA LEU A 36 10.85 3.43 -14.00
C LEU A 36 11.12 4.14 -12.68
N ALA A 37 10.08 4.69 -12.07
CA ALA A 37 10.21 5.39 -10.81
C ALA A 37 11.22 4.70 -9.90
N VAL A 38 11.00 3.40 -9.65
CA VAL A 38 11.89 2.62 -8.80
C VAL A 38 13.32 2.63 -9.34
N ALA A 39 13.47 2.21 -10.59
CA ALA A 39 14.79 2.17 -11.23
C ALA A 39 15.54 3.48 -11.02
N GLU A 40 14.81 4.59 -11.12
CA GLU A 40 15.41 5.91 -10.94
C GLU A 40 15.82 6.13 -9.48
N LEU A 41 14.95 5.75 -8.57
CA LEU A 41 15.21 5.90 -7.14
C LEU A 41 16.51 5.20 -6.76
N LYS A 42 16.62 3.93 -7.12
CA LYS A 42 17.81 3.14 -6.81
C LYS A 42 19.06 3.79 -7.41
N ASP A 43 18.97 4.18 -8.68
CA ASP A 43 20.08 4.81 -9.37
C ASP A 43 20.50 6.10 -8.67
N CYS A 44 19.50 6.86 -8.22
CA CYS A 44 19.75 8.12 -7.54
C CYS A 44 20.70 7.93 -6.36
N ILE A 45 20.40 6.95 -5.52
CA ILE A 45 21.23 6.66 -4.36
C ILE A 45 22.67 6.35 -4.77
N GLU A 46 22.83 5.44 -5.72
CA GLU A 46 24.16 5.07 -6.21
C GLU A 46 24.89 6.29 -6.76
N LYS A 47 24.22 7.04 -7.62
CA LYS A 47 24.81 8.24 -8.23
C LYS A 47 24.97 9.35 -7.19
N LYS A 48 24.49 9.09 -5.98
CA LYS A 48 24.57 10.06 -4.90
C LYS A 48 24.20 11.46 -5.39
N THR A 49 23.10 11.55 -6.13
CA THR A 49 22.63 12.83 -6.66
C THR A 49 21.12 12.82 -6.84
N MET A 50 20.42 13.53 -5.97
CA MET A 50 18.96 13.61 -6.04
C MET A 50 18.52 14.54 -7.16
N GLU A 51 18.38 14.00 -8.37
CA GLU A 51 17.97 14.78 -9.52
C GLU A 51 16.58 15.36 -9.32
N GLY A 52 15.62 14.50 -9.03
CA GLY A 52 14.25 14.95 -8.81
C GLY A 52 13.23 14.00 -9.40
N ARG A 53 12.77 13.05 -8.61
CA ARG A 53 11.79 12.08 -9.06
C ARG A 53 10.58 12.77 -9.68
N SER A 54 10.13 12.27 -10.82
CA SER A 54 8.98 12.84 -11.51
C SER A 54 7.75 11.96 -11.36
N SER A 55 7.96 10.64 -11.42
CA SER A 55 6.86 9.70 -11.28
C SER A 55 6.92 8.98 -9.93
N LYS A 56 5.78 8.90 -9.26
CA LYS A 56 5.70 8.23 -7.96
C LYS A 56 5.68 6.72 -8.12
N VAL A 57 6.31 6.02 -7.18
CA VAL A 57 6.36 4.57 -7.21
C VAL A 57 4.98 3.96 -7.05
N TYR A 58 4.43 3.44 -8.14
CA TYR A 58 3.10 2.84 -8.12
C TYR A 58 3.20 1.31 -8.06
N PHE A 59 2.54 0.72 -7.07
CA PHE A 59 2.55 -0.74 -6.91
C PHE A 59 1.34 -1.20 -6.10
N THR A 60 0.62 -2.17 -6.65
CA THR A 60 -0.56 -2.70 -5.98
C THR A 60 -0.22 -3.96 -5.19
N ILE A 61 -0.98 -4.20 -4.12
CA ILE A 61 -0.76 -5.38 -3.28
C ILE A 61 -2.03 -6.21 -3.15
N ASN A 62 -1.98 -7.44 -3.65
CA ASN A 62 -3.13 -8.34 -3.59
C ASN A 62 -3.07 -9.21 -2.34
N MET A 63 -4.13 -9.19 -1.56
CA MET A 63 -4.21 -9.97 -0.33
C MET A 63 -5.53 -10.74 -0.26
N ASN A 64 -5.45 -12.07 -0.32
CA ASN A 64 -6.63 -12.91 -0.26
C ASN A 64 -7.05 -13.16 1.19
N LEU A 65 -8.29 -12.83 1.51
CA LEU A 65 -8.81 -13.02 2.86
C LEU A 65 -10.28 -13.43 2.82
N ASP A 66 -10.69 -14.23 3.80
CA ASP A 66 -12.07 -14.69 3.87
C ASP A 66 -12.99 -13.59 4.38
N VAL A 67 -14.13 -13.42 3.72
CA VAL A 67 -15.09 -12.40 4.09
C VAL A 67 -16.32 -13.01 4.75
N SER A 68 -16.91 -14.00 4.09
CA SER A 68 -18.09 -14.68 4.62
C SER A 68 -18.48 -15.87 3.73
N ASP A 69 -19.52 -16.58 4.15
CA ASP A 69 -19.99 -17.74 3.40
C ASP A 69 -18.83 -18.68 3.06
N GLU A 70 -17.88 -18.80 3.99
CA GLU A 70 -16.72 -19.66 3.78
C GLU A 70 -16.04 -19.34 2.46
N LYS A 71 -16.13 -18.09 2.04
CA LYS A 71 -15.52 -17.65 0.78
C LYS A 71 -14.49 -16.55 1.04
N MET A 72 -13.80 -16.13 -0.01
CA MET A 72 -12.80 -15.08 0.10
C MET A 72 -12.78 -14.21 -1.16
N ALA A 73 -12.08 -13.09 -1.08
CA ALA A 73 -11.98 -12.17 -2.20
C ALA A 73 -10.59 -11.54 -2.29
N MET A 74 -10.31 -10.86 -3.39
CA MET A 74 -9.02 -10.22 -3.60
C MET A 74 -9.09 -8.73 -3.25
N PHE A 75 -8.10 -8.26 -2.51
CA PHE A 75 -8.05 -6.85 -2.11
C PHE A 75 -6.85 -6.15 -2.74
N SER A 76 -7.13 -5.22 -3.65
CA SER A 76 -6.08 -4.47 -4.33
C SER A 76 -5.73 -3.20 -3.57
N LEU A 77 -4.53 -3.16 -3.03
CA LEU A 77 -4.07 -1.99 -2.28
C LEU A 77 -3.11 -1.15 -3.10
N ALA A 78 -3.63 -0.11 -3.74
CA ALA A 78 -2.83 0.77 -4.57
C ALA A 78 -1.94 1.66 -3.70
N CYS A 79 -0.70 1.21 -3.47
CA CYS A 79 0.24 1.97 -2.66
C CYS A 79 1.13 2.84 -3.53
N ILE A 80 1.35 4.07 -3.07
CA ILE A 80 2.17 5.03 -3.82
C ILE A 80 3.08 5.82 -2.88
N LEU A 81 4.38 5.75 -3.13
CA LEU A 81 5.36 6.47 -2.31
C LEU A 81 5.63 7.86 -2.88
N PRO A 82 5.22 8.90 -2.12
CA PRO A 82 5.42 10.29 -2.53
C PRO A 82 6.88 10.71 -2.50
N PHE A 83 7.15 11.95 -2.89
CA PHE A 83 8.52 12.47 -2.91
C PHE A 83 8.85 13.14 -1.58
N LYS A 84 8.20 12.69 -0.51
CA LYS A 84 8.43 13.25 0.82
C LYS A 84 8.75 12.15 1.82
N TYR A 85 8.02 11.04 1.72
CA TYR A 85 8.24 9.91 2.63
C TYR A 85 9.70 9.78 3.01
N PRO A 86 9.95 9.44 4.28
CA PRO A 86 8.89 9.21 5.26
C PRO A 86 8.15 10.49 5.65
N ALA A 87 8.69 11.62 5.21
CA ALA A 87 8.08 12.91 5.50
C ALA A 87 6.56 12.79 5.62
N VAL A 88 5.90 12.56 4.48
CA VAL A 88 4.45 12.43 4.46
C VAL A 88 4.04 11.00 4.10
N LEU A 89 3.16 10.42 4.92
CA LEU A 89 2.69 9.07 4.69
C LEU A 89 2.37 8.84 3.23
N PRO A 90 2.37 7.56 2.81
CA PRO A 90 2.08 7.18 1.43
C PRO A 90 0.63 7.41 1.05
N GLU A 91 0.21 6.85 -0.08
CA GLU A 91 -1.16 7.00 -0.56
C GLU A 91 -1.75 5.64 -0.96
N ILE A 92 -2.06 4.83 0.03
CA ILE A 92 -2.62 3.50 -0.22
C ILE A 92 -4.12 3.58 -0.51
N THR A 93 -4.58 2.86 -1.52
CA THR A 93 -5.98 2.85 -1.90
C THR A 93 -6.55 1.43 -1.90
N VAL A 94 -7.46 1.16 -0.98
CA VAL A 94 -8.08 -0.16 -0.88
C VAL A 94 -9.35 -0.24 -1.73
N ARG A 95 -9.35 -1.15 -2.69
CA ARG A 95 -10.50 -1.33 -3.57
C ARG A 95 -10.90 -2.80 -3.67
N SER A 96 -12.20 -3.05 -3.74
CA SER A 96 -12.70 -4.41 -3.83
C SER A 96 -14.12 -4.43 -4.41
N VAL A 97 -14.40 -5.42 -5.25
CA VAL A 97 -15.71 -5.55 -5.87
C VAL A 97 -16.80 -5.69 -4.81
N LEU A 98 -16.44 -6.27 -3.67
CA LEU A 98 -17.39 -6.46 -2.58
C LEU A 98 -17.77 -5.13 -1.95
N LEU A 99 -16.75 -4.39 -1.50
CA LEU A 99 -16.97 -3.09 -0.87
C LEU A 99 -17.45 -2.06 -1.90
N SER A 100 -18.24 -1.10 -1.44
CA SER A 100 -18.75 -0.05 -2.31
C SER A 100 -18.01 1.27 -2.09
N ARG A 101 -18.11 2.16 -3.07
CA ARG A 101 -17.45 3.46 -2.98
C ARG A 101 -17.74 4.13 -1.64
N SER A 102 -18.95 3.89 -1.12
CA SER A 102 -19.35 4.47 0.16
C SER A 102 -18.51 3.92 1.30
N GLN A 103 -18.70 2.64 1.61
CA GLN A 103 -17.96 2.00 2.68
C GLN A 103 -16.46 2.07 2.43
N GLN A 104 -16.05 1.63 1.24
CA GLN A 104 -14.63 1.64 0.87
C GLN A 104 -13.97 2.95 1.28
N THR A 105 -14.65 4.06 1.01
CA THR A 105 -14.13 5.38 1.35
C THR A 105 -13.86 5.49 2.85
N GLN A 106 -14.81 5.04 3.65
CA GLN A 106 -14.68 5.10 5.10
C GLN A 106 -13.50 4.26 5.57
N LEU A 107 -13.35 3.07 5.00
CA LEU A 107 -12.26 2.17 5.36
C LEU A 107 -10.91 2.84 5.10
N ASN A 108 -10.72 3.31 3.88
CA ASN A 108 -9.47 3.98 3.50
C ASN A 108 -9.10 5.05 4.51
N THR A 109 -9.98 6.03 4.67
CA THR A 109 -9.75 7.13 5.60
C THR A 109 -9.19 6.61 6.92
N ASP A 110 -9.65 5.43 7.34
CA ASP A 110 -9.20 4.84 8.59
C ASP A 110 -7.81 4.23 8.43
N LEU A 111 -7.63 3.43 7.38
CA LEU A 111 -6.35 2.79 7.12
C LEU A 111 -5.21 3.78 7.25
N THR A 112 -5.37 4.95 6.63
CA THR A 112 -4.35 5.99 6.68
C THR A 112 -4.19 6.53 8.09
N ALA A 113 -5.31 6.81 8.76
CA ALA A 113 -5.29 7.34 10.11
C ALA A 113 -4.48 6.44 11.03
N PHE A 114 -4.77 5.13 11.00
CA PHE A 114 -4.08 4.17 11.83
C PHE A 114 -2.57 4.48 11.88
N LEU A 115 -1.96 4.59 10.71
CA LEU A 115 -0.54 4.88 10.62
C LEU A 115 -0.23 6.28 11.15
N GLN A 116 -1.02 7.26 10.72
CA GLN A 116 -0.83 8.64 11.16
C GLN A 116 -0.65 8.71 12.67
N LYS A 117 -1.12 7.67 13.36
CA LYS A 117 -1.01 7.62 14.82
C LYS A 117 0.22 6.82 15.24
N HIS A 118 0.22 5.53 14.92
CA HIS A 118 1.33 4.66 15.27
C HIS A 118 2.52 4.90 14.35
N CYS A 119 2.35 4.57 13.07
CA CYS A 119 3.41 4.75 12.09
C CYS A 119 3.42 6.18 11.55
N HIS A 120 4.25 7.03 12.16
CA HIS A 120 4.35 8.42 11.75
C HIS A 120 5.81 8.88 11.71
N GLY A 121 6.20 9.51 10.60
CA GLY A 121 7.56 9.97 10.46
C GLY A 121 8.55 8.83 10.28
N ASP A 122 8.12 7.79 9.58
CA ASP A 122 8.98 6.63 9.35
C ASP A 122 8.55 5.89 8.08
N VAL A 123 9.24 4.79 7.78
CA VAL A 123 8.92 3.99 6.60
C VAL A 123 8.34 2.63 6.99
N CYS A 124 7.03 2.49 6.83
CA CYS A 124 6.35 1.25 7.17
C CYS A 124 5.10 1.06 6.32
N ILE A 125 5.18 0.18 5.34
CA ILE A 125 4.04 -0.08 4.46
C ILE A 125 3.22 -1.27 4.97
N LEU A 126 3.87 -2.40 5.16
CA LEU A 126 3.21 -3.61 5.64
C LEU A 126 2.24 -3.27 6.77
N ASN A 127 2.69 -2.44 7.71
CA ASN A 127 1.85 -2.04 8.83
C ASN A 127 0.42 -1.81 8.39
N ALA A 128 0.25 -1.22 7.22
CA ALA A 128 -1.08 -0.94 6.68
C ALA A 128 -1.79 -2.23 6.27
N THR A 129 -1.06 -3.11 5.59
CA THR A 129 -1.62 -4.38 5.14
C THR A 129 -2.12 -5.20 6.32
N GLU A 130 -1.41 -5.13 7.44
CA GLU A 130 -1.78 -5.87 8.63
C GLU A 130 -2.97 -5.22 9.33
N TRP A 131 -3.23 -3.96 8.99
CA TRP A 131 -4.33 -3.22 9.58
C TRP A 131 -5.59 -3.32 8.72
N VAL A 132 -5.39 -3.70 7.45
CA VAL A 132 -6.51 -3.83 6.53
C VAL A 132 -7.14 -5.22 6.62
N ARG A 133 -6.32 -6.25 6.40
CA ARG A 133 -6.80 -7.63 6.46
C ARG A 133 -7.73 -7.83 7.66
N GLU A 134 -7.48 -7.07 8.71
CA GLU A 134 -8.29 -7.16 9.92
C GLU A 134 -9.54 -6.29 9.82
N HIS A 135 -9.34 -4.98 9.81
CA HIS A 135 -10.45 -4.03 9.71
C HIS A 135 -11.35 -4.38 8.54
N ALA A 136 -10.75 -4.51 7.35
CA ALA A 136 -11.51 -4.83 6.15
C ALA A 136 -12.69 -5.76 6.47
N SER A 137 -12.37 -7.00 6.83
CA SER A 137 -13.40 -7.98 7.16
C SER A 137 -14.58 -7.32 7.87
N GLY A 138 -14.25 -6.43 8.82
CA GLY A 138 -15.29 -5.74 9.56
C GLY A 138 -16.21 -4.93 8.67
N TYR A 139 -15.62 -4.13 7.79
CA TYR A 139 -16.39 -3.30 6.87
C TYR A 139 -17.24 -4.16 5.93
N VAL A 140 -16.59 -5.12 5.27
CA VAL A 140 -17.29 -6.00 4.35
C VAL A 140 -18.63 -6.46 4.92
N SER A 141 -19.71 -5.87 4.42
CA SER A 141 -21.05 -6.21 4.90
C SER A 141 -21.98 -6.53 3.72
N ARG A 142 -22.90 -7.45 3.94
CA ARG A 142 -23.84 -7.84 2.89
C ARG A 142 -25.25 -7.99 3.47
N ASP A 143 -26.24 -7.56 2.69
CA ASP A 143 -27.64 -7.64 3.12
C ASP A 143 -28.58 -7.41 1.94
N THR A 144 -29.36 -8.43 1.62
CA THR A 144 -30.31 -8.34 0.51
C THR A 144 -31.60 -7.65 0.94
N SER A 145 -31.63 -6.33 0.80
CA SER A 145 -32.81 -5.56 1.18
C SER A 145 -33.39 -4.83 -0.03
N SER A 146 -34.18 -5.55 -0.82
CA SER A 146 -34.81 -4.98 -2.00
C SER A 146 -35.86 -5.91 -2.56
N SER A 147 -36.88 -5.34 -3.20
CA SER A 147 -37.96 -6.13 -3.78
C SER A 147 -38.48 -5.48 -5.06
N GLY A 148 -38.78 -6.30 -6.06
CA GLY A 148 -39.28 -5.78 -7.32
C GLY A 148 -38.38 -4.72 -7.92
N PRO A 149 -37.19 -5.15 -8.39
CA PRO A 149 -36.21 -4.24 -8.99
C PRO A 149 -36.66 -3.71 -10.34
N SER A 150 -37.28 -4.57 -11.14
CA SER A 150 -37.77 -4.19 -12.46
C SER A 150 -38.95 -5.06 -12.88
N SER A 151 -39.70 -4.58 -13.87
CA SER A 151 -40.87 -5.30 -14.36
C SER A 151 -41.28 -4.80 -15.74
N GLY A 152 -42.31 -5.43 -16.31
CA GLY A 152 -42.78 -5.03 -17.61
C GLY A 152 -42.63 -6.13 -18.65
N GLY A 1 30.14 25.39 0.13
CA GLY A 1 30.59 25.25 1.51
C GLY A 1 31.24 23.91 1.77
N SER A 2 30.52 23.03 2.46
CA SER A 2 31.05 21.71 2.78
C SER A 2 29.92 20.67 2.82
N SER A 3 30.29 19.40 2.70
CA SER A 3 29.33 18.31 2.71
C SER A 3 28.50 18.35 3.99
N GLY A 4 27.42 17.55 4.02
CA GLY A 4 26.57 17.50 5.19
C GLY A 4 25.43 16.52 5.02
N SER A 5 24.69 16.65 3.93
CA SER A 5 23.56 15.76 3.66
C SER A 5 23.55 15.33 2.20
N SER A 6 23.64 14.02 1.98
CA SER A 6 23.65 13.47 0.63
C SER A 6 22.22 13.25 0.13
N GLY A 7 21.49 12.39 0.83
CA GLY A 7 20.12 12.10 0.45
C GLY A 7 19.66 10.72 0.90
N GLU A 8 19.70 10.49 2.21
CA GLU A 8 19.30 9.20 2.77
C GLU A 8 17.81 8.95 2.52
N GLN A 9 17.05 10.03 2.38
CA GLN A 9 15.61 9.93 2.15
C GLN A 9 15.31 8.90 1.08
N ALA A 10 16.09 8.92 -0.01
CA ALA A 10 15.90 7.99 -1.10
C ALA A 10 16.00 6.55 -0.63
N GLU A 11 16.99 6.28 0.23
CA GLU A 11 17.20 4.94 0.76
C GLU A 11 16.00 4.50 1.61
N ALA A 12 15.66 5.31 2.60
CA ALA A 12 14.55 5.02 3.49
C ALA A 12 13.40 4.37 2.72
N GLN A 13 13.14 4.86 1.51
CA GLN A 13 12.07 4.34 0.68
C GLN A 13 12.46 2.98 0.09
N LEU A 14 13.49 2.98 -0.75
CA LEU A 14 13.95 1.74 -1.38
C LEU A 14 14.05 0.61 -0.36
N ALA A 15 14.82 0.85 0.70
CA ALA A 15 14.99 -0.15 1.75
C ALA A 15 13.71 -0.95 1.97
N GLU A 16 12.61 -0.24 2.19
CA GLU A 16 11.32 -0.89 2.41
C GLU A 16 10.91 -1.73 1.21
N LEU A 17 10.75 -1.07 0.07
CA LEU A 17 10.37 -1.75 -1.16
C LEU A 17 11.13 -3.05 -1.33
N ASP A 18 12.46 -2.96 -1.27
CA ASP A 18 13.32 -4.13 -1.40
C ASP A 18 12.88 -5.24 -0.45
N LEU A 19 12.55 -4.86 0.77
CA LEU A 19 12.11 -5.83 1.78
C LEU A 19 10.77 -6.44 1.40
N LEU A 20 9.81 -5.59 1.08
CA LEU A 20 8.48 -6.05 0.69
C LEU A 20 8.56 -7.11 -0.40
N ALA A 21 9.12 -6.73 -1.55
CA ALA A 21 9.26 -7.65 -2.67
C ALA A 21 9.60 -9.06 -2.19
N SER A 22 10.48 -9.14 -1.20
CA SER A 22 10.90 -10.43 -0.65
C SER A 22 9.85 -10.96 0.33
N MET A 23 9.30 -10.06 1.13
CA MET A 23 8.29 -10.42 2.12
C MET A 23 7.19 -11.25 1.48
N PHE A 24 6.72 -10.82 0.31
CA PHE A 24 5.66 -11.52 -0.40
C PHE A 24 6.23 -12.30 -1.59
N PRO A 25 6.55 -13.58 -1.36
CA PRO A 25 7.10 -14.46 -2.40
C PRO A 25 6.08 -14.80 -3.48
N GLY A 26 4.81 -14.86 -3.08
CA GLY A 26 3.75 -15.18 -4.02
C GLY A 26 3.95 -14.50 -5.36
N GLU A 27 3.33 -15.05 -6.40
CA GLU A 27 3.44 -14.49 -7.74
C GLU A 27 2.45 -13.34 -7.93
N ASN A 28 1.20 -13.57 -7.55
CA ASN A 28 0.16 -12.55 -7.68
C ASN A 28 -0.18 -11.94 -6.32
N GLU A 29 0.84 -11.38 -5.66
CA GLU A 29 0.65 -10.76 -4.35
C GLU A 29 0.97 -9.27 -4.41
N LEU A 30 2.01 -8.92 -5.16
CA LEU A 30 2.41 -7.53 -5.29
C LEU A 30 2.91 -7.25 -6.71
N ILE A 31 2.31 -6.26 -7.36
CA ILE A 31 2.69 -5.89 -8.72
C ILE A 31 3.06 -4.41 -8.79
N VAL A 32 4.31 -4.14 -9.16
CA VAL A 32 4.80 -2.77 -9.27
C VAL A 32 4.76 -2.29 -10.72
N ASN A 33 3.70 -1.56 -11.07
CA ASN A 33 3.55 -1.05 -12.43
C ASN A 33 4.63 -0.01 -12.74
N ASP A 34 4.86 0.89 -11.80
CA ASP A 34 5.86 1.94 -11.97
C ASP A 34 7.26 1.39 -11.73
N GLN A 35 7.96 1.07 -12.82
CA GLN A 35 9.32 0.53 -12.72
C GLN A 35 10.35 1.66 -12.71
N LEU A 36 10.08 2.70 -13.48
CA LEU A 36 10.98 3.84 -13.57
C LEU A 36 11.19 4.47 -12.20
N ALA A 37 10.11 4.56 -11.43
CA ALA A 37 10.17 5.16 -10.10
C ALA A 37 11.21 4.44 -9.23
N VAL A 38 11.27 3.12 -9.37
CA VAL A 38 12.23 2.33 -8.61
C VAL A 38 13.62 2.35 -9.25
N ALA A 39 13.67 1.99 -10.53
CA ALA A 39 14.93 1.98 -11.26
C ALA A 39 15.70 3.28 -11.06
N GLU A 40 14.99 4.40 -11.13
CA GLU A 40 15.61 5.71 -10.95
C GLU A 40 16.08 5.90 -9.51
N LEU A 41 15.24 5.49 -8.57
CA LEU A 41 15.56 5.61 -7.15
C LEU A 41 16.88 4.92 -6.83
N LYS A 42 17.04 3.70 -7.34
CA LYS A 42 18.25 2.93 -7.11
C LYS A 42 19.48 3.69 -7.58
N ASP A 43 19.44 4.18 -8.82
CA ASP A 43 20.55 4.93 -9.38
C ASP A 43 20.87 6.16 -8.54
N CYS A 44 19.87 7.00 -8.34
CA CYS A 44 20.03 8.22 -7.54
C CYS A 44 20.93 7.95 -6.34
N ILE A 45 20.63 6.89 -5.61
CA ILE A 45 21.42 6.53 -4.43
C ILE A 45 22.87 6.28 -4.79
N GLU A 46 23.11 5.34 -5.70
CA GLU A 46 24.45 5.01 -6.13
C GLU A 46 25.23 6.27 -6.53
N LYS A 47 24.56 7.14 -7.29
CA LYS A 47 25.18 8.38 -7.73
C LYS A 47 25.30 9.37 -6.58
N LYS A 48 24.42 9.23 -5.59
CA LYS A 48 24.42 10.12 -4.43
C LYS A 48 24.15 11.56 -4.85
N THR A 49 23.23 11.74 -5.80
CA THR A 49 22.89 13.07 -6.28
C THR A 49 21.38 13.27 -6.29
N MET A 50 20.72 12.80 -5.24
CA MET A 50 19.26 12.92 -5.12
C MET A 50 18.83 14.37 -5.36
N GLU A 51 18.31 14.64 -6.55
CA GLU A 51 17.87 15.98 -6.90
C GLU A 51 16.35 16.09 -6.79
N GLY A 52 15.65 15.00 -7.10
CA GLY A 52 14.21 15.00 -7.03
C GLY A 52 13.58 14.12 -8.10
N ARG A 53 13.18 12.92 -7.72
CA ARG A 53 12.56 11.99 -8.67
C ARG A 53 11.39 12.64 -9.39
N SER A 54 10.90 11.97 -10.43
CA SER A 54 9.78 12.50 -11.21
C SER A 54 8.74 11.41 -11.46
N SER A 55 8.77 10.37 -10.63
CA SER A 55 7.84 9.26 -10.77
C SER A 55 7.49 8.66 -9.41
N LYS A 56 6.19 8.63 -9.11
CA LYS A 56 5.73 8.08 -7.83
C LYS A 56 5.69 6.56 -7.87
N VAL A 57 6.16 5.94 -6.80
CA VAL A 57 6.18 4.48 -6.70
C VAL A 57 4.76 3.92 -6.58
N TYR A 58 4.23 3.40 -7.68
CA TYR A 58 2.89 2.84 -7.69
C TYR A 58 2.94 1.32 -7.77
N PHE A 59 2.40 0.66 -6.75
CA PHE A 59 2.39 -0.81 -6.71
C PHE A 59 1.17 -1.32 -5.95
N THR A 60 0.45 -2.26 -6.56
CA THR A 60 -0.74 -2.82 -5.95
C THR A 60 -0.43 -4.15 -5.27
N ILE A 61 -1.15 -4.45 -4.19
CA ILE A 61 -0.95 -5.68 -3.45
C ILE A 61 -2.24 -6.49 -3.37
N ASN A 62 -2.21 -7.71 -3.89
CA ASN A 62 -3.37 -8.58 -3.88
C ASN A 62 -3.36 -9.48 -2.65
N MET A 63 -4.28 -9.23 -1.73
CA MET A 63 -4.38 -10.02 -0.50
C MET A 63 -5.71 -10.75 -0.44
N ASN A 64 -5.67 -12.08 -0.48
CA ASN A 64 -6.88 -12.89 -0.42
C ASN A 64 -7.28 -13.16 1.03
N LEU A 65 -8.43 -12.64 1.43
CA LEU A 65 -8.93 -12.82 2.79
C LEU A 65 -10.44 -13.05 2.79
N ASP A 66 -10.95 -13.59 3.88
CA ASP A 66 -12.38 -13.84 4.02
C ASP A 66 -13.13 -12.58 4.44
N VAL A 67 -14.35 -12.43 3.94
CA VAL A 67 -15.17 -11.27 4.26
C VAL A 67 -16.54 -11.68 4.79
N SER A 68 -17.18 -12.61 4.08
CA SER A 68 -18.50 -13.09 4.47
C SER A 68 -18.85 -14.37 3.72
N ASP A 69 -20.03 -14.91 4.01
CA ASP A 69 -20.50 -16.13 3.36
C ASP A 69 -19.39 -17.18 3.32
N GLU A 70 -18.67 -17.32 4.42
CA GLU A 70 -17.58 -18.29 4.51
C GLU A 70 -16.82 -18.37 3.18
N LYS A 71 -16.69 -17.22 2.51
CA LYS A 71 -15.99 -17.16 1.24
C LYS A 71 -14.76 -16.27 1.33
N MET A 72 -13.93 -16.29 0.29
CA MET A 72 -12.73 -15.47 0.25
C MET A 72 -12.74 -14.53 -0.94
N ALA A 73 -11.96 -13.46 -0.85
CA ALA A 73 -11.87 -12.49 -1.93
C ALA A 73 -10.54 -11.75 -1.91
N MET A 74 -10.17 -11.16 -3.05
CA MET A 74 -8.92 -10.43 -3.16
C MET A 74 -9.14 -8.93 -2.96
N PHE A 75 -8.12 -8.25 -2.46
CA PHE A 75 -8.22 -6.81 -2.22
C PHE A 75 -7.06 -6.07 -2.89
N SER A 76 -7.39 -5.01 -3.62
CA SER A 76 -6.38 -4.22 -4.32
C SER A 76 -5.97 -3.01 -3.49
N LEU A 77 -4.73 -3.01 -3.00
CA LEU A 77 -4.22 -1.91 -2.21
C LEU A 77 -3.22 -1.07 -2.99
N ALA A 78 -3.73 -0.02 -3.64
CA ALA A 78 -2.89 0.87 -4.42
C ALA A 78 -2.07 1.79 -3.53
N CYS A 79 -0.83 1.39 -3.26
CA CYS A 79 0.06 2.18 -2.41
C CYS A 79 1.00 3.04 -3.26
N ILE A 80 0.86 4.35 -3.15
CA ILE A 80 1.69 5.27 -3.90
C ILE A 80 2.60 6.07 -2.97
N LEU A 81 3.90 6.02 -3.26
CA LEU A 81 4.88 6.74 -2.45
C LEU A 81 5.20 8.11 -3.05
N PRO A 82 4.91 9.17 -2.28
CA PRO A 82 5.15 10.55 -2.73
C PRO A 82 6.64 10.88 -2.81
N PHE A 83 6.95 12.16 -3.00
CA PHE A 83 8.33 12.61 -3.11
C PHE A 83 8.80 13.20 -1.78
N LYS A 84 8.18 12.77 -0.69
CA LYS A 84 8.53 13.25 0.64
C LYS A 84 8.87 12.10 1.57
N TYR A 85 8.13 11.00 1.44
CA TYR A 85 8.35 9.83 2.27
C TYR A 85 9.83 9.65 2.59
N PRO A 86 10.13 9.24 3.83
CA PRO A 86 9.10 8.96 4.83
C PRO A 86 8.40 10.23 5.31
N ALA A 87 8.95 11.39 4.93
CA ALA A 87 8.38 12.67 5.33
C ALA A 87 6.87 12.57 5.49
N VAL A 88 6.16 12.45 4.38
CA VAL A 88 4.71 12.35 4.40
C VAL A 88 4.25 10.95 4.02
N LEU A 89 3.41 10.35 4.87
CA LEU A 89 2.90 9.01 4.63
C LEU A 89 2.42 8.87 3.19
N PRO A 90 2.36 7.61 2.71
CA PRO A 90 1.92 7.30 1.35
C PRO A 90 0.42 7.56 1.16
N GLU A 91 -0.08 7.17 -0.01
CA GLU A 91 -1.50 7.35 -0.32
C GLU A 91 -2.14 6.03 -0.73
N ILE A 92 -2.17 5.08 0.20
CA ILE A 92 -2.75 3.77 -0.06
C ILE A 92 -4.26 3.87 -0.22
N THR A 93 -4.80 3.20 -1.23
CA THR A 93 -6.22 3.21 -1.49
C THR A 93 -6.78 1.79 -1.57
N VAL A 94 -7.38 1.32 -0.48
CA VAL A 94 -7.94 -0.01 -0.43
C VAL A 94 -9.27 -0.07 -1.17
N ARG A 95 -9.43 -1.10 -1.99
CA ARG A 95 -10.66 -1.27 -2.77
C ARG A 95 -11.01 -2.75 -2.92
N SER A 96 -12.28 -3.03 -3.18
CA SER A 96 -12.74 -4.41 -3.35
C SER A 96 -14.16 -4.44 -3.90
N VAL A 97 -14.32 -5.09 -5.05
CA VAL A 97 -15.63 -5.20 -5.69
C VAL A 97 -16.73 -5.48 -4.66
N LEU A 98 -16.39 -6.29 -3.67
CA LEU A 98 -17.34 -6.65 -2.61
C LEU A 98 -17.88 -5.40 -1.93
N LEU A 99 -16.99 -4.58 -1.41
CA LEU A 99 -17.38 -3.35 -0.72
C LEU A 99 -18.16 -2.44 -1.66
N SER A 100 -18.59 -1.29 -1.13
CA SER A 100 -19.35 -0.33 -1.92
C SER A 100 -18.66 1.03 -1.93
N ARG A 101 -18.68 1.68 -3.09
CA ARG A 101 -18.05 3.00 -3.23
C ARG A 101 -18.23 3.82 -1.96
N SER A 102 -19.33 3.59 -1.25
CA SER A 102 -19.61 4.31 -0.02
C SER A 102 -18.88 3.68 1.16
N GLN A 103 -19.11 2.40 1.38
CA GLN A 103 -18.47 1.68 2.48
C GLN A 103 -16.96 1.88 2.45
N GLN A 104 -16.34 1.50 1.34
CA GLN A 104 -14.89 1.64 1.17
C GLN A 104 -14.42 3.00 1.66
N THR A 105 -15.09 4.05 1.20
CA THR A 105 -14.73 5.41 1.58
C THR A 105 -14.39 5.49 3.07
N GLN A 106 -15.15 4.78 3.89
CA GLN A 106 -14.92 4.77 5.32
C GLN A 106 -13.67 3.98 5.67
N LEU A 107 -13.48 2.84 5.01
CA LEU A 107 -12.32 1.98 5.25
C LEU A 107 -11.03 2.78 5.08
N ASN A 108 -10.88 3.42 3.92
CA ASN A 108 -9.69 4.21 3.64
C ASN A 108 -9.44 5.24 4.74
N THR A 109 -10.40 6.14 4.92
CA THR A 109 -10.29 7.18 5.94
C THR A 109 -9.64 6.64 7.21
N ASP A 110 -9.93 5.38 7.53
CA ASP A 110 -9.36 4.74 8.71
C ASP A 110 -7.97 4.21 8.43
N LEU A 111 -7.86 3.39 7.39
CA LEU A 111 -6.57 2.80 7.02
C LEU A 111 -5.43 3.78 7.27
N THR A 112 -5.47 4.91 6.56
CA THR A 112 -4.44 5.94 6.71
C THR A 112 -4.28 6.34 8.17
N ALA A 113 -5.35 6.82 8.77
CA ALA A 113 -5.33 7.25 10.17
C ALA A 113 -4.43 6.33 11.00
N PHE A 114 -4.73 5.04 10.99
CA PHE A 114 -3.96 4.06 11.74
C PHE A 114 -2.47 4.41 11.71
N LEU A 115 -1.94 4.63 10.52
CA LEU A 115 -0.53 4.96 10.36
C LEU A 115 -0.23 6.34 10.95
N GLN A 116 -1.02 7.34 10.55
CA GLN A 116 -0.84 8.69 11.05
C GLN A 116 -0.73 8.70 12.57
N LYS A 117 -1.21 7.65 13.20
CA LYS A 117 -1.17 7.53 14.66
C LYS A 117 0.15 6.93 15.11
N HIS A 118 0.37 5.67 14.75
CA HIS A 118 1.60 4.97 15.13
C HIS A 118 2.72 5.25 14.12
N CYS A 119 2.53 4.75 12.90
CA CYS A 119 3.52 4.94 11.84
C CYS A 119 3.45 6.36 11.28
N HIS A 120 4.23 7.26 11.87
CA HIS A 120 4.25 8.65 11.43
C HIS A 120 5.69 9.15 11.30
N GLY A 121 6.14 9.29 10.06
CA GLY A 121 7.50 9.76 9.81
C GLY A 121 8.47 8.62 9.59
N ASP A 122 7.97 7.40 9.64
CA ASP A 122 8.81 6.22 9.43
C ASP A 122 8.28 5.38 8.27
N VAL A 123 9.17 4.56 7.70
CA VAL A 123 8.80 3.70 6.58
C VAL A 123 8.11 2.43 7.06
N CYS A 124 6.78 2.46 7.07
CA CYS A 124 5.99 1.31 7.50
C CYS A 124 4.85 1.04 6.54
N ILE A 125 5.13 0.25 5.51
CA ILE A 125 4.12 -0.10 4.51
C ILE A 125 3.33 -1.33 4.93
N LEU A 126 4.03 -2.31 5.50
CA LEU A 126 3.38 -3.54 5.94
C LEU A 126 2.32 -3.25 6.99
N ASN A 127 2.68 -2.44 7.99
CA ASN A 127 1.76 -2.08 9.05
C ASN A 127 0.35 -1.85 8.51
N ALA A 128 0.28 -1.35 7.28
CA ALA A 128 -1.01 -1.08 6.64
C ALA A 128 -1.67 -2.38 6.19
N THR A 129 -0.97 -3.12 5.32
CA THR A 129 -1.50 -4.38 4.80
C THR A 129 -1.94 -5.30 5.94
N GLU A 130 -1.40 -5.05 7.13
CA GLU A 130 -1.74 -5.86 8.30
C GLU A 130 -2.98 -5.30 9.01
N TRP A 131 -3.13 -3.98 8.97
CA TRP A 131 -4.26 -3.33 9.61
C TRP A 131 -5.48 -3.35 8.71
N VAL A 132 -5.26 -3.59 7.42
CA VAL A 132 -6.34 -3.64 6.44
C VAL A 132 -6.94 -5.03 6.37
N ARG A 133 -6.08 -6.04 6.21
CA ARG A 133 -6.53 -7.42 6.13
C ARG A 133 -7.57 -7.73 7.19
N GLU A 134 -7.52 -6.99 8.30
CA GLU A 134 -8.45 -7.18 9.40
C GLU A 134 -9.64 -6.23 9.27
N HIS A 135 -9.36 -4.93 9.44
CA HIS A 135 -10.41 -3.92 9.35
C HIS A 135 -11.32 -4.17 8.15
N ALA A 136 -10.72 -4.48 7.01
CA ALA A 136 -11.47 -4.75 5.80
C ALA A 136 -12.70 -5.62 6.09
N SER A 137 -12.45 -6.86 6.49
CA SER A 137 -13.52 -7.80 6.80
C SER A 137 -14.49 -7.19 7.82
N GLY A 138 -14.04 -6.15 8.51
CA GLY A 138 -14.86 -5.50 9.51
C GLY A 138 -15.94 -4.63 8.89
N TYR A 139 -15.71 -4.17 7.67
CA TYR A 139 -16.68 -3.33 6.97
C TYR A 139 -17.57 -4.17 6.06
N VAL A 140 -17.12 -5.38 5.76
CA VAL A 140 -17.88 -6.27 4.89
C VAL A 140 -18.83 -7.14 5.71
N SER A 141 -18.82 -6.95 7.03
CA SER A 141 -19.67 -7.72 7.92
C SER A 141 -21.11 -7.19 7.88
N ARG A 142 -21.25 -5.87 7.93
CA ARG A 142 -22.55 -5.24 7.91
C ARG A 142 -22.44 -3.73 7.69
N ASP A 143 -23.50 -3.12 7.18
CA ASP A 143 -23.51 -1.68 6.92
C ASP A 143 -23.94 -0.92 8.17
N THR A 144 -22.99 -0.29 8.85
CA THR A 144 -23.27 0.48 10.05
C THR A 144 -22.11 1.40 10.41
N SER A 145 -22.44 2.59 10.87
CA SER A 145 -21.42 3.58 11.25
C SER A 145 -21.21 3.59 12.76
N SER A 146 -22.31 3.53 13.50
CA SER A 146 -22.24 3.54 14.96
C SER A 146 -21.34 2.43 15.47
N SER A 147 -21.56 1.21 14.98
CA SER A 147 -20.77 0.06 15.38
C SER A 147 -19.61 -0.18 14.41
N GLY A 148 -18.59 -0.88 14.87
CA GLY A 148 -17.44 -1.17 14.03
C GLY A 148 -16.17 -1.33 14.83
N PRO A 149 -15.77 -0.27 15.55
CA PRO A 149 -14.55 -0.28 16.36
C PRO A 149 -14.68 -1.17 17.59
N SER A 150 -15.86 -1.74 17.77
CA SER A 150 -16.12 -2.63 18.91
C SER A 150 -15.95 -1.87 20.22
N SER A 151 -16.60 -0.72 20.33
CA SER A 151 -16.51 0.10 21.53
C SER A 151 -17.55 -0.34 22.55
N GLY A 152 -18.79 -0.51 22.10
CA GLY A 152 -19.86 -0.93 23.00
C GLY A 152 -20.67 -2.07 22.44
N GLY A 1 35.27 12.40 2.32
CA GLY A 1 34.54 13.65 2.46
C GLY A 1 33.88 14.09 1.17
N SER A 2 33.23 13.15 0.50
CA SER A 2 32.55 13.46 -0.76
C SER A 2 31.85 14.80 -0.70
N SER A 3 31.70 15.45 -1.85
CA SER A 3 31.05 16.74 -1.93
C SER A 3 29.68 16.63 -2.58
N GLY A 4 28.63 16.72 -1.78
CA GLY A 4 27.28 16.62 -2.29
C GLY A 4 26.27 16.21 -1.24
N SER A 5 24.99 16.40 -1.53
CA SER A 5 23.93 16.05 -0.60
C SER A 5 24.01 14.58 -0.21
N SER A 6 23.78 14.29 1.06
CA SER A 6 23.83 12.92 1.57
C SER A 6 22.77 12.06 0.89
N GLY A 7 21.55 12.58 0.79
CA GLY A 7 20.47 11.85 0.16
C GLY A 7 20.24 10.51 0.81
N GLU A 8 19.93 10.52 2.11
CA GLU A 8 19.68 9.29 2.85
C GLU A 8 18.22 8.86 2.73
N GLN A 9 17.33 9.85 2.70
CA GLN A 9 15.90 9.58 2.58
C GLN A 9 15.60 8.64 1.41
N ALA A 10 16.05 9.04 0.22
CA ALA A 10 15.84 8.23 -0.97
C ALA A 10 15.90 6.75 -0.65
N GLU A 11 16.74 6.38 0.32
CA GLU A 11 16.90 4.99 0.72
C GLU A 11 15.71 4.53 1.57
N ALA A 12 15.39 5.32 2.60
CA ALA A 12 14.28 5.00 3.48
C ALA A 12 13.13 4.34 2.71
N GLN A 13 12.81 4.90 1.55
CA GLN A 13 11.74 4.37 0.72
C GLN A 13 12.15 3.05 0.08
N LEU A 14 13.35 3.02 -0.49
CA LEU A 14 13.86 1.83 -1.14
C LEU A 14 13.92 0.66 -0.16
N ALA A 15 14.65 0.86 0.94
CA ALA A 15 14.79 -0.18 1.96
C ALA A 15 13.51 -0.99 2.09
N GLU A 16 12.40 -0.31 2.34
CA GLU A 16 11.11 -0.97 2.49
C GLU A 16 10.73 -1.72 1.21
N LEU A 17 10.61 -0.99 0.12
CA LEU A 17 10.26 -1.59 -1.17
C LEU A 17 11.00 -2.90 -1.38
N ASP A 18 12.32 -2.86 -1.22
CA ASP A 18 13.15 -4.03 -1.39
C ASP A 18 12.64 -5.20 -0.54
N LEU A 19 12.25 -4.88 0.69
CA LEU A 19 11.73 -5.90 1.61
C LEU A 19 10.38 -6.42 1.15
N LEU A 20 9.43 -5.51 0.98
CA LEU A 20 8.09 -5.88 0.54
C LEU A 20 8.14 -6.91 -0.58
N ALA A 21 8.85 -6.57 -1.66
CA ALA A 21 8.97 -7.47 -2.80
C ALA A 21 9.22 -8.91 -2.33
N SER A 22 10.04 -9.06 -1.32
CA SER A 22 10.36 -10.38 -0.78
C SER A 22 9.24 -10.89 0.12
N MET A 23 8.76 -10.01 1.00
CA MET A 23 7.68 -10.38 1.92
C MET A 23 6.57 -11.11 1.19
N PHE A 24 6.27 -10.68 -0.03
CA PHE A 24 5.23 -11.31 -0.84
C PHE A 24 5.84 -12.11 -1.98
N PRO A 25 6.35 -13.31 -1.67
CA PRO A 25 6.97 -14.20 -2.65
C PRO A 25 5.95 -14.78 -3.62
N GLY A 26 4.68 -14.83 -3.19
CA GLY A 26 3.63 -15.37 -4.03
C GLY A 26 3.84 -15.04 -5.50
N GLU A 27 3.50 -15.99 -6.37
CA GLU A 27 3.67 -15.81 -7.80
C GLU A 27 2.88 -14.60 -8.29
N ASN A 28 1.67 -14.45 -7.77
CA ASN A 28 0.80 -13.33 -8.15
C ASN A 28 0.26 -12.62 -6.91
N GLU A 29 1.15 -12.36 -5.95
CA GLU A 29 0.76 -11.69 -4.71
C GLU A 29 0.91 -10.17 -4.86
N LEU A 30 2.11 -9.73 -5.19
CA LEU A 30 2.39 -8.31 -5.35
C LEU A 30 2.79 -7.99 -6.80
N ILE A 31 2.38 -6.81 -7.27
CA ILE A 31 2.71 -6.39 -8.63
C ILE A 31 3.04 -4.91 -8.67
N VAL A 32 4.26 -4.60 -9.10
CA VAL A 32 4.70 -3.21 -9.19
C VAL A 32 4.49 -2.66 -10.60
N ASN A 33 3.37 -1.96 -10.79
CA ASN A 33 3.04 -1.38 -12.08
C ASN A 33 4.17 -0.47 -12.57
N ASP A 34 4.57 0.47 -11.73
CA ASP A 34 5.64 1.41 -12.06
C ASP A 34 7.00 0.81 -11.74
N GLN A 35 7.55 0.06 -12.68
CA GLN A 35 8.86 -0.57 -12.48
C GLN A 35 9.96 0.49 -12.41
N LEU A 36 9.96 1.41 -13.37
CA LEU A 36 10.96 2.47 -13.41
C LEU A 36 11.03 3.21 -12.08
N ALA A 37 9.86 3.56 -11.54
CA ALA A 37 9.80 4.26 -10.27
C ALA A 37 10.86 3.76 -9.30
N VAL A 38 11.01 2.43 -9.24
CA VAL A 38 12.00 1.83 -8.36
C VAL A 38 13.40 1.97 -8.92
N ALA A 39 13.61 1.45 -10.12
CA ALA A 39 14.91 1.53 -10.77
C ALA A 39 15.55 2.90 -10.57
N GLU A 40 14.77 3.94 -10.79
CA GLU A 40 15.26 5.31 -10.63
C GLU A 40 15.69 5.58 -9.19
N LEU A 41 14.94 5.01 -8.24
CA LEU A 41 15.24 5.18 -6.82
C LEU A 41 16.67 4.76 -6.52
N LYS A 42 17.13 3.70 -7.18
CA LYS A 42 18.48 3.19 -6.97
C LYS A 42 19.51 4.11 -7.63
N ASP A 43 19.32 4.38 -8.92
CA ASP A 43 20.23 5.25 -9.65
C ASP A 43 20.53 6.53 -8.87
N CYS A 44 19.49 7.06 -8.21
CA CYS A 44 19.64 8.27 -7.42
C CYS A 44 20.63 8.07 -6.28
N ILE A 45 20.40 7.03 -5.49
CA ILE A 45 21.27 6.72 -4.36
C ILE A 45 22.68 6.40 -4.83
N GLU A 46 22.79 5.49 -5.80
CA GLU A 46 24.08 5.09 -6.34
C GLU A 46 24.84 6.30 -6.88
N LYS A 47 24.15 7.11 -7.67
CA LYS A 47 24.75 8.30 -8.26
C LYS A 47 25.09 9.33 -7.19
N LYS A 48 24.38 9.26 -6.07
CA LYS A 48 24.61 10.18 -4.95
C LYS A 48 24.40 11.63 -5.40
N THR A 49 23.34 11.86 -6.17
CA THR A 49 23.02 13.20 -6.65
C THR A 49 21.60 13.60 -6.29
N MET A 50 20.74 12.61 -6.11
CA MET A 50 19.35 12.87 -5.75
C MET A 50 18.70 13.83 -6.74
N GLU A 51 18.84 13.52 -8.04
CA GLU A 51 18.27 14.37 -9.08
C GLU A 51 16.82 14.73 -8.76
N GLY A 52 16.03 13.73 -8.39
CA GLY A 52 14.64 13.95 -8.06
C GLY A 52 13.69 13.13 -8.91
N ARG A 53 13.21 12.02 -8.36
CA ARG A 53 12.29 11.14 -9.09
C ARG A 53 11.08 11.91 -9.58
N SER A 54 10.56 11.52 -10.74
CA SER A 54 9.40 12.18 -11.32
C SER A 54 8.17 11.27 -11.26
N SER A 55 8.41 9.97 -11.44
CA SER A 55 7.33 9.00 -11.42
C SER A 55 7.23 8.32 -10.05
N LYS A 56 6.25 8.73 -9.26
CA LYS A 56 6.05 8.16 -7.93
C LYS A 56 6.03 6.63 -7.98
N VAL A 57 6.37 6.01 -6.86
CA VAL A 57 6.38 4.55 -6.78
C VAL A 57 4.99 4.00 -6.50
N TYR A 58 4.35 3.46 -7.53
CA TYR A 58 3.01 2.90 -7.39
C TYR A 58 3.03 1.39 -7.58
N PHE A 59 2.73 0.66 -6.51
CA PHE A 59 2.72 -0.80 -6.56
C PHE A 59 1.47 -1.35 -5.89
N THR A 60 0.74 -2.18 -6.61
CA THR A 60 -0.48 -2.79 -6.08
C THR A 60 -0.19 -4.09 -5.36
N ILE A 61 -0.82 -4.30 -4.21
CA ILE A 61 -0.63 -5.50 -3.42
C ILE A 61 -1.93 -6.29 -3.29
N ASN A 62 -1.89 -7.56 -3.69
CA ASN A 62 -3.07 -8.43 -3.62
C ASN A 62 -3.03 -9.28 -2.36
N MET A 63 -3.99 -9.02 -1.46
CA MET A 63 -4.08 -9.78 -0.21
C MET A 63 -5.39 -10.55 -0.13
N ASN A 64 -5.31 -11.86 -0.26
CA ASN A 64 -6.50 -12.72 -0.20
C ASN A 64 -6.93 -12.95 1.25
N LEU A 65 -8.20 -12.73 1.53
CA LEU A 65 -8.74 -12.92 2.88
C LEU A 65 -10.18 -13.39 2.82
N ASP A 66 -10.60 -14.10 3.87
CA ASP A 66 -11.97 -14.61 3.94
C ASP A 66 -12.91 -13.57 4.54
N VAL A 67 -13.92 -13.18 3.76
CA VAL A 67 -14.88 -12.18 4.20
C VAL A 67 -16.08 -12.85 4.88
N SER A 68 -16.65 -13.84 4.22
CA SER A 68 -17.80 -14.57 4.76
C SER A 68 -18.17 -15.75 3.87
N ASP A 69 -19.15 -16.52 4.31
CA ASP A 69 -19.60 -17.69 3.56
C ASP A 69 -18.41 -18.53 3.10
N GLU A 70 -17.56 -18.90 4.05
CA GLU A 70 -16.38 -19.70 3.73
C GLU A 70 -15.76 -19.28 2.40
N LYS A 71 -15.97 -18.02 2.04
CA LYS A 71 -15.44 -17.48 0.79
C LYS A 71 -14.43 -16.37 1.05
N MET A 72 -13.79 -15.90 0.00
CA MET A 72 -12.80 -14.83 0.11
C MET A 72 -12.84 -13.91 -1.11
N ALA A 73 -11.95 -12.93 -1.12
CA ALA A 73 -11.87 -11.99 -2.24
C ALA A 73 -10.45 -11.49 -2.45
N MET A 74 -10.26 -10.66 -3.47
CA MET A 74 -8.94 -10.12 -3.78
C MET A 74 -8.93 -8.60 -3.61
N PHE A 75 -8.26 -8.13 -2.56
CA PHE A 75 -8.18 -6.69 -2.30
C PHE A 75 -6.93 -6.10 -2.94
N SER A 76 -7.10 -4.94 -3.57
CA SER A 76 -5.99 -4.27 -4.24
C SER A 76 -5.65 -2.96 -3.53
N LEU A 77 -4.54 -2.97 -2.80
CA LEU A 77 -4.10 -1.79 -2.06
C LEU A 77 -3.17 -0.93 -2.93
N ALA A 78 -3.76 0.04 -3.62
CA ALA A 78 -2.99 0.94 -4.49
C ALA A 78 -2.23 1.97 -3.65
N CYS A 79 -0.93 1.73 -3.47
CA CYS A 79 -0.10 2.64 -2.69
C CYS A 79 0.78 3.48 -3.61
N ILE A 80 1.08 4.70 -3.17
CA ILE A 80 1.91 5.61 -3.96
C ILE A 80 2.88 6.38 -3.06
N LEU A 81 4.16 6.07 -3.19
CA LEU A 81 5.19 6.75 -2.39
C LEU A 81 5.53 8.11 -2.98
N PRO A 82 5.18 9.17 -2.24
CA PRO A 82 5.45 10.55 -2.67
C PRO A 82 6.93 10.89 -2.65
N PHE A 83 7.26 12.13 -2.99
CA PHE A 83 8.65 12.59 -3.01
C PHE A 83 9.04 13.18 -1.66
N LYS A 84 8.36 12.72 -0.60
CA LYS A 84 8.64 13.21 0.74
C LYS A 84 8.90 12.04 1.69
N TYR A 85 8.09 11.00 1.58
CA TYR A 85 8.24 9.83 2.44
C TYR A 85 9.69 9.65 2.88
N PRO A 86 9.87 9.23 4.15
CA PRO A 86 8.75 8.96 5.05
C PRO A 86 8.01 10.23 5.48
N ALA A 87 8.58 11.38 5.11
CA ALA A 87 7.98 12.66 5.44
C ALA A 87 6.46 12.55 5.53
N VAL A 88 5.81 12.42 4.38
CA VAL A 88 4.36 12.30 4.33
C VAL A 88 3.93 10.89 3.92
N LEU A 89 3.04 10.30 4.70
CA LEU A 89 2.55 8.95 4.42
C LEU A 89 2.14 8.82 2.96
N PRO A 90 2.15 7.58 2.45
CA PRO A 90 1.78 7.29 1.06
C PRO A 90 0.29 7.48 0.81
N GLU A 91 -0.14 7.24 -0.43
CA GLU A 91 -1.55 7.39 -0.79
C GLU A 91 -2.18 6.03 -1.08
N ILE A 92 -2.28 5.20 -0.06
CA ILE A 92 -2.86 3.88 -0.20
C ILE A 92 -4.37 3.95 -0.43
N THR A 93 -4.84 3.34 -1.50
CA THR A 93 -6.26 3.34 -1.83
C THR A 93 -6.81 1.92 -1.95
N VAL A 94 -7.53 1.48 -0.92
CA VAL A 94 -8.11 0.14 -0.92
C VAL A 94 -9.34 0.07 -1.80
N ARG A 95 -9.40 -0.95 -2.65
CA ARG A 95 -10.52 -1.14 -3.56
C ARG A 95 -10.99 -2.59 -3.56
N SER A 96 -12.31 -2.78 -3.65
CA SER A 96 -12.89 -4.11 -3.66
C SER A 96 -14.33 -4.08 -4.16
N VAL A 97 -14.63 -4.92 -5.15
CA VAL A 97 -15.97 -4.99 -5.70
C VAL A 97 -17.01 -5.20 -4.61
N LEU A 98 -16.58 -5.76 -3.49
CA LEU A 98 -17.47 -6.02 -2.37
C LEU A 98 -17.83 -4.73 -1.65
N LEU A 99 -16.81 -3.96 -1.29
CA LEU A 99 -17.01 -2.69 -0.59
C LEU A 99 -17.77 -1.70 -1.47
N SER A 100 -18.76 -1.04 -0.87
CA SER A 100 -19.56 -0.07 -1.61
C SER A 100 -18.86 1.29 -1.67
N ARG A 101 -19.42 2.20 -2.46
CA ARG A 101 -18.84 3.53 -2.61
C ARG A 101 -18.66 4.21 -1.25
N SER A 102 -19.66 4.06 -0.39
CA SER A 102 -19.62 4.65 0.94
C SER A 102 -18.66 3.89 1.85
N GLN A 103 -18.99 2.64 2.13
CA GLN A 103 -18.17 1.80 2.99
C GLN A 103 -16.70 1.98 2.67
N GLN A 104 -16.33 1.70 1.43
CA GLN A 104 -14.94 1.83 1.00
C GLN A 104 -14.30 3.09 1.57
N THR A 105 -14.96 4.22 1.37
CA THR A 105 -14.46 5.49 1.88
C THR A 105 -14.04 5.37 3.34
N GLN A 106 -14.96 4.98 4.20
CA GLN A 106 -14.68 4.83 5.62
C GLN A 106 -13.46 3.95 5.84
N LEU A 107 -13.39 2.83 5.13
CA LEU A 107 -12.27 1.90 5.24
C LEU A 107 -10.95 2.63 5.02
N ASN A 108 -10.80 3.24 3.84
CA ASN A 108 -9.59 3.96 3.51
C ASN A 108 -9.27 5.03 4.57
N THR A 109 -10.19 5.97 4.74
CA THR A 109 -10.01 7.03 5.72
C THR A 109 -9.40 6.50 7.00
N ASP A 110 -9.87 5.34 7.45
CA ASP A 110 -9.37 4.73 8.67
C ASP A 110 -7.93 4.24 8.48
N LEU A 111 -7.72 3.40 7.47
CA LEU A 111 -6.40 2.87 7.18
C LEU A 111 -5.34 3.97 7.30
N THR A 112 -5.52 5.05 6.56
CA THR A 112 -4.57 6.16 6.58
C THR A 112 -4.38 6.69 8.01
N ALA A 113 -5.49 6.84 8.73
CA ALA A 113 -5.44 7.33 10.10
C ALA A 113 -4.51 6.48 10.96
N PHE A 114 -4.69 5.16 10.89
CA PHE A 114 -3.88 4.24 11.66
C PHE A 114 -2.42 4.71 11.70
N LEU A 115 -1.78 4.74 10.54
CA LEU A 115 -0.39 5.17 10.43
C LEU A 115 -0.21 6.58 10.98
N GLN A 116 -0.96 7.52 10.41
CA GLN A 116 -0.88 8.92 10.83
C GLN A 116 -0.63 9.01 12.34
N LYS A 117 -1.24 8.09 13.08
CA LYS A 117 -1.09 8.08 14.53
C LYS A 117 0.00 7.09 14.96
N HIS A 118 -0.23 5.81 14.70
CA HIS A 118 0.73 4.78 15.05
C HIS A 118 2.12 5.12 14.51
N CYS A 119 2.22 5.20 13.18
CA CYS A 119 3.49 5.53 12.53
C CYS A 119 3.38 6.82 11.73
N HIS A 120 4.07 7.85 12.20
CA HIS A 120 4.06 9.14 11.52
C HIS A 120 5.47 9.68 11.34
N GLY A 121 6.04 9.47 10.16
CA GLY A 121 7.39 9.93 9.88
C GLY A 121 8.38 8.80 9.73
N ASP A 122 7.92 7.69 9.15
CA ASP A 122 8.78 6.52 8.95
C ASP A 122 8.23 5.64 7.83
N VAL A 123 9.01 4.64 7.44
CA VAL A 123 8.60 3.72 6.39
C VAL A 123 8.07 2.41 6.97
N CYS A 124 6.75 2.34 7.13
CA CYS A 124 6.11 1.15 7.68
C CYS A 124 4.88 0.77 6.86
N ILE A 125 5.08 0.56 5.57
CA ILE A 125 4.00 0.19 4.67
C ILE A 125 3.31 -1.09 5.15
N LEU A 126 4.11 -2.07 5.55
CA LEU A 126 3.59 -3.35 6.02
C LEU A 126 2.55 -3.13 7.12
N ASN A 127 2.83 -2.18 8.01
CA ASN A 127 1.92 -1.88 9.11
C ASN A 127 0.54 -1.55 8.60
N ALA A 128 0.47 -0.90 7.44
CA ALA A 128 -0.81 -0.52 6.84
C ALA A 128 -1.57 -1.76 6.38
N THR A 129 -0.91 -2.60 5.60
CA THR A 129 -1.54 -3.81 5.09
C THR A 129 -2.01 -4.71 6.22
N GLU A 130 -1.27 -4.70 7.33
CA GLU A 130 -1.63 -5.51 8.50
C GLU A 130 -2.89 -4.98 9.16
N TRP A 131 -3.24 -3.73 8.85
CA TRP A 131 -4.43 -3.11 9.42
C TRP A 131 -5.66 -3.36 8.55
N VAL A 132 -5.41 -3.58 7.25
CA VAL A 132 -6.50 -3.83 6.31
C VAL A 132 -6.88 -5.31 6.29
N ARG A 133 -5.88 -6.16 6.12
CA ARG A 133 -6.12 -7.61 6.09
C ARG A 133 -7.18 -8.01 7.10
N GLU A 134 -7.23 -7.28 8.22
CA GLU A 134 -8.19 -7.56 9.27
C GLU A 134 -9.45 -6.71 9.11
N HIS A 135 -9.29 -5.40 9.30
CA HIS A 135 -10.40 -4.47 9.18
C HIS A 135 -11.24 -4.79 7.95
N ALA A 136 -10.59 -4.93 6.80
CA ALA A 136 -11.27 -5.24 5.55
C ALA A 136 -12.48 -6.15 5.80
N SER A 137 -12.20 -7.40 6.16
CA SER A 137 -13.26 -8.36 6.42
C SER A 137 -14.37 -7.74 7.25
N GLY A 138 -13.98 -6.89 8.20
CA GLY A 138 -14.96 -6.24 9.05
C GLY A 138 -15.98 -5.44 8.26
N TYR A 139 -15.50 -4.54 7.42
CA TYR A 139 -16.38 -3.71 6.60
C TYR A 139 -17.26 -4.56 5.70
N VAL A 140 -16.65 -5.51 5.01
CA VAL A 140 -17.37 -6.40 4.12
C VAL A 140 -18.58 -7.01 4.81
N SER A 141 -19.77 -6.50 4.48
CA SER A 141 -21.00 -6.99 5.07
C SER A 141 -22.12 -7.04 4.05
N ARG A 142 -22.50 -8.25 3.64
CA ARG A 142 -23.56 -8.43 2.65
C ARG A 142 -24.93 -8.39 3.32
N ASP A 143 -25.08 -9.09 4.43
CA ASP A 143 -26.34 -9.13 5.16
C ASP A 143 -27.52 -9.07 4.20
N THR A 144 -27.41 -9.79 3.08
CA THR A 144 -28.46 -9.82 2.08
C THR A 144 -29.36 -11.03 2.27
N SER A 145 -29.55 -11.43 3.52
CA SER A 145 -30.38 -12.59 3.84
C SER A 145 -31.26 -12.31 5.04
N SER A 146 -32.43 -12.94 5.08
CA SER A 146 -33.37 -12.76 6.18
C SER A 146 -33.29 -13.92 7.17
N SER A 147 -32.07 -14.36 7.44
CA SER A 147 -31.85 -15.47 8.36
C SER A 147 -30.41 -15.45 8.90
N GLY A 148 -30.18 -16.19 9.98
CA GLY A 148 -28.86 -16.26 10.57
C GLY A 148 -27.93 -17.18 9.80
N PRO A 149 -28.16 -18.49 9.93
CA PRO A 149 -27.33 -19.51 9.25
C PRO A 149 -27.56 -19.51 7.74
N SER A 150 -26.47 -19.36 6.99
CA SER A 150 -26.54 -19.35 5.53
C SER A 150 -25.34 -20.07 4.92
N SER A 151 -25.57 -20.70 3.77
CA SER A 151 -24.51 -21.44 3.09
C SER A 151 -24.64 -21.28 1.57
N GLY A 152 -23.53 -20.94 0.93
CA GLY A 152 -23.52 -20.76 -0.51
C GLY A 152 -22.49 -21.63 -1.21
N GLY A 1 27.89 21.63 2.31
CA GLY A 1 29.05 21.08 3.00
C GLY A 1 28.65 20.09 4.09
N SER A 2 29.10 18.86 3.95
CA SER A 2 28.79 17.82 4.92
C SER A 2 29.79 16.66 4.82
N SER A 3 30.34 16.27 5.96
CA SER A 3 31.31 15.18 6.00
C SER A 3 30.80 13.97 5.22
N GLY A 4 29.68 13.41 5.67
CA GLY A 4 29.11 12.26 5.00
C GLY A 4 27.92 12.61 4.13
N SER A 5 28.17 13.40 3.08
CA SER A 5 27.12 13.82 2.17
C SER A 5 26.55 12.63 1.41
N SER A 6 25.34 12.23 1.77
CA SER A 6 24.69 11.09 1.13
C SER A 6 23.18 11.12 1.38
N GLY A 7 22.41 11.33 0.32
CA GLY A 7 20.96 11.38 0.45
C GLY A 7 20.42 10.18 1.20
N GLU A 8 19.99 10.41 2.44
CA GLU A 8 19.44 9.33 3.26
C GLU A 8 17.94 9.21 3.06
N GLN A 9 17.34 10.23 2.48
CA GLN A 9 15.90 10.23 2.22
C GLN A 9 15.55 9.27 1.09
N ALA A 10 16.36 9.27 0.04
CA ALA A 10 16.13 8.39 -1.10
C ALA A 10 16.20 6.93 -0.68
N GLU A 11 17.06 6.63 0.28
CA GLU A 11 17.22 5.25 0.77
C GLU A 11 16.05 4.86 1.65
N ALA A 12 15.63 5.76 2.53
CA ALA A 12 14.51 5.50 3.43
C ALA A 12 13.38 4.79 2.70
N GLN A 13 13.06 5.26 1.49
CA GLN A 13 11.99 4.67 0.70
C GLN A 13 12.41 3.31 0.16
N LEU A 14 13.50 3.28 -0.59
CA LEU A 14 14.00 2.05 -1.17
C LEU A 14 13.98 0.92 -0.15
N ALA A 15 14.55 1.18 1.01
CA ALA A 15 14.59 0.18 2.08
C ALA A 15 13.33 -0.66 2.10
N GLU A 16 12.17 -0.01 2.25
CA GLU A 16 10.90 -0.71 2.28
C GLU A 16 10.69 -1.51 1.00
N LEU A 17 10.58 -0.80 -0.12
CA LEU A 17 10.38 -1.44 -1.42
C LEU A 17 11.16 -2.75 -1.51
N ASP A 18 12.39 -2.73 -0.98
CA ASP A 18 13.24 -3.91 -1.01
C ASP A 18 12.66 -5.02 -0.14
N LEU A 19 12.25 -4.67 1.07
CA LEU A 19 11.67 -5.64 2.00
C LEU A 19 10.40 -6.26 1.41
N LEU A 20 9.46 -5.40 1.03
CA LEU A 20 8.20 -5.87 0.45
C LEU A 20 8.46 -6.90 -0.63
N ALA A 21 9.10 -6.47 -1.72
CA ALA A 21 9.41 -7.37 -2.82
C ALA A 21 9.69 -8.79 -2.34
N SER A 22 10.48 -8.88 -1.27
CA SER A 22 10.83 -10.18 -0.70
C SER A 22 9.63 -10.82 -0.01
N MET A 23 8.92 -10.03 0.78
CA MET A 23 7.74 -10.51 1.50
C MET A 23 6.72 -11.10 0.53
N PHE A 24 6.59 -10.47 -0.63
CA PHE A 24 5.64 -10.93 -1.65
C PHE A 24 6.38 -11.59 -2.82
N PRO A 25 6.42 -12.92 -2.82
CA PRO A 25 7.08 -13.70 -3.88
C PRO A 25 6.34 -13.61 -5.22
N GLY A 26 5.02 -13.77 -5.17
CA GLY A 26 4.22 -13.72 -6.37
C GLY A 26 2.83 -14.27 -6.17
N GLU A 27 2.49 -15.30 -6.95
CA GLU A 27 1.17 -15.92 -6.85
C GLU A 27 0.10 -14.89 -6.55
N ASN A 28 0.12 -13.79 -7.30
CA ASN A 28 -0.85 -12.72 -7.13
C ASN A 28 -0.73 -12.11 -5.73
N GLU A 29 0.50 -11.90 -5.29
CA GLU A 29 0.76 -11.32 -3.98
C GLU A 29 0.97 -9.81 -4.08
N LEU A 30 1.98 -9.41 -4.85
CA LEU A 30 2.28 -8.00 -5.03
C LEU A 30 2.66 -7.70 -6.49
N ILE A 31 2.12 -6.62 -7.02
CA ILE A 31 2.39 -6.23 -8.40
C ILE A 31 2.69 -4.73 -8.49
N VAL A 32 3.76 -4.39 -9.20
CA VAL A 32 4.15 -3.00 -9.38
C VAL A 32 3.96 -2.55 -10.83
N ASN A 33 3.22 -1.46 -11.00
CA ASN A 33 2.96 -0.92 -12.33
C ASN A 33 4.08 0.03 -12.77
N ASP A 34 4.54 0.86 -11.85
CA ASP A 34 5.60 1.81 -12.14
C ASP A 34 6.96 1.26 -11.70
N GLN A 35 7.59 0.50 -12.58
CA GLN A 35 8.89 -0.09 -12.28
C GLN A 35 9.99 0.97 -12.27
N LEU A 36 9.91 1.89 -13.23
CA LEU A 36 10.89 2.97 -13.33
C LEU A 36 11.17 3.60 -11.96
N ALA A 37 10.10 4.00 -11.29
CA ALA A 37 10.23 4.61 -9.96
C ALA A 37 11.34 3.93 -9.15
N VAL A 38 11.35 2.61 -9.16
CA VAL A 38 12.35 1.85 -8.43
C VAL A 38 13.74 2.05 -9.04
N ALA A 39 13.86 1.74 -10.32
CA ALA A 39 15.12 1.88 -11.03
C ALA A 39 15.71 3.28 -10.84
N GLU A 40 14.95 4.29 -11.24
CA GLU A 40 15.39 5.68 -11.12
C GLU A 40 15.82 5.98 -9.68
N LEU A 41 15.06 5.46 -8.72
CA LEU A 41 15.37 5.69 -7.32
C LEU A 41 16.71 5.08 -6.94
N LYS A 42 16.98 3.87 -7.46
CA LYS A 42 18.23 3.19 -7.19
C LYS A 42 19.41 3.97 -7.77
N ASP A 43 19.37 4.22 -9.07
CA ASP A 43 20.44 4.95 -9.74
C ASP A 43 20.84 6.19 -8.93
N CYS A 44 19.85 6.89 -8.41
CA CYS A 44 20.09 8.09 -7.62
C CYS A 44 21.03 7.80 -6.46
N ILE A 45 20.79 6.68 -5.78
CA ILE A 45 21.63 6.28 -4.64
C ILE A 45 22.95 5.70 -5.11
N GLU A 46 22.88 4.74 -6.03
CA GLU A 46 24.07 4.10 -6.56
C GLU A 46 25.06 5.13 -7.08
N LYS A 47 24.54 6.15 -7.77
CA LYS A 47 25.37 7.21 -8.32
C LYS A 47 25.55 8.33 -7.32
N LYS A 48 25.23 8.06 -6.06
CA LYS A 48 25.36 9.05 -5.00
C LYS A 48 24.97 10.44 -5.50
N THR A 49 23.96 10.50 -6.36
CA THR A 49 23.50 11.76 -6.90
C THR A 49 21.98 11.91 -6.75
N MET A 50 21.56 12.94 -6.03
CA MET A 50 20.15 13.19 -5.80
C MET A 50 19.62 14.22 -6.79
N GLU A 51 18.94 13.73 -7.83
CA GLU A 51 18.37 14.62 -8.85
C GLU A 51 16.89 14.87 -8.59
N GLY A 52 16.17 13.83 -8.21
CA GLY A 52 14.75 13.96 -7.94
C GLY A 52 13.91 13.00 -8.76
N ARG A 53 13.01 12.28 -8.09
CA ARG A 53 12.15 11.32 -8.77
C ARG A 53 10.91 12.01 -9.32
N SER A 54 10.51 11.62 -10.53
CA SER A 54 9.33 12.20 -11.18
C SER A 54 8.15 11.23 -11.13
N SER A 55 8.42 9.95 -11.39
CA SER A 55 7.39 8.93 -11.38
C SER A 55 7.20 8.35 -9.97
N LYS A 56 6.05 8.61 -9.38
CA LYS A 56 5.75 8.11 -8.04
C LYS A 56 5.72 6.59 -8.02
N VAL A 57 6.26 6.01 -6.96
CA VAL A 57 6.31 4.56 -6.81
C VAL A 57 4.91 3.98 -6.68
N TYR A 58 4.34 3.53 -7.79
CA TYR A 58 3.00 2.96 -7.81
C TYR A 58 3.06 1.44 -7.82
N PHE A 59 2.59 0.81 -6.75
CA PHE A 59 2.59 -0.64 -6.64
C PHE A 59 1.39 -1.13 -5.84
N THR A 60 0.62 -2.04 -6.43
CA THR A 60 -0.56 -2.59 -5.76
C THR A 60 -0.23 -3.92 -5.08
N ILE A 61 -0.92 -4.18 -3.97
CA ILE A 61 -0.71 -5.42 -3.23
C ILE A 61 -2.01 -6.21 -3.11
N ASN A 62 -1.95 -7.48 -3.51
CA ASN A 62 -3.13 -8.35 -3.44
C ASN A 62 -3.10 -9.20 -2.18
N MET A 63 -4.24 -9.26 -1.50
CA MET A 63 -4.36 -10.04 -0.27
C MET A 63 -5.74 -10.67 -0.16
N ASN A 64 -5.80 -11.99 -0.28
CA ASN A 64 -7.05 -12.73 -0.20
C ASN A 64 -7.43 -12.98 1.27
N LEU A 65 -8.67 -12.65 1.61
CA LEU A 65 -9.16 -12.85 2.97
C LEU A 65 -10.62 -13.29 2.96
N ASP A 66 -11.00 -14.07 3.97
CA ASP A 66 -12.36 -14.56 4.09
C ASP A 66 -13.29 -13.48 4.62
N VAL A 67 -14.32 -13.16 3.84
CA VAL A 67 -15.29 -12.13 4.23
C VAL A 67 -16.56 -12.76 4.78
N SER A 68 -17.10 -13.74 4.07
CA SER A 68 -18.32 -14.41 4.49
C SER A 68 -18.59 -15.64 3.62
N ASP A 69 -19.63 -16.39 3.96
CA ASP A 69 -20.00 -17.58 3.21
C ASP A 69 -18.77 -18.42 2.88
N GLU A 70 -18.00 -18.75 3.91
CA GLU A 70 -16.79 -19.55 3.73
C GLU A 70 -16.08 -19.18 2.43
N LYS A 71 -16.23 -17.92 2.02
CA LYS A 71 -15.61 -17.45 0.79
C LYS A 71 -14.62 -16.31 1.08
N MET A 72 -13.86 -15.91 0.07
CA MET A 72 -12.89 -14.84 0.22
C MET A 72 -12.78 -14.02 -1.05
N ALA A 73 -12.17 -12.84 -0.94
CA ALA A 73 -12.01 -11.96 -2.09
C ALA A 73 -10.62 -11.32 -2.10
N MET A 74 -10.22 -10.81 -3.26
CA MET A 74 -8.92 -10.17 -3.39
C MET A 74 -9.02 -8.66 -3.20
N PHE A 75 -8.25 -8.14 -2.26
CA PHE A 75 -8.26 -6.71 -1.98
C PHE A 75 -7.01 -6.02 -2.54
N SER A 76 -7.21 -5.19 -3.56
CA SER A 76 -6.10 -4.49 -4.18
C SER A 76 -5.78 -3.20 -3.43
N LEU A 77 -4.57 -3.14 -2.88
CA LEU A 77 -4.13 -1.97 -2.13
C LEU A 77 -3.18 -1.12 -2.96
N ALA A 78 -3.73 -0.12 -3.64
CA ALA A 78 -2.93 0.78 -4.46
C ALA A 78 -2.14 1.76 -3.60
N CYS A 79 -0.87 1.45 -3.36
CA CYS A 79 -0.01 2.30 -2.56
C CYS A 79 0.86 3.19 -3.45
N ILE A 80 1.03 4.44 -3.04
CA ILE A 80 1.83 5.39 -3.80
C ILE A 80 2.75 6.20 -2.88
N LEU A 81 4.05 5.93 -2.98
CA LEU A 81 5.03 6.63 -2.16
C LEU A 81 5.54 7.89 -2.87
N PRO A 82 5.20 9.06 -2.31
CA PRO A 82 5.62 10.35 -2.87
C PRO A 82 7.12 10.59 -2.71
N PHE A 83 7.56 11.79 -3.06
CA PHE A 83 8.97 12.15 -2.98
C PHE A 83 9.30 12.69 -1.58
N LYS A 84 8.26 12.95 -0.80
CA LYS A 84 8.43 13.47 0.56
C LYS A 84 8.79 12.34 1.52
N TYR A 85 8.01 11.27 1.50
CA TYR A 85 8.24 10.14 2.37
C TYR A 85 9.70 10.04 2.77
N PRO A 86 9.95 9.68 4.04
CA PRO A 86 8.89 9.38 5.00
C PRO A 86 8.11 10.63 5.40
N ALA A 87 8.66 11.80 5.07
CA ALA A 87 8.02 13.06 5.40
C ALA A 87 6.50 12.92 5.39
N VAL A 88 5.93 12.87 4.19
CA VAL A 88 4.49 12.74 4.04
C VAL A 88 4.09 11.31 3.73
N LEU A 89 3.17 10.77 4.51
CA LEU A 89 2.70 9.39 4.32
C LEU A 89 2.27 9.17 2.87
N PRO A 90 2.27 7.90 2.45
CA PRO A 90 1.88 7.52 1.09
C PRO A 90 0.38 7.70 0.85
N GLU A 91 -0.10 7.15 -0.26
CA GLU A 91 -1.52 7.25 -0.61
C GLU A 91 -2.10 5.88 -0.93
N ILE A 92 -2.24 5.04 0.08
CA ILE A 92 -2.80 3.70 -0.10
C ILE A 92 -4.31 3.73 -0.24
N THR A 93 -4.81 3.13 -1.32
CA THR A 93 -6.24 3.09 -1.57
C THR A 93 -6.74 1.65 -1.69
N VAL A 94 -7.43 1.19 -0.65
CA VAL A 94 -7.96 -0.17 -0.64
C VAL A 94 -9.18 -0.30 -1.56
N ARG A 95 -9.13 -1.27 -2.46
CA ARG A 95 -10.22 -1.50 -3.40
C ARG A 95 -10.77 -2.91 -3.26
N SER A 96 -12.06 -3.07 -3.54
CA SER A 96 -12.71 -4.37 -3.44
C SER A 96 -14.09 -4.34 -4.10
N VAL A 97 -14.37 -5.34 -4.92
CA VAL A 97 -15.65 -5.43 -5.61
C VAL A 97 -16.80 -5.60 -4.62
N LEU A 98 -16.48 -6.10 -3.44
CA LEU A 98 -17.48 -6.32 -2.39
C LEU A 98 -17.86 -5.01 -1.72
N LEU A 99 -16.85 -4.19 -1.41
CA LEU A 99 -17.08 -2.90 -0.77
C LEU A 99 -17.86 -1.97 -1.68
N SER A 100 -18.73 -1.16 -1.09
CA SER A 100 -19.54 -0.21 -1.85
C SER A 100 -18.84 1.15 -1.95
N ARG A 101 -19.37 2.01 -2.81
CA ARG A 101 -18.81 3.34 -2.99
C ARG A 101 -18.74 4.10 -1.67
N SER A 102 -19.59 3.71 -0.72
CA SER A 102 -19.63 4.35 0.58
C SER A 102 -18.66 3.68 1.55
N GLN A 103 -18.91 2.41 1.85
CA GLN A 103 -18.05 1.66 2.76
C GLN A 103 -16.58 1.89 2.44
N GLN A 104 -16.18 1.50 1.23
CA GLN A 104 -14.80 1.66 0.80
C GLN A 104 -14.19 2.94 1.36
N THR A 105 -14.88 4.06 1.13
CA THR A 105 -14.41 5.35 1.62
C THR A 105 -14.02 5.29 3.08
N GLN A 106 -15.02 5.06 3.94
CA GLN A 106 -14.78 4.98 5.38
C GLN A 106 -13.59 4.07 5.67
N LEU A 107 -13.58 2.90 5.05
CA LEU A 107 -12.50 1.93 5.25
C LEU A 107 -11.14 2.60 5.12
N ASN A 108 -10.90 3.23 3.97
CA ASN A 108 -9.64 3.91 3.72
C ASN A 108 -9.43 5.06 4.71
N THR A 109 -10.49 5.82 4.95
CA THR A 109 -10.42 6.94 5.88
C THR A 109 -9.65 6.57 7.14
N ASP A 110 -9.90 5.37 7.65
CA ASP A 110 -9.22 4.89 8.85
C ASP A 110 -7.82 4.40 8.53
N LEU A 111 -7.71 3.63 7.45
CA LEU A 111 -6.41 3.09 7.03
C LEU A 111 -5.32 4.14 7.16
N THR A 112 -5.65 5.38 6.84
CA THR A 112 -4.69 6.47 6.92
C THR A 112 -4.45 6.88 8.36
N ALA A 113 -5.52 6.91 9.15
CA ALA A 113 -5.43 7.28 10.56
C ALA A 113 -4.40 6.41 11.29
N PHE A 114 -4.64 5.11 11.31
CA PHE A 114 -3.74 4.18 11.98
C PHE A 114 -2.28 4.59 11.78
N LEU A 115 -1.84 4.60 10.53
CA LEU A 115 -0.47 4.99 10.22
C LEU A 115 -0.13 6.36 10.81
N GLN A 116 -0.93 7.35 10.46
CA GLN A 116 -0.71 8.71 10.95
C GLN A 116 -0.36 8.69 12.43
N LYS A 117 -0.83 7.67 13.14
CA LYS A 117 -0.56 7.54 14.57
C LYS A 117 0.63 6.62 14.82
N HIS A 118 0.49 5.35 14.46
CA HIS A 118 1.55 4.38 14.63
C HIS A 118 2.76 4.72 13.77
N CYS A 119 2.56 4.68 12.45
CA CYS A 119 3.64 4.98 11.51
C CYS A 119 3.67 6.47 11.19
N HIS A 120 4.57 7.19 11.85
CA HIS A 120 4.71 8.63 11.64
C HIS A 120 6.18 9.03 11.59
N GLY A 121 6.65 9.40 10.40
CA GLY A 121 8.04 9.80 10.25
C GLY A 121 8.91 8.68 9.75
N ASP A 122 8.45 7.44 9.92
CA ASP A 122 9.21 6.26 9.48
C ASP A 122 8.53 5.61 8.28
N VAL A 123 9.22 4.64 7.69
CA VAL A 123 8.69 3.93 6.53
C VAL A 123 8.11 2.57 6.94
N CYS A 124 6.78 2.52 7.07
CA CYS A 124 6.11 1.29 7.46
C CYS A 124 4.88 1.04 6.59
N ILE A 125 5.04 0.23 5.56
CA ILE A 125 3.94 -0.08 4.65
C ILE A 125 3.23 -1.36 5.06
N LEU A 126 3.99 -2.29 5.65
CA LEU A 126 3.43 -3.56 6.09
C LEU A 126 2.42 -3.34 7.22
N ASN A 127 2.63 -2.30 8.01
CA ASN A 127 1.75 -1.99 9.13
C ASN A 127 0.35 -1.67 8.63
N ALA A 128 0.24 -1.30 7.35
CA ALA A 128 -1.04 -0.97 6.75
C ALA A 128 -1.78 -2.24 6.33
N THR A 129 -1.10 -3.10 5.58
CA THR A 129 -1.70 -4.34 5.10
C THR A 129 -2.16 -5.21 6.27
N GLU A 130 -1.40 -5.19 7.36
CA GLU A 130 -1.73 -5.97 8.54
C GLU A 130 -2.93 -5.37 9.27
N TRP A 131 -3.25 -4.12 8.97
CA TRP A 131 -4.36 -3.44 9.59
C TRP A 131 -5.63 -3.58 8.74
N VAL A 132 -5.44 -3.67 7.43
CA VAL A 132 -6.57 -3.81 6.51
C VAL A 132 -7.05 -5.26 6.45
N ARG A 133 -6.12 -6.17 6.20
CA ARG A 133 -6.46 -7.59 6.11
C ARG A 133 -7.53 -7.96 7.13
N GLU A 134 -7.56 -7.23 8.24
CA GLU A 134 -8.54 -7.48 9.29
C GLU A 134 -9.74 -6.57 9.14
N HIS A 135 -9.49 -5.27 9.07
CA HIS A 135 -10.55 -4.28 8.91
C HIS A 135 -11.37 -4.55 7.65
N ALA A 136 -10.67 -4.61 6.51
CA ALA A 136 -11.33 -4.85 5.23
C ALA A 136 -12.53 -5.78 5.41
N SER A 137 -12.27 -7.03 5.73
CA SER A 137 -13.34 -8.01 5.92
C SER A 137 -14.40 -7.48 6.88
N GLY A 138 -13.95 -6.83 7.96
CA GLY A 138 -14.87 -6.29 8.94
C GLY A 138 -15.94 -5.42 8.32
N TYR A 139 -15.54 -4.60 7.34
CA TYR A 139 -16.47 -3.72 6.66
C TYR A 139 -17.45 -4.51 5.79
N VAL A 140 -16.91 -5.46 5.04
CA VAL A 140 -17.73 -6.30 4.16
C VAL A 140 -18.74 -7.11 4.97
N SER A 141 -20.02 -6.92 4.66
CA SER A 141 -21.08 -7.63 5.36
C SER A 141 -21.83 -8.56 4.41
N ARG A 142 -22.27 -8.00 3.29
CA ARG A 142 -23.02 -8.76 2.28
C ARG A 142 -22.87 -8.14 0.90
N ASP A 143 -22.09 -8.79 0.05
CA ASP A 143 -21.86 -8.30 -1.31
C ASP A 143 -23.19 -7.95 -1.98
N THR A 144 -23.43 -6.66 -2.17
CA THR A 144 -24.65 -6.19 -2.81
C THR A 144 -24.58 -4.70 -3.13
N SER A 145 -25.03 -4.34 -4.33
CA SER A 145 -25.01 -2.95 -4.74
C SER A 145 -26.42 -2.38 -4.84
N SER A 146 -26.59 -1.13 -4.41
CA SER A 146 -27.90 -0.48 -4.43
C SER A 146 -28.08 0.30 -5.73
N SER A 147 -27.63 -0.27 -6.83
CA SER A 147 -27.75 0.37 -8.14
C SER A 147 -28.90 -0.22 -8.94
N GLY A 148 -29.50 0.60 -9.80
CA GLY A 148 -30.60 0.14 -10.63
C GLY A 148 -31.80 1.04 -10.54
N PRO A 149 -33.00 0.50 -10.86
CA PRO A 149 -34.25 1.26 -10.82
C PRO A 149 -34.68 1.61 -9.40
N SER A 150 -35.37 2.72 -9.25
CA SER A 150 -35.85 3.16 -7.94
C SER A 150 -36.96 4.19 -8.08
N SER A 151 -38.05 3.98 -7.36
CA SER A 151 -39.19 4.90 -7.40
C SER A 151 -39.40 5.56 -6.05
N GLY A 152 -39.46 6.89 -6.05
CA GLY A 152 -39.66 7.63 -4.82
C GLY A 152 -38.38 7.78 -4.02
N GLY A 1 33.71 13.03 6.33
CA GLY A 1 33.50 13.21 4.92
C GLY A 1 32.85 14.55 4.59
N SER A 2 33.65 15.47 4.09
CA SER A 2 33.15 16.81 3.73
C SER A 2 32.63 16.82 2.30
N SER A 3 33.51 16.58 1.35
CA SER A 3 33.14 16.57 -0.06
C SER A 3 32.02 15.57 -0.33
N GLY A 4 30.99 16.01 -1.04
CA GLY A 4 29.87 15.15 -1.35
C GLY A 4 29.12 14.70 -0.10
N SER A 5 27.84 14.38 -0.27
CA SER A 5 27.02 13.94 0.85
C SER A 5 25.81 13.14 0.36
N SER A 6 25.49 12.07 1.07
CA SER A 6 24.36 11.23 0.70
C SER A 6 23.11 11.60 1.50
N GLY A 7 21.96 11.11 1.06
CA GLY A 7 20.71 11.41 1.74
C GLY A 7 19.97 10.15 2.14
N GLU A 8 20.20 9.70 3.37
CA GLU A 8 19.54 8.50 3.89
C GLU A 8 18.08 8.45 3.46
N GLN A 9 17.44 9.62 3.46
CA GLN A 9 16.03 9.72 3.08
C GLN A 9 15.74 8.84 1.86
N ALA A 10 16.54 9.03 0.81
CA ALA A 10 16.36 8.27 -0.42
C ALA A 10 16.41 6.76 -0.14
N GLU A 11 17.45 6.33 0.56
CA GLU A 11 17.62 4.92 0.89
C GLU A 11 16.43 4.41 1.69
N ALA A 12 15.84 5.29 2.50
CA ALA A 12 14.70 4.93 3.32
C ALA A 12 13.61 4.26 2.49
N GLN A 13 13.27 4.87 1.36
CA GLN A 13 12.25 4.34 0.48
C GLN A 13 12.68 2.99 -0.10
N LEU A 14 13.76 3.01 -0.87
CA LEU A 14 14.28 1.79 -1.49
C LEU A 14 14.33 0.64 -0.48
N ALA A 15 14.72 0.96 0.75
CA ALA A 15 14.80 -0.04 1.80
C ALA A 15 13.52 -0.87 1.88
N GLU A 16 12.43 -0.22 2.24
CA GLU A 16 11.14 -0.90 2.35
C GLU A 16 10.79 -1.62 1.05
N LEU A 17 11.10 -0.97 -0.07
CA LEU A 17 10.82 -1.54 -1.38
C LEU A 17 11.45 -2.92 -1.52
N ASP A 18 12.68 -3.06 -1.02
CA ASP A 18 13.40 -4.32 -1.09
C ASP A 18 12.76 -5.36 -0.16
N LEU A 19 12.39 -4.92 1.04
CA LEU A 19 11.77 -5.80 2.01
C LEU A 19 10.44 -6.35 1.50
N LEU A 20 9.53 -5.45 1.17
CA LEU A 20 8.22 -5.83 0.66
C LEU A 20 8.35 -6.94 -0.38
N ALA A 21 9.11 -6.66 -1.44
CA ALA A 21 9.33 -7.64 -2.50
C ALA A 21 9.54 -9.04 -1.93
N SER A 22 10.33 -9.13 -0.86
CA SER A 22 10.61 -10.41 -0.23
C SER A 22 9.43 -10.87 0.62
N MET A 23 8.85 -9.93 1.37
CA MET A 23 7.72 -10.25 2.22
C MET A 23 6.60 -10.92 1.43
N PHE A 24 6.49 -10.57 0.15
CA PHE A 24 5.47 -11.15 -0.71
C PHE A 24 6.11 -11.96 -1.83
N PRO A 25 6.57 -13.18 -1.50
CA PRO A 25 7.21 -14.08 -2.46
C PRO A 25 6.21 -14.63 -3.49
N GLY A 26 4.93 -14.61 -3.13
CA GLY A 26 3.90 -15.10 -4.02
C GLY A 26 4.02 -14.53 -5.42
N GLU A 27 3.57 -15.29 -6.41
CA GLU A 27 3.64 -14.85 -7.80
C GLU A 27 2.56 -13.81 -8.08
N ASN A 28 1.42 -13.94 -7.40
CA ASN A 28 0.31 -13.02 -7.57
C ASN A 28 -0.06 -12.35 -6.25
N GLU A 29 0.95 -11.91 -5.51
CA GLU A 29 0.72 -11.26 -4.22
C GLU A 29 0.93 -9.76 -4.34
N LEU A 30 2.01 -9.35 -4.98
CA LEU A 30 2.32 -7.93 -5.16
C LEU A 30 2.79 -7.66 -6.59
N ILE A 31 2.18 -6.65 -7.20
CA ILE A 31 2.54 -6.27 -8.56
C ILE A 31 2.87 -4.78 -8.66
N VAL A 32 3.95 -4.46 -9.36
CA VAL A 32 4.37 -3.08 -9.53
C VAL A 32 4.20 -2.62 -10.98
N ASN A 33 3.29 -1.67 -11.19
CA ASN A 33 3.03 -1.14 -12.52
C ASN A 33 4.16 -0.22 -12.97
N ASP A 34 4.52 0.71 -12.10
CA ASP A 34 5.59 1.67 -12.41
C ASP A 34 6.93 1.16 -11.90
N GLN A 35 7.71 0.54 -12.79
CA GLN A 35 9.02 0.02 -12.44
C GLN A 35 10.09 1.08 -12.58
N LEU A 36 10.06 1.81 -13.69
CA LEU A 36 11.04 2.87 -13.94
C LEU A 36 11.25 3.72 -12.70
N ALA A 37 10.15 4.24 -12.15
CA ALA A 37 10.21 5.08 -10.96
C ALA A 37 11.28 4.58 -9.99
N VAL A 38 11.21 3.29 -9.66
CA VAL A 38 12.17 2.69 -8.74
C VAL A 38 13.57 2.73 -9.31
N ALA A 39 13.72 2.24 -10.54
CA ALA A 39 15.02 2.22 -11.20
C ALA A 39 15.77 3.53 -10.98
N GLU A 40 15.07 4.64 -11.14
CA GLU A 40 15.67 5.96 -10.96
C GLU A 40 16.17 6.14 -9.52
N LEU A 41 15.39 5.63 -8.57
CA LEU A 41 15.75 5.72 -7.16
C LEU A 41 17.09 5.06 -6.89
N LYS A 42 17.27 3.85 -7.42
CA LYS A 42 18.51 3.11 -7.23
C LYS A 42 19.69 3.89 -7.79
N ASP A 43 19.60 4.24 -9.08
CA ASP A 43 20.66 5.00 -9.74
C ASP A 43 21.04 6.24 -8.93
N CYS A 44 20.03 6.91 -8.39
CA CYS A 44 20.25 8.12 -7.60
C CYS A 44 21.19 7.83 -6.43
N ILE A 45 20.83 6.84 -5.62
CA ILE A 45 21.64 6.47 -4.46
C ILE A 45 23.04 6.04 -4.89
N GLU A 46 23.11 5.11 -5.83
CA GLU A 46 24.38 4.61 -6.33
C GLU A 46 25.26 5.76 -6.83
N LYS A 47 24.62 6.78 -7.39
CA LYS A 47 25.34 7.95 -7.90
C LYS A 47 25.36 9.07 -6.86
N LYS A 48 24.97 8.75 -5.64
CA LYS A 48 24.96 9.73 -4.55
C LYS A 48 24.38 11.06 -5.04
N THR A 49 23.49 10.99 -6.02
CA THR A 49 22.87 12.19 -6.57
C THR A 49 21.35 12.15 -6.40
N MET A 50 20.80 13.21 -5.82
CA MET A 50 19.36 13.30 -5.60
C MET A 50 18.73 14.31 -6.54
N GLU A 51 18.24 13.83 -7.69
CA GLU A 51 17.62 14.70 -8.67
C GLU A 51 16.11 14.81 -8.42
N GLY A 52 15.72 14.70 -7.16
CA GLY A 52 14.31 14.80 -6.80
C GLY A 52 13.44 13.92 -7.66
N ARG A 53 13.17 12.71 -7.19
CA ARG A 53 12.33 11.76 -7.92
C ARG A 53 11.21 12.49 -8.67
N SER A 54 10.83 11.95 -9.82
CA SER A 54 9.77 12.55 -10.63
C SER A 54 8.58 11.59 -10.75
N SER A 55 8.88 10.30 -10.84
CA SER A 55 7.84 9.29 -10.98
C SER A 55 7.59 8.58 -9.64
N LYS A 56 6.36 8.68 -9.15
CA LYS A 56 6.00 8.05 -7.90
C LYS A 56 5.95 6.53 -8.03
N VAL A 57 6.47 5.83 -7.03
CA VAL A 57 6.48 4.37 -7.03
C VAL A 57 5.08 3.81 -6.91
N TYR A 58 4.46 3.49 -8.05
CA TYR A 58 3.12 2.93 -8.07
C TYR A 58 3.15 1.41 -8.11
N PHE A 59 2.74 0.79 -7.01
CA PHE A 59 2.72 -0.67 -6.93
C PHE A 59 1.48 -1.16 -6.19
N THR A 60 0.77 -2.10 -6.80
CA THR A 60 -0.45 -2.65 -6.20
C THR A 60 -0.14 -3.92 -5.41
N ILE A 61 -0.88 -4.12 -4.33
CA ILE A 61 -0.68 -5.29 -3.48
C ILE A 61 -1.96 -6.13 -3.40
N ASN A 62 -1.89 -7.35 -3.90
CA ASN A 62 -3.04 -8.25 -3.88
C ASN A 62 -3.08 -9.06 -2.59
N MET A 63 -4.19 -8.98 -1.87
CA MET A 63 -4.36 -9.71 -0.62
C MET A 63 -5.72 -10.39 -0.56
N ASN A 64 -5.72 -11.71 -0.47
CA ASN A 64 -6.95 -12.48 -0.40
C ASN A 64 -7.35 -12.75 1.04
N LEU A 65 -8.59 -12.42 1.39
CA LEU A 65 -9.10 -12.63 2.74
C LEU A 65 -10.51 -13.19 2.71
N ASP A 66 -10.90 -13.86 3.80
CA ASP A 66 -12.23 -14.44 3.90
C ASP A 66 -13.23 -13.44 4.47
N VAL A 67 -14.41 -13.38 3.87
CA VAL A 67 -15.45 -12.46 4.32
C VAL A 67 -16.65 -13.22 4.89
N SER A 68 -17.10 -14.24 4.16
CA SER A 68 -18.23 -15.05 4.59
C SER A 68 -18.46 -16.22 3.64
N ASP A 69 -19.51 -17.00 3.91
CA ASP A 69 -19.83 -18.16 3.08
C ASP A 69 -18.58 -18.99 2.80
N GLU A 70 -17.82 -19.27 3.85
CA GLU A 70 -16.60 -20.06 3.72
C GLU A 70 -15.86 -19.71 2.44
N LYS A 71 -16.04 -18.47 1.98
CA LYS A 71 -15.39 -18.00 0.76
C LYS A 71 -14.44 -16.84 1.07
N MET A 72 -13.77 -16.33 0.03
CA MET A 72 -12.85 -15.22 0.20
C MET A 72 -12.77 -14.38 -1.07
N ALA A 73 -12.36 -13.13 -0.92
CA ALA A 73 -12.24 -12.23 -2.06
C ALA A 73 -10.84 -11.63 -2.16
N MET A 74 -10.54 -11.00 -3.28
CA MET A 74 -9.23 -10.39 -3.50
C MET A 74 -9.33 -8.87 -3.45
N PHE A 75 -8.58 -8.27 -2.53
CA PHE A 75 -8.58 -6.81 -2.38
C PHE A 75 -7.34 -6.20 -3.03
N SER A 76 -7.50 -5.00 -3.59
CA SER A 76 -6.39 -4.31 -4.24
C SER A 76 -6.01 -3.05 -3.46
N LEU A 77 -4.76 -2.98 -3.04
CA LEU A 77 -4.26 -1.83 -2.29
C LEU A 77 -3.30 -1.00 -3.13
N ALA A 78 -3.82 0.03 -3.78
CA ALA A 78 -3.01 0.90 -4.62
C ALA A 78 -2.19 1.88 -3.77
N CYS A 79 -0.90 1.58 -3.62
CA CYS A 79 -0.01 2.44 -2.83
C CYS A 79 0.86 3.29 -3.74
N ILE A 80 1.11 4.53 -3.32
CA ILE A 80 1.95 5.44 -4.09
C ILE A 80 2.87 6.24 -3.18
N LEU A 81 4.16 5.99 -3.30
CA LEU A 81 5.16 6.69 -2.50
C LEU A 81 5.55 8.02 -3.14
N PRO A 82 5.24 9.13 -2.45
CA PRO A 82 5.54 10.48 -2.93
C PRO A 82 7.04 10.77 -2.91
N PHE A 83 7.40 12.02 -3.22
CA PHE A 83 8.80 12.43 -3.23
C PHE A 83 9.25 12.86 -1.84
N LYS A 84 8.30 12.94 -0.91
CA LYS A 84 8.61 13.33 0.46
C LYS A 84 8.97 12.12 1.31
N TYR A 85 8.17 11.06 1.19
CA TYR A 85 8.40 9.84 1.95
C TYR A 85 9.90 9.65 2.23
N PRO A 86 10.20 9.16 3.44
CA PRO A 86 9.19 8.84 4.45
C PRO A 86 8.51 10.08 5.02
N ALA A 87 9.00 11.25 4.63
CA ALA A 87 8.44 12.51 5.09
C ALA A 87 6.92 12.41 5.24
N VAL A 88 6.21 12.45 4.12
CA VAL A 88 4.76 12.36 4.14
C VAL A 88 4.28 10.96 3.79
N LEU A 89 3.43 10.40 4.63
CA LEU A 89 2.90 9.06 4.42
C LEU A 89 2.51 8.85 2.95
N PRO A 90 2.44 7.58 2.53
CA PRO A 90 2.08 7.22 1.15
C PRO A 90 0.61 7.53 0.84
N GLU A 91 0.14 7.03 -0.30
CA GLU A 91 -1.23 7.24 -0.71
C GLU A 91 -1.91 5.92 -1.06
N ILE A 92 -2.10 5.07 -0.06
CA ILE A 92 -2.74 3.77 -0.27
C ILE A 92 -4.23 3.92 -0.52
N THR A 93 -4.77 3.03 -1.35
CA THR A 93 -6.19 3.07 -1.67
C THR A 93 -6.76 1.66 -1.81
N VAL A 94 -7.52 1.23 -0.81
CA VAL A 94 -8.12 -0.10 -0.81
C VAL A 94 -9.34 -0.13 -1.72
N ARG A 95 -9.37 -1.10 -2.63
CA ARG A 95 -10.49 -1.25 -3.56
C ARG A 95 -11.10 -2.64 -3.45
N SER A 96 -12.42 -2.72 -3.63
CA SER A 96 -13.12 -3.99 -3.55
C SER A 96 -14.60 -3.82 -3.91
N VAL A 97 -15.12 -4.76 -4.69
CA VAL A 97 -16.52 -4.71 -5.11
C VAL A 97 -17.45 -5.09 -3.96
N LEU A 98 -16.91 -5.83 -3.00
CA LEU A 98 -17.69 -6.27 -1.84
C LEU A 98 -18.12 -5.08 -1.00
N LEU A 99 -17.20 -4.15 -0.77
CA LEU A 99 -17.49 -2.96 0.03
C LEU A 99 -18.41 -2.01 -0.73
N SER A 100 -19.36 -1.42 -0.01
CA SER A 100 -20.31 -0.50 -0.61
C SER A 100 -19.63 0.82 -0.98
N ARG A 101 -20.39 1.71 -1.62
CA ARG A 101 -19.86 3.01 -2.02
C ARG A 101 -19.33 3.80 -0.82
N SER A 102 -20.03 3.67 0.31
CA SER A 102 -19.64 4.36 1.54
C SER A 102 -18.75 3.48 2.40
N GLN A 103 -19.21 2.25 2.65
CA GLN A 103 -18.45 1.31 3.46
C GLN A 103 -17.00 1.21 2.98
N GLN A 104 -16.78 1.52 1.70
CA GLN A 104 -15.44 1.47 1.14
C GLN A 104 -14.58 2.62 1.65
N THR A 105 -14.89 3.83 1.19
CA THR A 105 -14.13 5.02 1.61
C THR A 105 -13.91 5.01 3.11
N GLN A 106 -14.83 4.40 3.85
CA GLN A 106 -14.73 4.34 5.30
C GLN A 106 -13.51 3.54 5.72
N LEU A 107 -13.27 2.43 5.02
CA LEU A 107 -12.13 1.57 5.33
C LEU A 107 -10.81 2.26 4.98
N ASN A 108 -10.84 3.05 3.91
CA ASN A 108 -9.65 3.77 3.47
C ASN A 108 -9.33 4.94 4.40
N THR A 109 -10.31 5.83 4.56
CA THR A 109 -10.14 6.99 5.43
C THR A 109 -9.49 6.60 6.76
N ASP A 110 -9.81 5.40 7.24
CA ASP A 110 -9.25 4.91 8.49
C ASP A 110 -7.84 4.36 8.28
N LEU A 111 -7.70 3.44 7.32
CA LEU A 111 -6.41 2.83 7.03
C LEU A 111 -5.28 3.84 7.22
N THR A 112 -5.36 4.95 6.49
CA THR A 112 -4.35 6.00 6.58
C THR A 112 -4.24 6.54 8.00
N ALA A 113 -5.38 6.90 8.57
CA ALA A 113 -5.41 7.44 9.93
C ALA A 113 -4.54 6.61 10.87
N PHE A 114 -4.82 5.32 10.96
CA PHE A 114 -4.06 4.43 11.82
C PHE A 114 -2.60 4.83 11.87
N LEU A 115 -2.00 5.01 10.69
CA LEU A 115 -0.59 5.40 10.60
C LEU A 115 -0.39 6.82 11.13
N GLN A 116 -1.15 7.76 10.57
CA GLN A 116 -1.04 9.16 10.99
C GLN A 116 -1.09 9.28 12.51
N LYS A 117 -1.64 8.26 13.16
CA LYS A 117 -1.74 8.25 14.61
C LYS A 117 -0.41 7.91 15.26
N HIS A 118 0.06 6.68 15.03
CA HIS A 118 1.34 6.24 15.59
C HIS A 118 2.42 6.23 14.51
N CYS A 119 2.23 5.37 13.51
CA CYS A 119 3.20 5.26 12.42
C CYS A 119 3.17 6.50 11.53
N HIS A 120 4.08 7.43 11.80
CA HIS A 120 4.16 8.67 11.02
C HIS A 120 5.56 9.26 11.10
N GLY A 121 6.31 9.15 10.00
CA GLY A 121 7.66 9.66 9.96
C GLY A 121 8.63 8.74 9.27
N ASP A 122 8.37 7.44 9.37
CA ASP A 122 9.23 6.43 8.74
C ASP A 122 8.44 5.58 7.77
N VAL A 123 9.15 4.79 6.96
CA VAL A 123 8.52 3.92 5.97
C VAL A 123 7.66 2.87 6.65
N CYS A 124 6.35 3.07 6.64
CA CYS A 124 5.41 2.13 7.25
C CYS A 124 4.34 1.70 6.25
N ILE A 125 4.69 0.76 5.38
CA ILE A 125 3.75 0.26 4.38
C ILE A 125 2.97 -0.93 4.90
N LEU A 126 3.69 -1.98 5.31
CA LEU A 126 3.06 -3.18 5.84
C LEU A 126 2.03 -2.84 6.92
N ASN A 127 2.47 -2.08 7.93
CA ASN A 127 1.60 -1.68 9.02
C ASN A 127 0.19 -1.35 8.50
N ALA A 128 0.12 -0.86 7.27
CA ALA A 128 -1.15 -0.52 6.66
C ALA A 128 -1.88 -1.77 6.16
N THR A 129 -1.13 -2.67 5.53
CA THR A 129 -1.70 -3.89 5.00
C THR A 129 -2.21 -4.80 6.13
N GLU A 130 -1.41 -4.93 7.18
CA GLU A 130 -1.77 -5.76 8.31
C GLU A 130 -3.01 -5.21 9.01
N TRP A 131 -3.35 -3.96 8.71
CA TRP A 131 -4.51 -3.30 9.30
C TRP A 131 -5.73 -3.44 8.39
N VAL A 132 -5.49 -3.59 7.10
CA VAL A 132 -6.57 -3.74 6.14
C VAL A 132 -7.11 -5.17 6.12
N ARG A 133 -6.19 -6.13 6.08
CA ARG A 133 -6.57 -7.54 6.06
C ARG A 133 -7.48 -7.88 7.24
N GLU A 134 -7.31 -7.14 8.34
CA GLU A 134 -8.11 -7.37 9.54
C GLU A 134 -9.40 -6.57 9.48
N HIS A 135 -9.27 -5.24 9.50
CA HIS A 135 -10.43 -4.35 9.45
C HIS A 135 -11.33 -4.70 8.27
N ALA A 136 -10.72 -4.88 7.10
CA ALA A 136 -11.47 -5.22 5.89
C ALA A 136 -12.68 -6.10 6.23
N SER A 137 -12.40 -7.35 6.58
CA SER A 137 -13.47 -8.29 6.91
C SER A 137 -14.54 -7.62 7.77
N GLY A 138 -14.10 -6.79 8.71
CA GLY A 138 -15.02 -6.10 9.59
C GLY A 138 -16.04 -5.27 8.82
N TYR A 139 -15.55 -4.47 7.88
CA TYR A 139 -16.42 -3.61 7.07
C TYR A 139 -17.38 -4.45 6.22
N VAL A 140 -16.82 -5.44 5.53
CA VAL A 140 -17.61 -6.32 4.68
C VAL A 140 -18.59 -7.15 5.51
N SER A 141 -19.87 -6.93 5.29
CA SER A 141 -20.91 -7.65 6.00
C SER A 141 -22.21 -7.69 5.21
N ARG A 142 -23.04 -8.70 5.47
CA ARG A 142 -24.30 -8.85 4.78
C ARG A 142 -24.13 -8.62 3.28
N ASP A 143 -23.00 -9.06 2.75
CA ASP A 143 -22.72 -8.91 1.31
C ASP A 143 -23.83 -9.52 0.47
N THR A 144 -24.17 -10.77 0.76
CA THR A 144 -25.22 -11.46 0.02
C THR A 144 -25.15 -11.13 -1.47
N SER A 145 -23.94 -11.08 -2.01
CA SER A 145 -23.75 -10.77 -3.42
C SER A 145 -24.63 -11.66 -4.29
N SER A 146 -24.96 -11.16 -5.48
CA SER A 146 -25.79 -11.91 -6.42
C SER A 146 -24.99 -12.31 -7.66
N SER A 147 -24.20 -11.38 -8.17
CA SER A 147 -23.39 -11.62 -9.36
C SER A 147 -21.97 -12.01 -8.97
N GLY A 148 -21.29 -12.72 -9.87
CA GLY A 148 -19.93 -13.14 -9.61
C GLY A 148 -19.08 -13.18 -10.87
N PRO A 149 -18.25 -12.15 -11.06
CA PRO A 149 -17.37 -12.06 -12.24
C PRO A 149 -16.25 -13.09 -12.20
N SER A 150 -15.72 -13.34 -11.01
CA SER A 150 -14.63 -14.31 -10.85
C SER A 150 -15.14 -15.59 -10.19
N SER A 151 -14.36 -16.65 -10.32
CA SER A 151 -14.74 -17.94 -9.74
C SER A 151 -13.84 -18.28 -8.56
N GLY A 152 -14.46 -18.59 -7.42
CA GLY A 152 -13.71 -18.94 -6.23
C GLY A 152 -12.69 -17.89 -5.87
N GLY A 1 20.58 18.14 3.27
CA GLY A 1 21.68 19.06 3.03
C GLY A 1 21.56 19.78 1.71
N SER A 2 21.40 19.01 0.62
CA SER A 2 21.28 19.59 -0.71
C SER A 2 19.82 19.94 -1.01
N SER A 3 18.96 18.92 -1.00
CA SER A 3 17.54 19.12 -1.29
C SER A 3 16.70 18.72 -0.08
N GLY A 4 16.60 19.62 0.89
CA GLY A 4 15.82 19.34 2.08
C GLY A 4 16.17 18.00 2.72
N SER A 5 17.25 17.99 3.49
CA SER A 5 17.70 16.77 4.16
C SER A 5 17.75 15.61 3.17
N SER A 6 18.33 15.86 2.00
CA SER A 6 18.44 14.83 0.97
C SER A 6 19.52 13.82 1.32
N GLY A 7 19.31 12.57 0.93
CA GLY A 7 20.28 11.52 1.22
C GLY A 7 19.63 10.27 1.77
N GLU A 8 19.80 10.04 3.07
CA GLU A 8 19.24 8.86 3.72
C GLU A 8 17.76 8.71 3.38
N GLN A 9 17.15 9.81 2.94
CA GLN A 9 15.73 9.80 2.59
C GLN A 9 15.49 8.94 1.35
N ALA A 10 16.37 9.05 0.37
CA ALA A 10 16.25 8.29 -0.87
C ALA A 10 16.31 6.79 -0.59
N GLU A 11 17.10 6.42 0.42
CA GLU A 11 17.25 5.02 0.78
C GLU A 11 16.05 4.53 1.59
N ALA A 12 15.66 5.30 2.60
CA ALA A 12 14.53 4.95 3.43
C ALA A 12 13.42 4.29 2.62
N GLN A 13 13.09 4.89 1.49
CA GLN A 13 12.05 4.36 0.61
C GLN A 13 12.48 3.03 0.00
N LEU A 14 13.55 3.07 -0.79
CA LEU A 14 14.06 1.87 -1.44
C LEU A 14 14.16 0.71 -0.45
N ALA A 15 14.94 0.91 0.60
CA ALA A 15 15.12 -0.12 1.63
C ALA A 15 13.83 -0.88 1.86
N GLU A 16 12.76 -0.16 2.20
CA GLU A 16 11.46 -0.77 2.45
C GLU A 16 10.98 -1.54 1.22
N LEU A 17 10.99 -0.87 0.07
CA LEU A 17 10.55 -1.49 -1.18
C LEU A 17 11.12 -2.89 -1.32
N ASP A 18 12.45 -3.00 -1.27
CA ASP A 18 13.12 -4.29 -1.39
C ASP A 18 12.51 -5.31 -0.44
N LEU A 19 12.32 -4.92 0.81
CA LEU A 19 11.74 -5.80 1.82
C LEU A 19 10.40 -6.37 1.34
N LEU A 20 9.48 -5.48 0.99
CA LEU A 20 8.16 -5.88 0.52
C LEU A 20 8.28 -6.97 -0.55
N ALA A 21 8.93 -6.63 -1.66
CA ALA A 21 9.12 -7.58 -2.74
C ALA A 21 9.31 -9.01 -2.22
N SER A 22 10.07 -9.13 -1.14
CA SER A 22 10.34 -10.42 -0.53
C SER A 22 9.11 -10.94 0.22
N MET A 23 8.45 -10.05 0.95
CA MET A 23 7.26 -10.41 1.72
C MET A 23 6.17 -10.93 0.79
N PHE A 24 5.93 -10.21 -0.31
CA PHE A 24 4.90 -10.60 -1.27
C PHE A 24 5.53 -11.12 -2.55
N PRO A 25 6.02 -12.36 -2.50
CA PRO A 25 6.67 -13.00 -3.66
C PRO A 25 5.67 -13.33 -4.77
N GLY A 26 4.53 -13.91 -4.38
CA GLY A 26 3.52 -14.27 -5.34
C GLY A 26 3.29 -13.18 -6.37
N GLU A 27 3.49 -13.52 -7.64
CA GLU A 27 3.31 -12.56 -8.72
C GLU A 27 1.98 -11.83 -8.58
N ASN A 28 0.98 -12.51 -8.03
CA ASN A 28 -0.33 -11.92 -7.84
C ASN A 28 -0.39 -11.15 -6.52
N GLU A 29 0.24 -11.71 -5.48
CA GLU A 29 0.26 -11.09 -4.17
C GLU A 29 0.62 -9.61 -4.27
N LEU A 30 1.63 -9.31 -5.10
CA LEU A 30 2.07 -7.94 -5.29
C LEU A 30 2.48 -7.69 -6.73
N ILE A 31 2.08 -6.54 -7.28
CA ILE A 31 2.41 -6.19 -8.65
C ILE A 31 2.93 -4.75 -8.74
N VAL A 32 4.18 -4.60 -9.16
CA VAL A 32 4.79 -3.29 -9.29
C VAL A 32 4.70 -2.79 -10.73
N ASN A 33 3.66 -2.01 -11.01
CA ASN A 33 3.44 -1.46 -12.35
C ASN A 33 4.55 -0.48 -12.71
N ASP A 34 4.76 0.51 -11.84
CA ASP A 34 5.79 1.52 -12.07
C ASP A 34 7.18 0.96 -11.76
N GLN A 35 7.74 0.23 -12.71
CA GLN A 35 9.06 -0.37 -12.54
C GLN A 35 10.15 0.68 -12.71
N LEU A 36 10.04 1.48 -13.76
CA LEU A 36 11.02 2.53 -14.05
C LEU A 36 11.38 3.29 -12.78
N ALA A 37 10.36 3.77 -12.07
CA ALA A 37 10.57 4.51 -10.84
C ALA A 37 11.72 3.91 -10.02
N VAL A 38 11.64 2.62 -9.77
CA VAL A 38 12.67 1.92 -9.01
C VAL A 38 14.03 2.06 -9.68
N ALA A 39 14.11 1.67 -10.95
CA ALA A 39 15.35 1.76 -11.70
C ALA A 39 16.03 3.11 -11.48
N GLU A 40 15.26 4.18 -11.59
CA GLU A 40 15.78 5.53 -11.41
C GLU A 40 16.26 5.74 -9.97
N LEU A 41 15.38 5.43 -9.02
CA LEU A 41 15.70 5.58 -7.60
C LEU A 41 17.11 5.09 -7.31
N LYS A 42 17.35 3.81 -7.60
CA LYS A 42 18.66 3.21 -7.36
C LYS A 42 19.78 4.14 -7.81
N ASP A 43 19.57 4.82 -8.93
CA ASP A 43 20.56 5.76 -9.46
C ASP A 43 20.68 6.99 -8.57
N CYS A 44 19.53 7.45 -8.06
CA CYS A 44 19.50 8.62 -7.20
C CYS A 44 20.44 8.45 -6.00
N ILE A 45 20.42 7.27 -5.41
CA ILE A 45 21.27 6.97 -4.27
C ILE A 45 22.73 6.78 -4.69
N GLU A 46 22.94 5.91 -5.66
CA GLU A 46 24.27 5.64 -6.17
C GLU A 46 25.00 6.94 -6.53
N LYS A 47 24.33 7.77 -7.33
CA LYS A 47 24.90 9.04 -7.75
C LYS A 47 24.87 10.06 -6.61
N LYS A 48 24.44 9.61 -5.44
CA LYS A 48 24.37 10.48 -4.27
C LYS A 48 24.00 11.91 -4.67
N THR A 49 23.17 12.02 -5.70
CA THR A 49 22.74 13.33 -6.19
C THR A 49 21.23 13.46 -6.16
N MET A 50 20.54 12.34 -6.40
CA MET A 50 19.08 12.33 -6.39
C MET A 50 18.52 13.65 -6.89
N GLU A 51 18.96 14.07 -8.08
CA GLU A 51 18.50 15.33 -8.66
C GLU A 51 16.99 15.44 -8.59
N GLY A 52 16.30 14.42 -9.11
CA GLY A 52 14.85 14.44 -9.09
C GLY A 52 14.25 13.13 -9.58
N ARG A 53 13.84 12.28 -8.64
CA ARG A 53 13.25 10.99 -8.98
C ARG A 53 12.13 11.15 -9.99
N SER A 54 11.36 12.22 -9.85
CA SER A 54 10.24 12.49 -10.75
C SER A 54 9.53 11.20 -11.14
N SER A 55 9.50 10.25 -10.20
CA SER A 55 8.86 8.96 -10.44
C SER A 55 8.25 8.41 -9.14
N LYS A 56 6.93 8.48 -9.06
CA LYS A 56 6.22 7.98 -7.88
C LYS A 56 6.13 6.46 -7.90
N VAL A 57 6.84 5.81 -6.99
CA VAL A 57 6.83 4.35 -6.90
C VAL A 57 5.41 3.82 -6.73
N TYR A 58 4.80 3.41 -7.84
CA TYR A 58 3.44 2.88 -7.81
C TYR A 58 3.44 1.36 -7.83
N PHE A 59 2.87 0.75 -6.80
CA PHE A 59 2.81 -0.71 -6.70
C PHE A 59 1.58 -1.14 -5.92
N THR A 60 0.71 -1.92 -6.57
CA THR A 60 -0.51 -2.41 -5.93
C THR A 60 -0.26 -3.74 -5.24
N ILE A 61 -0.94 -3.96 -4.12
CA ILE A 61 -0.81 -5.20 -3.36
C ILE A 61 -2.15 -5.92 -3.26
N ASN A 62 -2.15 -7.20 -3.64
CA ASN A 62 -3.37 -8.01 -3.59
C ASN A 62 -3.33 -8.97 -2.39
N MET A 63 -4.30 -8.84 -1.51
CA MET A 63 -4.38 -9.70 -0.33
C MET A 63 -5.72 -10.42 -0.28
N ASN A 64 -5.68 -11.74 -0.43
CA ASN A 64 -6.90 -12.54 -0.40
C ASN A 64 -7.27 -12.90 1.04
N LEU A 65 -8.51 -12.63 1.41
CA LEU A 65 -9.01 -12.93 2.75
C LEU A 65 -10.47 -13.34 2.72
N ASP A 66 -10.84 -14.24 3.64
CA ASP A 66 -12.22 -14.72 3.72
C ASP A 66 -13.12 -13.67 4.34
N VAL A 67 -14.32 -13.51 3.77
CA VAL A 67 -15.28 -12.54 4.28
C VAL A 67 -16.54 -13.23 4.79
N SER A 68 -17.06 -14.15 3.99
CA SER A 68 -18.27 -14.89 4.37
C SER A 68 -18.58 -15.98 3.34
N ASP A 69 -19.68 -16.69 3.57
CA ASP A 69 -20.08 -17.77 2.67
C ASP A 69 -18.88 -18.62 2.26
N GLU A 70 -18.14 -19.11 3.25
CA GLU A 70 -16.97 -19.94 2.99
C GLU A 70 -16.25 -19.47 1.73
N LYS A 71 -16.28 -18.17 1.48
CA LYS A 71 -15.63 -17.60 0.31
C LYS A 71 -14.62 -16.52 0.72
N MET A 72 -13.93 -15.96 -0.26
CA MET A 72 -12.94 -14.92 -0.01
C MET A 72 -12.88 -13.93 -1.16
N ALA A 73 -12.41 -12.72 -0.87
CA ALA A 73 -12.31 -11.68 -1.89
C ALA A 73 -10.91 -11.09 -1.92
N MET A 74 -10.57 -10.43 -3.02
CA MET A 74 -9.26 -9.81 -3.19
C MET A 74 -9.32 -8.31 -2.93
N PHE A 75 -8.40 -7.81 -2.11
CA PHE A 75 -8.35 -6.39 -1.79
C PHE A 75 -7.11 -5.75 -2.37
N SER A 76 -7.30 -4.92 -3.40
CA SER A 76 -6.20 -4.24 -4.06
C SER A 76 -5.83 -2.96 -3.32
N LEU A 77 -4.59 -2.89 -2.83
CA LEU A 77 -4.11 -1.72 -2.11
C LEU A 77 -3.12 -0.92 -2.95
N ALA A 78 -3.64 0.07 -3.67
CA ALA A 78 -2.80 0.92 -4.51
C ALA A 78 -1.94 1.85 -3.66
N CYS A 79 -0.69 1.45 -3.43
CA CYS A 79 0.23 2.26 -2.64
C CYS A 79 1.12 3.10 -3.54
N ILE A 80 1.40 4.32 -3.10
CA ILE A 80 2.25 5.24 -3.86
C ILE A 80 3.21 5.99 -2.96
N LEU A 81 4.50 5.75 -3.14
CA LEU A 81 5.52 6.41 -2.34
C LEU A 81 5.94 7.74 -2.97
N PRO A 82 5.56 8.85 -2.30
CA PRO A 82 5.89 10.19 -2.78
C PRO A 82 7.37 10.51 -2.66
N PHE A 83 7.73 11.75 -2.97
CA PHE A 83 9.13 12.18 -2.89
C PHE A 83 9.42 12.86 -1.56
N LYS A 84 8.64 12.50 -0.54
CA LYS A 84 8.81 13.08 0.79
C LYS A 84 9.10 11.99 1.82
N TYR A 85 8.36 10.88 1.72
CA TYR A 85 8.54 9.77 2.65
C TYR A 85 9.98 9.68 3.12
N PRO A 86 10.16 9.36 4.42
CA PRO A 86 9.05 9.13 5.33
C PRO A 86 8.27 10.41 5.65
N ALA A 87 8.82 11.53 5.22
CA ALA A 87 8.18 12.82 5.46
C ALA A 87 6.66 12.70 5.47
N VAL A 88 6.07 12.51 4.28
CA VAL A 88 4.63 12.36 4.16
C VAL A 88 4.25 10.93 3.87
N LEU A 89 3.33 10.39 4.67
CA LEU A 89 2.88 9.01 4.49
C LEU A 89 2.46 8.75 3.04
N PRO A 90 2.49 7.48 2.64
CA PRO A 90 2.11 7.07 1.28
C PRO A 90 0.62 7.23 1.02
N GLU A 91 0.22 7.02 -0.23
CA GLU A 91 -1.18 7.14 -0.62
C GLU A 91 -1.77 5.79 -0.99
N ILE A 92 -2.08 4.99 0.03
CA ILE A 92 -2.66 3.66 -0.19
C ILE A 92 -4.16 3.74 -0.41
N THR A 93 -4.65 2.96 -1.37
CA THR A 93 -6.07 2.95 -1.69
C THR A 93 -6.59 1.51 -1.81
N VAL A 94 -7.47 1.13 -0.89
CA VAL A 94 -8.04 -0.21 -0.89
C VAL A 94 -9.31 -0.27 -1.73
N ARG A 95 -9.42 -1.31 -2.57
CA ARG A 95 -10.57 -1.48 -3.43
C ARG A 95 -11.09 -2.91 -3.38
N SER A 96 -12.41 -3.07 -3.43
CA SER A 96 -13.02 -4.39 -3.38
C SER A 96 -14.44 -4.35 -3.97
N VAL A 97 -14.68 -5.23 -4.94
CA VAL A 97 -15.98 -5.29 -5.60
C VAL A 97 -17.05 -5.79 -4.62
N LEU A 98 -16.61 -6.35 -3.51
CA LEU A 98 -17.53 -6.87 -2.49
C LEU A 98 -17.99 -5.76 -1.56
N LEU A 99 -17.14 -4.76 -1.39
CA LEU A 99 -17.46 -3.62 -0.52
C LEU A 99 -18.45 -2.68 -1.19
N SER A 100 -18.79 -1.60 -0.50
CA SER A 100 -19.74 -0.62 -1.02
C SER A 100 -19.12 0.77 -1.05
N ARG A 101 -19.46 1.54 -2.08
CA ARG A 101 -18.93 2.89 -2.23
C ARG A 101 -18.78 3.56 -0.87
N SER A 102 -19.75 3.34 0.01
CA SER A 102 -19.73 3.92 1.35
C SER A 102 -18.69 3.25 2.23
N GLN A 103 -18.87 1.95 2.44
CA GLN A 103 -17.93 1.17 3.26
C GLN A 103 -16.49 1.39 2.81
N GLN A 104 -16.23 1.06 1.55
CA GLN A 104 -14.89 1.21 1.00
C GLN A 104 -14.24 2.52 1.46
N THR A 105 -14.88 3.63 1.11
CA THR A 105 -14.38 4.95 1.48
C THR A 105 -13.96 4.97 2.96
N GLN A 106 -14.91 4.72 3.84
CA GLN A 106 -14.63 4.71 5.28
C GLN A 106 -13.35 3.94 5.59
N LEU A 107 -13.25 2.73 5.04
CA LEU A 107 -12.08 1.89 5.25
C LEU A 107 -10.79 2.65 4.91
N ASN A 108 -10.76 3.23 3.72
CA ASN A 108 -9.60 3.98 3.28
C ASN A 108 -9.25 5.10 4.26
N THR A 109 -10.17 6.05 4.41
CA THR A 109 -9.96 7.17 5.33
C THR A 109 -9.29 6.70 6.62
N ASP A 110 -9.82 5.63 7.20
CA ASP A 110 -9.29 5.09 8.44
C ASP A 110 -7.88 4.54 8.22
N LEU A 111 -7.75 3.61 7.27
CA LEU A 111 -6.46 3.01 6.97
C LEU A 111 -5.33 4.01 7.14
N THR A 112 -5.42 5.13 6.42
CA THR A 112 -4.40 6.17 6.50
C THR A 112 -4.20 6.64 7.94
N ALA A 113 -5.30 6.98 8.61
CA ALA A 113 -5.26 7.44 9.99
C ALA A 113 -4.43 6.49 10.85
N PHE A 114 -4.84 5.22 10.88
CA PHE A 114 -4.15 4.21 11.67
C PHE A 114 -2.64 4.48 11.70
N LEU A 115 -2.07 4.75 10.53
CA LEU A 115 -0.64 5.03 10.42
C LEU A 115 -0.31 6.39 11.03
N GLN A 116 -0.99 7.43 10.56
CA GLN A 116 -0.76 8.78 11.05
C GLN A 116 -0.73 8.79 12.58
N LYS A 117 -1.33 7.79 13.20
CA LYS A 117 -1.37 7.69 14.65
C LYS A 117 -0.08 7.08 15.18
N HIS A 118 0.15 5.81 14.85
CA HIS A 118 1.35 5.12 15.30
C HIS A 118 2.51 5.36 14.33
N CYS A 119 2.33 4.94 13.09
CA CYS A 119 3.36 5.10 12.07
C CYS A 119 3.39 6.55 11.55
N HIS A 120 4.33 7.33 12.08
CA HIS A 120 4.47 8.72 11.68
C HIS A 120 5.93 9.12 11.59
N GLY A 121 6.35 9.59 10.42
CA GLY A 121 7.73 9.99 10.22
C GLY A 121 8.66 8.81 10.11
N ASP A 122 8.15 7.68 9.62
CA ASP A 122 8.95 6.48 9.46
C ASP A 122 8.55 5.73 8.19
N VAL A 123 9.16 4.57 7.98
CA VAL A 123 8.87 3.76 6.81
C VAL A 123 8.27 2.41 7.21
N CYS A 124 6.94 2.34 7.21
CA CYS A 124 6.24 1.11 7.58
C CYS A 124 5.00 0.92 6.72
N ILE A 125 5.09 0.00 5.76
CA ILE A 125 3.96 -0.29 4.88
C ILE A 125 3.14 -1.47 5.38
N LEU A 126 3.82 -2.57 5.65
CA LEU A 126 3.16 -3.78 6.14
C LEU A 126 2.10 -3.43 7.19
N ASN A 127 2.52 -2.73 8.23
CA ASN A 127 1.61 -2.33 9.30
C ASN A 127 0.24 -1.95 8.73
N ALA A 128 0.24 -1.16 7.66
CA ALA A 128 -0.99 -0.74 7.02
C ALA A 128 -1.78 -1.93 6.50
N THR A 129 -1.18 -2.68 5.58
CA THR A 129 -1.82 -3.84 4.99
C THR A 129 -2.48 -4.71 6.06
N GLU A 130 -1.79 -4.88 7.19
CA GLU A 130 -2.30 -5.68 8.29
C GLU A 130 -3.57 -5.06 8.86
N TRP A 131 -3.48 -3.81 9.30
CA TRP A 131 -4.62 -3.11 9.86
C TRP A 131 -5.81 -3.17 8.92
N VAL A 132 -5.56 -3.51 7.67
CA VAL A 132 -6.62 -3.60 6.67
C VAL A 132 -7.20 -5.01 6.60
N ARG A 133 -6.31 -6.00 6.58
CA ARG A 133 -6.74 -7.40 6.52
C ARG A 133 -7.62 -7.75 7.72
N GLU A 134 -7.54 -6.92 8.76
CA GLU A 134 -8.33 -7.14 9.97
C GLU A 134 -9.64 -6.37 9.92
N HIS A 135 -9.57 -5.10 9.55
CA HIS A 135 -10.74 -4.25 9.46
C HIS A 135 -11.59 -4.62 8.25
N ALA A 136 -10.96 -4.66 7.08
CA ALA A 136 -11.65 -5.00 5.85
C ALA A 136 -12.75 -6.03 6.10
N SER A 137 -12.35 -7.23 6.50
CA SER A 137 -13.28 -8.31 6.77
C SER A 137 -14.53 -7.78 7.47
N GLY A 138 -14.32 -6.92 8.48
CA GLY A 138 -15.44 -6.36 9.21
C GLY A 138 -16.34 -5.50 8.33
N TYR A 139 -15.72 -4.70 7.46
CA TYR A 139 -16.46 -3.82 6.56
C TYR A 139 -17.36 -4.63 5.64
N VAL A 140 -16.79 -5.66 5.03
CA VAL A 140 -17.54 -6.52 4.12
C VAL A 140 -18.76 -7.13 4.81
N SER A 141 -19.93 -6.84 4.28
CA SER A 141 -21.17 -7.35 4.85
C SER A 141 -22.28 -7.39 3.80
N ARG A 142 -23.07 -8.46 3.81
CA ARG A 142 -24.17 -8.62 2.85
C ARG A 142 -25.51 -8.47 3.55
N ASP A 143 -26.50 -7.98 2.82
CA ASP A 143 -27.84 -7.79 3.35
C ASP A 143 -28.77 -8.91 2.92
N THR A 144 -28.90 -9.09 1.61
CA THR A 144 -29.76 -10.13 1.06
C THR A 144 -29.16 -11.51 1.27
N SER A 145 -30.00 -12.55 1.19
CA SER A 145 -29.55 -13.92 1.38
C SER A 145 -29.92 -14.78 0.17
N SER A 146 -31.19 -14.70 -0.23
CA SER A 146 -31.69 -15.47 -1.35
C SER A 146 -32.37 -14.58 -2.38
N SER A 147 -32.15 -14.87 -3.66
CA SER A 147 -32.73 -14.08 -4.73
C SER A 147 -33.92 -14.81 -5.35
N GLY A 148 -33.72 -16.08 -5.68
CA GLY A 148 -34.79 -16.87 -6.27
C GLY A 148 -35.13 -16.41 -7.67
N PRO A 149 -35.51 -17.37 -8.53
CA PRO A 149 -35.87 -17.09 -9.92
C PRO A 149 -37.19 -16.33 -10.03
N SER A 150 -37.44 -15.74 -11.21
CA SER A 150 -38.66 -14.99 -11.44
C SER A 150 -39.47 -15.60 -12.58
N SER A 151 -40.39 -16.50 -12.23
CA SER A 151 -41.22 -17.16 -13.22
C SER A 151 -42.24 -16.19 -13.82
N GLY A 152 -42.91 -15.44 -12.94
CA GLY A 152 -43.90 -14.48 -13.40
C GLY A 152 -44.93 -14.15 -12.32
N GLY A 1 39.19 14.37 2.26
CA GLY A 1 38.81 15.36 3.23
C GLY A 1 37.40 15.15 3.77
N SER A 2 36.57 16.17 3.67
CA SER A 2 35.19 16.10 4.15
C SER A 2 34.29 15.42 3.11
N SER A 3 33.03 15.24 3.47
CA SER A 3 32.07 14.60 2.58
C SER A 3 31.03 15.61 2.09
N GLY A 4 30.24 15.21 1.10
CA GLY A 4 29.22 16.09 0.56
C GLY A 4 27.82 15.69 1.00
N SER A 5 27.31 14.60 0.44
CA SER A 5 25.97 14.12 0.77
C SER A 5 25.81 12.65 0.39
N SER A 6 25.08 11.91 1.21
CA SER A 6 24.85 10.49 0.96
C SER A 6 23.46 10.26 0.36
N GLY A 7 22.46 10.89 0.97
CA GLY A 7 21.10 10.74 0.48
C GLY A 7 20.39 9.55 1.10
N GLU A 8 20.18 9.61 2.41
CA GLU A 8 19.50 8.52 3.12
C GLU A 8 18.02 8.47 2.77
N GLN A 9 17.39 9.64 2.75
CA GLN A 9 15.97 9.73 2.42
C GLN A 9 15.62 8.81 1.25
N ALA A 10 16.48 8.81 0.24
CA ALA A 10 16.27 7.99 -0.94
C ALA A 10 16.13 6.52 -0.58
N GLU A 11 17.05 6.03 0.25
CA GLU A 11 17.03 4.63 0.68
C GLU A 11 15.81 4.35 1.55
N ALA A 12 15.46 5.31 2.41
CA ALA A 12 14.31 5.16 3.30
C ALA A 12 13.13 4.53 2.55
N GLN A 13 12.79 5.09 1.40
CA GLN A 13 11.69 4.57 0.61
C GLN A 13 12.06 3.26 -0.07
N LEU A 14 13.25 3.24 -0.69
CA LEU A 14 13.73 2.05 -1.37
C LEU A 14 13.68 0.83 -0.45
N ALA A 15 14.48 0.86 0.60
CA ALA A 15 14.52 -0.23 1.57
C ALA A 15 13.15 -0.87 1.74
N GLU A 16 12.15 -0.04 2.03
CA GLU A 16 10.80 -0.52 2.23
C GLU A 16 10.32 -1.34 1.02
N LEU A 17 10.45 -0.75 -0.16
CA LEU A 17 10.03 -1.42 -1.39
C LEU A 17 10.73 -2.77 -1.53
N ASP A 18 12.05 -2.77 -1.41
CA ASP A 18 12.84 -3.99 -1.52
C ASP A 18 12.35 -5.04 -0.53
N LEU A 19 12.17 -4.63 0.72
CA LEU A 19 11.71 -5.54 1.77
C LEU A 19 10.37 -6.18 1.38
N LEU A 20 9.34 -5.34 1.26
CA LEU A 20 8.01 -5.83 0.89
C LEU A 20 8.10 -6.99 -0.10
N ALA A 21 8.85 -6.77 -1.18
CA ALA A 21 9.02 -7.80 -2.20
C ALA A 21 9.26 -9.17 -1.56
N SER A 22 10.16 -9.20 -0.59
CA SER A 22 10.49 -10.46 0.10
C SER A 22 9.31 -10.95 0.93
N MET A 23 8.66 -10.03 1.64
CA MET A 23 7.52 -10.37 2.48
C MET A 23 6.42 -11.02 1.65
N PHE A 24 6.24 -10.53 0.43
CA PHE A 24 5.22 -11.07 -0.47
C PHE A 24 5.86 -11.88 -1.59
N PRO A 25 6.36 -13.08 -1.26
CA PRO A 25 6.99 -13.96 -2.23
C PRO A 25 6.01 -14.55 -3.22
N GLY A 26 4.76 -14.73 -2.78
CA GLY A 26 3.74 -15.29 -3.65
C GLY A 26 3.87 -14.80 -5.08
N GLU A 27 3.49 -15.65 -6.02
CA GLU A 27 3.56 -15.30 -7.45
C GLU A 27 2.55 -14.23 -7.79
N ASN A 28 1.41 -14.25 -7.11
CA ASN A 28 0.35 -13.28 -7.35
C ASN A 28 -0.07 -12.59 -6.06
N GLU A 29 0.92 -12.16 -5.28
CA GLU A 29 0.65 -11.49 -4.01
C GLU A 29 0.89 -9.99 -4.13
N LEU A 30 1.93 -9.61 -4.86
CA LEU A 30 2.27 -8.21 -5.05
C LEU A 30 2.75 -7.95 -6.48
N ILE A 31 2.41 -6.78 -7.01
CA ILE A 31 2.81 -6.41 -8.36
C ILE A 31 3.16 -4.93 -8.45
N VAL A 32 4.40 -4.64 -8.84
CA VAL A 32 4.85 -3.26 -8.96
C VAL A 32 4.74 -2.78 -10.41
N ASN A 33 3.64 -2.11 -10.72
CA ASN A 33 3.42 -1.59 -12.07
C ASN A 33 4.47 -0.55 -12.43
N ASP A 34 4.66 0.43 -11.55
CA ASP A 34 5.64 1.49 -11.78
C ASP A 34 7.05 0.95 -11.62
N GLN A 35 7.83 1.00 -12.71
CA GLN A 35 9.21 0.52 -12.68
C GLN A 35 10.19 1.69 -12.80
N LEU A 36 9.81 2.70 -13.58
CA LEU A 36 10.66 3.87 -13.78
C LEU A 36 11.04 4.50 -12.44
N ALA A 37 10.05 5.04 -11.74
CA ALA A 37 10.28 5.66 -10.45
C ALA A 37 11.30 4.88 -9.64
N VAL A 38 11.14 3.56 -9.59
CA VAL A 38 12.04 2.70 -8.84
C VAL A 38 13.43 2.69 -9.48
N ALA A 39 13.47 2.51 -10.80
CA ALA A 39 14.74 2.47 -11.53
C ALA A 39 15.57 3.72 -11.23
N GLU A 40 14.95 4.88 -11.38
CA GLU A 40 15.64 6.15 -11.14
C GLU A 40 16.04 6.27 -9.66
N LEU A 41 15.07 6.06 -8.79
CA LEU A 41 15.32 6.14 -7.34
C LEU A 41 16.59 5.40 -6.96
N LYS A 42 16.64 4.12 -7.32
CA LYS A 42 17.81 3.29 -7.02
C LYS A 42 19.06 3.84 -7.68
N ASP A 43 18.95 4.15 -8.97
CA ASP A 43 20.09 4.69 -9.73
C ASP A 43 20.66 5.92 -9.02
N CYS A 44 19.78 6.74 -8.45
CA CYS A 44 20.21 7.94 -7.76
C CYS A 44 21.15 7.60 -6.61
N ILE A 45 20.68 6.77 -5.68
CA ILE A 45 21.48 6.37 -4.53
C ILE A 45 22.88 5.94 -4.96
N GLU A 46 22.95 4.99 -5.88
CA GLU A 46 24.23 4.50 -6.38
C GLU A 46 25.04 5.63 -6.98
N LYS A 47 24.41 6.44 -7.82
CA LYS A 47 25.07 7.56 -8.47
C LYS A 47 25.49 8.62 -7.44
N LYS A 48 24.83 8.59 -6.28
CA LYS A 48 25.13 9.54 -5.22
C LYS A 48 25.01 10.98 -5.72
N THR A 49 24.01 11.22 -6.55
CA THR A 49 23.78 12.56 -7.10
C THR A 49 22.39 13.08 -6.74
N MET A 50 21.49 12.15 -6.42
CA MET A 50 20.13 12.52 -6.04
C MET A 50 19.54 13.51 -7.05
N GLU A 51 19.71 13.21 -8.34
CA GLU A 51 19.20 14.08 -9.40
C GLU A 51 17.77 14.55 -9.08
N GLY A 52 16.92 13.60 -8.71
CA GLY A 52 15.54 13.94 -8.37
C GLY A 52 14.55 12.93 -8.92
N ARG A 53 13.61 12.52 -8.07
CA ARG A 53 12.61 11.54 -8.46
C ARG A 53 11.91 11.97 -9.76
N SER A 54 11.35 11.00 -10.48
CA SER A 54 10.66 11.27 -11.72
C SER A 54 9.16 11.05 -11.58
N SER A 55 8.79 10.00 -10.84
CA SER A 55 7.39 9.67 -10.63
C SER A 55 7.18 9.05 -9.25
N LYS A 56 5.93 8.92 -8.86
CA LYS A 56 5.58 8.34 -7.56
C LYS A 56 5.60 6.82 -7.63
N VAL A 57 6.25 6.19 -6.65
CA VAL A 57 6.32 4.74 -6.60
C VAL A 57 4.94 4.11 -6.48
N TYR A 58 4.49 3.48 -7.55
CA TYR A 58 3.18 2.84 -7.58
C TYR A 58 3.31 1.32 -7.58
N PHE A 59 2.67 0.67 -6.62
CA PHE A 59 2.71 -0.78 -6.52
C PHE A 59 1.47 -1.32 -5.81
N THR A 60 0.70 -2.14 -6.53
CA THR A 60 -0.51 -2.72 -5.98
C THR A 60 -0.23 -4.06 -5.30
N ILE A 61 -0.90 -4.29 -4.18
CA ILE A 61 -0.73 -5.53 -3.44
C ILE A 61 -2.02 -6.33 -3.39
N ASN A 62 -1.95 -7.59 -3.82
CA ASN A 62 -3.12 -8.46 -3.82
C ASN A 62 -3.11 -9.39 -2.60
N MET A 63 -4.09 -9.20 -1.73
CA MET A 63 -4.19 -10.02 -0.52
C MET A 63 -5.47 -10.85 -0.54
N ASN A 64 -5.33 -12.15 -0.29
CA ASN A 64 -6.48 -13.05 -0.29
C ASN A 64 -6.98 -13.29 1.13
N LEU A 65 -8.24 -12.98 1.37
CA LEU A 65 -8.85 -13.16 2.68
C LEU A 65 -10.31 -13.57 2.56
N ASP A 66 -10.84 -14.16 3.63
CA ASP A 66 -12.23 -14.61 3.65
C ASP A 66 -13.14 -13.48 4.12
N VAL A 67 -14.19 -13.21 3.35
CA VAL A 67 -15.14 -12.16 3.70
C VAL A 67 -16.44 -12.76 4.24
N SER A 68 -16.97 -13.74 3.53
CA SER A 68 -18.22 -14.40 3.95
C SER A 68 -18.54 -15.57 3.03
N ASP A 69 -19.61 -16.29 3.36
CA ASP A 69 -20.03 -17.45 2.58
C ASP A 69 -18.84 -18.35 2.26
N GLU A 70 -18.06 -18.67 3.29
CA GLU A 70 -16.89 -19.53 3.13
C GLU A 70 -16.15 -19.19 1.84
N LYS A 71 -16.28 -17.95 1.38
CA LYS A 71 -15.63 -17.51 0.16
C LYS A 71 -14.55 -16.47 0.46
N MET A 72 -13.69 -16.21 -0.51
CA MET A 72 -12.61 -15.24 -0.34
C MET A 72 -12.68 -14.17 -1.43
N ALA A 73 -11.67 -13.30 -1.45
CA ALA A 73 -11.61 -12.23 -2.44
C ALA A 73 -10.22 -11.59 -2.47
N MET A 74 -9.99 -10.75 -3.47
CA MET A 74 -8.71 -10.07 -3.62
C MET A 74 -8.81 -8.60 -3.23
N PHE A 75 -7.99 -8.18 -2.28
CA PHE A 75 -7.99 -6.80 -1.81
C PHE A 75 -6.85 -6.02 -2.43
N SER A 76 -7.18 -5.16 -3.40
CA SER A 76 -6.18 -4.35 -4.08
C SER A 76 -5.83 -3.11 -3.28
N LEU A 77 -4.56 -2.98 -2.90
CA LEU A 77 -4.11 -1.83 -2.11
C LEU A 77 -3.14 -0.98 -2.93
N ALA A 78 -3.69 0.04 -3.59
CA ALA A 78 -2.87 0.94 -4.39
C ALA A 78 -2.07 1.89 -3.51
N CYS A 79 -0.82 1.53 -3.24
CA CYS A 79 0.05 2.35 -2.40
C CYS A 79 0.90 3.27 -3.26
N ILE A 80 0.89 4.56 -2.93
CA ILE A 80 1.66 5.56 -3.66
C ILE A 80 2.51 6.40 -2.72
N LEU A 81 3.83 6.18 -2.77
CA LEU A 81 4.75 6.93 -1.92
C LEU A 81 5.08 8.29 -2.53
N PRO A 82 4.75 9.36 -1.80
CA PRO A 82 5.00 10.74 -2.25
C PRO A 82 6.48 11.08 -2.27
N PHE A 83 6.80 12.34 -2.54
CA PHE A 83 8.18 12.79 -2.58
C PHE A 83 8.65 13.26 -1.21
N LYS A 84 7.79 13.10 -0.21
CA LYS A 84 8.11 13.51 1.15
C LYS A 84 8.53 12.30 1.99
N TYR A 85 7.74 11.24 1.91
CA TYR A 85 8.02 10.02 2.66
C TYR A 85 9.51 9.88 2.95
N PRO A 86 9.84 9.40 4.15
CA PRO A 86 8.85 9.03 5.16
C PRO A 86 8.12 10.24 5.73
N ALA A 87 8.58 11.43 5.36
CA ALA A 87 7.98 12.66 5.84
C ALA A 87 6.47 12.51 5.98
N VAL A 88 5.76 12.54 4.85
CA VAL A 88 4.32 12.40 4.86
C VAL A 88 3.89 11.00 4.46
N LEU A 89 3.01 10.40 5.25
CA LEU A 89 2.53 9.05 4.98
C LEU A 89 2.17 8.89 3.50
N PRO A 90 2.15 7.63 3.02
CA PRO A 90 1.82 7.32 1.63
C PRO A 90 0.34 7.56 1.31
N GLU A 91 -0.11 7.02 0.19
CA GLU A 91 -1.49 7.18 -0.23
C GLU A 91 -2.09 5.84 -0.67
N ILE A 92 -2.26 4.95 0.29
CA ILE A 92 -2.82 3.63 0.00
C ILE A 92 -4.32 3.71 -0.21
N THR A 93 -4.78 3.26 -1.37
CA THR A 93 -6.20 3.28 -1.71
C THR A 93 -6.76 1.86 -1.80
N VAL A 94 -7.43 1.42 -0.74
CA VAL A 94 -8.01 0.09 -0.70
C VAL A 94 -9.25 0.01 -1.58
N ARG A 95 -9.30 -1.00 -2.45
CA ARG A 95 -10.42 -1.19 -3.35
C ARG A 95 -10.82 -2.67 -3.43
N SER A 96 -12.12 -2.91 -3.49
CA SER A 96 -12.63 -4.29 -3.56
C SER A 96 -13.99 -4.32 -4.27
N VAL A 97 -14.17 -5.33 -5.12
CA VAL A 97 -15.41 -5.49 -5.87
C VAL A 97 -16.60 -5.69 -4.92
N LEU A 98 -16.36 -6.44 -3.85
CA LEU A 98 -17.41 -6.72 -2.87
C LEU A 98 -17.80 -5.44 -2.12
N LEU A 99 -16.81 -4.75 -1.57
CA LEU A 99 -17.06 -3.51 -0.83
C LEU A 99 -17.85 -2.52 -1.68
N SER A 100 -18.32 -1.46 -1.05
CA SER A 100 -19.09 -0.44 -1.74
C SER A 100 -18.32 0.87 -1.82
N ARG A 101 -18.39 1.52 -2.98
CA ARG A 101 -17.69 2.79 -3.18
C ARG A 101 -17.73 3.65 -1.92
N SER A 102 -18.89 3.65 -1.25
CA SER A 102 -19.06 4.44 -0.04
C SER A 102 -18.34 3.79 1.14
N GLN A 103 -18.65 2.52 1.40
CA GLN A 103 -18.02 1.78 2.49
C GLN A 103 -16.50 1.83 2.37
N GLN A 104 -15.98 1.22 1.31
CA GLN A 104 -14.54 1.19 1.09
C GLN A 104 -13.88 2.49 1.57
N THR A 105 -14.43 3.61 1.14
CA THR A 105 -13.90 4.91 1.53
C THR A 105 -13.60 4.97 3.02
N GLN A 106 -14.64 4.83 3.83
CA GLN A 106 -14.48 4.86 5.28
C GLN A 106 -13.26 4.05 5.72
N LEU A 107 -13.14 2.84 5.18
CA LEU A 107 -12.02 1.97 5.51
C LEU A 107 -10.69 2.65 5.20
N ASN A 108 -10.65 3.37 4.08
CA ASN A 108 -9.43 4.07 3.68
C ASN A 108 -9.07 5.16 4.68
N THR A 109 -9.93 6.17 4.80
CA THR A 109 -9.70 7.27 5.72
C THR A 109 -9.17 6.76 7.06
N ASP A 110 -9.70 5.63 7.51
CA ASP A 110 -9.28 5.04 8.77
C ASP A 110 -7.93 4.34 8.63
N LEU A 111 -7.79 3.54 7.58
CA LEU A 111 -6.55 2.82 7.33
C LEU A 111 -5.35 3.76 7.43
N THR A 112 -5.34 4.79 6.59
CA THR A 112 -4.24 5.75 6.59
C THR A 112 -4.02 6.34 7.98
N ALA A 113 -5.04 7.01 8.50
CA ALA A 113 -4.97 7.62 9.82
C ALA A 113 -4.13 6.76 10.77
N PHE A 114 -4.55 5.52 10.95
CA PHE A 114 -3.83 4.59 11.83
C PHE A 114 -2.33 4.80 11.73
N LEU A 115 -1.82 4.82 10.49
CA LEU A 115 -0.40 5.00 10.25
C LEU A 115 0.05 6.40 10.66
N GLN A 116 -0.61 7.41 10.12
CA GLN A 116 -0.28 8.80 10.43
C GLN A 116 -0.10 8.99 11.94
N LYS A 117 -0.86 8.23 12.73
CA LYS A 117 -0.79 8.31 14.17
C LYS A 117 0.28 7.37 14.72
N HIS A 118 0.07 6.07 14.52
CA HIS A 118 1.02 5.07 14.99
C HIS A 118 2.43 5.38 14.51
N CYS A 119 2.63 5.31 13.19
CA CYS A 119 3.93 5.59 12.59
C CYS A 119 3.93 6.93 11.88
N HIS A 120 4.68 7.88 12.42
CA HIS A 120 4.75 9.21 11.83
C HIS A 120 6.20 9.70 11.75
N GLY A 121 6.89 9.30 10.69
CA GLY A 121 8.28 9.70 10.52
C GLY A 121 9.12 8.62 9.87
N ASP A 122 8.69 7.37 10.02
CA ASP A 122 9.41 6.24 9.44
C ASP A 122 8.59 5.58 8.34
N VAL A 123 9.12 4.49 7.78
CA VAL A 123 8.43 3.77 6.72
C VAL A 123 7.77 2.51 7.26
N CYS A 124 6.44 2.50 7.28
CA CYS A 124 5.68 1.36 7.78
C CYS A 124 4.53 1.03 6.83
N ILE A 125 4.80 0.20 5.84
CA ILE A 125 3.78 -0.20 4.87
C ILE A 125 3.03 -1.44 5.34
N LEU A 126 3.78 -2.43 5.83
CA LEU A 126 3.18 -3.67 6.31
C LEU A 126 2.07 -3.39 7.32
N ASN A 127 2.42 -2.72 8.40
CA ASN A 127 1.46 -2.39 9.44
C ASN A 127 0.09 -2.05 8.83
N ALA A 128 0.11 -1.39 7.68
CA ALA A 128 -1.12 -1.03 6.99
C ALA A 128 -1.85 -2.26 6.47
N THR A 129 -1.12 -3.11 5.77
CA THR A 129 -1.69 -4.33 5.21
C THR A 129 -2.23 -5.24 6.30
N GLU A 130 -1.57 -5.22 7.46
CA GLU A 130 -2.00 -6.03 8.59
C GLU A 130 -3.19 -5.41 9.30
N TRP A 131 -3.41 -4.12 9.05
CA TRP A 131 -4.52 -3.41 9.68
C TRP A 131 -5.78 -3.50 8.82
N VAL A 132 -5.61 -3.87 7.57
CA VAL A 132 -6.74 -4.00 6.65
C VAL A 132 -7.30 -5.42 6.68
N ARG A 133 -6.44 -6.40 6.40
CA ARG A 133 -6.85 -7.79 6.40
C ARG A 133 -7.81 -8.09 7.56
N GLU A 134 -7.71 -7.28 8.62
CA GLU A 134 -8.56 -7.45 9.79
C GLU A 134 -9.79 -6.55 9.70
N HIS A 135 -9.56 -5.25 9.58
CA HIS A 135 -10.65 -4.29 9.50
C HIS A 135 -11.57 -4.62 8.32
N ALA A 136 -10.98 -4.77 7.14
CA ALA A 136 -11.75 -5.07 5.93
C ALA A 136 -12.93 -5.97 6.26
N SER A 137 -12.65 -7.19 6.69
CA SER A 137 -13.70 -8.15 7.03
C SER A 137 -14.88 -7.44 7.67
N GLY A 138 -14.60 -6.55 8.62
CA GLY A 138 -15.65 -5.82 9.30
C GLY A 138 -16.49 -5.01 8.34
N TYR A 139 -15.86 -4.11 7.60
CA TYR A 139 -16.55 -3.26 6.64
C TYR A 139 -17.36 -4.10 5.65
N VAL A 140 -16.68 -5.06 5.03
CA VAL A 140 -17.34 -5.94 4.06
C VAL A 140 -18.64 -6.49 4.61
N SER A 141 -19.75 -6.03 4.06
CA SER A 141 -21.07 -6.48 4.49
C SER A 141 -21.77 -7.28 3.40
N ARG A 142 -22.72 -8.12 3.81
CA ARG A 142 -23.45 -8.95 2.85
C ARG A 142 -24.83 -8.35 2.57
N ASP A 143 -25.51 -7.91 3.62
CA ASP A 143 -26.84 -7.32 3.48
C ASP A 143 -27.66 -8.08 2.44
N THR A 144 -27.62 -9.40 2.51
CA THR A 144 -28.37 -10.24 1.59
C THR A 144 -29.66 -10.74 2.21
N SER A 145 -30.76 -10.03 1.94
CA SER A 145 -32.06 -10.41 2.48
C SER A 145 -33.00 -10.87 1.37
N SER A 146 -33.75 -11.93 1.65
CA SER A 146 -34.68 -12.48 0.68
C SER A 146 -35.73 -11.43 0.27
N SER A 147 -36.17 -11.51 -0.98
CA SER A 147 -37.17 -10.56 -1.49
C SER A 147 -38.52 -10.78 -0.81
N GLY A 148 -38.91 -12.04 -0.64
CA GLY A 148 -40.17 -12.35 -0.01
C GLY A 148 -41.31 -12.47 -1.00
N PRO A 149 -41.43 -13.66 -1.62
CA PRO A 149 -42.48 -13.93 -2.61
C PRO A 149 -43.88 -13.98 -1.98
N SER A 150 -44.58 -12.86 -2.02
CA SER A 150 -45.92 -12.78 -1.45
C SER A 150 -46.80 -11.82 -2.25
N SER A 151 -48.11 -12.08 -2.25
CA SER A 151 -49.05 -11.24 -2.98
C SER A 151 -49.50 -10.07 -2.13
N GLY A 152 -49.84 -10.34 -0.87
CA GLY A 152 -50.29 -9.30 0.03
C GLY A 152 -51.78 -9.35 0.29
N GLY A 1 35.59 22.43 1.75
CA GLY A 1 35.31 21.09 2.22
C GLY A 1 34.67 20.24 1.14
N SER A 2 34.94 18.93 1.18
CA SER A 2 34.39 18.01 0.20
C SER A 2 32.86 18.04 0.22
N SER A 3 32.25 17.80 -0.94
CA SER A 3 30.80 17.81 -1.06
C SER A 3 30.17 16.85 -0.05
N GLY A 4 28.85 16.92 0.07
CA GLY A 4 28.14 16.06 1.00
C GLY A 4 26.84 15.51 0.42
N SER A 5 26.95 14.46 -0.39
CA SER A 5 25.79 13.86 -1.01
C SER A 5 24.80 13.37 0.05
N SER A 6 23.78 14.17 0.31
CA SER A 6 22.77 13.83 1.31
C SER A 6 21.60 13.10 0.65
N GLY A 7 21.76 11.80 0.44
CA GLY A 7 20.72 11.00 -0.17
C GLY A 7 20.20 9.92 0.76
N GLU A 8 19.98 10.28 2.02
CA GLU A 8 19.48 9.35 3.01
C GLU A 8 18.01 8.99 2.75
N GLN A 9 17.15 10.00 2.84
CA GLN A 9 15.72 9.81 2.60
C GLN A 9 15.49 8.87 1.43
N ALA A 10 16.21 9.11 0.34
CA ALA A 10 16.08 8.28 -0.86
C ALA A 10 16.22 6.80 -0.52
N GLU A 11 17.19 6.48 0.34
CA GLU A 11 17.43 5.10 0.74
C GLU A 11 16.24 4.54 1.51
N ALA A 12 15.78 5.29 2.51
CA ALA A 12 14.64 4.86 3.31
C ALA A 12 13.57 4.22 2.45
N GLN A 13 13.01 5.00 1.52
CA GLN A 13 11.97 4.49 0.63
C GLN A 13 12.40 3.18 -0.02
N LEU A 14 13.56 3.20 -0.67
CA LEU A 14 14.08 2.01 -1.35
C LEU A 14 14.10 0.82 -0.39
N ALA A 15 14.96 0.91 0.62
CA ALA A 15 15.07 -0.17 1.61
C ALA A 15 13.73 -0.82 1.87
N GLU A 16 12.70 0.00 2.08
CA GLU A 16 11.36 -0.50 2.35
C GLU A 16 10.88 -1.39 1.20
N LEU A 17 10.95 -0.87 -0.02
CA LEU A 17 10.52 -1.62 -1.19
C LEU A 17 11.10 -3.03 -1.18
N ASP A 18 12.41 -3.12 -1.05
CA ASP A 18 13.08 -4.42 -1.03
C ASP A 18 12.41 -5.36 -0.02
N LEU A 19 12.17 -4.87 1.18
CA LEU A 19 11.54 -5.66 2.22
C LEU A 19 10.24 -6.29 1.71
N LEU A 20 9.35 -5.47 1.20
CA LEU A 20 8.07 -5.94 0.67
C LEU A 20 8.29 -7.04 -0.36
N ALA A 21 8.90 -6.69 -1.49
CA ALA A 21 9.17 -7.64 -2.54
C ALA A 21 9.51 -9.01 -1.97
N SER A 22 10.22 -9.03 -0.86
CA SER A 22 10.60 -10.28 -0.21
C SER A 22 9.44 -10.87 0.57
N MET A 23 8.72 -10.01 1.29
CA MET A 23 7.58 -10.44 2.08
C MET A 23 6.48 -11.03 1.18
N PHE A 24 6.23 -10.38 0.07
CA PHE A 24 5.22 -10.84 -0.88
C PHE A 24 5.86 -11.37 -2.16
N PRO A 25 6.29 -12.64 -2.11
CA PRO A 25 6.94 -13.29 -3.25
C PRO A 25 5.95 -13.58 -4.39
N GLY A 26 4.78 -14.11 -4.02
CA GLY A 26 3.77 -14.42 -5.02
C GLY A 26 3.57 -13.29 -6.01
N GLU A 27 4.01 -13.49 -7.24
CA GLU A 27 3.87 -12.48 -8.29
C GLU A 27 2.51 -11.81 -8.21
N ASN A 28 1.52 -12.54 -7.71
CA ASN A 28 0.16 -12.01 -7.59
C ASN A 28 0.01 -11.21 -6.30
N GLU A 29 0.56 -11.74 -5.21
CA GLU A 29 0.48 -11.08 -3.91
C GLU A 29 0.78 -9.59 -4.04
N LEU A 30 1.76 -9.25 -4.87
CA LEU A 30 2.14 -7.87 -5.09
C LEU A 30 2.56 -7.64 -6.53
N ILE A 31 2.25 -6.45 -7.05
CA ILE A 31 2.59 -6.10 -8.42
C ILE A 31 3.01 -4.64 -8.53
N VAL A 32 4.26 -4.41 -8.94
CA VAL A 32 4.77 -3.06 -9.08
C VAL A 32 4.73 -2.61 -10.54
N ASN A 33 3.67 -1.88 -10.88
CA ASN A 33 3.49 -1.38 -12.25
C ASN A 33 4.57 -0.36 -12.59
N ASP A 34 4.70 0.67 -11.77
CA ASP A 34 5.68 1.72 -11.98
C ASP A 34 7.09 1.22 -11.65
N GLN A 35 7.76 0.69 -12.66
CA GLN A 35 9.11 0.16 -12.47
C GLN A 35 10.15 1.29 -12.55
N LEU A 36 10.00 2.15 -13.55
CA LEU A 36 10.93 3.26 -13.74
C LEU A 36 11.13 4.02 -12.44
N ALA A 37 10.02 4.40 -11.80
CA ALA A 37 10.08 5.13 -10.54
C ALA A 37 11.15 4.56 -9.62
N VAL A 38 11.23 3.24 -9.55
CA VAL A 38 12.21 2.57 -8.71
C VAL A 38 13.61 2.73 -9.27
N ALA A 39 13.80 2.28 -10.51
CA ALA A 39 15.10 2.37 -11.17
C ALA A 39 15.74 3.73 -10.93
N GLU A 40 14.97 4.79 -11.12
CA GLU A 40 15.47 6.15 -10.93
C GLU A 40 15.94 6.35 -9.49
N LEU A 41 15.16 5.85 -8.53
CA LEU A 41 15.50 5.97 -7.12
C LEU A 41 16.85 5.32 -6.83
N LYS A 42 17.09 4.18 -7.44
CA LYS A 42 18.35 3.46 -7.26
C LYS A 42 19.52 4.24 -7.84
N ASP A 43 19.47 4.45 -9.15
CA ASP A 43 20.53 5.18 -9.85
C ASP A 43 20.94 6.42 -9.05
N CYS A 44 19.96 7.11 -8.48
CA CYS A 44 20.22 8.30 -7.69
C CYS A 44 21.17 8.00 -6.54
N ILE A 45 20.82 7.02 -5.72
CA ILE A 45 21.64 6.63 -4.59
C ILE A 45 22.98 6.06 -5.05
N GLU A 46 22.93 5.12 -5.98
CA GLU A 46 24.14 4.50 -6.50
C GLU A 46 25.14 5.56 -6.97
N LYS A 47 24.65 6.52 -7.74
CA LYS A 47 25.49 7.59 -8.26
C LYS A 47 25.71 8.67 -7.20
N LYS A 48 25.35 8.35 -5.96
CA LYS A 48 25.51 9.29 -4.86
C LYS A 48 25.06 10.69 -5.26
N THR A 49 23.94 10.77 -5.97
CA THR A 49 23.40 12.05 -6.41
C THR A 49 21.88 12.10 -6.29
N MET A 50 21.35 13.26 -5.96
CA MET A 50 19.91 13.43 -5.81
C MET A 50 19.42 14.64 -6.61
N GLU A 51 19.08 14.39 -7.87
CA GLU A 51 18.59 15.46 -8.75
C GLU A 51 17.13 15.78 -8.45
N GLY A 52 16.31 14.74 -8.32
CA GLY A 52 14.90 14.94 -8.04
C GLY A 52 14.02 14.12 -8.97
N ARG A 53 13.62 12.94 -8.52
CA ARG A 53 12.76 12.07 -9.32
C ARG A 53 11.38 12.69 -9.51
N SER A 54 10.76 12.39 -10.65
CA SER A 54 9.44 12.93 -10.96
C SER A 54 8.44 11.81 -11.19
N SER A 55 8.76 10.62 -10.68
CA SER A 55 7.89 9.46 -10.83
C SER A 55 7.50 8.89 -9.47
N LYS A 56 6.19 8.77 -9.24
CA LYS A 56 5.68 8.23 -7.99
C LYS A 56 5.64 6.71 -8.02
N VAL A 57 6.23 6.08 -7.01
CA VAL A 57 6.27 4.63 -6.91
C VAL A 57 4.86 4.07 -6.71
N TYR A 58 4.37 3.36 -7.72
CA TYR A 58 3.03 2.77 -7.64
C TYR A 58 3.11 1.24 -7.70
N PHE A 59 2.47 0.59 -6.73
CA PHE A 59 2.47 -0.86 -6.65
C PHE A 59 1.25 -1.37 -5.89
N THR A 60 0.41 -2.14 -6.56
CA THR A 60 -0.79 -2.69 -5.95
C THR A 60 -0.51 -4.04 -5.30
N ILE A 61 -1.16 -4.29 -4.17
CA ILE A 61 -0.98 -5.55 -3.46
C ILE A 61 -2.30 -6.34 -3.40
N ASN A 62 -2.22 -7.61 -3.79
CA ASN A 62 -3.40 -8.47 -3.78
C ASN A 62 -3.41 -9.38 -2.56
N MET A 63 -4.37 -9.16 -1.67
CA MET A 63 -4.48 -9.96 -0.46
C MET A 63 -5.79 -10.74 -0.44
N ASN A 64 -5.70 -12.07 -0.56
CA ASN A 64 -6.88 -12.92 -0.55
C ASN A 64 -7.31 -13.25 0.87
N LEU A 65 -8.41 -12.65 1.30
CA LEU A 65 -8.93 -12.88 2.64
C LEU A 65 -10.44 -13.12 2.61
N ASP A 66 -10.96 -13.69 3.69
CA ASP A 66 -12.40 -13.97 3.79
C ASP A 66 -13.19 -12.68 4.01
N VAL A 67 -14.36 -12.59 3.38
CA VAL A 67 -15.21 -11.41 3.50
C VAL A 67 -16.53 -11.77 4.17
N SER A 68 -17.21 -12.77 3.61
CA SER A 68 -18.50 -13.21 4.16
C SER A 68 -19.01 -14.44 3.42
N ASP A 69 -20.12 -14.98 3.88
CA ASP A 69 -20.72 -16.16 3.27
C ASP A 69 -19.70 -17.27 3.13
N GLU A 70 -18.68 -17.25 3.99
CA GLU A 70 -17.63 -18.26 3.98
C GLU A 70 -16.88 -18.23 2.64
N LYS A 71 -16.84 -17.07 2.01
CA LYS A 71 -16.16 -16.91 0.74
C LYS A 71 -14.98 -15.94 0.87
N MET A 72 -14.01 -16.07 -0.03
CA MET A 72 -12.84 -15.21 -0.02
C MET A 72 -12.82 -14.28 -1.23
N ALA A 73 -11.99 -13.24 -1.18
CA ALA A 73 -11.88 -12.29 -2.27
C ALA A 73 -10.55 -11.56 -2.23
N MET A 74 -10.12 -11.06 -3.39
CA MET A 74 -8.86 -10.33 -3.49
C MET A 74 -9.05 -8.86 -3.12
N PHE A 75 -8.04 -8.29 -2.47
CA PHE A 75 -8.08 -6.89 -2.06
C PHE A 75 -6.96 -6.09 -2.71
N SER A 76 -7.34 -5.16 -3.58
CA SER A 76 -6.37 -4.32 -4.28
C SER A 76 -5.97 -3.12 -3.43
N LEU A 77 -4.69 -3.03 -3.09
CA LEU A 77 -4.18 -1.93 -2.28
C LEU A 77 -3.22 -1.06 -3.09
N ALA A 78 -3.75 -0.01 -3.70
CA ALA A 78 -2.94 0.90 -4.50
C ALA A 78 -2.06 1.77 -3.62
N CYS A 79 -0.82 1.33 -3.41
CA CYS A 79 0.13 2.08 -2.58
C CYS A 79 1.03 2.96 -3.44
N ILE A 80 0.87 4.27 -3.29
CA ILE A 80 1.67 5.22 -4.05
C ILE A 80 2.58 6.04 -3.14
N LEU A 81 3.88 5.80 -3.22
CA LEU A 81 4.85 6.51 -2.40
C LEU A 81 5.20 7.86 -3.01
N PRO A 82 4.90 8.94 -2.28
CA PRO A 82 5.18 10.31 -2.73
C PRO A 82 6.67 10.61 -2.77
N PHE A 83 7.01 11.87 -3.08
CA PHE A 83 8.40 12.29 -3.13
C PHE A 83 8.83 12.93 -1.82
N LYS A 84 8.17 12.54 -0.73
CA LYS A 84 8.48 13.07 0.58
C LYS A 84 8.80 11.95 1.57
N TYR A 85 8.00 10.88 1.50
CA TYR A 85 8.19 9.74 2.38
C TYR A 85 9.66 9.57 2.77
N PRO A 86 9.91 9.20 4.03
CA PRO A 86 8.84 8.96 5.00
C PRO A 86 8.13 10.26 5.42
N ALA A 87 8.67 11.38 4.99
CA ALA A 87 8.09 12.68 5.31
C ALA A 87 6.58 12.58 5.45
N VAL A 88 5.90 12.44 4.32
CA VAL A 88 4.45 12.33 4.31
C VAL A 88 4.00 10.92 3.95
N LEU A 89 3.12 10.36 4.79
CA LEU A 89 2.61 9.01 4.56
C LEU A 89 2.19 8.82 3.11
N PRO A 90 2.17 7.56 2.65
CA PRO A 90 1.78 7.22 1.27
C PRO A 90 0.29 7.44 1.03
N GLU A 91 -0.16 7.09 -0.18
CA GLU A 91 -1.56 7.26 -0.54
C GLU A 91 -2.20 5.90 -0.83
N ILE A 92 -2.18 5.01 0.16
CA ILE A 92 -2.75 3.68 0.01
C ILE A 92 -4.27 3.75 -0.15
N THR A 93 -4.78 3.17 -1.22
CA THR A 93 -6.20 3.17 -1.50
C THR A 93 -6.75 1.75 -1.61
N VAL A 94 -7.39 1.28 -0.55
CA VAL A 94 -7.95 -0.07 -0.53
C VAL A 94 -9.23 -0.14 -1.35
N ARG A 95 -9.19 -0.91 -2.43
CA ARG A 95 -10.34 -1.07 -3.32
C ARG A 95 -10.72 -2.54 -3.47
N SER A 96 -12.00 -2.84 -3.32
CA SER A 96 -12.48 -4.21 -3.44
C SER A 96 -13.87 -4.24 -4.09
N VAL A 97 -13.94 -4.78 -5.30
CA VAL A 97 -15.19 -4.87 -6.03
C VAL A 97 -16.36 -5.13 -5.08
N LEU A 98 -16.10 -5.92 -4.03
CA LEU A 98 -17.12 -6.23 -3.04
C LEU A 98 -17.63 -4.98 -2.34
N LEU A 99 -16.70 -4.24 -1.74
CA LEU A 99 -17.05 -3.01 -1.04
C LEU A 99 -17.46 -1.91 -2.02
N SER A 100 -18.42 -1.09 -1.62
CA SER A 100 -18.89 0.00 -2.46
C SER A 100 -18.20 1.32 -2.09
N ARG A 101 -18.05 2.19 -3.08
CA ARG A 101 -17.42 3.49 -2.85
C ARG A 101 -17.89 4.11 -1.55
N SER A 102 -19.08 3.71 -1.10
CA SER A 102 -19.65 4.23 0.13
C SER A 102 -18.92 3.69 1.35
N GLN A 103 -18.82 2.37 1.44
CA GLN A 103 -18.14 1.74 2.55
C GLN A 103 -16.62 1.80 2.38
N GLN A 104 -16.16 1.44 1.18
CA GLN A 104 -14.73 1.46 0.87
C GLN A 104 -14.07 2.72 1.43
N THR A 105 -14.51 3.88 0.94
CA THR A 105 -13.96 5.14 1.39
C THR A 105 -13.81 5.17 2.91
N GLN A 106 -14.75 4.56 3.60
CA GLN A 106 -14.72 4.51 5.06
C GLN A 106 -13.48 3.79 5.56
N LEU A 107 -13.24 2.60 5.01
CA LEU A 107 -12.08 1.80 5.40
C LEU A 107 -10.78 2.54 5.10
N ASN A 108 -10.78 3.31 4.02
CA ASN A 108 -9.59 4.07 3.62
C ASN A 108 -9.33 5.21 4.60
N THR A 109 -10.32 6.09 4.75
CA THR A 109 -10.20 7.23 5.66
C THR A 109 -9.57 6.82 6.98
N ASP A 110 -9.71 5.54 7.32
CA ASP A 110 -9.15 5.01 8.56
C ASP A 110 -7.76 4.42 8.32
N LEU A 111 -7.68 3.48 7.39
CA LEU A 111 -6.41 2.84 7.07
C LEU A 111 -5.25 3.82 7.17
N THR A 112 -5.45 5.03 6.63
CA THR A 112 -4.43 6.06 6.66
C THR A 112 -4.22 6.58 8.08
N ALA A 113 -5.32 6.91 8.75
CA ALA A 113 -5.25 7.42 10.11
C ALA A 113 -4.41 6.52 11.00
N PHE A 114 -4.57 5.20 10.83
CA PHE A 114 -3.82 4.23 11.62
C PHE A 114 -2.34 4.59 11.65
N LEU A 115 -1.73 4.69 10.47
CA LEU A 115 -0.31 5.02 10.37
C LEU A 115 -0.05 6.41 10.93
N GLN A 116 -0.84 7.38 10.49
CA GLN A 116 -0.68 8.76 10.96
C GLN A 116 -0.34 8.80 12.44
N LYS A 117 -0.95 7.91 13.22
CA LYS A 117 -0.70 7.84 14.64
C LYS A 117 0.39 6.83 14.97
N HIS A 118 0.13 5.56 14.64
CA HIS A 118 1.09 4.49 14.90
C HIS A 118 2.45 4.85 14.31
N CYS A 119 2.50 5.06 13.00
CA CYS A 119 3.74 5.39 12.32
C CYS A 119 3.65 6.78 11.68
N HIS A 120 4.33 7.75 12.28
CA HIS A 120 4.32 9.11 11.77
C HIS A 120 5.75 9.66 11.66
N GLY A 121 6.40 9.35 10.55
CA GLY A 121 7.77 9.82 10.35
C GLY A 121 8.73 8.69 10.05
N ASP A 122 8.22 7.63 9.41
CA ASP A 122 9.05 6.47 9.08
C ASP A 122 8.45 5.71 7.90
N VAL A 123 9.14 4.65 7.49
CA VAL A 123 8.67 3.83 6.37
C VAL A 123 8.00 2.55 6.87
N CYS A 124 6.67 2.58 6.92
CA CYS A 124 5.90 1.42 7.38
C CYS A 124 4.73 1.14 6.45
N ILE A 125 4.93 0.23 5.50
CA ILE A 125 3.88 -0.12 4.55
C ILE A 125 3.12 -1.37 5.02
N LEU A 126 3.85 -2.33 5.58
CA LEU A 126 3.24 -3.56 6.06
C LEU A 126 2.17 -3.27 7.11
N ASN A 127 2.57 -2.59 8.18
CA ASN A 127 1.66 -2.24 9.26
C ASN A 127 0.26 -1.94 8.71
N ALA A 128 0.22 -1.39 7.50
CA ALA A 128 -1.04 -1.06 6.86
C ALA A 128 -1.81 -2.30 6.47
N THR A 129 -1.20 -3.14 5.63
CA THR A 129 -1.82 -4.36 5.17
C THR A 129 -2.35 -5.19 6.35
N GLU A 130 -1.58 -5.21 7.44
CA GLU A 130 -1.96 -5.95 8.63
C GLU A 130 -3.18 -5.31 9.30
N TRP A 131 -3.40 -4.04 9.02
CA TRP A 131 -4.53 -3.31 9.59
C TRP A 131 -5.78 -3.47 8.73
N VAL A 132 -5.58 -3.85 7.47
CA VAL A 132 -6.69 -4.04 6.55
C VAL A 132 -7.31 -5.42 6.72
N ARG A 133 -6.52 -6.46 6.47
CA ARG A 133 -7.00 -7.83 6.61
C ARG A 133 -7.94 -7.97 7.80
N GLU A 134 -7.74 -7.12 8.80
CA GLU A 134 -8.57 -7.15 10.00
C GLU A 134 -9.82 -6.29 9.82
N HIS A 135 -9.61 -4.99 9.66
CA HIS A 135 -10.73 -4.06 9.48
C HIS A 135 -11.61 -4.48 8.30
N ALA A 136 -10.98 -4.69 7.15
CA ALA A 136 -11.70 -5.09 5.95
C ALA A 136 -12.82 -6.08 6.29
N SER A 137 -12.44 -7.27 6.74
CA SER A 137 -13.41 -8.29 7.10
C SER A 137 -14.53 -7.71 7.94
N GLY A 138 -14.21 -6.67 8.71
CA GLY A 138 -15.19 -6.04 9.56
C GLY A 138 -16.22 -5.26 8.76
N TYR A 139 -15.76 -4.51 7.77
CA TYR A 139 -16.65 -3.71 6.94
C TYR A 139 -17.55 -4.60 6.10
N VAL A 140 -17.03 -5.77 5.73
CA VAL A 140 -17.80 -6.71 4.91
C VAL A 140 -18.50 -7.74 5.79
N SER A 141 -19.83 -7.67 5.82
CA SER A 141 -20.62 -8.59 6.61
C SER A 141 -22.03 -8.73 6.06
N ARG A 142 -22.63 -9.89 6.25
CA ARG A 142 -23.99 -10.15 5.75
C ARG A 142 -24.89 -8.95 6.01
N ASP A 143 -25.77 -8.67 5.05
CA ASP A 143 -26.69 -7.55 5.17
C ASP A 143 -28.12 -8.05 5.39
N THR A 144 -28.29 -8.90 6.39
CA THR A 144 -29.61 -9.46 6.70
C THR A 144 -30.11 -8.95 8.04
N SER A 145 -31.26 -8.30 8.04
CA SER A 145 -31.85 -7.77 9.26
C SER A 145 -32.86 -8.74 9.86
N SER A 146 -33.95 -8.99 9.12
CA SER A 146 -34.99 -9.91 9.57
C SER A 146 -34.38 -11.19 10.10
N SER A 147 -34.98 -11.73 11.15
CA SER A 147 -34.50 -12.96 11.77
C SER A 147 -35.11 -14.19 11.08
N GLY A 148 -34.39 -14.74 10.13
CA GLY A 148 -34.87 -15.91 9.40
C GLY A 148 -35.26 -15.58 7.98
N PRO A 149 -34.96 -16.51 7.05
CA PRO A 149 -35.28 -16.33 5.63
C PRO A 149 -36.78 -16.42 5.36
N SER A 150 -37.36 -15.31 4.94
CA SER A 150 -38.79 -15.25 4.65
C SER A 150 -39.07 -15.73 3.23
N SER A 151 -39.96 -16.72 3.10
CA SER A 151 -40.31 -17.27 1.79
C SER A 151 -40.32 -16.18 0.74
N GLY A 152 -39.52 -16.37 -0.32
CA GLY A 152 -39.46 -15.40 -1.39
C GLY A 152 -40.42 -15.72 -2.52
N GLY A 1 30.27 26.05 -5.61
CA GLY A 1 30.89 24.79 -5.25
C GLY A 1 29.96 23.90 -4.46
N SER A 2 30.01 22.59 -4.75
CA SER A 2 29.16 21.63 -4.06
C SER A 2 29.47 21.60 -2.56
N SER A 3 28.44 21.84 -1.75
CA SER A 3 28.60 21.84 -0.30
C SER A 3 28.86 20.43 0.22
N GLY A 4 28.12 19.47 -0.31
CA GLY A 4 28.28 18.09 0.11
C GLY A 4 27.03 17.52 0.76
N SER A 5 26.52 16.43 0.18
CA SER A 5 25.31 15.79 0.70
C SER A 5 25.20 14.36 0.20
N SER A 6 24.50 13.53 0.96
CA SER A 6 24.32 12.12 0.59
C SER A 6 22.86 11.84 0.23
N GLY A 7 21.96 12.18 1.14
CA GLY A 7 20.55 11.96 0.90
C GLY A 7 20.07 10.63 1.45
N GLU A 8 19.83 10.58 2.76
CA GLU A 8 19.37 9.36 3.40
C GLU A 8 17.89 9.10 3.10
N GLN A 9 17.21 10.13 2.63
CA GLN A 9 15.79 10.03 2.30
C GLN A 9 15.58 9.07 1.13
N ALA A 10 16.38 9.23 0.08
CA ALA A 10 16.28 8.38 -1.09
C ALA A 10 16.44 6.91 -0.73
N GLU A 11 17.36 6.63 0.20
CA GLU A 11 17.62 5.27 0.64
C GLU A 11 16.46 4.74 1.47
N ALA A 12 16.06 5.49 2.48
CA ALA A 12 14.97 5.10 3.35
C ALA A 12 13.87 4.38 2.56
N GLN A 13 13.23 5.12 1.66
CA GLN A 13 12.16 4.55 0.84
C GLN A 13 12.60 3.24 0.20
N LEU A 14 13.74 3.28 -0.48
CA LEU A 14 14.27 2.10 -1.14
C LEU A 14 14.29 0.90 -0.20
N ALA A 15 15.08 1.00 0.86
CA ALA A 15 15.18 -0.08 1.84
C ALA A 15 13.83 -0.76 2.04
N GLU A 16 12.79 0.04 2.19
CA GLU A 16 11.44 -0.48 2.39
C GLU A 16 10.99 -1.30 1.19
N LEU A 17 10.95 -0.65 0.02
CA LEU A 17 10.53 -1.31 -1.20
C LEU A 17 11.24 -2.65 -1.37
N ASP A 18 12.57 -2.62 -1.30
CA ASP A 18 13.38 -3.82 -1.44
C ASP A 18 12.87 -4.93 -0.52
N LEU A 19 12.50 -4.56 0.69
CA LEU A 19 12.00 -5.52 1.66
C LEU A 19 10.64 -6.07 1.24
N LEU A 20 9.71 -5.16 0.91
CA LEU A 20 8.38 -5.55 0.48
C LEU A 20 8.45 -6.58 -0.64
N ALA A 21 9.07 -6.20 -1.75
CA ALA A 21 9.20 -7.08 -2.89
C ALA A 21 9.45 -8.53 -2.45
N SER A 22 10.26 -8.68 -1.41
CA SER A 22 10.57 -10.01 -0.89
C SER A 22 9.45 -10.53 0.00
N MET A 23 8.93 -9.65 0.86
CA MET A 23 7.85 -10.02 1.76
C MET A 23 6.68 -10.65 1.00
N PHE A 24 6.68 -10.46 -0.33
CA PHE A 24 5.63 -11.01 -1.17
C PHE A 24 6.21 -11.84 -2.31
N PRO A 25 6.53 -13.11 -2.01
CA PRO A 25 7.10 -14.03 -2.99
C PRO A 25 6.10 -14.43 -4.08
N GLY A 26 4.85 -14.63 -3.67
CA GLY A 26 3.82 -15.01 -4.62
C GLY A 26 4.00 -14.35 -5.97
N GLU A 27 3.94 -15.15 -7.03
CA GLU A 27 4.10 -14.64 -8.38
C GLU A 27 2.99 -13.65 -8.73
N ASN A 28 1.88 -13.73 -8.00
CA ASN A 28 0.75 -12.85 -8.22
C ASN A 28 0.25 -12.24 -6.91
N GLU A 29 1.20 -11.82 -6.07
CA GLU A 29 0.86 -11.21 -4.79
C GLU A 29 0.99 -9.70 -4.85
N LEU A 30 2.14 -9.22 -5.29
CA LEU A 30 2.39 -7.79 -5.39
C LEU A 30 2.82 -7.41 -6.81
N ILE A 31 2.32 -6.28 -7.29
CA ILE A 31 2.66 -5.80 -8.63
C ILE A 31 2.99 -4.31 -8.61
N VAL A 32 4.23 -3.99 -8.99
CA VAL A 32 4.68 -2.61 -9.02
C VAL A 32 4.45 -1.98 -10.39
N ASN A 33 3.31 -1.31 -10.55
CA ASN A 33 2.97 -0.67 -11.81
C ASN A 33 4.12 0.17 -12.33
N ASP A 34 4.53 1.16 -11.53
CA ASP A 34 5.64 2.03 -11.92
C ASP A 34 6.98 1.38 -11.58
N GLN A 35 7.14 0.13 -11.97
CA GLN A 35 8.37 -0.60 -11.72
C GLN A 35 9.59 0.28 -11.97
N LEU A 36 9.56 1.04 -13.06
CA LEU A 36 10.65 1.92 -13.42
C LEU A 36 11.03 2.83 -12.25
N ALA A 37 10.01 3.44 -11.64
CA ALA A 37 10.23 4.32 -10.50
C ALA A 37 11.36 3.81 -9.62
N VAL A 38 11.24 2.56 -9.18
CA VAL A 38 12.25 1.95 -8.32
C VAL A 38 13.62 1.98 -8.99
N ALA A 39 13.67 1.60 -10.26
CA ALA A 39 14.91 1.59 -11.01
C ALA A 39 15.65 2.91 -10.89
N GLU A 40 14.94 4.01 -11.15
CA GLU A 40 15.53 5.34 -11.07
C GLU A 40 16.07 5.61 -9.67
N LEU A 41 15.21 5.46 -8.67
CA LEU A 41 15.62 5.68 -7.28
C LEU A 41 16.91 4.93 -6.95
N LYS A 42 17.01 3.71 -7.46
CA LYS A 42 18.20 2.89 -7.23
C LYS A 42 19.43 3.53 -7.86
N ASP A 43 19.30 3.95 -9.12
CA ASP A 43 20.41 4.58 -9.83
C ASP A 43 20.83 5.87 -9.15
N CYS A 44 19.85 6.59 -8.62
CA CYS A 44 20.12 7.85 -7.93
C CYS A 44 21.05 7.65 -6.74
N ILE A 45 20.73 6.66 -5.92
CA ILE A 45 21.54 6.36 -4.74
C ILE A 45 22.96 5.95 -5.13
N GLU A 46 23.06 4.87 -5.91
CA GLU A 46 24.36 4.38 -6.36
C GLU A 46 25.18 5.49 -6.99
N LYS A 47 24.58 6.21 -7.92
CA LYS A 47 25.25 7.32 -8.61
C LYS A 47 25.44 8.50 -7.66
N LYS A 48 24.95 8.35 -6.43
CA LYS A 48 25.07 9.41 -5.43
C LYS A 48 24.74 10.78 -6.04
N THR A 49 23.67 10.83 -6.82
CA THR A 49 23.25 12.07 -7.45
C THR A 49 21.75 12.07 -7.75
N MET A 50 21.01 12.92 -7.05
CA MET A 50 19.57 13.01 -7.24
C MET A 50 19.24 13.82 -8.49
N GLU A 51 19.21 13.14 -9.63
CA GLU A 51 18.91 13.80 -10.91
C GLU A 51 17.55 14.50 -10.84
N GLY A 52 16.58 13.84 -10.20
CA GLY A 52 15.26 14.41 -10.09
C GLY A 52 14.17 13.44 -10.51
N ARG A 53 13.86 12.49 -9.63
CA ARG A 53 12.84 11.49 -9.91
C ARG A 53 11.60 12.14 -10.53
N SER A 54 11.21 11.68 -11.71
CA SER A 54 10.05 12.22 -12.40
C SER A 54 8.94 11.17 -12.52
N SER A 55 8.77 10.39 -11.45
CA SER A 55 7.74 9.35 -11.42
C SER A 55 7.54 8.81 -10.01
N LYS A 56 6.30 8.76 -9.58
CA LYS A 56 5.97 8.27 -8.25
C LYS A 56 5.89 6.74 -8.23
N VAL A 57 6.48 6.13 -7.21
CA VAL A 57 6.47 4.68 -7.08
C VAL A 57 5.05 4.15 -6.83
N TYR A 58 4.41 3.68 -7.89
CA TYR A 58 3.06 3.15 -7.77
C TYR A 58 3.06 1.62 -7.85
N PHE A 59 2.57 0.99 -6.79
CA PHE A 59 2.52 -0.46 -6.73
C PHE A 59 1.24 -0.94 -6.05
N THR A 60 0.58 -1.93 -6.65
CA THR A 60 -0.66 -2.47 -6.12
C THR A 60 -0.43 -3.83 -5.48
N ILE A 61 -0.96 -4.02 -4.27
CA ILE A 61 -0.82 -5.28 -3.56
C ILE A 61 -2.13 -6.06 -3.55
N ASN A 62 -2.05 -7.33 -3.91
CA ASN A 62 -3.23 -8.19 -3.95
C ASN A 62 -3.29 -9.09 -2.72
N MET A 63 -4.30 -8.89 -1.89
CA MET A 63 -4.47 -9.69 -0.68
C MET A 63 -5.80 -10.42 -0.69
N ASN A 64 -5.75 -11.74 -0.56
CA ASN A 64 -6.96 -12.56 -0.55
C ASN A 64 -7.38 -12.90 0.88
N LEU A 65 -8.53 -12.39 1.29
CA LEU A 65 -9.05 -12.64 2.63
C LEU A 65 -10.50 -13.13 2.57
N ASP A 66 -10.85 -14.01 3.50
CA ASP A 66 -12.20 -14.56 3.56
C ASP A 66 -13.18 -13.52 4.11
N VAL A 67 -14.26 -13.28 3.37
CA VAL A 67 -15.27 -12.31 3.79
C VAL A 67 -16.47 -13.00 4.42
N SER A 68 -17.00 -14.01 3.73
CA SER A 68 -18.16 -14.75 4.23
C SER A 68 -18.46 -15.95 3.33
N ASP A 69 -19.42 -16.76 3.75
CA ASP A 69 -19.82 -17.93 2.98
C ASP A 69 -18.59 -18.74 2.55
N GLU A 70 -17.72 -19.03 3.51
CA GLU A 70 -16.50 -19.79 3.24
C GLU A 70 -15.86 -19.34 1.92
N LYS A 71 -16.04 -18.06 1.59
CA LYS A 71 -15.48 -17.51 0.36
C LYS A 71 -14.60 -16.31 0.66
N MET A 72 -13.76 -15.93 -0.30
CA MET A 72 -12.87 -14.80 -0.14
C MET A 72 -12.90 -13.90 -1.38
N ALA A 73 -12.26 -12.74 -1.27
CA ALA A 73 -12.21 -11.79 -2.38
C ALA A 73 -10.82 -11.17 -2.51
N MET A 74 -10.58 -10.53 -3.65
CA MET A 74 -9.29 -9.90 -3.91
C MET A 74 -9.32 -8.43 -3.51
N PHE A 75 -8.46 -8.05 -2.56
CA PHE A 75 -8.40 -6.67 -2.09
C PHE A 75 -7.16 -5.98 -2.63
N SER A 76 -7.37 -4.91 -3.39
CA SER A 76 -6.27 -4.15 -3.98
C SER A 76 -5.95 -2.92 -3.14
N LEU A 77 -4.68 -2.76 -2.78
CA LEU A 77 -4.25 -1.62 -1.98
C LEU A 77 -3.28 -0.74 -2.77
N ALA A 78 -3.81 0.28 -3.43
CA ALA A 78 -2.98 1.20 -4.20
C ALA A 78 -2.20 2.14 -3.30
N CYS A 79 -0.93 1.83 -3.10
CA CYS A 79 -0.06 2.65 -2.26
C CYS A 79 0.97 3.40 -3.10
N ILE A 80 0.99 4.72 -2.96
CA ILE A 80 1.93 5.55 -3.69
C ILE A 80 2.94 6.21 -2.77
N LEU A 81 4.22 6.14 -3.14
CA LEU A 81 5.28 6.73 -2.34
C LEU A 81 5.78 8.02 -2.96
N PRO A 82 5.45 9.16 -2.33
CA PRO A 82 5.86 10.48 -2.81
C PRO A 82 7.35 10.72 -2.64
N PHE A 83 7.80 11.92 -3.01
CA PHE A 83 9.21 12.28 -2.90
C PHE A 83 9.50 12.95 -1.56
N LYS A 84 8.69 12.63 -0.56
CA LYS A 84 8.85 13.20 0.78
C LYS A 84 9.12 12.11 1.80
N TYR A 85 8.31 11.05 1.76
CA TYR A 85 8.47 9.95 2.70
C TYR A 85 9.91 9.80 3.15
N PRO A 86 10.09 9.50 4.45
CA PRO A 86 8.98 9.31 5.38
C PRO A 86 8.25 10.62 5.69
N ALA A 87 8.80 11.73 5.22
CA ALA A 87 8.20 13.03 5.45
C ALA A 87 6.69 12.94 5.47
N VAL A 88 6.09 12.78 4.29
CA VAL A 88 4.63 12.68 4.18
C VAL A 88 4.21 11.24 3.92
N LEU A 89 3.24 10.77 4.72
CA LEU A 89 2.74 9.41 4.58
C LEU A 89 2.32 9.13 3.14
N PRO A 90 2.35 7.84 2.75
CA PRO A 90 1.97 7.42 1.41
C PRO A 90 0.47 7.55 1.15
N GLU A 91 0.05 7.25 -0.08
CA GLU A 91 -1.36 7.35 -0.45
C GLU A 91 -1.95 5.96 -0.72
N ILE A 92 -2.36 5.28 0.35
CA ILE A 92 -2.93 3.94 0.23
C ILE A 92 -4.44 4.03 0.03
N THR A 93 -4.92 3.41 -1.05
CA THR A 93 -6.34 3.40 -1.36
C THR A 93 -6.87 1.98 -1.50
N VAL A 94 -7.58 1.50 -0.48
CA VAL A 94 -8.14 0.17 -0.49
C VAL A 94 -9.37 0.08 -1.40
N ARG A 95 -9.34 -0.87 -2.33
CA ARG A 95 -10.44 -1.05 -3.26
C ARG A 95 -10.76 -2.53 -3.45
N SER A 96 -12.04 -2.85 -3.53
CA SER A 96 -12.48 -4.23 -3.70
C SER A 96 -13.87 -4.29 -4.32
N VAL A 97 -14.06 -5.19 -5.27
CA VAL A 97 -15.36 -5.35 -5.93
C VAL A 97 -16.45 -5.69 -4.93
N LEU A 98 -16.07 -6.41 -3.87
CA LEU A 98 -17.02 -6.80 -2.84
C LEU A 98 -17.55 -5.57 -2.09
N LEU A 99 -16.64 -4.79 -1.54
CA LEU A 99 -17.02 -3.58 -0.80
C LEU A 99 -17.72 -2.58 -1.71
N SER A 100 -18.55 -1.73 -1.12
CA SER A 100 -19.28 -0.72 -1.88
C SER A 100 -18.46 0.56 -2.02
N ARG A 101 -18.77 1.33 -3.06
CA ARG A 101 -18.05 2.58 -3.32
C ARG A 101 -17.96 3.42 -2.05
N SER A 102 -19.04 3.43 -1.27
CA SER A 102 -19.07 4.19 -0.02
C SER A 102 -18.31 3.46 1.09
N GLN A 103 -18.71 2.22 1.35
CA GLN A 103 -18.06 1.42 2.37
C GLN A 103 -16.54 1.44 2.23
N GLN A 104 -16.07 0.91 1.10
CA GLN A 104 -14.63 0.87 0.83
C GLN A 104 -13.93 2.10 1.39
N THR A 105 -14.42 3.28 1.01
CA THR A 105 -13.85 4.54 1.48
C THR A 105 -13.72 4.55 3.00
N GLN A 106 -14.85 4.38 3.69
CA GLN A 106 -14.85 4.38 5.14
C GLN A 106 -13.68 3.58 5.69
N LEU A 107 -13.36 2.47 5.04
CA LEU A 107 -12.26 1.62 5.46
C LEU A 107 -10.92 2.36 5.33
N ASN A 108 -10.47 2.53 4.10
CA ASN A 108 -9.20 3.22 3.84
C ASN A 108 -9.10 4.49 4.68
N THR A 109 -10.21 5.22 4.78
CA THR A 109 -10.24 6.46 5.55
C THR A 109 -9.64 6.26 6.93
N ASP A 110 -9.87 5.10 7.52
CA ASP A 110 -9.36 4.78 8.84
C ASP A 110 -7.97 4.17 8.75
N LEU A 111 -7.75 3.35 7.72
CA LEU A 111 -6.46 2.70 7.51
C LEU A 111 -5.32 3.70 7.63
N THR A 112 -5.49 4.86 7.01
CA THR A 112 -4.48 5.91 7.05
C THR A 112 -4.32 6.48 8.45
N ALA A 113 -5.41 7.03 8.98
CA ALA A 113 -5.39 7.61 10.32
C ALA A 113 -4.50 6.79 11.26
N PHE A 114 -4.66 5.48 11.22
CA PHE A 114 -3.88 4.58 12.07
C PHE A 114 -2.41 4.99 12.07
N LEU A 115 -1.83 5.08 10.87
CA LEU A 115 -0.42 5.46 10.74
C LEU A 115 -0.19 6.88 11.23
N GLN A 116 -1.01 7.81 10.76
CA GLN A 116 -0.89 9.21 11.16
C GLN A 116 -0.48 9.33 12.62
N LYS A 117 -1.01 8.45 13.45
CA LYS A 117 -0.70 8.45 14.88
C LYS A 117 0.45 7.50 15.18
N HIS A 118 0.26 6.22 14.90
CA HIS A 118 1.28 5.22 15.14
C HIS A 118 2.55 5.53 14.36
N CYS A 119 2.44 5.54 13.03
CA CYS A 119 3.58 5.82 12.17
C CYS A 119 3.52 7.26 11.66
N HIS A 120 4.37 8.11 12.24
CA HIS A 120 4.42 9.52 11.85
C HIS A 120 5.86 9.95 11.59
N GLY A 121 6.25 9.96 10.32
CA GLY A 121 7.59 10.36 9.96
C GLY A 121 8.55 9.18 9.85
N ASP A 122 8.02 8.05 9.41
CA ASP A 122 8.83 6.84 9.27
C ASP A 122 8.39 6.04 8.05
N VAL A 123 9.04 4.90 7.83
CA VAL A 123 8.73 4.05 6.68
C VAL A 123 8.14 2.72 7.15
N CYS A 124 6.86 2.50 6.86
CA CYS A 124 6.18 1.27 7.24
C CYS A 124 4.91 1.08 6.43
N ILE A 125 4.96 0.15 5.48
CA ILE A 125 3.81 -0.13 4.62
C ILE A 125 3.00 -1.31 5.16
N LEU A 126 3.70 -2.41 5.44
CA LEU A 126 3.05 -3.61 5.96
C LEU A 126 2.06 -3.25 7.07
N ASN A 127 2.54 -2.56 8.09
CA ASN A 127 1.69 -2.15 9.20
C ASN A 127 0.28 -1.84 8.72
N ALA A 128 0.17 -1.19 7.58
CA ALA A 128 -1.13 -0.83 7.01
C ALA A 128 -1.87 -2.08 6.54
N THR A 129 -1.20 -2.89 5.72
CA THR A 129 -1.81 -4.11 5.19
C THR A 129 -2.34 -4.98 6.31
N GLU A 130 -1.74 -4.86 7.49
CA GLU A 130 -2.16 -5.66 8.65
C GLU A 130 -3.42 -5.07 9.27
N TRP A 131 -3.65 -3.78 9.05
CA TRP A 131 -4.81 -3.10 9.58
C TRP A 131 -6.01 -3.27 8.67
N VAL A 132 -5.77 -3.75 7.45
CA VAL A 132 -6.83 -3.96 6.47
C VAL A 132 -7.37 -5.38 6.55
N ARG A 133 -6.48 -6.36 6.40
CA ARG A 133 -6.87 -7.75 6.45
C ARG A 133 -7.73 -8.04 7.67
N GLU A 134 -7.67 -7.15 8.65
CA GLU A 134 -8.45 -7.30 9.88
C GLU A 134 -9.77 -6.54 9.79
N HIS A 135 -9.67 -5.21 9.69
CA HIS A 135 -10.86 -4.36 9.59
C HIS A 135 -11.74 -4.79 8.41
N ALA A 136 -11.12 -4.99 7.26
CA ALA A 136 -11.85 -5.41 6.06
C ALA A 136 -12.99 -6.33 6.42
N SER A 137 -12.67 -7.55 6.83
CA SER A 137 -13.68 -8.55 7.20
C SER A 137 -14.82 -7.89 7.97
N GLY A 138 -14.48 -6.88 8.78
CA GLY A 138 -15.49 -6.20 9.56
C GLY A 138 -16.54 -5.53 8.70
N TYR A 139 -16.09 -4.70 7.77
CA TYR A 139 -17.00 -4.00 6.87
C TYR A 139 -17.87 -4.98 6.09
N VAL A 140 -17.24 -6.02 5.55
CA VAL A 140 -17.96 -7.03 4.79
C VAL A 140 -18.73 -7.98 5.71
N SER A 141 -20.04 -8.02 5.52
CA SER A 141 -20.90 -8.88 6.34
C SER A 141 -22.09 -9.38 5.54
N ARG A 142 -22.28 -10.70 5.54
CA ARG A 142 -23.39 -11.31 4.81
C ARG A 142 -23.31 -10.96 3.32
N ASP A 143 -22.13 -11.12 2.74
CA ASP A 143 -21.93 -10.82 1.32
C ASP A 143 -23.11 -11.31 0.49
N THR A 144 -23.50 -12.57 0.71
CA THR A 144 -24.63 -13.15 -0.02
C THR A 144 -25.74 -12.14 -0.24
N SER A 145 -26.46 -12.30 -1.34
CA SER A 145 -27.55 -11.39 -1.68
C SER A 145 -28.88 -11.93 -1.15
N SER A 146 -28.96 -13.25 -0.98
CA SER A 146 -30.17 -13.89 -0.49
C SER A 146 -31.40 -13.34 -1.20
N SER A 147 -31.33 -13.25 -2.52
CA SER A 147 -32.43 -12.74 -3.33
C SER A 147 -33.20 -13.87 -3.99
N GLY A 148 -32.49 -14.68 -4.77
CA GLY A 148 -33.12 -15.80 -5.46
C GLY A 148 -32.94 -15.73 -6.96
N PRO A 149 -32.88 -16.90 -7.61
CA PRO A 149 -32.72 -17.00 -9.06
C PRO A 149 -33.96 -16.54 -9.81
N SER A 150 -35.00 -16.17 -9.07
CA SER A 150 -36.25 -15.71 -9.66
C SER A 150 -35.98 -14.65 -10.74
N SER A 151 -36.10 -15.05 -12.00
CA SER A 151 -35.87 -14.14 -13.11
C SER A 151 -34.42 -13.65 -13.12
N GLY A 152 -33.49 -14.57 -12.94
CA GLY A 152 -32.07 -14.21 -12.93
C GLY A 152 -31.40 -14.57 -11.62
N GLY A 1 26.31 -2.06 1.12
CA GLY A 1 27.53 -1.48 1.65
C GLY A 1 27.64 0.00 1.36
N SER A 2 27.09 0.81 2.25
CA SER A 2 27.12 2.26 2.09
C SER A 2 27.49 2.95 3.40
N SER A 3 28.72 3.48 3.46
CA SER A 3 29.18 4.16 4.65
C SER A 3 28.81 5.64 4.62
N GLY A 4 29.34 6.36 3.65
CA GLY A 4 29.06 7.78 3.53
C GLY A 4 27.85 8.05 2.65
N SER A 5 26.66 7.94 3.22
CA SER A 5 25.43 8.17 2.47
C SER A 5 24.88 9.57 2.76
N SER A 6 24.54 10.30 1.70
CA SER A 6 24.01 11.64 1.83
C SER A 6 22.49 11.64 1.65
N GLY A 7 22.01 10.80 0.75
CA GLY A 7 20.58 10.72 0.50
C GLY A 7 19.90 9.65 1.33
N GLU A 8 19.98 9.80 2.65
CA GLU A 8 19.37 8.84 3.56
C GLU A 8 17.92 8.56 3.18
N GLN A 9 17.13 9.62 3.06
CA GLN A 9 15.72 9.49 2.69
C GLN A 9 15.56 8.51 1.54
N ALA A 10 16.06 8.88 0.37
CA ALA A 10 15.96 8.03 -0.81
C ALA A 10 16.14 6.56 -0.44
N GLU A 11 17.06 6.29 0.48
CA GLU A 11 17.33 4.94 0.92
C GLU A 11 16.22 4.43 1.85
N ALA A 12 15.71 5.31 2.69
CA ALA A 12 14.65 4.97 3.63
C ALA A 12 13.52 4.23 2.92
N GLN A 13 13.05 4.80 1.81
CA GLN A 13 11.97 4.20 1.05
C GLN A 13 12.40 2.87 0.43
N LEU A 14 13.40 2.93 -0.43
CA LEU A 14 13.92 1.73 -1.09
C LEU A 14 14.01 0.57 -0.11
N ALA A 15 14.83 0.73 0.92
CA ALA A 15 14.99 -0.32 1.93
C ALA A 15 13.68 -1.05 2.19
N GLU A 16 12.63 -0.28 2.47
CA GLU A 16 11.32 -0.86 2.74
C GLU A 16 10.86 -1.72 1.56
N LEU A 17 10.90 -1.15 0.37
CA LEU A 17 10.49 -1.87 -0.84
C LEU A 17 11.17 -3.22 -0.93
N ASP A 18 12.50 -3.21 -1.06
CA ASP A 18 13.27 -4.43 -1.16
C ASP A 18 12.67 -5.52 -0.27
N LEU A 19 12.41 -5.18 0.99
CA LEU A 19 11.84 -6.12 1.94
C LEU A 19 10.54 -6.72 1.41
N LEU A 20 9.56 -5.87 1.15
CA LEU A 20 8.27 -6.31 0.63
C LEU A 20 8.46 -7.36 -0.45
N ALA A 21 9.07 -6.96 -1.56
CA ALA A 21 9.31 -7.87 -2.68
C ALA A 21 9.59 -9.29 -2.17
N SER A 22 10.38 -9.38 -1.11
CA SER A 22 10.73 -10.68 -0.53
C SER A 22 9.55 -11.27 0.22
N MET A 23 8.88 -10.44 1.02
CA MET A 23 7.73 -10.89 1.79
C MET A 23 6.63 -11.43 0.87
N PHE A 24 6.43 -10.75 -0.26
CA PHE A 24 5.41 -11.16 -1.22
C PHE A 24 6.05 -11.74 -2.48
N PRO A 25 6.43 -13.02 -2.42
CA PRO A 25 7.06 -13.73 -3.54
C PRO A 25 6.08 -13.96 -4.68
N GLY A 26 4.85 -14.36 -4.35
CA GLY A 26 3.85 -14.62 -5.35
C GLY A 26 3.73 -13.49 -6.36
N GLU A 27 3.72 -13.83 -7.64
CA GLU A 27 3.61 -12.83 -8.70
C GLU A 27 2.35 -11.99 -8.52
N ASN A 28 1.29 -12.61 -8.01
CA ASN A 28 0.03 -11.92 -7.79
C ASN A 28 0.04 -11.16 -6.46
N GLU A 29 0.64 -11.79 -5.45
CA GLU A 29 0.73 -11.19 -4.12
C GLU A 29 0.98 -9.69 -4.22
N LEU A 30 1.95 -9.32 -5.05
CA LEU A 30 2.30 -7.92 -5.24
C LEU A 30 2.65 -7.62 -6.69
N ILE A 31 2.03 -6.61 -7.26
CA ILE A 31 2.28 -6.23 -8.65
C ILE A 31 2.70 -4.76 -8.75
N VAL A 32 3.90 -4.53 -9.26
CA VAL A 32 4.41 -3.18 -9.41
C VAL A 32 4.18 -2.66 -10.83
N ASN A 33 3.21 -1.75 -10.97
CA ASN A 33 2.89 -1.18 -12.27
C ASN A 33 3.96 -0.19 -12.72
N ASP A 34 4.34 0.71 -11.81
CA ASP A 34 5.36 1.71 -12.11
C ASP A 34 6.75 1.15 -11.88
N GLN A 35 7.32 0.53 -12.91
CA GLN A 35 8.65 -0.06 -12.81
C GLN A 35 9.73 1.03 -12.88
N LEU A 36 9.53 1.99 -13.77
CA LEU A 36 10.49 3.09 -13.93
C LEU A 36 10.76 3.76 -12.59
N ALA A 37 9.70 4.20 -11.91
CA ALA A 37 9.84 4.86 -10.62
C ALA A 37 10.88 4.16 -9.75
N VAL A 38 10.62 2.90 -9.43
CA VAL A 38 11.54 2.11 -8.60
C VAL A 38 12.97 2.21 -9.12
N ALA A 39 13.16 1.84 -10.38
CA ALA A 39 14.49 1.89 -10.99
C ALA A 39 15.14 3.25 -10.78
N GLU A 40 14.33 4.31 -10.91
CA GLU A 40 14.84 5.67 -10.72
C GLU A 40 15.36 5.87 -9.31
N LEU A 41 14.63 5.35 -8.33
CA LEU A 41 15.02 5.47 -6.93
C LEU A 41 16.44 4.96 -6.72
N LYS A 42 16.70 3.75 -7.18
CA LYS A 42 18.03 3.15 -7.04
C LYS A 42 19.10 4.03 -7.66
N ASP A 43 18.88 4.44 -8.92
CA ASP A 43 19.83 5.29 -9.61
C ASP A 43 20.06 6.59 -8.85
N CYS A 44 18.98 7.18 -8.34
CA CYS A 44 19.07 8.43 -7.59
C CYS A 44 20.11 8.31 -6.47
N ILE A 45 19.93 7.32 -5.60
CA ILE A 45 20.84 7.11 -4.49
C ILE A 45 22.28 7.06 -4.97
N GLU A 46 22.58 6.12 -5.87
CA GLU A 46 23.93 5.98 -6.40
C GLU A 46 24.43 7.29 -6.98
N LYS A 47 23.54 8.02 -7.63
CA LYS A 47 23.90 9.31 -8.22
C LYS A 47 23.94 10.41 -7.17
N LYS A 48 23.27 10.16 -6.05
CA LYS A 48 23.23 11.13 -4.95
C LYS A 48 22.99 12.54 -5.47
N THR A 49 21.98 12.68 -6.33
CA THR A 49 21.64 13.97 -6.91
C THR A 49 20.18 14.33 -6.64
N MET A 50 19.39 13.33 -6.27
CA MET A 50 17.98 13.53 -5.99
C MET A 50 17.34 14.46 -7.02
N GLU A 51 17.53 14.12 -8.30
CA GLU A 51 16.97 14.92 -9.39
C GLU A 51 15.82 14.19 -10.06
N GLY A 52 15.88 12.86 -10.06
CA GLY A 52 14.83 12.08 -10.67
C GLY A 52 13.48 12.30 -10.04
N ARG A 53 13.09 11.41 -9.12
CA ARG A 53 11.82 11.53 -8.43
C ARG A 53 10.77 12.18 -9.33
N SER A 54 10.75 11.76 -10.60
CA SER A 54 9.81 12.31 -11.57
C SER A 54 8.45 11.61 -11.46
N SER A 55 8.48 10.30 -11.24
CA SER A 55 7.26 9.52 -11.11
C SER A 55 7.17 8.86 -9.74
N LYS A 56 5.95 8.78 -9.22
CA LYS A 56 5.72 8.18 -7.91
C LYS A 56 5.72 6.66 -8.00
N VAL A 57 6.24 5.99 -6.96
CA VAL A 57 6.29 4.54 -6.93
C VAL A 57 4.91 3.94 -6.69
N TYR A 58 4.26 3.53 -7.77
CA TYR A 58 2.93 2.94 -7.68
C TYR A 58 3.00 1.42 -7.76
N PHE A 59 2.46 0.75 -6.75
CA PHE A 59 2.46 -0.70 -6.70
C PHE A 59 1.25 -1.23 -5.93
N THR A 60 0.50 -2.13 -6.55
CA THR A 60 -0.68 -2.71 -5.93
C THR A 60 -0.35 -4.02 -5.22
N ILE A 61 -1.03 -4.28 -4.12
CA ILE A 61 -0.80 -5.50 -3.35
C ILE A 61 -2.09 -6.31 -3.21
N ASN A 62 -2.04 -7.57 -3.64
CA ASN A 62 -3.20 -8.45 -3.57
C ASN A 62 -3.15 -9.32 -2.32
N MET A 63 -4.18 -9.25 -1.49
CA MET A 63 -4.25 -10.03 -0.27
C MET A 63 -5.58 -10.77 -0.17
N ASN A 64 -5.52 -12.10 -0.19
CA ASN A 64 -6.72 -12.92 -0.09
C ASN A 64 -7.14 -13.11 1.35
N LEU A 65 -8.43 -12.94 1.62
CA LEU A 65 -8.96 -13.10 2.97
C LEU A 65 -10.35 -13.73 2.95
N ASP A 66 -10.70 -14.43 4.02
CA ASP A 66 -12.01 -15.08 4.12
C ASP A 66 -13.11 -14.05 4.40
N VAL A 67 -13.51 -13.32 3.37
CA VAL A 67 -14.55 -12.31 3.51
C VAL A 67 -15.78 -12.88 4.20
N SER A 68 -16.51 -13.73 3.49
CA SER A 68 -17.72 -14.35 4.03
C SER A 68 -18.28 -15.39 3.07
N ASP A 69 -19.39 -16.01 3.45
CA ASP A 69 -20.03 -17.02 2.61
C ASP A 69 -19.06 -18.15 2.29
N GLU A 70 -18.40 -18.68 3.33
CA GLU A 70 -17.45 -19.76 3.15
C GLU A 70 -16.56 -19.50 1.94
N LYS A 71 -16.32 -18.23 1.65
CA LYS A 71 -15.48 -17.85 0.52
C LYS A 71 -14.54 -16.72 0.90
N MET A 72 -13.62 -16.38 -0.01
CA MET A 72 -12.67 -15.31 0.23
C MET A 72 -12.59 -14.36 -0.97
N ALA A 73 -12.15 -13.14 -0.71
CA ALA A 73 -12.04 -12.14 -1.77
C ALA A 73 -10.63 -11.53 -1.81
N MET A 74 -10.36 -10.75 -2.84
CA MET A 74 -9.06 -10.11 -2.99
C MET A 74 -9.16 -8.61 -2.84
N PHE A 75 -8.28 -8.03 -2.02
CA PHE A 75 -8.29 -6.59 -1.79
C PHE A 75 -7.06 -5.94 -2.42
N SER A 76 -7.29 -5.06 -3.39
CA SER A 76 -6.20 -4.38 -4.08
C SER A 76 -5.83 -3.09 -3.36
N LEU A 77 -4.63 -3.04 -2.80
CA LEU A 77 -4.16 -1.87 -2.08
C LEU A 77 -3.19 -1.06 -2.94
N ALA A 78 -3.71 -0.04 -3.61
CA ALA A 78 -2.90 0.83 -4.46
C ALA A 78 -2.03 1.75 -3.63
N CYS A 79 -0.79 1.32 -3.36
CA CYS A 79 0.14 2.12 -2.58
C CYS A 79 0.99 3.02 -3.47
N ILE A 80 1.23 4.24 -3.02
CA ILE A 80 2.02 5.20 -3.78
C ILE A 80 2.93 6.00 -2.86
N LEU A 81 4.23 5.85 -3.04
CA LEU A 81 5.21 6.55 -2.24
C LEU A 81 5.56 7.90 -2.86
N PRO A 82 5.30 8.98 -2.12
CA PRO A 82 5.57 10.35 -2.58
C PRO A 82 7.07 10.65 -2.66
N PHE A 83 7.40 11.89 -2.98
CA PHE A 83 8.80 12.29 -3.09
C PHE A 83 9.26 13.00 -1.82
N LYS A 84 8.64 12.66 -0.70
CA LYS A 84 8.98 13.26 0.58
C LYS A 84 9.24 12.19 1.64
N TYR A 85 8.42 11.14 1.61
CA TYR A 85 8.56 10.04 2.56
C TYR A 85 10.01 9.90 3.03
N PRO A 86 10.18 9.60 4.33
CA PRO A 86 9.06 9.41 5.25
C PRO A 86 8.33 10.71 5.55
N ALA A 87 8.90 11.83 5.10
CA ALA A 87 8.29 13.14 5.32
C ALA A 87 6.78 13.03 5.38
N VAL A 88 6.16 12.87 4.21
CA VAL A 88 4.70 12.76 4.12
C VAL A 88 4.28 11.33 3.88
N LEU A 89 3.37 10.83 4.73
CA LEU A 89 2.87 9.47 4.60
C LEU A 89 2.50 9.14 3.16
N PRO A 90 2.46 7.84 2.83
CA PRO A 90 2.13 7.38 1.48
C PRO A 90 0.65 7.61 1.15
N GLU A 91 0.27 7.24 -0.07
CA GLU A 91 -1.11 7.40 -0.51
C GLU A 91 -1.73 6.06 -0.88
N ILE A 92 -1.96 5.23 0.13
CA ILE A 92 -2.56 3.92 -0.08
C ILE A 92 -4.06 4.02 -0.33
N THR A 93 -4.51 3.35 -1.38
CA THR A 93 -5.93 3.36 -1.73
C THR A 93 -6.49 1.95 -1.81
N VAL A 94 -7.15 1.51 -0.75
CA VAL A 94 -7.74 0.18 -0.70
C VAL A 94 -8.99 0.10 -1.56
N ARG A 95 -9.08 -0.94 -2.39
CA ARG A 95 -10.22 -1.13 -3.27
C ARG A 95 -10.76 -2.55 -3.15
N SER A 96 -12.04 -2.72 -3.47
CA SER A 96 -12.68 -4.02 -3.40
C SER A 96 -14.08 -3.98 -4.01
N VAL A 97 -14.31 -4.84 -4.99
CA VAL A 97 -15.61 -4.91 -5.66
C VAL A 97 -16.73 -5.15 -4.67
N LEU A 98 -16.46 -5.99 -3.67
CA LEU A 98 -17.44 -6.30 -2.64
C LEU A 98 -17.88 -5.04 -1.89
N LEU A 99 -16.90 -4.25 -1.48
CA LEU A 99 -17.17 -3.02 -0.75
C LEU A 99 -18.03 -2.07 -1.59
N SER A 100 -18.78 -1.21 -0.91
CA SER A 100 -19.65 -0.25 -1.59
C SER A 100 -18.94 1.09 -1.76
N ARG A 101 -19.60 2.01 -2.47
CA ARG A 101 -19.02 3.33 -2.71
C ARG A 101 -18.73 4.04 -1.40
N SER A 102 -19.65 3.94 -0.44
CA SER A 102 -19.48 4.58 0.85
C SER A 102 -18.48 3.80 1.72
N GLN A 103 -18.82 2.55 2.00
CA GLN A 103 -17.96 1.69 2.82
C GLN A 103 -16.49 1.87 2.43
N GLN A 104 -16.17 1.47 1.20
CA GLN A 104 -14.80 1.57 0.70
C GLN A 104 -14.16 2.89 1.15
N THR A 105 -14.84 4.00 0.87
CA THR A 105 -14.34 5.31 1.24
C THR A 105 -13.91 5.35 2.71
N GLN A 106 -14.86 5.13 3.60
CA GLN A 106 -14.57 5.14 5.04
C GLN A 106 -13.26 4.42 5.33
N LEU A 107 -13.12 3.20 4.82
CA LEU A 107 -11.92 2.42 5.03
C LEU A 107 -10.67 3.22 4.64
N ASN A 108 -10.62 3.65 3.39
CA ASN A 108 -9.49 4.43 2.89
C ASN A 108 -9.05 5.46 3.91
N THR A 109 -10.01 6.22 4.43
CA THR A 109 -9.72 7.25 5.42
C THR A 109 -9.17 6.64 6.70
N ASP A 110 -9.83 5.60 7.19
CA ASP A 110 -9.40 4.92 8.41
C ASP A 110 -7.97 4.43 8.28
N LEU A 111 -7.73 3.57 7.30
CA LEU A 111 -6.40 3.02 7.07
C LEU A 111 -5.33 4.06 7.34
N THR A 112 -5.41 5.18 6.64
CA THR A 112 -4.44 6.26 6.81
C THR A 112 -4.29 6.64 8.27
N ALA A 113 -5.40 6.95 8.92
CA ALA A 113 -5.39 7.32 10.33
C ALA A 113 -4.44 6.44 11.13
N PHE A 114 -4.67 5.13 11.08
CA PHE A 114 -3.84 4.18 11.80
C PHE A 114 -2.36 4.59 11.73
N LEU A 115 -1.85 4.73 10.52
CA LEU A 115 -0.46 5.12 10.32
C LEU A 115 -0.19 6.50 10.91
N GLN A 116 -0.99 7.48 10.51
CA GLN A 116 -0.84 8.84 11.01
C GLN A 116 -0.42 8.84 12.48
N LYS A 117 -0.87 7.84 13.22
CA LYS A 117 -0.54 7.72 14.64
C LYS A 117 0.61 6.73 14.85
N HIS A 118 0.36 5.47 14.52
CA HIS A 118 1.37 4.42 14.67
C HIS A 118 2.68 4.83 14.00
N CYS A 119 2.59 5.24 12.73
CA CYS A 119 3.76 5.65 11.98
C CYS A 119 3.62 7.10 11.50
N HIS A 120 4.35 8.01 12.15
CA HIS A 120 4.30 9.41 11.79
C HIS A 120 5.70 9.98 11.63
N GLY A 121 6.33 9.70 10.49
CA GLY A 121 7.67 10.19 10.24
C GLY A 121 8.67 9.06 10.02
N ASP A 122 8.18 7.93 9.53
CA ASP A 122 9.03 6.77 9.27
C ASP A 122 8.52 5.98 8.07
N VAL A 123 9.27 4.95 7.68
CA VAL A 123 8.90 4.12 6.55
C VAL A 123 8.36 2.77 7.02
N CYS A 124 7.09 2.52 6.74
CA CYS A 124 6.46 1.26 7.13
C CYS A 124 5.19 1.02 6.32
N ILE A 125 5.26 0.09 5.37
CA ILE A 125 4.13 -0.24 4.52
C ILE A 125 3.34 -1.41 5.10
N LEU A 126 4.05 -2.44 5.53
CA LEU A 126 3.42 -3.63 6.11
C LEU A 126 2.45 -3.25 7.22
N ASN A 127 2.91 -2.39 8.12
CA ASN A 127 2.09 -1.94 9.25
C ASN A 127 0.69 -1.58 8.77
N ALA A 128 0.58 -1.16 7.51
CA ALA A 128 -0.71 -0.78 6.94
C ALA A 128 -1.46 -2.01 6.44
N THR A 129 -0.75 -2.89 5.73
CA THR A 129 -1.35 -4.11 5.19
C THR A 129 -1.88 -4.99 6.30
N GLU A 130 -1.29 -4.88 7.49
CA GLU A 130 -1.71 -5.68 8.63
C GLU A 130 -2.93 -5.06 9.30
N TRP A 131 -3.18 -3.79 9.02
CA TRP A 131 -4.31 -3.08 9.59
C TRP A 131 -5.53 -3.15 8.67
N VAL A 132 -5.29 -3.54 7.43
CA VAL A 132 -6.36 -3.65 6.45
C VAL A 132 -6.91 -5.07 6.39
N ARG A 133 -6.04 -6.04 6.12
CA ARG A 133 -6.44 -7.44 6.04
C ARG A 133 -7.50 -7.76 7.08
N GLU A 134 -7.46 -7.05 8.20
CA GLU A 134 -8.43 -7.26 9.28
C GLU A 134 -9.64 -6.35 9.10
N HIS A 135 -9.40 -5.05 8.98
CA HIS A 135 -10.49 -4.09 8.81
C HIS A 135 -11.23 -4.34 7.50
N ALA A 136 -10.50 -4.35 6.39
CA ALA A 136 -11.09 -4.58 5.08
C ALA A 136 -12.26 -5.56 5.17
N SER A 137 -11.97 -6.81 5.48
CA SER A 137 -12.99 -7.84 5.60
C SER A 137 -14.12 -7.37 6.52
N GLY A 138 -13.75 -6.68 7.59
CA GLY A 138 -14.73 -6.19 8.54
C GLY A 138 -15.80 -5.35 7.88
N TYR A 139 -15.37 -4.39 7.05
CA TYR A 139 -16.30 -3.50 6.35
C TYR A 139 -17.30 -4.31 5.52
N VAL A 140 -16.78 -5.18 4.67
CA VAL A 140 -17.62 -6.01 3.81
C VAL A 140 -18.81 -6.56 4.59
N SER A 141 -20.00 -6.16 4.19
CA SER A 141 -21.23 -6.61 4.85
C SER A 141 -22.16 -7.30 3.86
N ARG A 142 -21.57 -8.01 2.89
CA ARG A 142 -22.34 -8.71 1.88
C ARG A 142 -22.21 -10.22 2.06
N ASP A 143 -23.23 -10.83 2.65
CA ASP A 143 -23.24 -12.27 2.88
C ASP A 143 -24.14 -12.97 1.87
N THR A 144 -23.99 -12.62 0.60
CA THR A 144 -24.80 -13.21 -0.45
C THR A 144 -23.92 -13.83 -1.53
N SER A 145 -24.43 -14.87 -2.18
CA SER A 145 -23.68 -15.55 -3.23
C SER A 145 -24.60 -15.92 -4.40
N SER A 146 -24.05 -15.88 -5.60
CA SER A 146 -24.81 -16.20 -6.81
C SER A 146 -24.25 -17.44 -7.50
N SER A 147 -25.13 -18.18 -8.18
CA SER A 147 -24.72 -19.39 -8.88
C SER A 147 -25.85 -19.89 -9.79
N GLY A 148 -25.48 -20.71 -10.77
CA GLY A 148 -26.45 -21.24 -11.69
C GLY A 148 -25.83 -22.07 -12.80
N PRO A 149 -26.33 -23.29 -12.99
CA PRO A 149 -25.83 -24.21 -14.03
C PRO A 149 -26.16 -23.73 -15.43
N SER A 150 -26.95 -22.66 -15.52
CA SER A 150 -27.35 -22.11 -16.81
C SER A 150 -26.14 -21.56 -17.57
N SER A 151 -26.12 -21.79 -18.87
CA SER A 151 -25.02 -21.32 -19.71
C SER A 151 -25.42 -20.09 -20.51
N GLY A 152 -26.57 -20.17 -21.17
CA GLY A 152 -27.06 -19.05 -21.95
C GLY A 152 -26.12 -18.68 -23.08
N GLY A 1 33.81 16.63 -8.47
CA GLY A 1 34.41 16.91 -7.19
C GLY A 1 33.56 17.83 -6.33
N SER A 2 32.29 17.45 -6.16
CA SER A 2 31.37 18.25 -5.36
C SER A 2 31.41 17.83 -3.90
N SER A 3 31.00 18.73 -3.02
CA SER A 3 30.99 18.43 -1.58
C SER A 3 29.56 18.28 -1.07
N GLY A 4 29.06 17.06 -1.12
CA GLY A 4 27.70 16.79 -0.65
C GLY A 4 27.62 15.56 0.22
N SER A 5 26.41 15.14 0.55
CA SER A 5 26.20 13.97 1.39
C SER A 5 25.19 13.02 0.75
N SER A 6 25.36 11.72 0.99
CA SER A 6 24.47 10.71 0.44
C SER A 6 23.02 10.97 0.86
N GLY A 7 22.08 10.57 0.01
CA GLY A 7 20.68 10.77 0.30
C GLY A 7 20.09 9.61 1.09
N GLU A 8 19.98 9.76 2.41
CA GLU A 8 19.43 8.72 3.26
C GLU A 8 17.99 8.41 2.87
N GLN A 9 17.14 9.43 2.90
CA GLN A 9 15.73 9.26 2.55
C GLN A 9 15.57 8.38 1.32
N ALA A 10 16.18 8.81 0.21
CA ALA A 10 16.11 8.06 -1.04
C ALA A 10 16.26 6.56 -0.79
N GLU A 11 17.15 6.20 0.13
CA GLU A 11 17.39 4.79 0.45
C GLU A 11 16.27 4.25 1.33
N ALA A 12 15.83 5.06 2.28
CA ALA A 12 14.76 4.66 3.19
C ALA A 12 13.61 3.99 2.43
N GLN A 13 13.17 4.64 1.36
CA GLN A 13 12.08 4.10 0.55
C GLN A 13 12.52 2.85 -0.19
N LEU A 14 13.52 2.99 -1.06
CA LEU A 14 14.04 1.87 -1.83
C LEU A 14 14.21 0.63 -0.95
N ALA A 15 15.09 0.75 0.05
CA ALA A 15 15.34 -0.36 0.97
C ALA A 15 14.08 -1.16 1.24
N GLU A 16 13.08 -0.50 1.83
CA GLU A 16 11.81 -1.15 2.15
C GLU A 16 11.27 -1.89 0.93
N LEU A 17 11.11 -1.16 -0.18
CA LEU A 17 10.59 -1.74 -1.40
C LEU A 17 11.24 -3.10 -1.68
N ASP A 18 12.56 -3.12 -1.70
CA ASP A 18 13.30 -4.36 -1.95
C ASP A 18 12.86 -5.46 -0.99
N LEU A 19 12.66 -5.10 0.27
CA LEU A 19 12.24 -6.05 1.29
C LEU A 19 10.84 -6.56 1.00
N LEU A 20 9.91 -5.63 0.78
CA LEU A 20 8.52 -5.99 0.49
C LEU A 20 8.46 -7.10 -0.55
N ALA A 21 9.13 -6.90 -1.67
CA ALA A 21 9.16 -7.88 -2.76
C ALA A 21 9.24 -9.30 -2.20
N SER A 22 10.12 -9.50 -1.23
CA SER A 22 10.30 -10.81 -0.62
C SER A 22 9.20 -11.08 0.42
N MET A 23 8.81 -10.03 1.12
CA MET A 23 7.77 -10.16 2.14
C MET A 23 6.53 -10.83 1.58
N PHE A 24 6.24 -10.56 0.30
CA PHE A 24 5.08 -11.15 -0.35
C PHE A 24 5.50 -12.16 -1.41
N PRO A 25 5.89 -13.37 -0.95
CA PRO A 25 6.33 -14.44 -1.84
C PRO A 25 5.18 -15.02 -2.65
N GLY A 26 3.98 -15.01 -2.08
CA GLY A 26 2.82 -15.54 -2.77
C GLY A 26 2.83 -15.21 -4.24
N GLU A 27 2.20 -16.07 -5.04
CA GLU A 27 2.14 -15.87 -6.49
C GLU A 27 1.16 -14.76 -6.84
N ASN A 28 1.63 -13.80 -7.64
CA ASN A 28 0.79 -12.68 -8.06
C ASN A 28 0.25 -11.93 -6.84
N GLU A 29 1.12 -11.70 -5.87
CA GLU A 29 0.74 -10.99 -4.65
C GLU A 29 0.88 -9.47 -4.84
N LEU A 30 2.12 -9.01 -4.94
CA LEU A 30 2.40 -7.59 -5.12
C LEU A 30 2.78 -7.29 -6.57
N ILE A 31 2.22 -6.22 -7.11
CA ILE A 31 2.50 -5.82 -8.49
C ILE A 31 2.92 -4.35 -8.57
N VAL A 32 4.12 -4.11 -9.05
CA VAL A 32 4.64 -2.75 -9.18
C VAL A 32 4.49 -2.23 -10.61
N ASN A 33 3.40 -1.53 -10.87
CA ASN A 33 3.14 -0.99 -12.20
C ASN A 33 4.21 0.03 -12.59
N ASP A 34 4.55 0.92 -11.66
CA ASP A 34 5.55 1.94 -11.91
C ASP A 34 6.95 1.40 -11.62
N GLN A 35 7.32 0.33 -12.32
CA GLN A 35 8.63 -0.28 -12.13
C GLN A 35 9.75 0.73 -12.35
N LEU A 36 9.60 1.56 -13.37
CA LEU A 36 10.59 2.58 -13.69
C LEU A 36 10.86 3.47 -12.49
N ALA A 37 9.78 3.97 -11.88
CA ALA A 37 9.90 4.85 -10.71
C ALA A 37 10.95 4.32 -9.74
N VAL A 38 10.82 3.05 -9.36
CA VAL A 38 11.76 2.44 -8.43
C VAL A 38 13.17 2.42 -9.01
N ALA A 39 13.27 2.12 -10.31
CA ALA A 39 14.56 2.07 -10.98
C ALA A 39 15.29 3.40 -10.87
N GLU A 40 14.57 4.49 -11.11
CA GLU A 40 15.15 5.82 -11.03
C GLU A 40 15.69 6.11 -9.63
N LEU A 41 14.97 5.64 -8.62
CA LEU A 41 15.38 5.85 -7.23
C LEU A 41 16.81 5.36 -7.02
N LYS A 42 17.09 4.15 -7.48
CA LYS A 42 18.42 3.57 -7.33
C LYS A 42 19.48 4.51 -7.90
N ASP A 43 19.36 4.83 -9.19
CA ASP A 43 20.31 5.71 -9.85
C ASP A 43 20.66 6.90 -8.95
N CYS A 44 19.64 7.52 -8.38
CA CYS A 44 19.84 8.68 -7.50
C CYS A 44 20.82 8.33 -6.38
N ILE A 45 20.57 7.21 -5.70
CA ILE A 45 21.42 6.78 -4.61
C ILE A 45 22.84 6.52 -5.08
N GLU A 46 22.97 5.65 -6.09
CA GLU A 46 24.27 5.31 -6.64
C GLU A 46 25.05 6.57 -7.02
N LYS A 47 24.39 7.47 -7.74
CA LYS A 47 25.01 8.71 -8.18
C LYS A 47 25.13 9.68 -7.01
N LYS A 48 24.52 9.34 -5.88
CA LYS A 48 24.57 10.19 -4.70
C LYS A 48 24.46 11.66 -5.08
N THR A 49 23.55 11.96 -5.99
CA THR A 49 23.35 13.33 -6.44
C THR A 49 21.93 13.81 -6.16
N MET A 50 21.04 12.85 -5.86
CA MET A 50 19.64 13.17 -5.57
C MET A 50 19.08 14.14 -6.61
N GLU A 51 19.28 13.81 -7.89
CA GLU A 51 18.79 14.65 -8.97
C GLU A 51 17.32 15.02 -8.76
N GLY A 52 16.48 14.01 -8.63
CA GLY A 52 15.06 14.24 -8.43
C GLY A 52 14.19 13.30 -9.23
N ARG A 53 13.24 12.66 -8.57
CA ARG A 53 12.33 11.72 -9.23
C ARG A 53 10.96 12.35 -9.44
N SER A 54 10.29 11.95 -10.52
CA SER A 54 8.96 12.47 -10.84
C SER A 54 7.93 11.36 -10.84
N SER A 55 8.40 10.12 -10.96
CA SER A 55 7.52 8.96 -10.98
C SER A 55 7.35 8.37 -9.59
N LYS A 56 6.22 8.65 -8.95
CA LYS A 56 5.95 8.15 -7.62
C LYS A 56 5.85 6.62 -7.62
N VAL A 57 6.60 5.99 -6.71
CA VAL A 57 6.59 4.54 -6.62
C VAL A 57 5.17 4.00 -6.40
N TYR A 58 4.54 3.58 -7.49
CA TYR A 58 3.19 3.05 -7.42
C TYR A 58 3.19 1.52 -7.52
N PHE A 59 2.61 0.87 -6.52
CA PHE A 59 2.54 -0.58 -6.49
C PHE A 59 1.30 -1.06 -5.75
N THR A 60 0.58 -2.00 -6.36
CA THR A 60 -0.63 -2.54 -5.75
C THR A 60 -0.37 -3.89 -5.10
N ILE A 61 -0.98 -4.10 -3.94
CA ILE A 61 -0.82 -5.36 -3.21
C ILE A 61 -2.12 -6.15 -3.16
N ASN A 62 -2.04 -7.42 -3.53
CA ASN A 62 -3.22 -8.29 -3.53
C ASN A 62 -3.17 -9.27 -2.37
N MET A 63 -4.10 -9.12 -1.43
CA MET A 63 -4.17 -10.00 -0.27
C MET A 63 -5.48 -10.78 -0.25
N ASN A 64 -5.38 -12.09 -0.39
CA ASN A 64 -6.56 -12.95 -0.39
C ASN A 64 -7.03 -13.24 1.03
N LEU A 65 -8.17 -12.69 1.39
CA LEU A 65 -8.73 -12.88 2.73
C LEU A 65 -10.23 -13.11 2.67
N ASP A 66 -10.79 -13.66 3.74
CA ASP A 66 -12.23 -13.92 3.81
C ASP A 66 -13.01 -12.62 3.97
N VAL A 67 -14.22 -12.59 3.41
CA VAL A 67 -15.07 -11.41 3.49
C VAL A 67 -16.44 -11.76 4.07
N SER A 68 -17.06 -12.79 3.52
CA SER A 68 -18.38 -13.23 3.98
C SER A 68 -18.73 -14.59 3.40
N ASP A 69 -19.88 -15.12 3.81
CA ASP A 69 -20.34 -16.42 3.34
C ASP A 69 -19.16 -17.39 3.19
N GLU A 70 -18.41 -17.55 4.26
CA GLU A 70 -17.25 -18.44 4.26
C GLU A 70 -16.57 -18.44 2.90
N LYS A 71 -16.41 -17.24 2.33
CA LYS A 71 -15.77 -17.10 1.03
C LYS A 71 -14.52 -16.23 1.13
N MET A 72 -13.71 -16.25 0.07
CA MET A 72 -12.48 -15.46 0.04
C MET A 72 -12.48 -14.49 -1.14
N ALA A 73 -11.67 -13.44 -1.04
CA ALA A 73 -11.59 -12.44 -2.10
C ALA A 73 -10.24 -11.73 -2.06
N MET A 74 -9.90 -11.05 -3.15
CA MET A 74 -8.64 -10.32 -3.24
C MET A 74 -8.85 -8.85 -2.89
N PHE A 75 -7.85 -8.26 -2.24
CA PHE A 75 -7.91 -6.85 -1.85
C PHE A 75 -6.76 -6.06 -2.46
N SER A 76 -7.08 -5.20 -3.42
CA SER A 76 -6.07 -4.39 -4.09
C SER A 76 -5.76 -3.13 -3.27
N LEU A 77 -4.50 -2.99 -2.86
CA LEU A 77 -4.08 -1.84 -2.09
C LEU A 77 -3.11 -0.98 -2.88
N ALA A 78 -3.65 0.05 -3.54
CA ALA A 78 -2.83 0.97 -4.32
C ALA A 78 -2.01 1.88 -3.44
N CYS A 79 -0.76 1.51 -3.20
CA CYS A 79 0.14 2.29 -2.36
C CYS A 79 1.11 3.10 -3.21
N ILE A 80 1.18 4.40 -2.96
CA ILE A 80 2.07 5.28 -3.71
C ILE A 80 2.97 6.08 -2.76
N LEU A 81 4.23 5.66 -2.66
CA LEU A 81 5.19 6.33 -1.80
C LEU A 81 5.63 7.66 -2.40
N PRO A 82 5.39 8.76 -1.66
CA PRO A 82 5.76 10.11 -2.11
C PRO A 82 7.26 10.33 -2.12
N PHE A 83 7.68 11.57 -2.33
CA PHE A 83 9.10 11.91 -2.36
C PHE A 83 9.58 12.34 -0.98
N LYS A 84 8.64 12.58 -0.07
CA LYS A 84 8.96 12.99 1.29
C LYS A 84 9.19 11.79 2.19
N TYR A 85 8.38 10.76 2.01
CA TYR A 85 8.49 9.53 2.81
C TYR A 85 9.94 9.29 3.23
N PRO A 86 10.11 8.80 4.47
CA PRO A 86 9.00 8.50 5.37
C PRO A 86 8.31 9.77 5.87
N ALA A 87 8.90 10.92 5.58
CA ALA A 87 8.34 12.19 6.00
C ALA A 87 6.82 12.12 6.10
N VAL A 88 6.15 12.07 4.95
CA VAL A 88 4.70 12.00 4.90
C VAL A 88 4.23 10.61 4.48
N LEU A 89 3.36 10.01 5.29
CA LEU A 89 2.84 8.68 5.01
C LEU A 89 2.45 8.56 3.53
N PRO A 90 2.39 7.31 3.04
CA PRO A 90 2.02 7.04 1.65
C PRO A 90 0.55 7.33 1.36
N GLU A 91 0.10 6.95 0.17
CA GLU A 91 -1.29 7.17 -0.22
C GLU A 91 -1.97 5.86 -0.60
N ILE A 92 -2.02 4.94 0.35
CA ILE A 92 -2.64 3.63 0.12
C ILE A 92 -4.14 3.77 -0.14
N THR A 93 -4.61 3.11 -1.18
CA THR A 93 -6.02 3.15 -1.55
C THR A 93 -6.61 1.76 -1.66
N VAL A 94 -7.28 1.31 -0.61
CA VAL A 94 -7.89 -0.01 -0.58
C VAL A 94 -9.14 -0.06 -1.46
N ARG A 95 -9.25 -1.10 -2.27
CA ARG A 95 -10.38 -1.26 -3.16
C ARG A 95 -10.79 -2.73 -3.26
N SER A 96 -12.04 -2.96 -3.66
CA SER A 96 -12.56 -4.32 -3.80
C SER A 96 -13.93 -4.32 -4.46
N VAL A 97 -14.11 -5.18 -5.45
CA VAL A 97 -15.38 -5.28 -6.16
C VAL A 97 -16.52 -5.57 -5.19
N LEU A 98 -16.21 -6.21 -4.08
CA LEU A 98 -17.22 -6.54 -3.06
C LEU A 98 -17.75 -5.29 -2.40
N LEU A 99 -16.85 -4.48 -1.85
CA LEU A 99 -17.24 -3.24 -1.20
C LEU A 99 -17.86 -2.26 -2.18
N SER A 100 -18.48 -1.21 -1.66
CA SER A 100 -19.13 -0.20 -2.49
C SER A 100 -18.30 1.09 -2.51
N ARG A 101 -18.69 2.01 -3.39
CA ARG A 101 -17.98 3.29 -3.50
C ARG A 101 -18.08 4.09 -2.21
N SER A 102 -18.98 3.67 -1.32
CA SER A 102 -19.18 4.35 -0.05
C SER A 102 -18.36 3.68 1.05
N GLN A 103 -18.67 2.42 1.31
CA GLN A 103 -17.96 1.66 2.35
C GLN A 103 -16.45 1.74 2.14
N GLN A 104 -16.00 1.34 0.96
CA GLN A 104 -14.57 1.36 0.64
C GLN A 104 -13.94 2.68 1.05
N THR A 105 -14.63 3.79 0.76
CA THR A 105 -14.13 5.11 1.10
C THR A 105 -13.93 5.25 2.60
N GLN A 106 -14.97 4.94 3.37
CA GLN A 106 -14.90 5.03 4.82
C GLN A 106 -13.73 4.20 5.36
N LEU A 107 -13.54 3.02 4.78
CA LEU A 107 -12.46 2.13 5.20
C LEU A 107 -11.11 2.81 5.02
N ASN A 108 -10.91 3.45 3.88
CA ASN A 108 -9.66 4.13 3.58
C ASN A 108 -9.41 5.28 4.56
N THR A 109 -10.44 6.09 4.78
CA THR A 109 -10.34 7.23 5.70
C THR A 109 -9.71 6.81 7.02
N ASP A 110 -10.05 5.60 7.49
CA ASP A 110 -9.52 5.09 8.74
C ASP A 110 -8.14 4.48 8.53
N LEU A 111 -8.00 3.68 7.47
CA LEU A 111 -6.72 3.03 7.16
C LEU A 111 -5.58 4.02 7.28
N THR A 112 -5.78 5.23 6.77
CA THR A 112 -4.76 6.27 6.82
C THR A 112 -4.58 6.79 8.25
N ALA A 113 -5.69 7.09 8.92
CA ALA A 113 -5.63 7.60 10.28
C ALA A 113 -4.85 6.65 11.18
N PHE A 114 -5.13 5.36 11.07
CA PHE A 114 -4.44 4.36 11.88
C PHE A 114 -2.95 4.65 11.97
N LEU A 115 -2.27 4.53 10.84
CA LEU A 115 -0.83 4.78 10.79
C LEU A 115 -0.50 6.16 11.35
N GLN A 116 -1.12 7.19 10.78
CA GLN A 116 -0.90 8.55 11.22
C GLN A 116 -0.66 8.60 12.73
N LYS A 117 -1.38 7.77 13.46
CA LYS A 117 -1.26 7.71 14.92
C LYS A 117 -0.33 6.58 15.34
N HIS A 118 -0.75 5.35 15.07
CA HIS A 118 0.04 4.18 15.42
C HIS A 118 1.47 4.30 14.90
N CYS A 119 1.61 4.41 13.58
CA CYS A 119 2.91 4.54 12.95
C CYS A 119 2.95 5.75 12.02
N HIS A 120 3.76 6.74 12.37
CA HIS A 120 3.88 7.95 11.58
C HIS A 120 5.27 8.56 11.74
N GLY A 121 6.04 8.54 10.65
CA GLY A 121 7.38 9.10 10.68
C GLY A 121 8.42 8.16 10.11
N ASP A 122 8.15 6.86 10.20
CA ASP A 122 9.07 5.86 9.68
C ASP A 122 8.40 5.03 8.57
N VAL A 123 9.21 4.29 7.82
CA VAL A 123 8.70 3.46 6.74
C VAL A 123 8.00 2.22 7.28
N CYS A 124 6.67 2.25 7.31
CA CYS A 124 5.89 1.13 7.82
C CYS A 124 4.71 0.84 6.89
N ILE A 125 4.96 0.04 5.86
CA ILE A 125 3.91 -0.32 4.90
C ILE A 125 3.18 -1.57 5.34
N LEU A 126 3.91 -2.52 5.91
CA LEU A 126 3.33 -3.78 6.38
C LEU A 126 2.32 -3.52 7.50
N ASN A 127 2.56 -2.47 8.28
CA ASN A 127 1.68 -2.11 9.38
C ASN A 127 0.27 -1.83 8.88
N ALA A 128 0.17 -1.13 7.76
CA ALA A 128 -1.12 -0.80 7.18
C ALA A 128 -1.87 -2.05 6.73
N THR A 129 -1.21 -2.87 5.92
CA THR A 129 -1.81 -4.11 5.43
C THR A 129 -2.38 -4.94 6.57
N GLU A 130 -1.63 -5.01 7.68
CA GLU A 130 -2.07 -5.77 8.84
C GLU A 130 -3.33 -5.16 9.45
N TRP A 131 -3.54 -3.88 9.19
CA TRP A 131 -4.71 -3.18 9.71
C TRP A 131 -5.92 -3.36 8.79
N VAL A 132 -5.65 -3.66 7.52
CA VAL A 132 -6.72 -3.88 6.55
C VAL A 132 -7.27 -5.30 6.64
N ARG A 133 -6.41 -6.28 6.43
CA ARG A 133 -6.81 -7.68 6.49
C ARG A 133 -7.78 -7.92 7.63
N GLU A 134 -7.67 -7.10 8.68
CA GLU A 134 -8.55 -7.23 9.84
C GLU A 134 -9.78 -6.35 9.69
N HIS A 135 -9.57 -5.04 9.64
CA HIS A 135 -10.68 -4.09 9.49
C HIS A 135 -11.55 -4.46 8.29
N ALA A 136 -10.92 -4.60 7.13
CA ALA A 136 -11.65 -4.95 5.91
C ALA A 136 -12.82 -5.87 6.22
N SER A 137 -12.51 -7.11 6.61
CA SER A 137 -13.55 -8.09 6.92
C SER A 137 -14.72 -7.43 7.62
N GLY A 138 -14.42 -6.50 8.54
CA GLY A 138 -15.46 -5.81 9.27
C GLY A 138 -16.36 -4.99 8.37
N TYR A 139 -15.74 -4.11 7.57
CA TYR A 139 -16.49 -3.26 6.66
C TYR A 139 -17.37 -4.09 5.72
N VAL A 140 -16.75 -5.05 5.05
CA VAL A 140 -17.47 -5.92 4.12
C VAL A 140 -18.73 -6.47 4.76
N SER A 141 -19.88 -6.08 4.21
CA SER A 141 -21.17 -6.54 4.73
C SER A 141 -22.28 -6.31 3.71
N ARG A 142 -22.96 -7.38 3.33
CA ARG A 142 -24.04 -7.30 2.36
C ARG A 142 -25.38 -7.09 3.05
N ASP A 143 -25.71 -5.84 3.32
CA ASP A 143 -26.97 -5.50 4.00
C ASP A 143 -28.11 -5.44 2.99
N THR A 144 -27.97 -4.58 1.97
CA THR A 144 -28.99 -4.43 0.96
C THR A 144 -29.19 -5.72 0.17
N SER A 145 -30.43 -5.99 -0.22
CA SER A 145 -30.75 -7.20 -0.97
C SER A 145 -30.27 -7.08 -2.41
N SER A 146 -30.79 -6.09 -3.13
CA SER A 146 -30.42 -5.86 -4.51
C SER A 146 -30.22 -7.19 -5.24
N SER A 147 -31.15 -8.13 -5.03
CA SER A 147 -31.07 -9.44 -5.66
C SER A 147 -32.45 -9.90 -6.12
N GLY A 148 -32.46 -10.77 -7.13
CA GLY A 148 -33.72 -11.28 -7.66
C GLY A 148 -33.52 -12.41 -8.64
N PRO A 149 -34.41 -13.41 -8.58
CA PRO A 149 -34.35 -14.57 -9.47
C PRO A 149 -34.69 -14.23 -10.91
N SER A 150 -35.16 -13.00 -11.13
CA SER A 150 -35.53 -12.54 -12.45
C SER A 150 -34.54 -13.05 -13.50
N SER A 151 -35.07 -13.61 -14.59
CA SER A 151 -34.23 -14.15 -15.66
C SER A 151 -34.67 -13.60 -17.00
N GLY A 152 -34.22 -12.40 -17.32
CA GLY A 152 -34.57 -11.77 -18.59
C GLY A 152 -33.40 -11.70 -19.54
N GLY A 1 30.63 13.96 2.58
CA GLY A 1 30.55 15.38 2.89
C GLY A 1 30.08 15.64 4.31
N SER A 2 28.95 16.31 4.45
CA SER A 2 28.41 16.63 5.76
C SER A 2 26.88 16.77 5.71
N SER A 3 26.25 16.87 6.87
CA SER A 3 24.81 17.02 6.95
C SER A 3 24.34 18.27 6.22
N GLY A 4 23.86 18.09 5.00
CA GLY A 4 23.39 19.23 4.21
C GLY A 4 22.17 18.88 3.37
N SER A 5 22.34 17.92 2.48
CA SER A 5 21.24 17.51 1.60
C SER A 5 20.57 16.25 2.14
N SER A 6 19.34 15.99 1.68
CA SER A 6 18.58 14.83 2.12
C SER A 6 18.83 13.64 1.18
N GLY A 7 19.74 12.76 1.58
CA GLY A 7 20.05 11.60 0.77
C GLY A 7 19.38 10.34 1.27
N GLU A 8 19.52 10.07 2.57
CA GLU A 8 18.92 8.89 3.17
C GLU A 8 17.46 8.73 2.75
N GLN A 9 16.78 9.86 2.56
CA GLN A 9 15.38 9.86 2.14
C GLN A 9 15.14 8.80 1.07
N ALA A 10 15.94 8.86 0.00
CA ALA A 10 15.82 7.91 -1.10
C ALA A 10 15.82 6.47 -0.59
N GLU A 11 16.82 6.15 0.24
CA GLU A 11 16.95 4.81 0.79
C GLU A 11 15.73 4.46 1.65
N ALA A 12 15.26 5.43 2.43
CA ALA A 12 14.11 5.23 3.30
C ALA A 12 12.99 4.53 2.55
N GLN A 13 12.75 4.94 1.32
CA GLN A 13 11.69 4.36 0.50
C GLN A 13 12.16 3.05 -0.13
N LEU A 14 13.33 3.07 -0.75
CA LEU A 14 13.88 1.89 -1.39
C LEU A 14 13.95 0.72 -0.41
N ALA A 15 14.71 0.89 0.66
CA ALA A 15 14.86 -0.15 1.67
C ALA A 15 13.55 -0.92 1.86
N GLU A 16 12.48 -0.17 2.10
CA GLU A 16 11.16 -0.78 2.30
C GLU A 16 10.77 -1.64 1.10
N LEU A 17 10.71 -1.01 -0.07
CA LEU A 17 10.34 -1.72 -1.30
C LEU A 17 11.10 -3.04 -1.41
N ASP A 18 12.42 -2.97 -1.41
CA ASP A 18 13.25 -4.16 -1.50
C ASP A 18 12.78 -5.24 -0.54
N LEU A 19 12.40 -4.82 0.67
CA LEU A 19 11.92 -5.76 1.68
C LEU A 19 10.56 -6.32 1.30
N LEU A 20 9.64 -5.44 0.94
CA LEU A 20 8.29 -5.85 0.54
C LEU A 20 8.35 -6.97 -0.49
N ALA A 21 8.97 -6.68 -1.63
CA ALA A 21 9.09 -7.67 -2.70
C ALA A 21 9.27 -9.08 -2.13
N SER A 22 10.17 -9.20 -1.16
CA SER A 22 10.44 -10.49 -0.54
C SER A 22 9.31 -10.88 0.41
N MET A 23 8.88 -9.93 1.23
CA MET A 23 7.81 -10.18 2.19
C MET A 23 6.65 -10.91 1.54
N PHE A 24 6.35 -10.55 0.30
CA PHE A 24 5.26 -11.18 -0.44
C PHE A 24 5.81 -12.08 -1.55
N PRO A 25 6.25 -13.29 -1.17
CA PRO A 25 6.79 -14.27 -2.12
C PRO A 25 5.72 -14.84 -3.04
N GLY A 26 4.47 -14.75 -2.61
CA GLY A 26 3.37 -15.27 -3.42
C GLY A 26 3.50 -14.88 -4.88
N GLU A 27 2.75 -15.56 -5.74
CA GLU A 27 2.78 -15.28 -7.17
C GLU A 27 1.91 -14.08 -7.51
N ASN A 28 0.75 -13.98 -6.86
CA ASN A 28 -0.18 -12.89 -7.08
C ASN A 28 -0.48 -12.15 -5.79
N GLU A 29 0.57 -11.77 -5.06
CA GLU A 29 0.42 -11.07 -3.80
C GLU A 29 0.69 -9.57 -3.98
N LEU A 30 1.69 -9.26 -4.81
CA LEU A 30 2.05 -7.87 -5.06
C LEU A 30 2.49 -7.68 -6.51
N ILE A 31 2.20 -6.51 -7.06
CA ILE A 31 2.56 -6.20 -8.44
C ILE A 31 2.98 -4.74 -8.59
N VAL A 32 4.19 -4.53 -9.11
CA VAL A 32 4.71 -3.19 -9.30
C VAL A 32 4.53 -2.73 -10.74
N ASN A 33 3.44 -2.00 -10.99
CA ASN A 33 3.15 -1.50 -12.34
C ASN A 33 4.20 -0.49 -12.77
N ASP A 34 4.45 0.51 -11.93
CA ASP A 34 5.44 1.55 -12.23
C ASP A 34 6.83 1.12 -11.77
N GLN A 35 7.55 0.42 -12.63
CA GLN A 35 8.89 -0.05 -12.32
C GLN A 35 9.90 1.09 -12.45
N LEU A 36 9.75 1.90 -13.48
CA LEU A 36 10.65 3.03 -13.72
C LEU A 36 10.93 3.77 -12.42
N ALA A 37 9.87 4.25 -11.78
CA ALA A 37 10.01 4.99 -10.52
C ALA A 37 11.11 4.38 -9.65
N VAL A 38 11.04 3.07 -9.45
CA VAL A 38 12.02 2.36 -8.64
C VAL A 38 13.40 2.38 -9.30
N ALA A 39 13.47 1.84 -10.50
CA ALA A 39 14.73 1.80 -11.24
C ALA A 39 15.53 3.08 -11.03
N GLU A 40 14.90 4.21 -11.29
CA GLU A 40 15.56 5.50 -11.13
C GLU A 40 16.01 5.71 -9.69
N LEU A 41 15.14 5.36 -8.74
CA LEU A 41 15.45 5.51 -7.32
C LEU A 41 16.83 4.94 -7.01
N LYS A 42 17.07 3.71 -7.46
CA LYS A 42 18.35 3.05 -7.23
C LYS A 42 19.50 3.82 -7.87
N ASP A 43 19.28 4.25 -9.11
CA ASP A 43 20.29 5.01 -9.84
C ASP A 43 20.71 6.25 -9.06
N CYS A 44 19.72 6.95 -8.50
CA CYS A 44 19.98 8.16 -7.72
C CYS A 44 20.88 7.86 -6.53
N ILE A 45 20.48 6.87 -5.73
CA ILE A 45 21.24 6.48 -4.55
C ILE A 45 22.65 6.02 -4.94
N GLU A 46 22.71 5.04 -5.84
CA GLU A 46 23.99 4.51 -6.30
C GLU A 46 24.92 5.63 -6.74
N LYS A 47 24.42 6.51 -7.58
CA LYS A 47 25.20 7.63 -8.09
C LYS A 47 25.51 8.63 -6.97
N LYS A 48 24.99 8.35 -5.78
CA LYS A 48 25.20 9.22 -4.63
C LYS A 48 24.89 10.68 -4.97
N THR A 49 23.82 10.88 -5.72
CA THR A 49 23.42 12.23 -6.12
C THR A 49 21.90 12.34 -6.21
N MET A 50 21.33 13.19 -5.36
CA MET A 50 19.89 13.39 -5.34
C MET A 50 19.47 14.39 -6.41
N GLU A 51 19.22 13.88 -7.62
CA GLU A 51 18.81 14.73 -8.73
C GLU A 51 17.30 14.99 -8.69
N GLY A 52 16.55 14.00 -8.24
CA GLY A 52 15.11 14.13 -8.16
C GLY A 52 14.38 12.98 -8.81
N ARG A 53 13.49 12.34 -8.05
CA ARG A 53 12.73 11.20 -8.55
C ARG A 53 12.03 11.55 -9.87
N SER A 54 11.87 10.55 -10.73
CA SER A 54 11.24 10.75 -12.02
C SER A 54 9.72 10.64 -11.90
N SER A 55 9.26 9.67 -11.10
CA SER A 55 7.83 9.45 -10.91
C SER A 55 7.57 8.69 -9.62
N LYS A 56 6.38 8.86 -9.07
CA LYS A 56 6.00 8.20 -7.83
C LYS A 56 5.94 6.69 -8.01
N VAL A 57 6.46 5.95 -7.04
CA VAL A 57 6.46 4.50 -7.10
C VAL A 57 5.06 3.93 -6.86
N TYR A 58 4.39 3.53 -7.94
CA TYR A 58 3.05 2.98 -7.85
C TYR A 58 3.09 1.45 -7.88
N PHE A 59 2.67 0.85 -6.77
CA PHE A 59 2.66 -0.61 -6.65
C PHE A 59 1.44 -1.07 -5.86
N THR A 60 0.60 -1.89 -6.50
CA THR A 60 -0.59 -2.41 -5.86
C THR A 60 -0.32 -3.75 -5.18
N ILE A 61 -0.88 -3.92 -3.99
CA ILE A 61 -0.70 -5.16 -3.24
C ILE A 61 -2.01 -5.92 -3.11
N ASN A 62 -2.01 -7.18 -3.56
CA ASN A 62 -3.21 -8.01 -3.50
C ASN A 62 -3.15 -8.93 -2.28
N MET A 63 -4.14 -8.79 -1.40
CA MET A 63 -4.20 -9.61 -0.19
C MET A 63 -5.54 -10.34 -0.11
N ASN A 64 -5.50 -11.66 -0.28
CA ASN A 64 -6.71 -12.48 -0.23
C ASN A 64 -7.11 -12.77 1.21
N LEU A 65 -8.36 -12.49 1.54
CA LEU A 65 -8.87 -12.71 2.89
C LEU A 65 -10.31 -13.21 2.85
N ASP A 66 -10.68 -14.02 3.83
CA ASP A 66 -12.04 -14.56 3.91
C ASP A 66 -12.98 -13.56 4.57
N VAL A 67 -14.13 -13.34 3.94
CA VAL A 67 -15.12 -12.40 4.46
C VAL A 67 -16.34 -13.14 4.99
N SER A 68 -16.80 -14.13 4.23
CA SER A 68 -17.97 -14.91 4.61
C SER A 68 -18.20 -16.05 3.62
N ASP A 69 -19.17 -16.92 3.96
CA ASP A 69 -19.49 -18.06 3.11
C ASP A 69 -18.23 -18.82 2.71
N GLU A 70 -17.42 -19.16 3.71
CA GLU A 70 -16.18 -19.89 3.47
C GLU A 70 -15.50 -19.41 2.19
N LYS A 71 -15.73 -18.15 1.85
CA LYS A 71 -15.14 -17.57 0.65
C LYS A 71 -14.16 -16.46 1.01
N MET A 72 -13.58 -15.84 -0.01
CA MET A 72 -12.62 -14.76 0.20
C MET A 72 -12.58 -13.82 -1.00
N ALA A 73 -12.08 -12.61 -0.79
CA ALA A 73 -11.98 -11.62 -1.85
C ALA A 73 -10.57 -11.03 -1.93
N MET A 74 -10.24 -10.46 -3.09
CA MET A 74 -8.93 -9.86 -3.29
C MET A 74 -8.95 -8.38 -2.91
N PHE A 75 -8.04 -7.98 -2.03
CA PHE A 75 -7.96 -6.59 -1.59
C PHE A 75 -6.72 -5.92 -2.16
N SER A 76 -6.94 -5.05 -3.15
CA SER A 76 -5.84 -4.33 -3.80
C SER A 76 -5.49 -3.06 -3.03
N LEU A 77 -4.23 -2.93 -2.64
CA LEU A 77 -3.77 -1.77 -1.89
C LEU A 77 -2.81 -0.94 -2.73
N ALA A 78 -3.33 0.07 -3.41
CA ALA A 78 -2.52 0.94 -4.24
C ALA A 78 -1.66 1.86 -3.39
N CYS A 79 -0.41 1.46 -3.16
CA CYS A 79 0.52 2.25 -2.36
C CYS A 79 1.43 3.08 -3.25
N ILE A 80 1.40 4.39 -3.07
CA ILE A 80 2.23 5.29 -3.86
C ILE A 80 3.06 6.21 -2.96
N LEU A 81 4.38 6.10 -3.08
CA LEU A 81 5.29 6.91 -2.28
C LEU A 81 5.54 8.25 -2.95
N PRO A 82 5.02 9.33 -2.34
CA PRO A 82 5.18 10.69 -2.86
C PRO A 82 6.61 11.20 -2.71
N PHE A 83 6.85 12.42 -3.17
CA PHE A 83 8.17 13.02 -3.09
C PHE A 83 8.42 13.64 -1.72
N LYS A 84 7.65 13.18 -0.73
CA LYS A 84 7.78 13.67 0.63
C LYS A 84 8.26 12.58 1.57
N TYR A 85 7.59 11.43 1.51
CA TYR A 85 7.95 10.29 2.36
C TYR A 85 9.43 10.33 2.72
N PRO A 86 9.73 9.97 3.98
CA PRO A 86 8.71 9.55 4.96
C PRO A 86 7.83 10.72 5.40
N ALA A 87 8.22 11.92 5.01
CA ALA A 87 7.47 13.12 5.37
C ALA A 87 5.97 12.82 5.44
N VAL A 88 5.33 12.72 4.28
CA VAL A 88 3.91 12.43 4.22
C VAL A 88 3.65 10.96 3.94
N LEU A 89 2.80 10.35 4.74
CA LEU A 89 2.46 8.93 4.58
C LEU A 89 2.12 8.62 3.14
N PRO A 90 2.25 7.34 2.77
CA PRO A 90 1.96 6.88 1.40
C PRO A 90 0.46 6.92 1.08
N GLU A 91 0.15 6.99 -0.20
CA GLU A 91 -1.25 7.04 -0.64
C GLU A 91 -1.79 5.64 -0.90
N ILE A 92 -2.12 4.93 0.18
CA ILE A 92 -2.65 3.57 0.07
C ILE A 92 -4.14 3.59 -0.20
N THR A 93 -4.53 3.26 -1.42
CA THR A 93 -5.93 3.23 -1.81
C THR A 93 -6.46 1.80 -1.87
N VAL A 94 -7.30 1.45 -0.91
CA VAL A 94 -7.88 0.11 -0.85
C VAL A 94 -9.08 -0.01 -1.80
N ARG A 95 -9.09 -1.09 -2.58
CA ARG A 95 -10.17 -1.33 -3.53
C ARG A 95 -10.69 -2.76 -3.40
N SER A 96 -11.98 -2.94 -3.69
CA SER A 96 -12.61 -4.24 -3.61
C SER A 96 -14.03 -4.20 -4.16
N VAL A 97 -14.37 -5.20 -4.97
CA VAL A 97 -15.70 -5.28 -5.57
C VAL A 97 -16.77 -5.47 -4.51
N LEU A 98 -16.41 -6.17 -3.43
CA LEU A 98 -17.34 -6.43 -2.34
C LEU A 98 -17.70 -5.13 -1.63
N LEU A 99 -16.71 -4.29 -1.38
CA LEU A 99 -16.92 -3.02 -0.71
C LEU A 99 -17.69 -2.05 -1.60
N SER A 100 -18.65 -1.34 -1.01
CA SER A 100 -19.45 -0.37 -1.76
C SER A 100 -18.73 0.96 -1.89
N ARG A 101 -19.04 1.70 -2.94
CA ARG A 101 -18.43 3.00 -3.18
C ARG A 101 -18.41 3.84 -1.90
N SER A 102 -19.46 3.68 -1.10
CA SER A 102 -19.57 4.43 0.16
C SER A 102 -18.68 3.80 1.24
N GLN A 103 -18.87 2.51 1.48
CA GLN A 103 -18.10 1.80 2.49
C GLN A 103 -16.60 1.98 2.25
N GLN A 104 -16.15 1.64 1.05
CA GLN A 104 -14.73 1.77 0.70
C GLN A 104 -14.15 3.06 1.26
N THR A 105 -14.80 4.18 0.94
CA THR A 105 -14.34 5.49 1.41
C THR A 105 -13.99 5.45 2.90
N GLN A 106 -14.99 5.14 3.72
CA GLN A 106 -14.79 5.06 5.17
C GLN A 106 -13.56 4.21 5.50
N LEU A 107 -13.56 2.98 5.00
CA LEU A 107 -12.45 2.06 5.26
C LEU A 107 -11.12 2.77 5.12
N ASN A 108 -10.85 3.31 3.93
CA ASN A 108 -9.61 4.03 3.67
C ASN A 108 -9.33 5.06 4.75
N THR A 109 -10.32 5.91 5.01
CA THR A 109 -10.19 6.95 6.02
C THR A 109 -9.53 6.41 7.28
N ASP A 110 -9.94 5.22 7.69
CA ASP A 110 -9.38 4.59 8.88
C ASP A 110 -7.99 4.04 8.61
N LEU A 111 -7.88 3.17 7.61
CA LEU A 111 -6.59 2.58 7.25
C LEU A 111 -5.47 3.60 7.41
N THR A 112 -5.56 4.69 6.67
CA THR A 112 -4.54 5.73 6.73
C THR A 112 -4.36 6.25 8.16
N ALA A 113 -5.47 6.58 8.81
CA ALA A 113 -5.42 7.08 10.17
C ALA A 113 -4.56 6.19 11.05
N PHE A 114 -4.85 4.90 11.06
CA PHE A 114 -4.10 3.94 11.86
C PHE A 114 -2.63 4.33 11.92
N LEU A 115 -1.98 4.36 10.76
CA LEU A 115 -0.57 4.72 10.67
C LEU A 115 -0.32 6.11 11.26
N GLN A 116 -1.10 7.08 10.80
CA GLN A 116 -0.95 8.45 11.27
C GLN A 116 -0.83 8.49 12.80
N LYS A 117 -1.50 7.55 13.46
CA LYS A 117 -1.47 7.48 14.91
C LYS A 117 -0.10 7.00 15.40
N HIS A 118 0.24 5.77 15.06
CA HIS A 118 1.52 5.19 15.46
C HIS A 118 2.59 5.43 14.39
N CYS A 119 2.39 4.83 13.23
CA CYS A 119 3.33 4.97 12.12
C CYS A 119 3.26 6.37 11.53
N HIS A 120 4.09 7.27 12.05
CA HIS A 120 4.13 8.65 11.57
C HIS A 120 5.56 9.19 11.58
N GLY A 121 6.07 9.52 10.40
CA GLY A 121 7.42 10.04 10.29
C GLY A 121 8.41 8.97 9.91
N ASP A 122 8.04 7.72 10.11
CA ASP A 122 8.92 6.59 9.80
C ASP A 122 8.38 5.80 8.61
N VAL A 123 9.25 5.02 7.98
CA VAL A 123 8.86 4.20 6.83
C VAL A 123 8.27 2.88 7.27
N CYS A 124 6.97 2.72 7.06
CA CYS A 124 6.28 1.48 7.44
C CYS A 124 5.04 1.27 6.58
N ILE A 125 5.12 0.34 5.64
CA ILE A 125 4.01 0.04 4.75
C ILE A 125 3.20 -1.15 5.27
N LEU A 126 3.90 -2.24 5.57
CA LEU A 126 3.24 -3.45 6.08
C LEU A 126 2.22 -3.11 7.16
N ASN A 127 2.65 -2.33 8.15
CA ASN A 127 1.78 -1.91 9.24
C ASN A 127 0.36 -1.66 8.74
N ALA A 128 0.25 -0.98 7.61
CA ALA A 128 -1.04 -0.67 7.01
C ALA A 128 -1.77 -1.95 6.60
N THR A 129 -1.09 -2.79 5.83
CA THR A 129 -1.66 -4.05 5.37
C THR A 129 -2.17 -4.88 6.53
N GLU A 130 -1.49 -4.79 7.66
CA GLU A 130 -1.87 -5.54 8.85
C GLU A 130 -3.17 -4.99 9.45
N TRP A 131 -3.39 -3.70 9.26
CA TRP A 131 -4.59 -3.05 9.77
C TRP A 131 -5.78 -3.27 8.84
N VAL A 132 -5.48 -3.56 7.57
CA VAL A 132 -6.52 -3.78 6.58
C VAL A 132 -6.95 -5.25 6.56
N ARG A 133 -5.98 -6.14 6.35
CA ARG A 133 -6.26 -7.57 6.30
C ARG A 133 -7.30 -7.96 7.35
N GLU A 134 -7.37 -7.17 8.42
CA GLU A 134 -8.32 -7.44 9.50
C GLU A 134 -9.59 -6.63 9.30
N HIS A 135 -9.46 -5.30 9.37
CA HIS A 135 -10.61 -4.41 9.21
C HIS A 135 -11.34 -4.70 7.91
N ALA A 136 -10.59 -4.74 6.81
CA ALA A 136 -11.16 -5.01 5.50
C ALA A 136 -12.35 -5.97 5.61
N SER A 137 -12.05 -7.23 5.92
CA SER A 137 -13.09 -8.24 6.05
C SER A 137 -14.27 -7.72 6.87
N GLY A 138 -13.96 -7.00 7.94
CA GLY A 138 -15.00 -6.45 8.79
C GLY A 138 -16.01 -5.62 8.02
N TYR A 139 -15.51 -4.64 7.27
CA TYR A 139 -16.37 -3.76 6.48
C TYR A 139 -17.27 -4.58 5.56
N VAL A 140 -16.65 -5.45 4.76
CA VAL A 140 -17.39 -6.29 3.83
C VAL A 140 -18.58 -6.95 4.52
N SER A 141 -19.77 -6.72 3.97
CA SER A 141 -20.99 -7.29 4.53
C SER A 141 -21.56 -8.37 3.61
N ARG A 142 -21.98 -9.48 4.21
CA ARG A 142 -22.54 -10.59 3.44
C ARG A 142 -23.34 -10.07 2.25
N ASP A 143 -22.97 -10.52 1.05
CA ASP A 143 -23.66 -10.10 -0.16
C ASP A 143 -24.05 -11.31 -1.01
N THR A 144 -25.35 -11.59 -1.07
CA THR A 144 -25.85 -12.72 -1.85
C THR A 144 -26.19 -12.30 -3.27
N SER A 145 -26.00 -13.23 -4.21
CA SER A 145 -26.28 -12.95 -5.62
C SER A 145 -26.52 -14.25 -6.38
N SER A 146 -27.74 -14.42 -6.88
CA SER A 146 -28.11 -15.61 -7.63
C SER A 146 -27.46 -15.61 -9.01
N SER A 147 -26.62 -16.61 -9.26
CA SER A 147 -25.93 -16.72 -10.54
C SER A 147 -26.59 -17.78 -11.43
N GLY A 148 -26.79 -17.44 -12.70
CA GLY A 148 -27.42 -18.36 -13.62
C GLY A 148 -26.53 -19.55 -13.92
N PRO A 149 -27.03 -20.76 -13.62
CA PRO A 149 -26.30 -22.01 -13.83
C PRO A 149 -26.16 -22.34 -15.33
N SER A 150 -25.22 -23.21 -15.65
CA SER A 150 -24.98 -23.61 -17.03
C SER A 150 -24.25 -24.95 -17.10
N SER A 151 -24.80 -25.88 -17.87
CA SER A 151 -24.20 -27.20 -18.00
C SER A 151 -22.73 -27.09 -18.41
N GLY A 152 -21.88 -27.85 -17.74
CA GLY A 152 -20.45 -27.82 -18.04
C GLY A 152 -19.87 -26.43 -17.94
N GLY A 1 35.29 16.77 -2.84
CA GLY A 1 33.95 16.29 -2.53
C GLY A 1 33.84 15.75 -1.12
N SER A 2 33.63 16.65 -0.16
CA SER A 2 33.51 16.26 1.24
C SER A 2 32.06 15.99 1.60
N SER A 3 31.85 15.25 2.70
CA SER A 3 30.51 14.92 3.15
C SER A 3 29.60 16.14 3.12
N GLY A 4 28.40 15.97 2.57
CA GLY A 4 27.45 17.06 2.49
C GLY A 4 26.02 16.59 2.50
N SER A 5 25.25 17.00 1.49
CA SER A 5 23.85 16.62 1.40
C SER A 5 23.68 15.11 1.62
N SER A 6 22.66 14.75 2.39
CA SER A 6 22.39 13.35 2.69
C SER A 6 20.98 12.96 2.26
N GLY A 7 20.88 12.34 1.08
CA GLY A 7 19.58 11.93 0.56
C GLY A 7 19.11 10.62 1.17
N GLU A 8 19.24 10.49 2.48
CA GLU A 8 18.83 9.27 3.18
C GLU A 8 17.37 8.94 2.87
N GLN A 9 16.54 9.98 2.77
CA GLN A 9 15.12 9.81 2.49
C GLN A 9 14.92 8.81 1.36
N ALA A 10 15.61 9.03 0.24
CA ALA A 10 15.50 8.14 -0.91
C ALA A 10 15.65 6.68 -0.50
N GLU A 11 16.61 6.42 0.38
CA GLU A 11 16.87 5.06 0.85
C GLU A 11 15.73 4.57 1.74
N ALA A 12 15.25 5.45 2.62
CA ALA A 12 14.16 5.11 3.52
C ALA A 12 13.03 4.42 2.78
N GLN A 13 12.58 5.04 1.69
CA GLN A 13 11.48 4.49 0.89
C GLN A 13 11.93 3.21 0.19
N LEU A 14 12.88 3.34 -0.73
CA LEU A 14 13.39 2.18 -1.47
C LEU A 14 13.53 0.96 -0.56
N ALA A 15 14.34 1.10 0.48
CA ALA A 15 14.56 0.01 1.43
C ALA A 15 13.28 -0.79 1.65
N GLU A 16 12.24 -0.12 2.11
CA GLU A 16 10.96 -0.78 2.36
C GLU A 16 10.49 -1.54 1.13
N LEU A 17 10.40 -0.83 0.01
CA LEU A 17 9.95 -1.43 -1.25
C LEU A 17 10.69 -2.74 -1.50
N ASP A 18 12.00 -2.65 -1.69
CA ASP A 18 12.82 -3.83 -1.94
C ASP A 18 12.37 -5.00 -1.06
N LEU A 19 12.36 -4.78 0.25
CA LEU A 19 11.97 -5.80 1.21
C LEU A 19 10.62 -6.40 0.82
N LEU A 20 9.58 -5.58 0.82
CA LEU A 20 8.24 -6.02 0.47
C LEU A 20 8.29 -7.07 -0.64
N ALA A 21 8.85 -6.70 -1.78
CA ALA A 21 8.97 -7.60 -2.91
C ALA A 21 9.20 -9.04 -2.45
N SER A 22 10.08 -9.20 -1.46
CA SER A 22 10.40 -10.52 -0.93
C SER A 22 9.27 -11.02 -0.02
N MET A 23 8.72 -10.11 0.78
CA MET A 23 7.64 -10.46 1.69
C MET A 23 6.50 -11.15 0.96
N PHE A 24 6.21 -10.67 -0.25
CA PHE A 24 5.14 -11.24 -1.06
C PHE A 24 5.70 -12.00 -2.26
N PRO A 25 6.21 -13.21 -2.00
CA PRO A 25 6.80 -14.07 -3.04
C PRO A 25 5.73 -14.60 -4.01
N GLY A 26 4.48 -14.60 -3.58
CA GLY A 26 3.40 -15.08 -4.42
C GLY A 26 3.64 -14.78 -5.88
N GLU A 27 3.11 -15.63 -6.75
CA GLU A 27 3.28 -15.46 -8.19
C GLU A 27 2.41 -14.30 -8.70
N ASN A 28 1.24 -14.14 -8.10
CA ASN A 28 0.32 -13.08 -8.49
C ASN A 28 -0.23 -12.36 -7.26
N GLU A 29 0.66 -12.01 -6.34
CA GLU A 29 0.27 -11.32 -5.12
C GLU A 29 0.47 -9.80 -5.26
N LEU A 30 1.73 -9.38 -5.24
CA LEU A 30 2.05 -7.97 -5.36
C LEU A 30 2.40 -7.60 -6.80
N ILE A 31 1.75 -6.57 -7.33
CA ILE A 31 2.00 -6.13 -8.69
C ILE A 31 2.32 -4.64 -8.74
N VAL A 32 3.42 -4.30 -9.39
CA VAL A 32 3.85 -2.91 -9.51
C VAL A 32 3.74 -2.43 -10.95
N ASN A 33 3.02 -1.33 -11.14
CA ASN A 33 2.83 -0.76 -12.47
C ASN A 33 3.97 0.19 -12.82
N ASP A 34 4.24 1.13 -11.91
CA ASP A 34 5.31 2.10 -12.13
C ASP A 34 6.64 1.56 -11.61
N GLN A 35 7.37 0.88 -12.49
CA GLN A 35 8.67 0.31 -12.12
C GLN A 35 9.77 1.36 -12.20
N LEU A 36 9.69 2.23 -13.22
CA LEU A 36 10.67 3.28 -13.40
C LEU A 36 10.97 3.99 -12.09
N ALA A 37 9.92 4.50 -11.45
CA ALA A 37 10.07 5.21 -10.19
C ALA A 37 11.04 4.49 -9.26
N VAL A 38 10.90 3.17 -9.17
CA VAL A 38 11.77 2.36 -8.32
C VAL A 38 13.19 2.31 -8.89
N ALA A 39 13.31 1.77 -10.10
CA ALA A 39 14.60 1.66 -10.76
C ALA A 39 15.45 2.90 -10.52
N GLU A 40 14.85 4.07 -10.70
CA GLU A 40 15.56 5.33 -10.50
C GLU A 40 15.90 5.54 -9.03
N LEU A 41 14.98 5.13 -8.16
CA LEU A 41 15.18 5.27 -6.72
C LEU A 41 16.47 4.58 -6.27
N LYS A 42 16.93 3.63 -7.08
CA LYS A 42 18.15 2.90 -6.78
C LYS A 42 19.38 3.67 -7.24
N ASP A 43 19.26 4.34 -8.38
CA ASP A 43 20.36 5.12 -8.93
C ASP A 43 20.53 6.43 -8.16
N CYS A 44 19.43 7.16 -8.01
CA CYS A 44 19.45 8.43 -7.29
C CYS A 44 20.33 8.35 -6.06
N ILE A 45 20.24 7.24 -5.34
CA ILE A 45 21.04 7.04 -4.13
C ILE A 45 22.52 6.91 -4.46
N GLU A 46 22.83 6.04 -5.41
CA GLU A 46 24.21 5.83 -5.82
C GLU A 46 24.85 7.13 -6.31
N LYS A 47 24.08 7.90 -7.07
CA LYS A 47 24.56 9.18 -7.60
C LYS A 47 24.53 10.26 -6.53
N LYS A 48 23.69 10.06 -5.51
CA LYS A 48 23.57 11.01 -4.42
C LYS A 48 23.23 12.41 -4.95
N THR A 49 22.31 12.47 -5.90
CA THR A 49 21.90 13.74 -6.48
C THR A 49 20.39 13.93 -6.39
N MET A 50 19.68 12.85 -6.05
CA MET A 50 18.23 12.89 -5.93
C MET A 50 17.61 13.66 -7.10
N GLU A 51 18.00 13.28 -8.31
CA GLU A 51 17.49 13.93 -9.52
C GLU A 51 16.27 13.17 -10.05
N GLY A 52 16.38 11.85 -10.10
CA GLY A 52 15.29 11.03 -10.60
C GLY A 52 14.01 11.24 -9.82
N ARG A 53 13.56 10.18 -9.14
CA ARG A 53 12.34 10.26 -8.36
C ARG A 53 11.36 11.28 -8.94
N SER A 54 11.10 11.15 -10.24
CA SER A 54 10.19 12.07 -10.92
C SER A 54 8.74 11.60 -10.78
N SER A 55 8.55 10.29 -10.79
CA SER A 55 7.21 9.72 -10.67
C SER A 55 7.03 9.05 -9.30
N LYS A 56 5.78 8.88 -8.90
CA LYS A 56 5.45 8.26 -7.62
C LYS A 56 5.43 6.75 -7.73
N VAL A 57 6.13 6.08 -6.82
CA VAL A 57 6.19 4.62 -6.82
C VAL A 57 4.79 4.02 -6.66
N TYR A 58 4.18 3.63 -7.78
CA TYR A 58 2.85 3.05 -7.77
C TYR A 58 2.92 1.52 -7.82
N PHE A 59 2.35 0.87 -6.81
CA PHE A 59 2.35 -0.59 -6.75
C PHE A 59 1.19 -1.09 -5.91
N THR A 60 0.40 -1.99 -6.49
CA THR A 60 -0.75 -2.55 -5.81
C THR A 60 -0.42 -3.90 -5.17
N ILE A 61 -1.21 -4.30 -4.18
CA ILE A 61 -0.99 -5.57 -3.50
C ILE A 61 -2.30 -6.34 -3.35
N ASN A 62 -2.29 -7.60 -3.79
CA ASN A 62 -3.46 -8.44 -3.70
C ASN A 62 -3.33 -9.46 -2.56
N MET A 63 -4.27 -9.39 -1.61
CA MET A 63 -4.24 -10.31 -0.48
C MET A 63 -5.56 -11.07 -0.37
N ASN A 64 -5.48 -12.40 -0.38
CA ASN A 64 -6.67 -13.24 -0.29
C ASN A 64 -7.06 -13.47 1.16
N LEU A 65 -8.23 -12.96 1.54
CA LEU A 65 -8.72 -13.10 2.90
C LEU A 65 -10.23 -13.30 2.92
N ASP A 66 -10.75 -13.80 4.03
CA ASP A 66 -12.18 -14.04 4.17
C ASP A 66 -12.89 -12.78 4.63
N VAL A 67 -14.16 -12.65 4.25
CA VAL A 67 -14.97 -11.48 4.61
C VAL A 67 -16.20 -11.90 5.40
N SER A 68 -16.89 -12.93 4.93
CA SER A 68 -18.09 -13.42 5.58
C SER A 68 -18.59 -14.71 4.92
N ASP A 69 -19.57 -15.34 5.54
CA ASP A 69 -20.14 -16.58 5.02
C ASP A 69 -19.03 -17.58 4.68
N GLU A 70 -18.00 -17.61 5.50
CA GLU A 70 -16.88 -18.53 5.28
C GLU A 70 -16.38 -18.44 3.84
N LYS A 71 -16.52 -17.27 3.24
CA LYS A 71 -16.09 -17.05 1.86
C LYS A 71 -14.75 -16.33 1.82
N MET A 72 -14.15 -16.27 0.63
CA MET A 72 -12.87 -15.61 0.45
C MET A 72 -12.92 -14.60 -0.70
N ALA A 73 -12.08 -13.58 -0.63
CA ALA A 73 -12.04 -12.55 -1.66
C ALA A 73 -10.69 -11.84 -1.68
N MET A 74 -10.35 -11.27 -2.83
CA MET A 74 -9.07 -10.56 -2.96
C MET A 74 -9.22 -9.11 -2.55
N PHE A 75 -8.13 -8.54 -2.03
CA PHE A 75 -8.14 -7.15 -1.59
C PHE A 75 -6.94 -6.39 -2.16
N SER A 76 -7.23 -5.52 -3.14
CA SER A 76 -6.18 -4.74 -3.78
C SER A 76 -5.83 -3.51 -2.96
N LEU A 77 -4.55 -3.32 -2.69
CA LEU A 77 -4.09 -2.18 -1.91
C LEU A 77 -3.07 -1.35 -2.69
N ALA A 78 -3.55 -0.30 -3.36
CA ALA A 78 -2.68 0.56 -4.14
C ALA A 78 -1.82 1.44 -3.24
N CYS A 79 -0.62 0.96 -2.93
CA CYS A 79 0.30 1.70 -2.08
C CYS A 79 1.24 2.57 -2.91
N ILE A 80 1.27 3.87 -2.60
CA ILE A 80 2.11 4.81 -3.32
C ILE A 80 3.00 5.59 -2.36
N LEU A 81 4.23 5.85 -2.78
CA LEU A 81 5.18 6.59 -1.97
C LEU A 81 5.51 7.94 -2.60
N PRO A 82 5.14 9.03 -1.91
CA PRO A 82 5.40 10.39 -2.39
C PRO A 82 6.87 10.75 -2.35
N PHE A 83 7.17 12.04 -2.54
CA PHE A 83 8.55 12.51 -2.53
C PHE A 83 8.86 13.21 -1.21
N LYS A 84 8.16 12.83 -0.15
CA LYS A 84 8.37 13.41 1.17
C LYS A 84 8.64 12.33 2.21
N TYR A 85 7.89 11.24 2.13
CA TYR A 85 8.06 10.13 3.07
C TYR A 85 9.49 10.05 3.57
N PRO A 86 9.65 9.73 4.86
CA PRO A 86 8.52 9.47 5.75
C PRO A 86 7.73 10.74 6.07
N ALA A 87 8.25 11.88 5.63
CA ALA A 87 7.58 13.16 5.86
C ALA A 87 6.07 12.99 5.87
N VAL A 88 5.49 12.85 4.68
CA VAL A 88 4.05 12.69 4.55
C VAL A 88 3.68 11.23 4.35
N LEU A 89 2.77 10.73 5.19
CA LEU A 89 2.33 9.34 5.10
C LEU A 89 2.11 8.93 3.65
N PRO A 90 2.09 7.60 3.40
CA PRO A 90 1.88 7.06 2.06
C PRO A 90 0.46 7.26 1.56
N GLU A 91 0.23 7.00 0.28
CA GLU A 91 -1.08 7.16 -0.33
C GLU A 91 -1.69 5.80 -0.68
N ILE A 92 -1.97 5.01 0.33
CA ILE A 92 -2.56 3.68 0.12
C ILE A 92 -4.05 3.78 -0.16
N THR A 93 -4.49 3.19 -1.26
CA THR A 93 -5.89 3.20 -1.64
C THR A 93 -6.44 1.79 -1.79
N VAL A 94 -7.24 1.37 -0.82
CA VAL A 94 -7.83 0.04 -0.85
C VAL A 94 -9.02 -0.03 -1.80
N ARG A 95 -9.12 -1.12 -2.54
CA ARG A 95 -10.20 -1.30 -3.49
C ARG A 95 -10.72 -2.74 -3.47
N SER A 96 -12.00 -2.91 -3.76
CA SER A 96 -12.61 -4.23 -3.77
C SER A 96 -14.03 -4.16 -4.31
N VAL A 97 -14.42 -5.20 -5.08
CA VAL A 97 -15.74 -5.26 -5.66
C VAL A 97 -16.82 -5.41 -4.59
N LEU A 98 -16.48 -6.13 -3.52
CA LEU A 98 -17.41 -6.35 -2.42
C LEU A 98 -17.81 -5.03 -1.76
N LEU A 99 -16.81 -4.23 -1.39
CA LEU A 99 -17.06 -2.94 -0.76
C LEU A 99 -17.96 -2.07 -1.64
N SER A 100 -18.34 -0.91 -1.12
CA SER A 100 -19.20 0.01 -1.85
C SER A 100 -18.58 1.41 -1.90
N ARG A 101 -19.06 2.22 -2.84
CA ARG A 101 -18.55 3.58 -3.00
C ARG A 101 -18.40 4.26 -1.64
N SER A 102 -19.36 4.05 -0.76
CA SER A 102 -19.34 4.64 0.57
C SER A 102 -18.34 3.91 1.47
N GLN A 103 -18.67 2.68 1.83
CA GLN A 103 -17.82 1.87 2.69
C GLN A 103 -16.35 2.05 2.30
N GLN A 104 -16.01 1.64 1.08
CA GLN A 104 -14.64 1.74 0.60
C GLN A 104 -13.97 3.01 1.11
N THR A 105 -14.50 4.16 0.69
CA THR A 105 -13.96 5.44 1.10
C THR A 105 -13.60 5.44 2.59
N GLN A 106 -14.61 5.26 3.43
CA GLN A 106 -14.40 5.25 4.87
C GLN A 106 -13.19 4.38 5.23
N LEU A 107 -13.07 3.23 4.58
CA LEU A 107 -11.97 2.31 4.83
C LEU A 107 -10.64 2.95 4.45
N ASN A 108 -10.62 3.63 3.30
CA ASN A 108 -9.41 4.28 2.82
C ASN A 108 -8.89 5.28 3.85
N THR A 109 -9.78 6.17 4.30
CA THR A 109 -9.41 7.18 5.29
C THR A 109 -8.81 6.54 6.53
N ASP A 110 -9.60 5.71 7.21
CA ASP A 110 -9.14 5.04 8.42
C ASP A 110 -7.76 4.42 8.20
N LEU A 111 -7.65 3.53 7.23
CA LEU A 111 -6.39 2.86 6.93
C LEU A 111 -5.21 3.80 7.16
N THR A 112 -5.21 4.93 6.47
CA THR A 112 -4.14 5.92 6.61
C THR A 112 -3.98 6.34 8.06
N ALA A 113 -5.07 6.80 8.66
CA ALA A 113 -5.06 7.25 10.05
C ALA A 113 -4.16 6.35 10.91
N PHE A 114 -4.43 5.05 10.86
CA PHE A 114 -3.64 4.08 11.62
C PHE A 114 -2.16 4.43 11.58
N LEU A 115 -1.58 4.42 10.39
CA LEU A 115 -0.17 4.74 10.22
C LEU A 115 0.14 6.16 10.69
N GLN A 116 -0.60 7.13 10.14
CA GLN A 116 -0.41 8.52 10.50
C GLN A 116 -0.07 8.67 11.98
N LYS A 117 -0.72 7.86 12.82
CA LYS A 117 -0.48 7.89 14.26
C LYS A 117 0.55 6.84 14.66
N HIS A 118 0.19 5.57 14.47
CA HIS A 118 1.09 4.47 14.82
C HIS A 118 2.45 4.65 14.15
N CYS A 119 2.45 4.70 12.82
CA CYS A 119 3.69 4.86 12.06
C CYS A 119 3.80 6.28 11.52
N HIS A 120 4.53 7.13 12.25
CA HIS A 120 4.72 8.52 11.84
C HIS A 120 6.20 8.89 11.86
N GLY A 121 6.65 9.57 10.81
CA GLY A 121 8.04 9.98 10.73
C GLY A 121 8.94 8.85 10.26
N ASP A 122 8.39 7.65 10.17
CA ASP A 122 9.15 6.48 9.73
C ASP A 122 8.54 5.87 8.49
N VAL A 123 9.19 4.85 7.94
CA VAL A 123 8.71 4.18 6.75
C VAL A 123 8.31 2.73 7.06
N CYS A 124 7.01 2.44 6.91
CA CYS A 124 6.50 1.11 7.18
C CYS A 124 5.20 0.86 6.42
N ILE A 125 5.27 0.05 5.37
CA ILE A 125 4.10 -0.26 4.56
C ILE A 125 3.37 -1.50 5.10
N LEU A 126 4.14 -2.51 5.49
CA LEU A 126 3.58 -3.74 6.02
C LEU A 126 2.53 -3.44 7.08
N ASN A 127 2.84 -2.50 7.96
CA ASN A 127 1.91 -2.12 9.03
C ASN A 127 0.49 -1.95 8.49
N ALA A 128 0.39 -1.39 7.29
CA ALA A 128 -0.90 -1.17 6.65
C ALA A 128 -1.57 -2.49 6.30
N THR A 129 -0.90 -3.28 5.46
CA THR A 129 -1.43 -4.57 5.04
C THR A 129 -1.85 -5.42 6.24
N GLU A 130 -1.20 -5.18 7.37
CA GLU A 130 -1.49 -5.92 8.59
C GLU A 130 -2.72 -5.34 9.29
N TRP A 131 -3.00 -4.07 9.04
CA TRP A 131 -4.15 -3.41 9.65
C TRP A 131 -5.38 -3.52 8.75
N VAL A 132 -5.15 -3.78 7.47
CA VAL A 132 -6.24 -3.92 6.51
C VAL A 132 -6.81 -5.34 6.52
N ARG A 133 -5.94 -6.32 6.28
CA ARG A 133 -6.37 -7.71 6.26
C ARG A 133 -7.45 -7.97 7.30
N GLU A 134 -7.37 -7.25 8.42
CA GLU A 134 -8.34 -7.40 9.49
C GLU A 134 -9.50 -6.42 9.33
N HIS A 135 -9.20 -5.13 9.49
CA HIS A 135 -10.22 -4.09 9.36
C HIS A 135 -11.10 -4.35 8.15
N ALA A 136 -10.49 -4.55 6.99
CA ALA A 136 -11.23 -4.81 5.76
C ALA A 136 -12.47 -5.64 6.04
N SER A 137 -12.27 -6.90 6.42
CA SER A 137 -13.38 -7.80 6.72
C SER A 137 -14.54 -7.04 7.34
N GLY A 138 -14.23 -6.09 8.21
CA GLY A 138 -15.25 -5.30 8.87
C GLY A 138 -15.98 -4.39 7.90
N TYR A 139 -15.24 -3.53 7.21
CA TYR A 139 -15.83 -2.61 6.25
C TYR A 139 -16.73 -3.34 5.27
N VAL A 140 -16.51 -4.64 5.14
CA VAL A 140 -17.29 -5.46 4.22
C VAL A 140 -18.41 -6.20 4.96
N SER A 141 -19.38 -6.70 4.20
CA SER A 141 -20.50 -7.44 4.79
C SER A 141 -21.31 -6.52 5.70
N ARG A 142 -21.64 -5.33 5.22
CA ARG A 142 -22.40 -4.37 6.00
C ARG A 142 -21.94 -4.35 7.45
N ASP A 143 -20.63 -4.37 7.65
CA ASP A 143 -20.05 -4.35 8.99
C ASP A 143 -20.91 -5.16 9.96
N THR A 144 -21.30 -6.36 9.54
CA THR A 144 -22.13 -7.22 10.37
C THR A 144 -21.67 -8.68 10.26
N SER A 145 -21.43 -9.31 11.41
CA SER A 145 -21.00 -10.70 11.44
C SER A 145 -22.18 -11.64 11.65
N SER A 146 -22.18 -12.75 10.93
CA SER A 146 -23.26 -13.73 11.04
C SER A 146 -23.29 -14.36 12.42
N SER A 147 -24.47 -14.44 13.01
CA SER A 147 -24.63 -15.02 14.34
C SER A 147 -25.19 -16.44 14.25
N GLY A 148 -25.18 -17.15 15.38
CA GLY A 148 -25.68 -18.50 15.41
C GLY A 148 -24.56 -19.54 15.44
N PRO A 149 -24.77 -20.67 14.75
CA PRO A 149 -23.78 -21.74 14.69
C PRO A 149 -22.54 -21.36 13.89
N SER A 150 -21.51 -20.89 14.58
CA SER A 150 -20.26 -20.48 13.93
C SER A 150 -19.38 -21.69 13.66
N SER A 151 -19.24 -22.55 14.66
CA SER A 151 -18.42 -23.74 14.53
C SER A 151 -18.80 -24.54 13.29
N GLY A 152 -20.09 -24.85 13.16
CA GLY A 152 -20.56 -25.60 12.02
C GLY A 152 -20.35 -27.10 12.17
N GLY A 1 25.94 19.31 -7.15
CA GLY A 1 25.16 18.84 -6.02
C GLY A 1 25.56 19.51 -4.72
N SER A 2 24.71 19.38 -3.70
CA SER A 2 24.99 19.97 -2.40
C SER A 2 25.88 19.06 -1.56
N SER A 3 27.06 19.56 -1.22
CA SER A 3 28.01 18.78 -0.42
C SER A 3 27.40 18.41 0.93
N GLY A 4 27.07 17.14 1.09
CA GLY A 4 26.48 16.67 2.33
C GLY A 4 25.27 15.78 2.11
N SER A 5 24.18 16.39 1.64
CA SER A 5 22.94 15.65 1.39
C SER A 5 23.21 14.46 0.46
N SER A 6 23.44 13.30 1.07
CA SER A 6 23.72 12.08 0.30
C SER A 6 22.45 11.60 -0.41
N GLY A 7 21.40 11.34 0.38
CA GLY A 7 20.15 10.87 -0.19
C GLY A 7 19.55 9.73 0.62
N GLU A 8 19.39 9.95 1.92
CA GLU A 8 18.81 8.93 2.80
C GLU A 8 17.36 8.63 2.41
N GLN A 9 16.59 9.69 2.19
CA GLN A 9 15.18 9.54 1.82
C GLN A 9 15.00 8.38 0.85
N ALA A 10 15.70 8.45 -0.28
CA ALA A 10 15.61 7.41 -1.29
C ALA A 10 15.79 6.03 -0.68
N GLU A 11 16.89 5.86 0.07
CA GLU A 11 17.18 4.59 0.71
C GLU A 11 16.06 4.18 1.66
N ALA A 12 15.45 5.17 2.31
CA ALA A 12 14.37 4.93 3.25
C ALA A 12 13.17 4.27 2.55
N GLN A 13 12.75 4.87 1.45
CA GLN A 13 11.62 4.34 0.69
C GLN A 13 12.01 3.05 -0.04
N LEU A 14 13.20 3.04 -0.61
CA LEU A 14 13.68 1.88 -1.35
C LEU A 14 13.69 0.64 -0.46
N ALA A 15 14.51 0.67 0.58
CA ALA A 15 14.61 -0.45 1.52
C ALA A 15 13.25 -1.12 1.72
N GLU A 16 12.26 -0.33 2.12
CA GLU A 16 10.92 -0.84 2.35
C GLU A 16 10.44 -1.65 1.15
N LEU A 17 10.67 -1.12 -0.05
CA LEU A 17 10.26 -1.80 -1.28
C LEU A 17 10.90 -3.18 -1.38
N ASP A 18 12.21 -3.20 -1.60
CA ASP A 18 12.96 -4.45 -1.71
C ASP A 18 12.50 -5.45 -0.65
N LEU A 19 12.32 -4.97 0.57
CA LEU A 19 11.88 -5.82 1.67
C LEU A 19 10.54 -6.47 1.37
N LEU A 20 9.55 -5.65 1.04
CA LEU A 20 8.21 -6.15 0.73
C LEU A 20 8.29 -7.26 -0.32
N ALA A 21 8.91 -6.96 -1.46
CA ALA A 21 9.06 -7.93 -2.54
C ALA A 21 9.34 -9.32 -1.98
N SER A 22 10.27 -9.40 -1.03
CA SER A 22 10.64 -10.67 -0.42
C SER A 22 9.59 -11.11 0.59
N MET A 23 9.05 -10.16 1.34
CA MET A 23 8.03 -10.45 2.34
C MET A 23 6.93 -11.33 1.76
N PHE A 24 6.57 -11.07 0.51
CA PHE A 24 5.53 -11.84 -0.16
C PHE A 24 6.12 -12.75 -1.23
N PRO A 25 6.63 -13.91 -0.81
CA PRO A 25 7.25 -14.89 -1.71
C PRO A 25 6.23 -15.56 -2.62
N GLY A 26 4.96 -15.51 -2.22
CA GLY A 26 3.90 -16.11 -3.01
C GLY A 26 3.82 -15.53 -4.41
N GLU A 27 3.34 -16.33 -5.35
CA GLU A 27 3.21 -15.89 -6.74
C GLU A 27 1.92 -15.08 -6.92
N ASN A 28 1.99 -14.07 -7.80
CA ASN A 28 0.84 -13.23 -8.07
C ASN A 28 0.26 -12.66 -6.79
N GLU A 29 1.11 -12.04 -5.98
CA GLU A 29 0.67 -11.46 -4.71
C GLU A 29 0.85 -9.94 -4.72
N LEU A 30 1.95 -9.49 -5.30
CA LEU A 30 2.24 -8.07 -5.38
C LEU A 30 2.70 -7.67 -6.78
N ILE A 31 2.14 -6.58 -7.30
CA ILE A 31 2.49 -6.10 -8.62
C ILE A 31 2.82 -4.60 -8.60
N VAL A 32 3.97 -4.25 -9.17
CA VAL A 32 4.39 -2.85 -9.22
C VAL A 32 4.22 -2.27 -10.61
N ASN A 33 3.13 -1.54 -10.81
CA ASN A 33 2.84 -0.91 -12.10
C ASN A 33 4.03 -0.11 -12.59
N ASP A 34 4.48 0.84 -11.77
CA ASP A 34 5.62 1.68 -12.13
C ASP A 34 6.92 1.07 -11.64
N GLN A 35 7.41 0.06 -12.37
CA GLN A 35 8.65 -0.61 -12.02
C GLN A 35 9.84 0.31 -12.21
N LEU A 36 9.83 1.05 -13.31
CA LEU A 36 10.93 1.99 -13.60
C LEU A 36 11.20 2.90 -12.43
N ALA A 37 10.12 3.42 -11.82
CA ALA A 37 10.25 4.31 -10.68
C ALA A 37 11.32 3.81 -9.71
N VAL A 38 11.37 2.50 -9.51
CA VAL A 38 12.34 1.90 -8.62
C VAL A 38 13.75 1.94 -9.22
N ALA A 39 13.90 1.35 -10.39
CA ALA A 39 15.18 1.32 -11.07
C ALA A 39 15.85 2.69 -11.04
N GLU A 40 15.12 3.71 -11.49
CA GLU A 40 15.65 5.08 -11.51
C GLU A 40 15.99 5.55 -10.10
N LEU A 41 15.13 5.21 -9.15
CA LEU A 41 15.36 5.61 -7.76
C LEU A 41 16.67 5.05 -7.23
N LYS A 42 16.87 3.75 -7.39
CA LYS A 42 18.09 3.09 -6.95
C LYS A 42 19.33 3.86 -7.42
N ASP A 43 19.33 4.22 -8.70
CA ASP A 43 20.45 4.95 -9.27
C ASP A 43 20.72 6.24 -8.49
N CYS A 44 19.71 7.10 -8.40
CA CYS A 44 19.84 8.36 -7.68
C CYS A 44 20.73 8.20 -6.46
N ILE A 45 20.38 7.24 -5.59
CA ILE A 45 21.16 6.99 -4.38
C ILE A 45 22.65 6.94 -4.69
N GLU A 46 23.05 6.01 -5.55
CA GLU A 46 24.45 5.86 -5.93
C GLU A 46 24.99 7.16 -6.54
N LYS A 47 24.21 7.76 -7.43
CA LYS A 47 24.60 8.99 -8.09
C LYS A 47 24.68 10.14 -7.08
N LYS A 48 24.17 9.90 -5.88
CA LYS A 48 24.18 10.91 -4.82
C LYS A 48 23.46 12.17 -5.27
N THR A 49 22.31 12.00 -5.91
CA THR A 49 21.52 13.13 -6.40
C THR A 49 20.05 12.75 -6.53
N MET A 50 19.19 13.52 -5.86
CA MET A 50 17.76 13.28 -5.90
C MET A 50 17.13 13.89 -7.14
N GLU A 51 17.73 13.63 -8.30
CA GLU A 51 17.23 14.17 -9.56
C GLU A 51 17.16 13.08 -10.63
N GLY A 52 15.96 12.83 -11.14
CA GLY A 52 15.79 11.81 -12.17
C GLY A 52 14.49 11.05 -12.01
N ARG A 53 14.18 10.67 -10.77
CA ARG A 53 12.95 9.92 -10.49
C ARG A 53 11.82 10.37 -11.40
N SER A 54 11.38 11.61 -11.23
CA SER A 54 10.30 12.15 -12.04
C SER A 54 9.15 11.15 -12.16
N SER A 55 9.05 10.25 -11.19
CA SER A 55 8.01 9.24 -11.19
C SER A 55 7.73 8.73 -9.77
N LYS A 56 6.45 8.70 -9.40
CA LYS A 56 6.05 8.25 -8.08
C LYS A 56 6.01 6.73 -8.02
N VAL A 57 6.46 6.17 -6.90
CA VAL A 57 6.46 4.72 -6.72
C VAL A 57 5.06 4.17 -6.57
N TYR A 58 4.49 3.69 -7.67
CA TYR A 58 3.14 3.14 -7.67
C TYR A 58 3.17 1.62 -7.77
N PHE A 59 2.72 0.96 -6.71
CA PHE A 59 2.70 -0.50 -6.67
C PHE A 59 1.42 -1.01 -6.01
N THR A 60 0.74 -1.94 -6.67
CA THR A 60 -0.50 -2.51 -6.14
C THR A 60 -0.25 -3.86 -5.50
N ILE A 61 -0.60 -3.97 -4.21
CA ILE A 61 -0.41 -5.21 -3.47
C ILE A 61 -1.71 -6.00 -3.40
N ASN A 62 -1.65 -7.26 -3.83
CA ASN A 62 -2.83 -8.12 -3.80
C ASN A 62 -2.81 -9.03 -2.58
N MET A 63 -3.85 -8.94 -1.77
CA MET A 63 -3.96 -9.75 -0.56
C MET A 63 -5.30 -10.49 -0.52
N ASN A 64 -5.25 -11.81 -0.69
CA ASN A 64 -6.46 -12.62 -0.68
C ASN A 64 -6.85 -12.99 0.76
N LEU A 65 -8.00 -12.49 1.20
CA LEU A 65 -8.48 -12.77 2.54
C LEU A 65 -9.99 -12.98 2.55
N ASP A 66 -10.49 -13.59 3.62
CA ASP A 66 -11.92 -13.84 3.74
C ASP A 66 -12.66 -12.58 4.16
N VAL A 67 -13.94 -12.49 3.78
CA VAL A 67 -14.76 -11.34 4.10
C VAL A 67 -16.03 -11.76 4.85
N SER A 68 -16.64 -12.86 4.39
CA SER A 68 -17.85 -13.35 5.01
C SER A 68 -18.28 -14.67 4.37
N ASP A 69 -19.38 -15.24 4.85
CA ASP A 69 -19.90 -16.49 4.33
C ASP A 69 -18.76 -17.40 3.88
N GLU A 70 -17.82 -17.66 4.79
CA GLU A 70 -16.68 -18.51 4.48
C GLU A 70 -16.24 -18.34 3.03
N LYS A 71 -16.08 -17.08 2.61
CA LYS A 71 -15.67 -16.77 1.25
C LYS A 71 -14.34 -16.04 1.24
N MET A 72 -13.80 -15.80 0.04
CA MET A 72 -12.53 -15.08 -0.10
C MET A 72 -12.64 -14.00 -1.16
N ALA A 73 -11.81 -12.96 -1.02
CA ALA A 73 -11.81 -11.86 -1.98
C ALA A 73 -10.45 -11.18 -2.03
N MET A 74 -10.14 -10.55 -3.16
CA MET A 74 -8.87 -9.86 -3.32
C MET A 74 -8.95 -8.43 -2.81
N PHE A 75 -7.82 -7.90 -2.35
CA PHE A 75 -7.77 -6.54 -1.83
C PHE A 75 -6.59 -5.77 -2.43
N SER A 76 -6.89 -4.94 -3.43
CA SER A 76 -5.86 -4.16 -4.09
C SER A 76 -5.55 -2.88 -3.30
N LEU A 77 -4.30 -2.78 -2.83
CA LEU A 77 -3.89 -1.62 -2.05
C LEU A 77 -2.92 -0.75 -2.86
N ALA A 78 -3.47 0.27 -3.51
CA ALA A 78 -2.66 1.18 -4.32
C ALA A 78 -1.82 2.08 -3.44
N CYS A 79 -0.55 1.73 -3.27
CA CYS A 79 0.37 2.51 -2.44
C CYS A 79 1.26 3.39 -3.31
N ILE A 80 1.33 4.67 -2.95
CA ILE A 80 2.15 5.62 -3.69
C ILE A 80 3.11 6.37 -2.77
N LEU A 81 4.41 6.21 -3.01
CA LEU A 81 5.42 6.88 -2.21
C LEU A 81 5.87 8.18 -2.86
N PRO A 82 5.46 9.31 -2.27
CA PRO A 82 5.80 10.64 -2.77
C PRO A 82 7.28 10.97 -2.58
N PHE A 83 7.67 12.18 -2.95
CA PHE A 83 9.05 12.62 -2.81
C PHE A 83 9.29 13.28 -1.45
N LYS A 84 8.48 12.89 -0.47
CA LYS A 84 8.59 13.45 0.88
C LYS A 84 8.88 12.34 1.89
N TYR A 85 8.09 11.28 1.84
CA TYR A 85 8.26 10.16 2.76
C TYR A 85 9.71 10.03 3.20
N PRO A 86 9.92 9.67 4.48
CA PRO A 86 8.82 9.43 5.42
C PRO A 86 8.05 10.70 5.78
N ALA A 87 8.53 11.83 5.25
CA ALA A 87 7.90 13.12 5.53
C ALA A 87 6.38 12.99 5.52
N VAL A 88 5.81 12.84 4.33
CA VAL A 88 4.36 12.71 4.20
C VAL A 88 3.96 11.26 3.92
N LEU A 89 3.03 10.75 4.73
CA LEU A 89 2.57 9.37 4.58
C LEU A 89 2.18 9.09 3.12
N PRO A 90 2.23 7.81 2.74
CA PRO A 90 1.90 7.37 1.39
C PRO A 90 0.41 7.51 1.09
N GLU A 91 0.04 7.35 -0.18
CA GLU A 91 -1.35 7.46 -0.59
C GLU A 91 -1.94 6.07 -0.85
N ILE A 92 -2.06 5.28 0.21
CA ILE A 92 -2.61 3.93 0.10
C ILE A 92 -4.11 3.98 -0.17
N THR A 93 -4.51 3.59 -1.38
CA THR A 93 -5.91 3.58 -1.76
C THR A 93 -6.43 2.16 -1.94
N VAL A 94 -7.17 1.67 -0.95
CA VAL A 94 -7.73 0.33 -1.00
C VAL A 94 -8.88 0.25 -1.99
N ARG A 95 -8.89 -0.81 -2.81
CA ARG A 95 -9.95 -1.00 -3.80
C ARG A 95 -10.34 -2.48 -3.88
N SER A 96 -11.62 -2.73 -4.15
CA SER A 96 -12.12 -4.09 -4.26
C SER A 96 -13.58 -4.09 -4.72
N VAL A 97 -13.88 -4.90 -5.72
CA VAL A 97 -15.24 -5.01 -6.25
C VAL A 97 -16.27 -4.91 -5.13
N LEU A 98 -15.91 -5.40 -3.95
CA LEU A 98 -16.80 -5.37 -2.80
C LEU A 98 -17.04 -3.94 -2.34
N LEU A 99 -15.97 -3.23 -2.02
CA LEU A 99 -16.07 -1.84 -1.58
C LEU A 99 -16.38 -0.91 -2.75
N SER A 100 -17.44 -0.12 -2.60
CA SER A 100 -17.85 0.81 -3.64
C SER A 100 -17.61 2.25 -3.21
N ARG A 101 -18.48 2.75 -2.33
CA ARG A 101 -18.37 4.10 -1.82
C ARG A 101 -18.32 4.13 -0.30
N SER A 102 -19.47 3.91 0.33
CA SER A 102 -19.56 3.89 1.78
C SER A 102 -18.52 2.95 2.39
N GLN A 103 -18.65 1.66 2.08
CA GLN A 103 -17.73 0.66 2.59
C GLN A 103 -16.28 1.09 2.37
N GLN A 104 -15.93 1.37 1.12
CA GLN A 104 -14.58 1.79 0.78
C GLN A 104 -14.16 3.01 1.59
N THR A 105 -14.80 4.14 1.31
CA THR A 105 -14.51 5.38 2.01
C THR A 105 -14.33 5.14 3.50
N GLN A 106 -15.28 4.41 4.10
CA GLN A 106 -15.22 4.11 5.53
C GLN A 106 -13.92 3.39 5.88
N LEU A 107 -13.47 2.52 4.97
CA LEU A 107 -12.24 1.76 5.19
C LEU A 107 -11.01 2.66 5.04
N ASN A 108 -10.91 3.32 3.89
CA ASN A 108 -9.79 4.21 3.62
C ASN A 108 -9.65 5.25 4.72
N THR A 109 -10.76 5.88 5.09
CA THR A 109 -10.77 6.90 6.13
C THR A 109 -9.99 6.44 7.36
N ASP A 110 -10.18 5.19 7.73
CA ASP A 110 -9.50 4.62 8.89
C ASP A 110 -8.07 4.20 8.52
N LEU A 111 -7.96 3.37 7.49
CA LEU A 111 -6.67 2.88 7.03
C LEU A 111 -5.58 3.94 7.23
N THR A 112 -5.84 5.15 6.74
CA THR A 112 -4.90 6.25 6.86
C THR A 112 -4.74 6.68 8.31
N ALA A 113 -5.87 6.97 8.96
CA ALA A 113 -5.86 7.39 10.36
C ALA A 113 -4.97 6.48 11.20
N PHE A 114 -5.18 5.18 11.08
CA PHE A 114 -4.40 4.20 11.82
C PHE A 114 -2.92 4.59 11.85
N LEU A 115 -2.32 4.70 10.67
CA LEU A 115 -0.92 5.05 10.55
C LEU A 115 -0.67 6.47 11.09
N GLN A 116 -1.41 7.43 10.55
CA GLN A 116 -1.27 8.82 10.99
C GLN A 116 -0.96 8.90 12.47
N LYS A 117 -1.72 8.17 13.27
CA LYS A 117 -1.52 8.16 14.72
C LYS A 117 -0.41 7.20 15.11
N HIS A 118 -0.64 5.91 14.86
CA HIS A 118 0.35 4.88 15.17
C HIS A 118 1.75 5.33 14.77
N CYS A 119 1.94 5.56 13.48
CA CYS A 119 3.24 5.99 12.96
C CYS A 119 3.11 7.31 12.21
N HIS A 120 3.83 8.33 12.67
CA HIS A 120 3.79 9.64 12.04
C HIS A 120 5.20 10.19 11.86
N GLY A 121 5.86 9.77 10.78
CA GLY A 121 7.21 10.23 10.51
C GLY A 121 8.19 9.08 10.34
N ASP A 122 7.78 8.06 9.61
CA ASP A 122 8.62 6.90 9.37
C ASP A 122 8.17 6.13 8.14
N VAL A 123 8.88 5.06 7.81
CA VAL A 123 8.55 4.23 6.66
C VAL A 123 8.02 2.88 7.09
N CYS A 124 6.70 2.78 7.24
CA CYS A 124 6.06 1.53 7.65
C CYS A 124 4.84 1.25 6.80
N ILE A 125 5.05 0.54 5.69
CA ILE A 125 3.95 0.19 4.79
C ILE A 125 3.20 -1.05 5.28
N LEU A 126 3.94 -2.09 5.60
CA LEU A 126 3.35 -3.33 6.09
C LEU A 126 2.31 -3.05 7.18
N ASN A 127 2.69 -2.22 8.14
CA ASN A 127 1.80 -1.86 9.23
C ASN A 127 0.37 -1.66 8.73
N ALA A 128 0.24 -1.06 7.55
CA ALA A 128 -1.06 -0.82 6.96
C ALA A 128 -1.73 -2.12 6.53
N THR A 129 -1.02 -2.91 5.72
CA THR A 129 -1.55 -4.17 5.24
C THR A 129 -2.01 -5.05 6.39
N GLU A 130 -1.39 -4.87 7.56
CA GLU A 130 -1.74 -5.65 8.74
C GLU A 130 -3.01 -5.12 9.38
N TRP A 131 -3.34 -3.87 9.08
CA TRP A 131 -4.54 -3.24 9.63
C TRP A 131 -5.74 -3.44 8.69
N VAL A 132 -5.46 -3.57 7.40
CA VAL A 132 -6.51 -3.76 6.41
C VAL A 132 -6.97 -5.21 6.38
N ARG A 133 -6.02 -6.14 6.28
CA ARG A 133 -6.32 -7.56 6.24
C ARG A 133 -7.37 -7.92 7.29
N GLU A 134 -7.38 -7.17 8.39
CA GLU A 134 -8.31 -7.40 9.48
C GLU A 134 -9.57 -6.55 9.32
N HIS A 135 -9.40 -5.23 9.47
CA HIS A 135 -10.50 -4.30 9.34
C HIS A 135 -11.34 -4.62 8.10
N ALA A 136 -10.67 -4.80 6.97
CA ALA A 136 -11.35 -5.11 5.72
C ALA A 136 -12.59 -5.95 5.96
N SER A 137 -12.38 -7.22 6.33
CA SER A 137 -13.48 -8.14 6.59
C SER A 137 -14.64 -7.41 7.27
N GLY A 138 -14.31 -6.53 8.20
CA GLY A 138 -15.34 -5.78 8.90
C GLY A 138 -16.22 -4.98 7.97
N TYR A 139 -15.62 -4.07 7.22
CA TYR A 139 -16.36 -3.24 6.28
C TYR A 139 -17.12 -4.10 5.27
N VAL A 140 -16.47 -5.15 4.79
CA VAL A 140 -17.07 -6.05 3.82
C VAL A 140 -17.95 -7.10 4.51
N SER A 141 -18.59 -6.70 5.61
CA SER A 141 -19.44 -7.60 6.37
C SER A 141 -20.82 -7.73 5.70
N ARG A 142 -21.13 -8.93 5.24
CA ARG A 142 -22.40 -9.20 4.58
C ARG A 142 -22.68 -10.69 4.48
N ASP A 143 -23.95 -11.05 4.45
CA ASP A 143 -24.34 -12.46 4.37
C ASP A 143 -24.76 -12.82 2.94
N THR A 144 -23.98 -12.33 1.96
CA THR A 144 -24.27 -12.60 0.56
C THR A 144 -24.24 -14.10 0.26
N SER A 145 -25.02 -14.52 -0.71
CA SER A 145 -25.08 -15.93 -1.09
C SER A 145 -25.62 -16.08 -2.52
N SER A 146 -25.34 -17.23 -3.13
CA SER A 146 -25.79 -17.51 -4.48
C SER A 146 -26.46 -18.88 -4.56
N SER A 147 -27.58 -18.94 -5.27
CA SER A 147 -28.33 -20.18 -5.42
C SER A 147 -29.47 -20.02 -6.42
N GLY A 148 -29.65 -21.03 -7.26
CA GLY A 148 -30.71 -20.98 -8.26
C GLY A 148 -30.27 -21.54 -9.60
N PRO A 149 -30.97 -21.13 -10.68
CA PRO A 149 -30.66 -21.58 -12.03
C PRO A 149 -29.35 -21.01 -12.55
N SER A 150 -28.66 -20.25 -11.70
CA SER A 150 -27.38 -19.65 -12.07
C SER A 150 -26.47 -20.67 -12.75
N SER A 151 -25.35 -20.20 -13.27
CA SER A 151 -24.39 -21.07 -13.94
C SER A 151 -23.62 -21.92 -12.94
N GLY A 152 -22.84 -22.87 -13.46
CA GLY A 152 -22.06 -23.74 -12.59
C GLY A 152 -22.91 -24.43 -11.54
N GLY A 1 35.31 8.97 8.72
CA GLY A 1 35.30 7.77 7.88
C GLY A 1 35.06 8.09 6.42
N SER A 2 35.57 7.22 5.54
CA SER A 2 35.40 7.40 4.10
C SER A 2 33.95 7.68 3.76
N SER A 3 33.05 6.88 4.32
CA SER A 3 31.62 7.05 4.06
C SER A 3 30.99 8.01 5.05
N GLY A 4 30.63 9.20 4.56
CA GLY A 4 30.03 10.21 5.41
C GLY A 4 28.51 10.23 5.29
N SER A 5 27.98 11.38 4.91
CA SER A 5 26.53 11.53 4.77
C SER A 5 26.17 12.03 3.37
N SER A 6 25.55 11.16 2.58
CA SER A 6 25.15 11.50 1.22
C SER A 6 23.63 11.66 1.12
N GLY A 7 22.90 10.66 1.61
CA GLY A 7 21.46 10.70 1.56
C GLY A 7 20.83 9.40 2.02
N GLU A 8 20.15 9.44 3.16
CA GLU A 8 19.50 8.26 3.70
C GLU A 8 18.01 8.24 3.35
N GLN A 9 17.42 9.42 3.24
CA GLN A 9 16.00 9.55 2.91
C GLN A 9 15.68 8.76 1.64
N ALA A 10 16.51 8.92 0.62
CA ALA A 10 16.30 8.22 -0.64
C ALA A 10 16.29 6.71 -0.45
N GLU A 11 17.26 6.21 0.32
CA GLU A 11 17.36 4.79 0.60
C GLU A 11 16.15 4.30 1.41
N ALA A 12 15.79 5.05 2.43
CA ALA A 12 14.66 4.69 3.27
C ALA A 12 13.54 4.06 2.46
N GLN A 13 12.99 4.83 1.53
CA GLN A 13 11.90 4.34 0.68
C GLN A 13 12.28 3.03 0.01
N LEU A 14 13.42 3.02 -0.67
CA LEU A 14 13.90 1.84 -1.35
C LEU A 14 13.87 0.63 -0.42
N ALA A 15 14.62 0.72 0.67
CA ALA A 15 14.68 -0.37 1.65
C ALA A 15 13.34 -1.07 1.76
N GLU A 16 12.30 -0.31 2.09
CA GLU A 16 10.97 -0.87 2.24
C GLU A 16 10.57 -1.68 1.01
N LEU A 17 10.50 -1.02 -0.14
CA LEU A 17 10.14 -1.68 -1.39
C LEU A 17 10.89 -3.00 -1.54
N ASP A 18 12.22 -2.92 -1.48
CA ASP A 18 13.06 -4.11 -1.61
C ASP A 18 12.60 -5.21 -0.66
N LEU A 19 12.27 -4.82 0.57
CA LEU A 19 11.83 -5.77 1.58
C LEU A 19 10.48 -6.36 1.20
N LEU A 20 9.48 -5.50 1.05
CA LEU A 20 8.13 -5.94 0.69
C LEU A 20 8.19 -7.11 -0.29
N ALA A 21 8.89 -6.91 -1.40
CA ALA A 21 9.03 -7.96 -2.41
C ALA A 21 9.38 -9.30 -1.78
N SER A 22 10.39 -9.27 -0.90
CA SER A 22 10.83 -10.49 -0.22
C SER A 22 9.79 -10.97 0.77
N MET A 23 9.16 -10.03 1.47
CA MET A 23 8.14 -10.35 2.45
C MET A 23 7.01 -11.17 1.82
N PHE A 24 6.61 -10.78 0.61
CA PHE A 24 5.54 -11.47 -0.10
C PHE A 24 6.10 -12.27 -1.26
N PRO A 25 6.75 -13.41 -0.93
CA PRO A 25 7.34 -14.30 -1.94
C PRO A 25 6.28 -15.02 -2.77
N GLY A 26 5.07 -15.11 -2.23
CA GLY A 26 3.99 -15.78 -2.94
C GLY A 26 3.75 -15.21 -4.31
N GLU A 27 3.02 -15.94 -5.14
CA GLU A 27 2.71 -15.49 -6.50
C GLU A 27 1.42 -14.67 -6.53
N ASN A 28 1.42 -13.63 -7.35
CA ASN A 28 0.24 -12.77 -7.48
C ASN A 28 -0.09 -12.11 -6.15
N GLU A 29 0.93 -11.54 -5.51
CA GLU A 29 0.73 -10.86 -4.23
C GLU A 29 1.06 -9.37 -4.33
N LEU A 30 2.09 -9.06 -5.09
CA LEU A 30 2.51 -7.68 -5.29
C LEU A 30 3.01 -7.45 -6.71
N ILE A 31 2.50 -6.40 -7.35
CA ILE A 31 2.90 -6.06 -8.71
C ILE A 31 3.24 -4.59 -8.83
N VAL A 32 4.49 -4.31 -9.17
CA VAL A 32 4.95 -2.93 -9.33
C VAL A 32 4.87 -2.49 -10.79
N ASN A 33 3.76 -1.83 -11.14
CA ASN A 33 3.55 -1.36 -12.50
C ASN A 33 4.57 -0.28 -12.85
N ASP A 34 4.69 0.73 -12.00
CA ASP A 34 5.62 1.83 -12.22
C ASP A 34 7.05 1.39 -11.92
N GLN A 35 7.55 0.44 -12.70
CA GLN A 35 8.90 -0.07 -12.51
C GLN A 35 9.94 1.01 -12.84
N LEU A 36 9.56 1.94 -13.71
CA LEU A 36 10.46 3.01 -14.11
C LEU A 36 10.78 3.92 -12.92
N ALA A 37 9.79 4.12 -12.05
CA ALA A 37 9.97 4.95 -10.87
C ALA A 37 11.06 4.40 -9.96
N VAL A 38 10.96 3.12 -9.65
CA VAL A 38 11.94 2.46 -8.79
C VAL A 38 13.34 2.53 -9.40
N ALA A 39 13.42 2.37 -10.71
CA ALA A 39 14.70 2.43 -11.41
C ALA A 39 15.42 3.74 -11.15
N GLU A 40 14.65 4.84 -11.16
CA GLU A 40 15.21 6.16 -10.92
C GLU A 40 15.77 6.28 -9.50
N LEU A 41 15.00 5.78 -8.54
CA LEU A 41 15.41 5.83 -7.14
C LEU A 41 16.72 5.07 -6.92
N LYS A 42 16.71 3.79 -7.26
CA LYS A 42 17.89 2.96 -7.12
C LYS A 42 19.12 3.63 -7.72
N ASP A 43 18.93 4.28 -8.86
CA ASP A 43 20.03 4.98 -9.54
C ASP A 43 20.45 6.21 -8.74
N CYS A 44 19.49 7.09 -8.46
CA CYS A 44 19.77 8.30 -7.70
C CYS A 44 20.81 8.05 -6.62
N ILE A 45 20.51 7.10 -5.74
CA ILE A 45 21.42 6.76 -4.65
C ILE A 45 22.83 6.49 -5.17
N GLU A 46 22.92 5.71 -6.24
CA GLU A 46 24.21 5.38 -6.84
C GLU A 46 24.91 6.64 -7.35
N LYS A 47 24.17 7.44 -8.11
CA LYS A 47 24.71 8.68 -8.66
C LYS A 47 25.07 9.67 -7.56
N LYS A 48 24.54 9.43 -6.36
CA LYS A 48 24.80 10.29 -5.22
C LYS A 48 24.35 11.72 -5.50
N THR A 49 23.18 11.86 -6.10
CA THR A 49 22.63 13.18 -6.42
C THR A 49 21.18 13.31 -5.95
N MET A 50 20.42 12.22 -6.08
CA MET A 50 19.03 12.22 -5.66
C MET A 50 18.40 13.59 -5.87
N GLU A 51 18.63 14.16 -7.04
CA GLU A 51 18.08 15.49 -7.37
C GLU A 51 16.58 15.51 -7.12
N GLY A 52 15.97 14.34 -7.04
CA GLY A 52 14.54 14.26 -6.79
C GLY A 52 13.81 13.50 -7.89
N ARG A 53 12.98 12.54 -7.50
CA ARG A 53 12.23 11.74 -8.46
C ARG A 53 10.90 12.41 -8.80
N SER A 54 10.49 12.29 -10.06
CA SER A 54 9.24 12.88 -10.52
C SER A 54 8.12 11.85 -10.54
N SER A 55 8.45 10.65 -11.00
CA SER A 55 7.48 9.56 -11.08
C SER A 55 7.35 8.84 -9.75
N LYS A 56 6.14 8.81 -9.20
CA LYS A 56 5.89 8.16 -7.93
C LYS A 56 5.93 6.64 -8.08
N VAL A 57 6.26 5.95 -6.99
CA VAL A 57 6.34 4.49 -7.00
C VAL A 57 4.96 3.87 -6.82
N TYR A 58 4.33 3.49 -7.92
CA TYR A 58 3.01 2.87 -7.87
C TYR A 58 3.11 1.35 -7.91
N PHE A 59 2.50 0.70 -6.94
CA PHE A 59 2.51 -0.76 -6.86
C PHE A 59 1.29 -1.28 -6.12
N THR A 60 0.63 -2.27 -6.71
CA THR A 60 -0.57 -2.87 -6.11
C THR A 60 -0.23 -4.16 -5.38
N ILE A 61 -1.00 -4.45 -4.33
CA ILE A 61 -0.77 -5.67 -3.55
C ILE A 61 -2.06 -6.47 -3.43
N ASN A 62 -2.04 -7.70 -3.94
CA ASN A 62 -3.20 -8.58 -3.89
C ASN A 62 -3.18 -9.44 -2.63
N MET A 63 -4.10 -9.15 -1.71
CA MET A 63 -4.19 -9.89 -0.46
C MET A 63 -5.45 -10.76 -0.43
N ASN A 64 -5.27 -12.06 -0.31
CA ASN A 64 -6.39 -12.99 -0.26
C ASN A 64 -6.88 -13.18 1.17
N LEU A 65 -8.15 -12.87 1.40
CA LEU A 65 -8.74 -13.01 2.73
C LEU A 65 -10.23 -13.36 2.62
N ASP A 66 -10.72 -14.13 3.60
CA ASP A 66 -12.11 -14.53 3.62
C ASP A 66 -13.01 -13.35 4.01
N VAL A 67 -14.22 -13.33 3.45
CA VAL A 67 -15.18 -12.26 3.73
C VAL A 67 -16.49 -12.82 4.28
N SER A 68 -17.01 -13.84 3.61
CA SER A 68 -18.25 -14.47 4.03
C SER A 68 -18.57 -15.67 3.16
N ASP A 69 -19.58 -16.44 3.57
CA ASP A 69 -20.00 -17.63 2.83
C ASP A 69 -18.79 -18.52 2.54
N GLU A 70 -18.04 -18.86 3.58
CA GLU A 70 -16.86 -19.70 3.44
C GLU A 70 -16.11 -19.39 2.14
N LYS A 71 -16.23 -18.14 1.70
CA LYS A 71 -15.57 -17.70 0.47
C LYS A 71 -14.52 -16.64 0.77
N MET A 72 -13.79 -16.23 -0.26
CA MET A 72 -12.76 -15.20 -0.11
C MET A 72 -12.69 -14.32 -1.34
N ALA A 73 -12.03 -13.16 -1.21
CA ALA A 73 -11.89 -12.23 -2.32
C ALA A 73 -10.53 -11.57 -2.30
N MET A 74 -10.17 -10.92 -3.41
CA MET A 74 -8.88 -10.25 -3.53
C MET A 74 -9.02 -8.76 -3.21
N PHE A 75 -8.07 -8.23 -2.46
CA PHE A 75 -8.08 -6.81 -2.09
C PHE A 75 -6.87 -6.09 -2.66
N SER A 76 -7.12 -5.11 -3.53
CA SER A 76 -6.05 -4.34 -4.15
C SER A 76 -5.69 -3.12 -3.30
N LEU A 77 -4.42 -2.99 -2.98
CA LEU A 77 -3.93 -1.88 -2.17
C LEU A 77 -2.94 -1.02 -2.95
N ALA A 78 -3.44 0.02 -3.59
CA ALA A 78 -2.59 0.92 -4.37
C ALA A 78 -1.71 1.78 -3.45
N CYS A 79 -0.49 1.31 -3.21
CA CYS A 79 0.44 2.04 -2.35
C CYS A 79 1.38 2.90 -3.19
N ILE A 80 1.27 4.21 -3.01
CA ILE A 80 2.12 5.16 -3.75
C ILE A 80 2.98 5.98 -2.79
N LEU A 81 4.29 5.85 -2.94
CA LEU A 81 5.23 6.59 -2.09
C LEU A 81 5.62 7.91 -2.74
N PRO A 82 5.30 9.02 -2.04
CA PRO A 82 5.61 10.36 -2.53
C PRO A 82 7.11 10.67 -2.51
N PHE A 83 7.47 11.92 -2.75
CA PHE A 83 8.86 12.33 -2.76
C PHE A 83 9.32 12.74 -1.36
N LYS A 84 8.36 13.07 -0.51
CA LYS A 84 8.66 13.49 0.86
C LYS A 84 9.00 12.28 1.73
N TYR A 85 8.19 11.23 1.62
CA TYR A 85 8.41 10.02 2.40
C TYR A 85 9.88 9.86 2.77
N PRO A 86 10.13 9.39 4.00
CA PRO A 86 9.07 9.03 4.94
C PRO A 86 8.32 10.25 5.47
N ALA A 87 8.86 11.44 5.18
CA ALA A 87 8.24 12.68 5.62
C ALA A 87 6.72 12.54 5.70
N VAL A 88 6.07 12.58 4.54
CA VAL A 88 4.62 12.46 4.48
C VAL A 88 4.20 11.03 4.14
N LEU A 89 3.36 10.44 4.99
CA LEU A 89 2.88 9.09 4.78
C LEU A 89 2.52 8.85 3.32
N PRO A 90 2.45 7.57 2.93
CA PRO A 90 2.11 7.18 1.55
C PRO A 90 0.65 7.47 1.21
N GLU A 91 0.22 6.99 0.04
CA GLU A 91 -1.15 7.20 -0.41
C GLU A 91 -1.83 5.88 -0.75
N ILE A 92 -1.90 4.99 0.23
CA ILE A 92 -2.52 3.68 0.03
C ILE A 92 -4.01 3.82 -0.22
N THR A 93 -4.48 3.22 -1.31
CA THR A 93 -5.89 3.27 -1.68
C THR A 93 -6.48 1.87 -1.76
N VAL A 94 -7.22 1.48 -0.73
CA VAL A 94 -7.86 0.17 -0.69
C VAL A 94 -9.04 0.10 -1.64
N ARG A 95 -9.07 -0.93 -2.48
CA ARG A 95 -10.15 -1.12 -3.43
C ARG A 95 -10.53 -2.59 -3.55
N SER A 96 -11.83 -2.88 -3.43
CA SER A 96 -12.32 -4.24 -3.52
C SER A 96 -13.74 -4.27 -4.07
N VAL A 97 -13.96 -5.13 -5.07
CA VAL A 97 -15.27 -5.26 -5.69
C VAL A 97 -16.37 -5.37 -4.64
N LEU A 98 -16.07 -6.06 -3.55
CA LEU A 98 -17.03 -6.24 -2.46
C LEU A 98 -17.33 -4.91 -1.78
N LEU A 99 -16.28 -4.23 -1.32
CA LEU A 99 -16.44 -2.95 -0.65
C LEU A 99 -17.13 -1.94 -1.56
N SER A 100 -18.35 -1.55 -1.20
CA SER A 100 -19.11 -0.58 -1.99
C SER A 100 -18.41 0.77 -2.02
N ARG A 101 -18.64 1.52 -3.08
CA ARG A 101 -18.03 2.84 -3.23
C ARG A 101 -18.03 3.60 -1.90
N SER A 102 -19.19 3.59 -1.23
CA SER A 102 -19.33 4.28 0.04
C SER A 102 -18.52 3.59 1.13
N GLN A 103 -18.80 2.30 1.33
CA GLN A 103 -18.09 1.52 2.35
C GLN A 103 -16.58 1.75 2.26
N GLN A 104 -15.99 1.40 1.12
CA GLN A 104 -14.56 1.57 0.92
C GLN A 104 -14.09 2.91 1.48
N THR A 105 -14.71 3.99 1.03
CA THR A 105 -14.35 5.32 1.48
C THR A 105 -14.10 5.34 2.98
N GLN A 106 -15.12 4.97 3.75
CA GLN A 106 -15.00 4.93 5.21
C GLN A 106 -13.75 4.16 5.64
N LEU A 107 -13.55 3.00 5.04
CA LEU A 107 -12.40 2.17 5.37
C LEU A 107 -11.10 2.93 5.16
N ASN A 108 -10.88 3.41 3.94
CA ASN A 108 -9.67 4.15 3.61
C ASN A 108 -9.38 5.20 4.68
N THR A 109 -10.33 6.11 4.90
CA THR A 109 -10.18 7.16 5.89
C THR A 109 -9.56 6.61 7.18
N ASP A 110 -9.98 5.42 7.57
CA ASP A 110 -9.47 4.80 8.79
C ASP A 110 -8.07 4.24 8.56
N LEU A 111 -7.93 3.38 7.55
CA LEU A 111 -6.64 2.78 7.23
C LEU A 111 -5.51 3.80 7.40
N THR A 112 -5.64 4.94 6.74
CA THR A 112 -4.64 5.99 6.82
C THR A 112 -4.47 6.50 8.25
N ALA A 113 -5.59 6.82 8.89
CA ALA A 113 -5.57 7.30 10.27
C ALA A 113 -4.68 6.42 11.14
N PHE A 114 -4.93 5.12 11.12
CA PHE A 114 -4.16 4.17 11.91
C PHE A 114 -2.68 4.54 11.91
N LEU A 115 -2.10 4.64 10.72
CA LEU A 115 -0.69 4.99 10.58
C LEU A 115 -0.41 6.36 11.17
N GLN A 116 -1.09 7.38 10.67
CA GLN A 116 -0.91 8.74 11.16
C GLN A 116 -0.74 8.76 12.67
N LYS A 117 -1.45 7.86 13.35
CA LYS A 117 -1.38 7.77 14.80
C LYS A 117 -0.11 7.05 15.25
N HIS A 118 0.00 5.78 14.87
CA HIS A 118 1.17 4.98 15.23
C HIS A 118 2.30 5.20 14.23
N CYS A 119 2.09 4.76 12.99
CA CYS A 119 3.09 4.91 11.94
C CYS A 119 3.08 6.32 11.38
N HIS A 120 3.94 7.17 11.92
CA HIS A 120 4.03 8.56 11.47
C HIS A 120 5.49 8.98 11.31
N GLY A 121 5.84 9.40 10.09
CA GLY A 121 7.20 9.82 9.83
C GLY A 121 8.18 8.66 9.78
N ASP A 122 7.74 7.55 9.19
CA ASP A 122 8.58 6.35 9.07
C ASP A 122 8.11 5.46 7.94
N VAL A 123 9.01 4.63 7.42
CA VAL A 123 8.68 3.73 6.33
C VAL A 123 8.03 2.45 6.86
N CYS A 124 6.70 2.46 6.93
CA CYS A 124 5.95 1.30 7.41
C CYS A 124 4.76 1.01 6.51
N ILE A 125 5.01 0.29 5.41
CA ILE A 125 3.97 -0.06 4.46
C ILE A 125 3.21 -1.31 4.92
N LEU A 126 3.95 -2.27 5.46
CA LEU A 126 3.34 -3.52 5.94
C LEU A 126 2.33 -3.24 7.03
N ASN A 127 2.72 -2.42 8.00
CA ASN A 127 1.84 -2.08 9.12
C ASN A 127 0.42 -1.81 8.63
N ALA A 128 0.32 -1.16 7.48
CA ALA A 128 -0.98 -0.84 6.90
C ALA A 128 -1.70 -2.10 6.44
N THR A 129 -1.01 -2.92 5.65
CA THR A 129 -1.59 -4.15 5.14
C THR A 129 -2.11 -5.03 6.28
N GLU A 130 -1.45 -4.95 7.43
CA GLU A 130 -1.84 -5.73 8.59
C GLU A 130 -3.08 -5.14 9.25
N TRP A 131 -3.22 -3.82 9.17
CA TRP A 131 -4.36 -3.14 9.76
C TRP A 131 -5.58 -3.23 8.84
N VAL A 132 -5.34 -3.59 7.58
CA VAL A 132 -6.42 -3.71 6.61
C VAL A 132 -7.14 -5.04 6.75
N ARG A 133 -6.42 -6.12 6.48
CA ARG A 133 -6.99 -7.46 6.58
C ARG A 133 -7.87 -7.59 7.81
N GLU A 134 -7.61 -6.75 8.80
CA GLU A 134 -8.37 -6.77 10.05
C GLU A 134 -9.68 -5.98 9.90
N HIS A 135 -9.55 -4.67 9.73
CA HIS A 135 -10.70 -3.80 9.58
C HIS A 135 -11.53 -4.21 8.36
N ALA A 136 -10.87 -4.38 7.23
CA ALA A 136 -11.54 -4.77 6.00
C ALA A 136 -12.72 -5.70 6.29
N SER A 137 -12.42 -6.93 6.69
CA SER A 137 -13.44 -7.91 7.00
C SER A 137 -14.59 -7.27 7.78
N GLY A 138 -14.25 -6.33 8.66
CA GLY A 138 -15.26 -5.67 9.46
C GLY A 138 -16.25 -4.88 8.60
N TYR A 139 -15.71 -4.06 7.71
CA TYR A 139 -16.56 -3.25 6.83
C TYR A 139 -17.40 -4.14 5.92
N VAL A 140 -16.77 -5.16 5.34
CA VAL A 140 -17.46 -6.08 4.46
C VAL A 140 -18.83 -6.47 5.01
N SER A 141 -19.89 -6.08 4.30
CA SER A 141 -21.24 -6.38 4.73
C SER A 141 -22.12 -6.71 3.53
N ARG A 142 -23.07 -7.62 3.73
CA ARG A 142 -23.98 -8.03 2.67
C ARG A 142 -25.31 -7.28 2.78
N ASP A 143 -25.91 -6.98 1.64
CA ASP A 143 -27.18 -6.26 1.61
C ASP A 143 -28.18 -6.98 0.69
N THR A 144 -29.35 -7.30 1.24
CA THR A 144 -30.38 -7.99 0.48
C THR A 144 -31.28 -6.98 -0.24
N SER A 145 -31.95 -7.45 -1.30
CA SER A 145 -32.84 -6.60 -2.07
C SER A 145 -34.26 -6.67 -1.53
N SER A 146 -34.59 -5.77 -0.60
CA SER A 146 -35.91 -5.74 0.00
C SER A 146 -36.99 -5.57 -1.07
N SER A 147 -37.79 -6.60 -1.27
CA SER A 147 -38.86 -6.57 -2.26
C SER A 147 -40.13 -5.96 -1.68
N GLY A 148 -40.63 -4.92 -2.33
CA GLY A 148 -41.84 -4.27 -1.86
C GLY A 148 -41.67 -2.78 -1.68
N PRO A 149 -42.57 -1.99 -2.29
CA PRO A 149 -42.52 -0.53 -2.21
C PRO A 149 -42.87 -0.01 -0.82
N SER A 150 -42.97 1.30 -0.69
CA SER A 150 -43.29 1.92 0.59
C SER A 150 -43.68 3.39 0.41
N SER A 151 -44.22 3.99 1.47
CA SER A 151 -44.64 5.38 1.42
C SER A 151 -43.66 6.28 2.17
N GLY A 152 -43.86 7.58 2.06
CA GLY A 152 -42.98 8.53 2.74
C GLY A 152 -42.87 9.84 2.01
N GLY A 1 35.02 14.61 -0.77
CA GLY A 1 33.59 14.41 -0.57
C GLY A 1 33.17 14.67 0.87
N SER A 2 32.44 15.75 1.08
CA SER A 2 31.98 16.11 2.42
C SER A 2 31.38 14.90 3.13
N SER A 3 32.09 14.41 4.15
CA SER A 3 31.64 13.26 4.91
C SER A 3 30.68 13.68 6.03
N GLY A 4 29.90 12.72 6.53
CA GLY A 4 28.97 13.02 7.59
C GLY A 4 27.53 12.86 7.15
N SER A 5 27.16 13.56 6.08
CA SER A 5 25.80 13.51 5.56
C SER A 5 25.75 12.71 4.26
N SER A 6 24.68 11.94 4.08
CA SER A 6 24.51 11.14 2.88
C SER A 6 23.04 11.03 2.50
N GLY A 7 22.77 10.48 1.32
CA GLY A 7 21.41 10.33 0.86
C GLY A 7 20.70 9.16 1.52
N GLU A 8 20.47 9.27 2.82
CA GLU A 8 19.80 8.22 3.58
C GLU A 8 18.33 8.13 3.19
N GLN A 9 17.66 9.27 3.15
CA GLN A 9 16.24 9.32 2.79
C GLN A 9 15.95 8.41 1.61
N ALA A 10 16.54 8.72 0.45
CA ALA A 10 16.34 7.93 -0.75
C ALA A 10 16.33 6.44 -0.44
N GLU A 11 17.28 6.02 0.39
CA GLU A 11 17.38 4.61 0.78
C GLU A 11 16.17 4.18 1.59
N ALA A 12 15.79 5.01 2.56
CA ALA A 12 14.65 4.71 3.42
C ALA A 12 13.50 4.10 2.61
N GLN A 13 13.16 4.76 1.50
CA GLN A 13 12.07 4.29 0.65
C GLN A 13 12.48 3.03 -0.09
N LEU A 14 13.52 3.13 -0.92
CA LEU A 14 14.01 1.99 -1.68
C LEU A 14 14.12 0.75 -0.81
N ALA A 15 14.99 0.80 0.19
CA ALA A 15 15.18 -0.33 1.10
C ALA A 15 13.87 -1.05 1.36
N GLU A 16 12.89 -0.33 1.89
CA GLU A 16 11.58 -0.90 2.19
C GLU A 16 11.05 -1.67 0.98
N LEU A 17 10.98 -1.00 -0.16
CA LEU A 17 10.49 -1.62 -1.38
C LEU A 17 11.17 -2.97 -1.62
N ASP A 18 12.47 -2.93 -1.87
CA ASP A 18 13.24 -4.15 -2.12
C ASP A 18 12.79 -5.27 -1.18
N LEU A 19 12.55 -4.91 0.07
CA LEU A 19 12.11 -5.89 1.07
C LEU A 19 10.70 -6.39 0.77
N LEU A 20 9.74 -5.47 0.75
CA LEU A 20 8.35 -5.81 0.48
C LEU A 20 8.27 -6.88 -0.61
N ALA A 21 8.98 -6.64 -1.72
CA ALA A 21 8.98 -7.58 -2.83
C ALA A 21 9.15 -9.02 -2.34
N SER A 22 10.12 -9.23 -1.45
CA SER A 22 10.39 -10.55 -0.91
C SER A 22 9.35 -10.93 0.14
N MET A 23 8.99 -9.96 0.98
CA MET A 23 8.00 -10.20 2.02
C MET A 23 6.77 -10.91 1.47
N PHE A 24 6.40 -10.56 0.24
CA PHE A 24 5.23 -11.16 -0.41
C PHE A 24 5.66 -12.11 -1.52
N PRO A 25 6.12 -13.31 -1.13
CA PRO A 25 6.58 -14.33 -2.08
C PRO A 25 5.42 -14.92 -2.88
N GLY A 26 4.30 -15.15 -2.21
CA GLY A 26 3.14 -15.72 -2.88
C GLY A 26 3.01 -15.24 -4.31
N GLU A 27 2.41 -16.07 -5.16
CA GLU A 27 2.22 -15.72 -6.57
C GLU A 27 1.14 -14.66 -6.73
N ASN A 28 1.47 -13.59 -7.44
CA ASN A 28 0.53 -12.50 -7.66
C ASN A 28 0.12 -11.85 -6.34
N GLU A 29 1.10 -11.63 -5.46
CA GLU A 29 0.83 -11.03 -4.17
C GLU A 29 1.10 -9.52 -4.21
N LEU A 30 2.06 -9.12 -5.03
CA LEU A 30 2.41 -7.71 -5.16
C LEU A 30 2.76 -7.38 -6.61
N ILE A 31 2.27 -6.23 -7.08
CA ILE A 31 2.54 -5.79 -8.44
C ILE A 31 3.04 -4.35 -8.47
N VAL A 32 4.24 -4.16 -9.01
CA VAL A 32 4.84 -2.83 -9.11
C VAL A 32 4.69 -2.25 -10.51
N ASN A 33 3.63 -1.48 -10.71
CA ASN A 33 3.39 -0.87 -12.02
C ASN A 33 4.51 0.08 -12.40
N ASP A 34 4.77 1.06 -11.54
CA ASP A 34 5.83 2.04 -11.79
C ASP A 34 7.21 1.42 -11.56
N GLN A 35 7.75 0.79 -12.59
CA GLN A 35 9.05 0.15 -12.51
C GLN A 35 10.17 1.19 -12.57
N LEU A 36 10.08 2.11 -13.52
CA LEU A 36 11.07 3.17 -13.68
C LEU A 36 11.34 3.86 -12.35
N ALA A 37 10.27 4.18 -11.63
CA ALA A 37 10.39 4.85 -10.34
C ALA A 37 11.53 4.26 -9.52
N VAL A 38 11.65 2.94 -9.56
CA VAL A 38 12.70 2.25 -8.82
C VAL A 38 14.04 2.34 -9.53
N ALA A 39 14.11 1.80 -10.74
CA ALA A 39 15.33 1.85 -11.53
C ALA A 39 16.04 3.19 -11.39
N GLU A 40 15.24 4.26 -11.43
CA GLU A 40 15.79 5.62 -11.31
C GLU A 40 16.16 5.93 -9.86
N LEU A 41 15.36 5.44 -8.94
CA LEU A 41 15.60 5.66 -7.51
C LEU A 41 16.97 5.13 -7.10
N LYS A 42 17.34 3.97 -7.64
CA LYS A 42 18.62 3.36 -7.35
C LYS A 42 19.78 4.27 -7.75
N ASP A 43 19.75 4.72 -9.00
CA ASP A 43 20.80 5.61 -9.51
C ASP A 43 21.03 6.77 -8.56
N CYS A 44 19.95 7.44 -8.17
CA CYS A 44 20.04 8.58 -7.26
C CYS A 44 21.02 8.31 -6.13
N ILE A 45 20.72 7.29 -5.33
CA ILE A 45 21.57 6.92 -4.21
C ILE A 45 23.01 6.67 -4.68
N GLU A 46 23.15 5.96 -5.79
CA GLU A 46 24.46 5.65 -6.34
C GLU A 46 25.22 6.94 -6.69
N LYS A 47 24.48 7.94 -7.15
CA LYS A 47 25.08 9.21 -7.52
C LYS A 47 25.06 10.19 -6.35
N LYS A 48 24.74 9.67 -5.16
CA LYS A 48 24.69 10.50 -3.96
C LYS A 48 24.03 11.84 -4.25
N THR A 49 23.05 11.84 -5.15
CA THR A 49 22.34 13.06 -5.52
C THR A 49 20.84 12.84 -5.51
N MET A 50 20.15 13.54 -4.61
CA MET A 50 18.70 13.42 -4.51
C MET A 50 18.00 14.17 -5.65
N GLU A 51 18.46 13.94 -6.88
CA GLU A 51 17.89 14.60 -8.04
C GLU A 51 17.63 13.59 -9.16
N GLY A 52 16.38 13.48 -9.57
CA GLY A 52 16.01 12.56 -10.63
C GLY A 52 14.57 12.12 -10.55
N ARG A 53 14.14 11.70 -9.37
CA ARG A 53 12.76 11.25 -9.16
C ARG A 53 11.80 12.05 -10.03
N SER A 54 10.98 11.35 -10.80
CA SER A 54 10.00 12.00 -11.67
C SER A 54 8.63 11.36 -11.52
N SER A 55 8.59 10.03 -11.40
CA SER A 55 7.34 9.31 -11.24
C SER A 55 7.21 8.74 -9.84
N LYS A 56 5.98 8.63 -9.35
CA LYS A 56 5.73 8.10 -8.02
C LYS A 56 5.77 6.57 -8.03
N VAL A 57 6.10 5.99 -6.89
CA VAL A 57 6.18 4.54 -6.76
C VAL A 57 4.79 3.92 -6.67
N TYR A 58 4.30 3.43 -7.81
CA TYR A 58 2.98 2.81 -7.86
C TYR A 58 3.09 1.29 -7.78
N PHE A 59 2.45 0.72 -6.77
CA PHE A 59 2.47 -0.73 -6.57
C PHE A 59 1.23 -1.20 -5.80
N THR A 60 0.45 -2.07 -6.44
CA THR A 60 -0.76 -2.58 -5.83
C THR A 60 -0.52 -3.97 -5.22
N ILE A 61 -0.95 -4.15 -3.98
CA ILE A 61 -0.79 -5.42 -3.29
C ILE A 61 -2.10 -6.20 -3.26
N ASN A 62 -2.05 -7.46 -3.66
CA ASN A 62 -3.24 -8.31 -3.67
C ASN A 62 -3.23 -9.27 -2.48
N MET A 63 -4.21 -9.11 -1.60
CA MET A 63 -4.33 -9.96 -0.42
C MET A 63 -5.63 -10.75 -0.43
N ASN A 64 -5.53 -12.06 -0.42
CA ASN A 64 -6.71 -12.93 -0.42
C ASN A 64 -7.15 -13.26 1.00
N LEU A 65 -8.39 -12.93 1.32
CA LEU A 65 -8.94 -13.19 2.64
C LEU A 65 -10.43 -13.51 2.56
N ASP A 66 -10.96 -14.11 3.62
CA ASP A 66 -12.37 -14.46 3.67
C ASP A 66 -13.20 -13.31 4.24
N VAL A 67 -14.38 -13.10 3.66
CA VAL A 67 -15.27 -12.03 4.10
C VAL A 67 -16.54 -12.60 4.72
N SER A 68 -17.14 -13.57 4.04
CA SER A 68 -18.36 -14.20 4.52
C SER A 68 -18.73 -15.41 3.67
N ASP A 69 -19.83 -16.06 4.02
CA ASP A 69 -20.30 -17.24 3.29
C ASP A 69 -19.13 -18.17 2.98
N GLU A 70 -18.35 -18.50 4.01
CA GLU A 70 -17.20 -19.38 3.84
C GLU A 70 -16.55 -19.18 2.48
N LYS A 71 -16.59 -17.94 1.99
CA LYS A 71 -16.00 -17.61 0.70
C LYS A 71 -14.75 -16.76 0.87
N MET A 72 -13.97 -16.65 -0.20
CA MET A 72 -12.73 -15.86 -0.16
C MET A 72 -12.71 -14.85 -1.31
N ALA A 73 -11.96 -13.77 -1.12
CA ALA A 73 -11.83 -12.73 -2.14
C ALA A 73 -10.47 -12.07 -2.08
N MET A 74 -10.17 -11.26 -3.10
CA MET A 74 -8.89 -10.56 -3.17
C MET A 74 -9.07 -9.06 -2.96
N PHE A 75 -8.13 -8.44 -2.26
CA PHE A 75 -8.19 -7.02 -1.98
C PHE A 75 -7.05 -6.28 -2.67
N SER A 76 -7.37 -5.20 -3.36
CA SER A 76 -6.37 -4.40 -4.08
C SER A 76 -6.00 -3.16 -3.27
N LEU A 77 -4.74 -3.10 -2.87
CA LEU A 77 -4.25 -1.96 -2.09
C LEU A 77 -3.31 -1.09 -2.93
N ALA A 78 -3.88 -0.07 -3.57
CA ALA A 78 -3.09 0.84 -4.39
C ALA A 78 -2.26 1.79 -3.54
N CYS A 79 -1.03 1.42 -3.28
CA CYS A 79 -0.13 2.24 -2.47
C CYS A 79 0.82 3.06 -3.36
N ILE A 80 0.98 4.33 -3.01
CA ILE A 80 1.85 5.21 -3.78
C ILE A 80 2.78 5.99 -2.86
N LEU A 81 4.09 5.77 -3.00
CA LEU A 81 5.08 6.46 -2.19
C LEU A 81 5.58 7.73 -2.88
N PRO A 82 5.34 8.88 -2.25
CA PRO A 82 5.75 10.18 -2.79
C PRO A 82 7.27 10.36 -2.75
N PHE A 83 7.72 11.56 -3.10
CA PHE A 83 9.14 11.86 -3.10
C PHE A 83 9.58 12.46 -1.77
N LYS A 84 8.61 12.69 -0.89
CA LYS A 84 8.90 13.26 0.42
C LYS A 84 9.15 12.16 1.45
N TYR A 85 8.29 11.15 1.44
CA TYR A 85 8.42 10.03 2.37
C TYR A 85 9.86 9.88 2.84
N PRO A 86 10.02 9.52 4.12
CA PRO A 86 8.90 9.30 5.03
C PRO A 86 8.17 10.59 5.39
N ALA A 87 8.77 11.72 5.02
CA ALA A 87 8.17 13.03 5.29
C ALA A 87 6.66 12.93 5.33
N VAL A 88 6.04 12.84 4.15
CA VAL A 88 4.58 12.75 4.06
C VAL A 88 4.14 11.31 3.81
N LEU A 89 3.23 10.83 4.65
CA LEU A 89 2.72 9.46 4.52
C LEU A 89 2.36 9.15 3.07
N PRO A 90 2.32 7.85 2.74
CA PRO A 90 2.00 7.38 1.39
C PRO A 90 0.54 7.62 1.03
N GLU A 91 0.10 7.03 -0.08
CA GLU A 91 -1.28 7.19 -0.53
C GLU A 91 -1.88 5.84 -0.90
N ILE A 92 -2.31 5.10 0.11
CA ILE A 92 -2.91 3.78 -0.12
C ILE A 92 -4.42 3.89 -0.30
N THR A 93 -4.96 3.10 -1.22
CA THR A 93 -6.39 3.10 -1.50
C THR A 93 -6.93 1.69 -1.60
N VAL A 94 -7.57 1.22 -0.53
CA VAL A 94 -8.14 -0.13 -0.50
C VAL A 94 -9.40 -0.21 -1.36
N ARG A 95 -9.40 -1.14 -2.31
CA ARG A 95 -10.54 -1.32 -3.20
C ARG A 95 -10.87 -2.80 -3.36
N SER A 96 -12.15 -3.14 -3.18
CA SER A 96 -12.59 -4.52 -3.31
C SER A 96 -14.03 -4.59 -3.82
N VAL A 97 -14.22 -5.24 -4.97
CA VAL A 97 -15.54 -5.36 -5.57
C VAL A 97 -16.59 -5.69 -4.51
N LEU A 98 -16.16 -6.37 -3.45
CA LEU A 98 -17.07 -6.74 -2.36
C LEU A 98 -17.67 -5.50 -1.71
N LEU A 99 -16.81 -4.61 -1.22
CA LEU A 99 -17.25 -3.39 -0.58
C LEU A 99 -17.89 -2.44 -1.59
N SER A 100 -18.72 -1.53 -1.09
CA SER A 100 -19.40 -0.56 -1.95
C SER A 100 -18.71 0.80 -1.89
N ARG A 101 -18.79 1.55 -2.99
CA ARG A 101 -18.18 2.87 -3.05
C ARG A 101 -18.50 3.69 -1.81
N SER A 102 -19.56 3.29 -1.11
CA SER A 102 -19.98 4.00 0.09
C SER A 102 -19.13 3.58 1.29
N GLN A 103 -19.29 2.34 1.72
CA GLN A 103 -18.55 1.81 2.85
C GLN A 103 -17.05 1.89 2.60
N GLN A 104 -16.63 1.50 1.40
CA GLN A 104 -15.22 1.52 1.04
C GLN A 104 -14.60 2.89 1.34
N THR A 105 -15.38 3.95 1.13
CA THR A 105 -14.92 5.31 1.38
C THR A 105 -14.40 5.46 2.81
N GLN A 106 -15.29 5.21 3.77
CA GLN A 106 -14.92 5.32 5.19
C GLN A 106 -13.70 4.46 5.50
N LEU A 107 -13.71 3.24 4.99
CA LEU A 107 -12.61 2.31 5.22
C LEU A 107 -11.26 2.96 4.88
N ASN A 108 -11.18 3.56 3.70
CA ASN A 108 -9.96 4.22 3.27
C ASN A 108 -9.46 5.20 4.33
N THR A 109 -10.32 6.15 4.68
CA THR A 109 -9.97 7.15 5.69
C THR A 109 -9.36 6.50 6.94
N ASP A 110 -10.09 5.55 7.51
CA ASP A 110 -9.62 4.85 8.70
C ASP A 110 -8.20 4.31 8.49
N LEU A 111 -8.04 3.45 7.50
CA LEU A 111 -6.75 2.87 7.20
C LEU A 111 -5.63 3.90 7.35
N THR A 112 -5.88 5.10 6.84
CA THR A 112 -4.90 6.17 6.93
C THR A 112 -4.68 6.62 8.37
N ALA A 113 -5.78 6.94 9.05
CA ALA A 113 -5.72 7.38 10.44
C ALA A 113 -4.71 6.54 11.23
N PHE A 114 -4.94 5.23 11.26
CA PHE A 114 -4.06 4.32 11.99
C PHE A 114 -2.60 4.79 11.90
N LEU A 115 -2.06 4.82 10.68
CA LEU A 115 -0.69 5.25 10.47
C LEU A 115 -0.47 6.66 10.99
N GLN A 116 -1.26 7.60 10.50
CA GLN A 116 -1.16 9.00 10.93
C GLN A 116 -0.79 9.09 12.40
N LYS A 117 -1.32 8.16 13.19
CA LYS A 117 -1.04 8.14 14.63
C LYS A 117 0.08 7.17 14.95
N HIS A 118 -0.15 5.88 14.71
CA HIS A 118 0.85 4.85 14.98
C HIS A 118 2.17 5.20 14.31
N CYS A 119 2.17 5.29 12.99
CA CYS A 119 3.38 5.60 12.23
C CYS A 119 3.29 7.02 11.66
N HIS A 120 3.99 7.95 12.30
CA HIS A 120 4.00 9.34 11.85
C HIS A 120 5.43 9.83 11.64
N GLY A 121 5.96 9.62 10.44
CA GLY A 121 7.31 10.05 10.14
C GLY A 121 8.27 8.89 10.00
N ASP A 122 7.81 7.80 9.38
CA ASP A 122 8.63 6.62 9.18
C ASP A 122 8.18 5.83 7.96
N VAL A 123 8.99 4.86 7.55
CA VAL A 123 8.66 4.03 6.40
C VAL A 123 8.12 2.67 6.81
N CYS A 124 6.80 2.59 6.95
CA CYS A 124 6.14 1.35 7.36
C CYS A 124 4.92 1.07 6.49
N ILE A 125 5.06 0.14 5.55
CA ILE A 125 3.97 -0.22 4.65
C ILE A 125 3.22 -1.44 5.18
N LEU A 126 3.96 -2.40 5.72
CA LEU A 126 3.37 -3.61 6.24
C LEU A 126 2.33 -3.30 7.32
N ASN A 127 2.62 -2.29 8.13
CA ASN A 127 1.73 -1.88 9.20
C ASN A 127 0.32 -1.65 8.67
N ALA A 128 0.22 -1.05 7.49
CA ALA A 128 -1.07 -0.79 6.86
C ALA A 128 -1.79 -2.08 6.53
N THR A 129 -1.19 -2.91 5.69
CA THR A 129 -1.78 -4.16 5.29
C THR A 129 -2.30 -4.94 6.50
N GLU A 130 -1.49 -5.01 7.54
CA GLU A 130 -1.86 -5.71 8.77
C GLU A 130 -3.11 -5.09 9.39
N TRP A 131 -3.28 -3.79 9.17
CA TRP A 131 -4.43 -3.08 9.72
C TRP A 131 -5.64 -3.20 8.80
N VAL A 132 -5.38 -3.55 7.54
CA VAL A 132 -6.45 -3.70 6.55
C VAL A 132 -7.02 -5.11 6.58
N ARG A 133 -6.15 -6.11 6.38
CA ARG A 133 -6.58 -7.50 6.37
C ARG A 133 -7.55 -7.77 7.51
N GLU A 134 -7.42 -7.02 8.60
CA GLU A 134 -8.29 -7.18 9.75
C GLU A 134 -9.53 -6.30 9.62
N HIS A 135 -9.33 -4.99 9.69
CA HIS A 135 -10.43 -4.04 9.58
C HIS A 135 -11.33 -4.40 8.40
N ALA A 136 -10.73 -4.55 7.22
CA ALA A 136 -11.48 -4.89 6.02
C ALA A 136 -12.66 -5.79 6.35
N SER A 137 -12.37 -7.03 6.72
CA SER A 137 -13.41 -8.00 7.05
C SER A 137 -14.54 -7.33 7.83
N GLY A 138 -14.17 -6.40 8.71
CA GLY A 138 -15.17 -5.70 9.50
C GLY A 138 -16.15 -4.92 8.64
N TYR A 139 -15.63 -3.98 7.86
CA TYR A 139 -16.46 -3.16 7.00
C TYR A 139 -17.36 -4.02 6.11
N VAL A 140 -16.77 -5.07 5.55
CA VAL A 140 -17.52 -5.98 4.68
C VAL A 140 -18.77 -6.51 5.38
N SER A 141 -19.93 -6.21 4.81
CA SER A 141 -21.20 -6.65 5.38
C SER A 141 -22.25 -6.83 4.30
N ARG A 142 -23.45 -7.23 4.71
CA ARG A 142 -24.55 -7.44 3.76
C ARG A 142 -24.07 -8.17 2.52
N ASP A 143 -23.26 -9.22 2.73
CA ASP A 143 -22.73 -10.02 1.62
C ASP A 143 -23.59 -11.26 1.40
N THR A 144 -24.58 -11.14 0.52
CA THR A 144 -25.45 -12.27 0.21
C THR A 144 -25.16 -12.83 -1.18
N SER A 145 -24.37 -13.89 -1.21
CA SER A 145 -24.01 -14.53 -2.48
C SER A 145 -25.26 -14.98 -3.23
N SER A 146 -26.11 -15.74 -2.55
CA SER A 146 -27.34 -16.24 -3.16
C SER A 146 -28.28 -16.81 -2.09
N SER A 147 -29.48 -17.20 -2.52
CA SER A 147 -30.46 -17.75 -1.60
C SER A 147 -29.86 -18.86 -0.74
N GLY A 148 -29.33 -18.48 0.41
CA GLY A 148 -28.72 -19.45 1.31
C GLY A 148 -29.71 -20.02 2.30
N PRO A 149 -29.87 -19.32 3.44
CA PRO A 149 -30.79 -19.74 4.51
C PRO A 149 -32.25 -19.60 4.09
N SER A 150 -32.98 -20.71 4.11
CA SER A 150 -34.38 -20.71 3.75
C SER A 150 -35.04 -22.05 4.07
N SER A 151 -36.37 -22.06 4.12
CA SER A 151 -37.10 -23.28 4.42
C SER A 151 -37.72 -23.86 3.15
N GLY A 152 -38.11 -25.14 3.21
CA GLY A 152 -38.71 -25.79 2.07
C GLY A 152 -38.92 -27.27 2.29
N GLY A 1 25.54 0.52 9.55
CA GLY A 1 24.72 1.45 8.80
C GLY A 1 25.39 2.80 8.63
N SER A 2 25.30 3.36 7.43
CA SER A 2 25.89 4.65 7.13
C SER A 2 24.83 5.67 6.77
N SER A 3 24.77 6.76 7.54
CA SER A 3 23.79 7.81 7.30
C SER A 3 24.39 9.18 7.58
N GLY A 4 23.81 10.21 6.97
CA GLY A 4 24.30 11.57 7.17
C GLY A 4 24.79 12.20 5.87
N SER A 5 25.64 11.48 5.15
CA SER A 5 26.19 11.99 3.90
C SER A 5 25.31 11.57 2.72
N SER A 6 25.19 10.26 2.52
CA SER A 6 24.38 9.71 1.43
C SER A 6 22.90 10.04 1.64
N GLY A 7 22.18 10.18 0.54
CA GLY A 7 20.76 10.49 0.61
C GLY A 7 19.98 9.43 1.37
N GLU A 8 19.93 9.55 2.69
CA GLU A 8 19.21 8.59 3.53
C GLU A 8 17.73 8.57 3.18
N GLN A 9 17.26 9.65 2.55
CA GLN A 9 15.86 9.77 2.17
C GLN A 9 15.53 8.83 1.02
N ALA A 10 16.33 8.91 -0.05
CA ALA A 10 16.13 8.07 -1.22
C ALA A 10 16.25 6.59 -0.87
N GLU A 11 17.05 6.30 0.16
CA GLU A 11 17.25 4.92 0.60
C GLU A 11 16.09 4.45 1.45
N ALA A 12 15.58 5.33 2.31
CA ALA A 12 14.47 4.99 3.18
C ALA A 12 13.35 4.31 2.40
N GLN A 13 13.01 4.86 1.24
CA GLN A 13 11.96 4.31 0.40
C GLN A 13 12.38 2.96 -0.16
N LEU A 14 13.35 2.97 -1.08
CA LEU A 14 13.84 1.75 -1.70
C LEU A 14 13.94 0.63 -0.67
N ALA A 15 14.65 0.89 0.42
CA ALA A 15 14.83 -0.09 1.47
C ALA A 15 13.55 -0.89 1.70
N GLU A 16 12.46 -0.17 1.95
CA GLU A 16 11.17 -0.81 2.19
C GLU A 16 10.78 -1.71 1.03
N LEU A 17 10.64 -1.11 -0.16
CA LEU A 17 10.27 -1.86 -1.35
C LEU A 17 11.02 -3.19 -1.43
N ASP A 18 12.34 -3.11 -1.42
CA ASP A 18 13.18 -4.30 -1.49
C ASP A 18 12.70 -5.35 -0.50
N LEU A 19 12.34 -4.91 0.71
CA LEU A 19 11.86 -5.82 1.75
C LEU A 19 10.47 -6.35 1.40
N LEU A 20 9.61 -5.47 0.91
CA LEU A 20 8.25 -5.87 0.54
C LEU A 20 8.27 -7.04 -0.44
N ALA A 21 8.97 -6.85 -1.55
CA ALA A 21 9.07 -7.90 -2.57
C ALA A 21 9.27 -9.27 -1.92
N SER A 22 10.15 -9.33 -0.92
CA SER A 22 10.44 -10.58 -0.24
C SER A 22 9.34 -10.90 0.77
N MET A 23 8.80 -9.88 1.41
CA MET A 23 7.75 -10.05 2.40
C MET A 23 6.57 -10.81 1.79
N PHE A 24 6.33 -10.59 0.50
CA PHE A 24 5.22 -11.25 -0.19
C PHE A 24 5.75 -12.24 -1.22
N PRO A 25 6.20 -13.41 -0.75
CA PRO A 25 6.74 -14.46 -1.61
C PRO A 25 5.66 -15.12 -2.47
N GLY A 26 4.49 -15.34 -1.86
CA GLY A 26 3.40 -15.97 -2.59
C GLY A 26 3.24 -15.42 -4.00
N GLU A 27 2.48 -16.13 -4.82
CA GLU A 27 2.26 -15.71 -6.20
C GLU A 27 1.15 -14.67 -6.29
N ASN A 28 1.15 -13.87 -7.34
CA ASN A 28 0.14 -12.85 -7.54
C ASN A 28 -0.17 -12.13 -6.22
N GLU A 29 0.85 -11.94 -5.40
CA GLU A 29 0.69 -11.27 -4.11
C GLU A 29 0.95 -9.78 -4.24
N LEU A 30 1.92 -9.41 -5.06
CA LEU A 30 2.28 -8.01 -5.27
C LEU A 30 2.69 -7.77 -6.71
N ILE A 31 2.31 -6.60 -7.24
CA ILE A 31 2.64 -6.25 -8.61
C ILE A 31 3.03 -4.77 -8.72
N VAL A 32 4.24 -4.52 -9.23
CA VAL A 32 4.73 -3.16 -9.37
C VAL A 32 4.62 -2.70 -10.83
N ASN A 33 3.57 -1.94 -11.12
CA ASN A 33 3.34 -1.43 -12.47
C ASN A 33 4.38 -0.37 -12.83
N ASP A 34 4.58 0.58 -11.93
CA ASP A 34 5.54 1.65 -12.15
C ASP A 34 6.94 1.21 -11.73
N GLN A 35 7.75 0.81 -12.72
CA GLN A 35 9.10 0.36 -12.46
C GLN A 35 10.08 1.53 -12.50
N LEU A 36 9.95 2.36 -13.53
CA LEU A 36 10.82 3.52 -13.69
C LEU A 36 11.08 4.20 -12.35
N ALA A 37 10.00 4.65 -11.71
CA ALA A 37 10.10 5.32 -10.42
C ALA A 37 11.20 4.68 -9.56
N VAL A 38 11.21 3.35 -9.51
CA VAL A 38 12.20 2.63 -8.73
C VAL A 38 13.59 2.74 -9.36
N ALA A 39 13.75 2.14 -10.53
CA ALA A 39 15.02 2.18 -11.24
C ALA A 39 15.72 3.53 -11.06
N GLU A 40 14.96 4.60 -11.23
CA GLU A 40 15.51 5.96 -11.09
C GLU A 40 15.98 6.19 -9.65
N LEU A 41 15.10 5.91 -8.69
CA LEU A 41 15.42 6.09 -7.29
C LEU A 41 16.70 5.37 -6.91
N LYS A 42 16.77 4.09 -7.27
CA LYS A 42 17.94 3.28 -6.98
C LYS A 42 19.20 3.90 -7.57
N ASP A 43 19.15 4.19 -8.87
CA ASP A 43 20.28 4.79 -9.57
C ASP A 43 20.72 6.08 -8.88
N CYS A 44 19.74 6.90 -8.50
CA CYS A 44 20.02 8.17 -7.83
C CYS A 44 21.01 7.97 -6.68
N ILE A 45 20.60 7.22 -5.68
CA ILE A 45 21.44 6.95 -4.52
C ILE A 45 22.88 6.70 -4.94
N GLU A 46 23.06 5.89 -5.97
CA GLU A 46 24.39 5.57 -6.48
C GLU A 46 25.08 6.81 -7.03
N LYS A 47 24.30 7.67 -7.69
CA LYS A 47 24.82 8.89 -8.28
C LYS A 47 24.97 9.98 -7.21
N LYS A 48 24.41 9.73 -6.03
CA LYS A 48 24.47 10.68 -4.94
C LYS A 48 23.96 12.05 -5.37
N THR A 49 22.84 12.05 -6.09
CA THR A 49 22.25 13.30 -6.56
C THR A 49 20.74 13.16 -6.74
N MET A 50 19.98 13.85 -5.91
CA MET A 50 18.52 13.82 -5.98
C MET A 50 18.01 14.62 -7.17
N GLU A 51 18.13 14.06 -8.36
CA GLU A 51 17.68 14.74 -9.57
C GLU A 51 16.75 13.85 -10.39
N GLY A 52 15.54 14.34 -10.65
CA GLY A 52 14.58 13.57 -11.41
C GLY A 52 13.32 13.28 -10.62
N ARG A 53 13.30 12.13 -9.95
CA ARG A 53 12.14 11.73 -9.16
C ARG A 53 10.85 12.27 -9.76
N SER A 54 10.71 12.12 -11.07
CA SER A 54 9.52 12.59 -11.78
C SER A 54 8.51 11.46 -11.96
N SER A 55 8.37 10.63 -10.93
CA SER A 55 7.44 9.51 -10.96
C SER A 55 7.37 8.81 -9.60
N LYS A 56 6.16 8.71 -9.07
CA LYS A 56 5.95 8.07 -7.77
C LYS A 56 5.96 6.55 -7.91
N VAL A 57 6.35 5.87 -6.85
CA VAL A 57 6.41 4.41 -6.84
C VAL A 57 5.01 3.81 -6.67
N TYR A 58 4.41 3.43 -7.79
CA TYR A 58 3.07 2.84 -7.77
C TYR A 58 3.15 1.31 -7.82
N PHE A 59 2.47 0.66 -6.87
CA PHE A 59 2.47 -0.79 -6.80
C PHE A 59 1.25 -1.30 -6.03
N THR A 60 0.50 -2.20 -6.64
CA THR A 60 -0.68 -2.77 -6.01
C THR A 60 -0.36 -4.06 -5.28
N ILE A 61 -0.97 -4.25 -4.12
CA ILE A 61 -0.75 -5.45 -3.32
C ILE A 61 -2.04 -6.25 -3.17
N ASN A 62 -1.99 -7.53 -3.55
CA ASN A 62 -3.15 -8.41 -3.45
C ASN A 62 -3.03 -9.33 -2.25
N MET A 63 -4.01 -9.25 -1.34
CA MET A 63 -4.01 -10.09 -0.15
C MET A 63 -5.28 -10.92 -0.08
N ASN A 64 -5.11 -12.25 -0.10
CA ASN A 64 -6.24 -13.16 -0.04
C ASN A 64 -6.72 -13.36 1.40
N LEU A 65 -7.93 -12.93 1.68
CA LEU A 65 -8.50 -13.06 3.02
C LEU A 65 -10.01 -13.29 2.95
N ASP A 66 -10.54 -13.93 3.98
CA ASP A 66 -11.98 -14.22 4.04
C ASP A 66 -12.78 -12.93 4.23
N VAL A 67 -13.96 -12.89 3.62
CA VAL A 67 -14.83 -11.71 3.72
C VAL A 67 -16.15 -12.07 4.39
N SER A 68 -16.81 -13.09 3.87
CA SER A 68 -18.10 -13.53 4.40
C SER A 68 -18.58 -14.79 3.70
N ASP A 69 -19.79 -15.22 4.04
CA ASP A 69 -20.37 -16.42 3.45
C ASP A 69 -19.30 -17.46 3.17
N GLU A 70 -18.50 -17.76 4.19
CA GLU A 70 -17.43 -18.74 4.05
C GLU A 70 -16.70 -18.59 2.72
N LYS A 71 -16.38 -17.36 2.37
CA LYS A 71 -15.69 -17.07 1.12
C LYS A 71 -14.70 -15.92 1.30
N MET A 72 -13.77 -15.78 0.35
CA MET A 72 -12.77 -14.73 0.41
C MET A 72 -12.79 -13.89 -0.87
N ALA A 73 -11.97 -12.85 -0.90
CA ALA A 73 -11.90 -11.97 -2.06
C ALA A 73 -10.48 -11.43 -2.25
N MET A 74 -10.26 -10.75 -3.38
CA MET A 74 -8.96 -10.18 -3.67
C MET A 74 -8.92 -8.69 -3.33
N PHE A 75 -8.26 -8.35 -2.23
CA PHE A 75 -8.15 -6.96 -1.80
C PHE A 75 -6.91 -6.30 -2.40
N SER A 76 -7.15 -5.36 -3.31
CA SER A 76 -6.04 -4.65 -3.97
C SER A 76 -5.72 -3.35 -3.23
N LEU A 77 -4.50 -3.26 -2.73
CA LEU A 77 -4.06 -2.07 -2.00
C LEU A 77 -3.08 -1.25 -2.82
N ALA A 78 -3.57 -0.18 -3.44
CA ALA A 78 -2.73 0.68 -4.26
C ALA A 78 -1.87 1.60 -3.40
N CYS A 79 -0.66 1.15 -3.10
CA CYS A 79 0.27 1.93 -2.28
C CYS A 79 1.21 2.76 -3.15
N ILE A 80 1.43 4.01 -2.75
CA ILE A 80 2.30 4.90 -3.50
C ILE A 80 3.14 5.75 -2.55
N LEU A 81 4.46 5.69 -2.74
CA LEU A 81 5.38 6.46 -1.91
C LEU A 81 5.76 7.77 -2.57
N PRO A 82 5.50 8.89 -1.88
CA PRO A 82 5.81 10.23 -2.38
C PRO A 82 7.31 10.50 -2.45
N PHE A 83 7.67 11.76 -2.66
CA PHE A 83 9.07 12.15 -2.75
C PHE A 83 9.59 12.63 -1.40
N LYS A 84 8.66 13.08 -0.55
CA LYS A 84 9.02 13.57 0.78
C LYS A 84 9.30 12.41 1.73
N TYR A 85 8.53 11.34 1.59
CA TYR A 85 8.69 10.16 2.44
C TYR A 85 10.14 10.02 2.89
N PRO A 86 10.32 9.58 4.14
CA PRO A 86 9.20 9.26 5.04
C PRO A 86 8.43 10.50 5.48
N ALA A 87 8.95 11.67 5.13
CA ALA A 87 8.31 12.93 5.49
C ALA A 87 6.80 12.78 5.52
N VAL A 88 6.18 12.76 4.35
CA VAL A 88 4.73 12.62 4.24
C VAL A 88 4.33 11.17 3.98
N LEU A 89 3.47 10.64 4.85
CA LEU A 89 3.01 9.26 4.71
C LEU A 89 2.67 8.94 3.26
N PRO A 90 2.62 7.64 2.94
CA PRO A 90 2.30 7.17 1.58
C PRO A 90 0.84 7.42 1.21
N GLU A 91 0.50 7.08 -0.02
CA GLU A 91 -0.87 7.27 -0.51
C GLU A 91 -1.51 5.92 -0.87
N ILE A 92 -1.96 5.20 0.15
CA ILE A 92 -2.59 3.91 -0.05
C ILE A 92 -4.09 4.06 -0.29
N THR A 93 -4.61 3.33 -1.27
CA THR A 93 -6.03 3.37 -1.60
C THR A 93 -6.60 1.98 -1.77
N VAL A 94 -7.32 1.51 -0.76
CA VAL A 94 -7.93 0.18 -0.81
C VAL A 94 -9.15 0.16 -1.73
N ARG A 95 -9.16 -0.78 -2.66
CA ARG A 95 -10.27 -0.90 -3.61
C ARG A 95 -10.76 -2.35 -3.69
N SER A 96 -12.07 -2.51 -3.84
CA SER A 96 -12.65 -3.85 -3.93
C SER A 96 -14.11 -3.76 -4.41
N VAL A 97 -14.49 -4.71 -5.26
CA VAL A 97 -15.85 -4.74 -5.80
C VAL A 97 -16.87 -4.89 -4.67
N LEU A 98 -16.53 -5.69 -3.67
CA LEU A 98 -17.41 -5.92 -2.53
C LEU A 98 -17.77 -4.60 -1.84
N LEU A 99 -16.75 -3.88 -1.40
CA LEU A 99 -16.94 -2.60 -0.73
C LEU A 99 -17.65 -1.61 -1.63
N SER A 100 -18.69 -0.97 -1.11
CA SER A 100 -19.47 0.01 -1.88
C SER A 100 -18.78 1.37 -1.85
N ARG A 101 -19.14 2.22 -2.81
CA ARG A 101 -18.57 3.55 -2.90
C ARG A 101 -18.52 4.23 -1.53
N SER A 102 -19.64 4.15 -0.81
CA SER A 102 -19.73 4.76 0.52
C SER A 102 -18.82 4.02 1.50
N GLN A 103 -19.12 2.76 1.75
CA GLN A 103 -18.33 1.95 2.67
C GLN A 103 -16.84 2.18 2.47
N GLN A 104 -16.38 1.96 1.25
CA GLN A 104 -14.97 2.14 0.93
C GLN A 104 -14.45 3.47 1.48
N THR A 105 -15.20 4.54 1.24
CA THR A 105 -14.82 5.86 1.73
C THR A 105 -14.30 5.80 3.16
N GLN A 106 -15.01 5.04 4.00
CA GLN A 106 -14.61 4.89 5.40
C GLN A 106 -13.29 4.14 5.53
N LEU A 107 -13.35 2.83 5.31
CA LEU A 107 -12.18 1.97 5.40
C LEU A 107 -10.96 2.67 4.79
N ASN A 108 -11.12 3.16 3.57
CA ASN A 108 -10.03 3.86 2.87
C ASN A 108 -9.40 4.92 3.77
N THR A 109 -10.24 5.76 4.35
CA THR A 109 -9.77 6.83 5.23
C THR A 109 -9.16 6.25 6.50
N ASP A 110 -9.89 5.35 7.15
CA ASP A 110 -9.42 4.72 8.38
C ASP A 110 -8.00 4.18 8.21
N LEU A 111 -7.79 3.39 7.16
CA LEU A 111 -6.49 2.81 6.88
C LEU A 111 -5.38 3.83 7.13
N THR A 112 -5.48 4.98 6.47
CA THR A 112 -4.50 6.04 6.63
C THR A 112 -4.35 6.46 8.08
N ALA A 113 -5.46 6.84 8.70
CA ALA A 113 -5.46 7.26 10.09
C ALA A 113 -4.59 6.34 10.94
N PHE A 114 -4.89 5.05 10.90
CA PHE A 114 -4.14 4.06 11.67
C PHE A 114 -2.65 4.41 11.70
N LEU A 115 -2.06 4.58 10.52
CA LEU A 115 -0.65 4.92 10.41
C LEU A 115 -0.36 6.25 11.10
N GLN A 116 -1.02 7.30 10.65
CA GLN A 116 -0.83 8.63 11.23
C GLN A 116 -0.69 8.55 12.75
N LYS A 117 -1.28 7.52 13.34
CA LYS A 117 -1.22 7.33 14.78
C LYS A 117 -0.12 6.34 15.15
N HIS A 118 -0.30 5.08 14.75
CA HIS A 118 0.69 4.05 15.04
C HIS A 118 2.04 4.39 14.41
N CYS A 119 2.08 4.38 13.08
CA CYS A 119 3.30 4.68 12.35
C CYS A 119 3.16 5.99 11.56
N HIS A 120 3.91 7.00 11.96
CA HIS A 120 3.87 8.30 11.29
C HIS A 120 5.23 8.97 11.32
N GLY A 121 5.88 9.05 10.14
CA GLY A 121 7.18 9.67 10.06
C GLY A 121 8.27 8.68 9.71
N ASP A 122 7.95 7.40 9.80
CA ASP A 122 8.92 6.35 9.48
C ASP A 122 8.43 5.49 8.31
N VAL A 123 9.32 4.69 7.76
CA VAL A 123 8.99 3.83 6.63
C VAL A 123 8.40 2.50 7.11
N CYS A 124 7.10 2.32 6.89
CA CYS A 124 6.42 1.09 7.29
C CYS A 124 5.15 0.89 6.49
N ILE A 125 5.18 -0.06 5.56
CA ILE A 125 4.02 -0.36 4.73
C ILE A 125 3.20 -1.50 5.31
N LEU A 126 3.90 -2.54 5.77
CA LEU A 126 3.23 -3.70 6.35
C LEU A 126 2.20 -3.27 7.40
N ASN A 127 2.66 -2.54 8.40
CA ASN A 127 1.79 -2.06 9.47
C ASN A 127 0.39 -1.75 8.93
N ALA A 128 0.34 -1.20 7.72
CA ALA A 128 -0.92 -0.85 7.09
C ALA A 128 -1.67 -2.10 6.65
N THR A 129 -1.00 -2.95 5.88
CA THR A 129 -1.61 -4.18 5.38
C THR A 129 -2.04 -5.08 6.54
N GLU A 130 -1.51 -4.80 7.72
CA GLU A 130 -1.84 -5.59 8.91
C GLU A 130 -3.13 -5.09 9.55
N TRP A 131 -3.50 -3.85 9.23
CA TRP A 131 -4.71 -3.26 9.78
C TRP A 131 -5.89 -3.44 8.82
N VAL A 132 -5.58 -3.57 7.54
CA VAL A 132 -6.61 -3.75 6.52
C VAL A 132 -7.08 -5.21 6.46
N ARG A 133 -6.12 -6.12 6.31
CA ARG A 133 -6.43 -7.54 6.24
C ARG A 133 -7.53 -7.91 7.23
N GLU A 134 -7.59 -7.19 8.34
CA GLU A 134 -8.60 -7.44 9.37
C GLU A 134 -9.81 -6.53 9.18
N HIS A 135 -9.59 -5.23 9.34
CA HIS A 135 -10.67 -4.25 9.18
C HIS A 135 -11.49 -4.54 7.93
N ALA A 136 -10.80 -4.71 6.80
CA ALA A 136 -11.47 -4.99 5.54
C ALA A 136 -12.71 -5.84 5.75
N SER A 137 -12.51 -7.10 6.11
CA SER A 137 -13.62 -8.02 6.35
C SER A 137 -14.64 -7.40 7.29
N GLY A 138 -14.17 -6.66 8.28
CA GLY A 138 -15.06 -6.03 9.23
C GLY A 138 -16.15 -5.22 8.56
N TYR A 139 -15.79 -4.50 7.51
CA TYR A 139 -16.75 -3.68 6.77
C TYR A 139 -17.65 -4.54 5.90
N VAL A 140 -17.04 -5.42 5.10
CA VAL A 140 -17.79 -6.30 4.23
C VAL A 140 -18.89 -7.03 4.99
N SER A 141 -20.14 -6.78 4.59
CA SER A 141 -21.29 -7.41 5.24
C SER A 141 -22.50 -7.40 4.33
N ARG A 142 -23.42 -8.34 4.56
CA ARG A 142 -24.63 -8.44 3.75
C ARG A 142 -25.71 -7.50 4.27
N ASP A 143 -26.05 -6.50 3.48
CA ASP A 143 -27.08 -5.53 3.87
C ASP A 143 -28.02 -5.25 2.71
N THR A 144 -29.30 -5.02 3.02
CA THR A 144 -30.30 -4.75 2.01
C THR A 144 -31.17 -3.55 2.39
N SER A 145 -31.82 -3.65 3.55
CA SER A 145 -32.68 -2.57 4.04
C SER A 145 -31.84 -1.45 4.65
N SER A 146 -32.49 -0.31 4.88
CA SER A 146 -31.82 0.85 5.46
C SER A 146 -31.67 0.70 6.97
N SER A 147 -30.44 0.52 7.43
CA SER A 147 -30.17 0.35 8.85
C SER A 147 -30.50 1.62 9.62
N GLY A 148 -29.85 2.72 9.25
CA GLY A 148 -30.08 3.99 9.91
C GLY A 148 -28.88 4.90 9.89
N PRO A 149 -28.80 5.82 10.85
CA PRO A 149 -27.69 6.76 10.96
C PRO A 149 -26.39 6.10 11.39
N SER A 150 -25.50 5.87 10.42
CA SER A 150 -24.23 5.23 10.69
C SER A 150 -23.70 5.62 12.06
N SER A 151 -23.76 4.68 13.01
CA SER A 151 -23.29 4.94 14.36
C SER A 151 -22.32 3.85 14.82
N GLY A 152 -21.21 4.27 15.42
CA GLY A 152 -20.22 3.31 15.89
C GLY A 152 -20.26 3.13 17.40
N GLY A 1 31.28 22.09 9.12
CA GLY A 1 31.14 20.77 8.56
C GLY A 1 31.65 20.69 7.13
N SER A 2 31.11 19.75 6.36
CA SER A 2 31.51 19.58 4.97
C SER A 2 30.36 19.05 4.13
N SER A 3 30.57 18.96 2.82
CA SER A 3 29.55 18.48 1.91
C SER A 3 29.42 16.96 1.98
N GLY A 4 28.24 16.49 2.37
CA GLY A 4 28.01 15.05 2.48
C GLY A 4 26.99 14.56 1.48
N SER A 5 27.31 13.46 0.80
CA SER A 5 26.41 12.87 -0.19
C SER A 5 25.66 11.69 0.38
N SER A 6 25.18 11.83 1.61
CA SER A 6 24.44 10.77 2.28
C SER A 6 22.93 10.92 2.06
N GLY A 7 22.40 10.14 1.13
CA GLY A 7 20.98 10.20 0.84
C GLY A 7 20.20 9.09 1.52
N GLU A 8 20.03 9.19 2.83
CA GLU A 8 19.31 8.18 3.59
C GLU A 8 17.82 8.25 3.28
N GLN A 9 17.34 9.43 2.89
CA GLN A 9 15.94 9.63 2.57
C GLN A 9 15.53 8.78 1.37
N ALA A 10 16.29 8.91 0.28
CA ALA A 10 16.00 8.15 -0.93
C ALA A 10 15.91 6.66 -0.64
N GLU A 11 16.75 6.18 0.27
CA GLU A 11 16.77 4.77 0.63
C GLU A 11 15.56 4.42 1.50
N ALA A 12 15.24 5.30 2.43
CA ALA A 12 14.11 5.09 3.33
C ALA A 12 12.93 4.47 2.58
N GLN A 13 12.54 5.10 1.48
CA GLN A 13 11.43 4.61 0.68
C GLN A 13 11.79 3.28 0.00
N LEU A 14 12.95 3.25 -0.63
CA LEU A 14 13.42 2.06 -1.33
C LEU A 14 13.35 0.84 -0.41
N ALA A 15 14.14 0.87 0.66
CA ALA A 15 14.17 -0.22 1.62
C ALA A 15 12.79 -0.86 1.78
N GLU A 16 11.80 -0.05 2.13
CA GLU A 16 10.44 -0.52 2.32
C GLU A 16 9.97 -1.30 1.09
N LEU A 17 10.28 -0.78 -0.09
CA LEU A 17 9.88 -1.42 -1.34
C LEU A 17 10.59 -2.76 -1.51
N ASP A 18 11.91 -2.70 -1.68
CA ASP A 18 12.72 -3.90 -1.85
C ASP A 18 12.31 -4.97 -0.85
N LEU A 19 12.21 -4.58 0.42
CA LEU A 19 11.84 -5.51 1.48
C LEU A 19 10.51 -6.18 1.16
N LEU A 20 9.47 -5.38 1.00
CA LEU A 20 8.14 -5.89 0.70
C LEU A 20 8.21 -7.04 -0.30
N ALA A 21 8.85 -6.78 -1.45
CA ALA A 21 8.99 -7.79 -2.49
C ALA A 21 9.23 -9.16 -1.88
N SER A 22 10.11 -9.22 -0.89
CA SER A 22 10.44 -10.48 -0.23
C SER A 22 9.32 -10.90 0.73
N MET A 23 8.76 -9.93 1.44
CA MET A 23 7.68 -10.20 2.39
C MET A 23 6.53 -10.91 1.68
N PHE A 24 6.35 -10.63 0.41
CA PHE A 24 5.27 -11.25 -0.38
C PHE A 24 5.83 -12.28 -1.36
N PRO A 25 6.22 -13.45 -0.82
CA PRO A 25 6.78 -14.54 -1.63
C PRO A 25 5.73 -15.18 -2.54
N GLY A 26 4.52 -15.33 -2.01
CA GLY A 26 3.44 -15.93 -2.80
C GLY A 26 3.50 -15.53 -4.26
N GLU A 27 3.08 -16.46 -5.13
CA GLU A 27 3.09 -16.20 -6.56
C GLU A 27 1.95 -15.27 -6.95
N ASN A 28 2.30 -14.16 -7.61
CA ASN A 28 1.30 -13.19 -8.05
C ASN A 28 0.65 -12.51 -6.84
N GLU A 29 1.47 -12.11 -5.88
CA GLU A 29 0.97 -11.45 -4.67
C GLU A 29 1.07 -9.93 -4.81
N LEU A 30 2.28 -9.44 -5.05
CA LEU A 30 2.50 -8.01 -5.20
C LEU A 30 2.94 -7.67 -6.62
N ILE A 31 2.44 -6.56 -7.14
CA ILE A 31 2.78 -6.12 -8.49
C ILE A 31 3.15 -4.64 -8.52
N VAL A 32 4.34 -4.34 -9.03
CA VAL A 32 4.80 -2.96 -9.12
C VAL A 32 4.76 -2.45 -10.55
N ASN A 33 3.65 -1.80 -10.90
CA ASN A 33 3.49 -1.26 -12.25
C ASN A 33 4.57 -0.23 -12.57
N ASP A 34 4.64 0.81 -11.75
CA ASP A 34 5.63 1.87 -11.93
C ASP A 34 7.05 1.33 -11.75
N GLN A 35 7.62 0.81 -12.82
CA GLN A 35 8.97 0.26 -12.78
C GLN A 35 10.01 1.37 -12.83
N LEU A 36 9.88 2.26 -13.81
CA LEU A 36 10.81 3.36 -13.98
C LEU A 36 11.01 4.11 -12.66
N ALA A 37 9.91 4.42 -12.00
CA ALA A 37 9.96 5.13 -10.73
C ALA A 37 10.94 4.46 -9.76
N VAL A 38 10.88 3.14 -9.69
CA VAL A 38 11.77 2.39 -8.81
C VAL A 38 13.20 2.42 -9.32
N ALA A 39 13.37 2.17 -10.61
CA ALA A 39 14.70 2.17 -11.22
C ALA A 39 15.47 3.44 -10.83
N GLU A 40 14.88 4.59 -11.12
CA GLU A 40 15.52 5.87 -10.81
C GLU A 40 15.96 5.92 -9.35
N LEU A 41 15.06 5.52 -8.46
CA LEU A 41 15.35 5.52 -7.03
C LEU A 41 16.69 4.85 -6.75
N LYS A 42 17.01 3.83 -7.53
CA LYS A 42 18.27 3.10 -7.37
C LYS A 42 19.44 3.90 -7.92
N ASP A 43 19.45 4.11 -9.23
CA ASP A 43 20.51 4.87 -9.87
C ASP A 43 20.87 6.11 -9.05
N CYS A 44 19.85 6.72 -8.44
CA CYS A 44 20.06 7.92 -7.63
C CYS A 44 20.93 7.60 -6.41
N ILE A 45 20.56 6.56 -5.68
CA ILE A 45 21.30 6.16 -4.49
C ILE A 45 22.69 5.63 -4.86
N GLU A 46 22.74 4.80 -5.89
CA GLU A 46 24.00 4.24 -6.35
C GLU A 46 24.97 5.33 -6.77
N LYS A 47 24.50 6.24 -7.62
CA LYS A 47 25.32 7.34 -8.10
C LYS A 47 25.41 8.46 -7.06
N LYS A 48 24.87 8.19 -5.88
CA LYS A 48 24.88 9.17 -4.79
C LYS A 48 24.44 10.54 -5.30
N THR A 49 23.46 10.56 -6.20
CA THR A 49 22.96 11.80 -6.76
C THR A 49 21.45 11.87 -6.69
N MET A 50 20.93 12.89 -6.00
CA MET A 50 19.48 13.05 -5.86
C MET A 50 18.97 14.12 -6.82
N GLU A 51 18.66 13.70 -8.04
CA GLU A 51 18.16 14.63 -9.06
C GLU A 51 16.73 15.06 -8.75
N GLY A 52 15.91 14.09 -8.34
CA GLY A 52 14.52 14.39 -8.01
C GLY A 52 13.55 13.49 -8.74
N ARG A 53 13.02 12.50 -8.03
CA ARG A 53 12.07 11.56 -8.61
C ARG A 53 11.03 12.30 -9.45
N SER A 54 10.51 11.63 -10.47
CA SER A 54 9.51 12.21 -11.35
C SER A 54 8.18 11.49 -11.22
N SER A 55 8.23 10.16 -11.13
CA SER A 55 7.03 9.35 -11.00
C SER A 55 6.89 8.81 -9.59
N LYS A 56 5.65 8.72 -9.11
CA LYS A 56 5.37 8.21 -7.78
C LYS A 56 5.40 6.69 -7.75
N VAL A 57 6.05 6.13 -6.73
CA VAL A 57 6.15 4.68 -6.60
C VAL A 57 4.77 4.04 -6.49
N TYR A 58 4.25 3.58 -7.62
CA TYR A 58 2.94 2.94 -7.65
C TYR A 58 3.07 1.43 -7.70
N PHE A 59 2.45 0.76 -6.75
CA PHE A 59 2.49 -0.71 -6.68
C PHE A 59 1.29 -1.25 -5.93
N THR A 60 0.51 -2.10 -6.59
CA THR A 60 -0.67 -2.70 -5.99
C THR A 60 -0.34 -4.03 -5.32
N ILE A 61 -0.99 -4.29 -4.19
CA ILE A 61 -0.76 -5.53 -3.46
C ILE A 61 -2.03 -6.37 -3.39
N ASN A 62 -1.93 -7.61 -3.88
CA ASN A 62 -3.07 -8.52 -3.88
C ASN A 62 -3.02 -9.46 -2.68
N MET A 63 -3.90 -9.23 -1.71
CA MET A 63 -3.95 -10.06 -0.52
C MET A 63 -5.22 -10.91 -0.49
N ASN A 64 -5.05 -12.23 -0.42
CA ASN A 64 -6.17 -13.15 -0.40
C ASN A 64 -6.60 -13.45 1.03
N LEU A 65 -7.75 -12.93 1.43
CA LEU A 65 -8.26 -13.15 2.78
C LEU A 65 -9.71 -13.64 2.74
N ASP A 66 -10.08 -14.47 3.69
CA ASP A 66 -11.43 -15.00 3.78
C ASP A 66 -12.40 -13.95 4.32
N VAL A 67 -13.49 -13.73 3.61
CA VAL A 67 -14.50 -12.75 4.02
C VAL A 67 -15.75 -13.45 4.56
N SER A 68 -16.25 -14.42 3.81
CA SER A 68 -17.44 -15.15 4.22
C SER A 68 -17.66 -16.37 3.32
N ASP A 69 -18.63 -17.20 3.69
CA ASP A 69 -18.94 -18.40 2.92
C ASP A 69 -17.66 -19.17 2.56
N GLU A 70 -16.85 -19.46 3.57
CA GLU A 70 -15.61 -20.17 3.37
C GLU A 70 -14.93 -19.73 2.06
N LYS A 71 -15.17 -18.48 1.68
CA LYS A 71 -14.59 -17.94 0.45
C LYS A 71 -13.66 -16.77 0.76
N MET A 72 -12.99 -16.26 -0.26
CA MET A 72 -12.09 -15.13 -0.10
C MET A 72 -12.07 -14.25 -1.35
N ALA A 73 -11.66 -13.01 -1.18
CA ALA A 73 -11.60 -12.06 -2.29
C ALA A 73 -10.23 -11.40 -2.39
N MET A 74 -9.93 -10.83 -3.55
CA MET A 74 -8.65 -10.16 -3.76
C MET A 74 -8.75 -8.68 -3.44
N PHE A 75 -7.95 -8.24 -2.46
CA PHE A 75 -7.95 -6.83 -2.06
C PHE A 75 -6.81 -6.07 -2.73
N SER A 76 -7.15 -5.01 -3.44
CA SER A 76 -6.16 -4.20 -4.14
C SER A 76 -5.78 -2.97 -3.30
N LEU A 77 -4.53 -2.94 -2.86
CA LEU A 77 -4.04 -1.82 -2.06
C LEU A 77 -3.06 -0.97 -2.85
N ALA A 78 -3.58 0.09 -3.48
CA ALA A 78 -2.75 0.99 -4.27
C ALA A 78 -1.88 1.87 -3.37
N CYS A 79 -0.65 1.43 -3.15
CA CYS A 79 0.28 2.17 -2.31
C CYS A 79 1.14 3.11 -3.14
N ILE A 80 1.10 4.39 -2.83
CA ILE A 80 1.87 5.40 -3.55
C ILE A 80 2.73 6.23 -2.60
N LEU A 81 4.04 6.11 -2.74
CA LEU A 81 4.98 6.86 -1.90
C LEU A 81 5.47 8.11 -2.62
N PRO A 82 5.16 9.28 -2.04
CA PRO A 82 5.57 10.58 -2.61
C PRO A 82 7.08 10.80 -2.49
N PHE A 83 7.51 12.01 -2.82
CA PHE A 83 8.93 12.36 -2.76
C PHE A 83 9.30 12.86 -1.36
N LYS A 84 8.32 13.42 -0.66
CA LYS A 84 8.54 13.94 0.69
C LYS A 84 8.80 12.80 1.67
N TYR A 85 7.98 11.76 1.58
CA TYR A 85 8.12 10.60 2.46
C TYR A 85 9.57 10.43 2.90
N PRO A 86 9.75 10.02 4.17
CA PRO A 86 8.63 9.75 5.08
C PRO A 86 7.91 11.03 5.50
N ALA A 87 8.47 12.17 5.15
CA ALA A 87 7.87 13.46 5.48
C ALA A 87 6.35 13.36 5.51
N VAL A 88 5.74 13.34 4.33
CA VAL A 88 4.30 13.25 4.21
C VAL A 88 3.85 11.81 4.01
N LEU A 89 2.96 11.35 4.89
CA LEU A 89 2.45 9.98 4.81
C LEU A 89 2.21 9.58 3.35
N PRO A 90 2.11 8.26 3.11
CA PRO A 90 1.87 7.71 1.77
C PRO A 90 0.47 8.00 1.27
N GLU A 91 0.10 7.37 0.16
CA GLU A 91 -1.23 7.56 -0.43
C GLU A 91 -1.85 6.22 -0.78
N ILE A 92 -2.12 5.40 0.23
CA ILE A 92 -2.73 4.09 0.03
C ILE A 92 -4.21 4.22 -0.28
N THR A 93 -4.69 3.43 -1.23
CA THR A 93 -6.09 3.44 -1.61
C THR A 93 -6.65 2.03 -1.75
N VAL A 94 -7.35 1.58 -0.71
CA VAL A 94 -7.94 0.24 -0.70
C VAL A 94 -9.15 0.18 -1.63
N ARG A 95 -9.25 -0.92 -2.39
CA ARG A 95 -10.35 -1.11 -3.32
C ARG A 95 -10.71 -2.59 -3.44
N SER A 96 -12.01 -2.87 -3.46
CA SER A 96 -12.48 -4.25 -3.57
C SER A 96 -13.85 -4.30 -4.24
N VAL A 97 -14.02 -5.25 -5.15
CA VAL A 97 -15.28 -5.41 -5.87
C VAL A 97 -16.44 -5.65 -4.91
N LEU A 98 -16.15 -6.35 -3.80
CA LEU A 98 -17.17 -6.64 -2.80
C LEU A 98 -17.67 -5.36 -2.14
N LEU A 99 -16.74 -4.55 -1.67
CA LEU A 99 -17.09 -3.28 -1.02
C LEU A 99 -17.79 -2.34 -1.99
N SER A 100 -18.29 -1.22 -1.48
CA SER A 100 -18.97 -0.24 -2.30
C SER A 100 -18.17 1.07 -2.38
N ARG A 101 -18.64 1.99 -3.19
CA ARG A 101 -17.97 3.28 -3.36
C ARG A 101 -17.95 4.05 -2.05
N SER A 102 -19.05 3.98 -1.30
CA SER A 102 -19.17 4.67 -0.03
C SER A 102 -18.39 3.93 1.06
N GLN A 103 -18.78 2.69 1.30
CA GLN A 103 -18.12 1.87 2.32
C GLN A 103 -16.61 1.93 2.18
N GLN A 104 -16.11 1.45 1.04
CA GLN A 104 -14.68 1.44 0.78
C GLN A 104 -14.02 2.71 1.31
N THR A 105 -14.58 3.86 0.94
CA THR A 105 -14.05 5.15 1.38
C THR A 105 -13.74 5.14 2.87
N GLN A 106 -14.79 5.00 3.68
CA GLN A 106 -14.63 4.97 5.13
C GLN A 106 -13.38 4.18 5.53
N LEU A 107 -13.34 2.91 5.12
CA LEU A 107 -12.20 2.04 5.43
C LEU A 107 -10.89 2.80 5.26
N ASN A 108 -10.69 3.39 4.10
CA ASN A 108 -9.47 4.14 3.81
C ASN A 108 -9.22 5.20 4.89
N THR A 109 -10.21 6.05 5.11
CA THR A 109 -10.10 7.10 6.11
C THR A 109 -9.44 6.59 7.39
N ASP A 110 -9.77 5.35 7.75
CA ASP A 110 -9.21 4.74 8.96
C ASP A 110 -7.81 4.19 8.69
N LEU A 111 -7.70 3.31 7.71
CA LEU A 111 -6.42 2.72 7.34
C LEU A 111 -5.29 3.74 7.48
N THR A 112 -5.40 4.84 6.73
CA THR A 112 -4.40 5.88 6.77
C THR A 112 -4.21 6.41 8.19
N ALA A 113 -5.27 6.98 8.75
CA ALA A 113 -5.22 7.52 10.09
C ALA A 113 -4.36 6.66 11.01
N PHE A 114 -4.63 5.35 11.01
CA PHE A 114 -3.88 4.43 11.85
C PHE A 114 -2.39 4.77 11.86
N LEU A 115 -1.77 4.72 10.68
CA LEU A 115 -0.36 5.03 10.55
C LEU A 115 -0.06 6.43 11.06
N GLN A 116 -0.66 7.43 10.41
CA GLN A 116 -0.47 8.83 10.80
C GLN A 116 -0.34 8.95 12.31
N LYS A 117 -1.08 8.12 13.04
CA LYS A 117 -1.06 8.14 14.49
C LYS A 117 0.11 7.32 15.03
N HIS A 118 0.06 6.02 14.78
CA HIS A 118 1.12 5.11 15.24
C HIS A 118 2.41 5.37 14.48
N CYS A 119 2.36 5.24 13.16
CA CYS A 119 3.53 5.46 12.33
C CYS A 119 3.55 6.87 11.75
N HIS A 120 4.33 7.75 12.36
CA HIS A 120 4.42 9.14 11.91
C HIS A 120 5.87 9.51 11.60
N GLY A 121 6.10 10.02 10.40
CA GLY A 121 7.44 10.41 10.00
C GLY A 121 8.34 9.21 9.77
N ASP A 122 7.80 8.18 9.15
CA ASP A 122 8.57 6.96 8.86
C ASP A 122 8.02 6.27 7.61
N VAL A 123 8.63 5.12 7.28
CA VAL A 123 8.20 4.35 6.11
C VAL A 123 7.71 2.97 6.52
N CYS A 124 6.40 2.86 6.74
CA CYS A 124 5.80 1.59 7.13
C CYS A 124 4.60 1.26 6.24
N ILE A 125 4.82 0.40 5.26
CA ILE A 125 3.76 0.00 4.34
C ILE A 125 3.04 -1.23 4.84
N LEU A 126 3.77 -2.11 5.52
CA LEU A 126 3.19 -3.34 6.06
C LEU A 126 2.09 -3.03 7.06
N ASN A 127 2.44 -2.34 8.13
CA ASN A 127 1.48 -1.97 9.16
C ASN A 127 0.10 -1.69 8.55
N ALA A 128 0.10 -1.11 7.36
CA ALA A 128 -1.15 -0.80 6.66
C ALA A 128 -1.88 -2.07 6.26
N THR A 129 -1.16 -2.96 5.59
CA THR A 129 -1.74 -4.21 5.13
C THR A 129 -2.22 -5.06 6.31
N GLU A 130 -1.52 -4.94 7.43
CA GLU A 130 -1.87 -5.70 8.63
C GLU A 130 -3.10 -5.09 9.32
N TRP A 131 -3.35 -3.82 9.03
CA TRP A 131 -4.49 -3.12 9.63
C TRP A 131 -5.72 -3.27 8.75
N VAL A 132 -5.52 -3.66 7.49
CA VAL A 132 -6.62 -3.83 6.55
C VAL A 132 -7.17 -5.25 6.62
N ARG A 133 -6.34 -6.22 6.28
CA ARG A 133 -6.75 -7.63 6.30
C ARG A 133 -7.67 -7.90 7.49
N GLU A 134 -7.49 -7.14 8.56
CA GLU A 134 -8.30 -7.31 9.76
C GLU A 134 -9.56 -6.45 9.69
N HIS A 135 -9.36 -5.13 9.62
CA HIS A 135 -10.47 -4.19 9.55
C HIS A 135 -11.40 -4.55 8.39
N ALA A 136 -10.84 -4.66 7.19
CA ALA A 136 -11.62 -5.00 6.00
C ALA A 136 -12.77 -5.94 6.35
N SER A 137 -12.43 -7.17 6.75
CA SER A 137 -13.43 -8.16 7.10
C SER A 137 -14.63 -7.51 7.77
N GLY A 138 -14.35 -6.58 8.69
CA GLY A 138 -15.42 -5.89 9.40
C GLY A 138 -16.39 -5.19 8.45
N TYR A 139 -15.86 -4.27 7.64
CA TYR A 139 -16.67 -3.54 6.69
C TYR A 139 -17.32 -4.47 5.67
N VAL A 140 -16.50 -5.31 5.04
CA VAL A 140 -17.00 -6.25 4.05
C VAL A 140 -18.28 -6.93 4.52
N SER A 141 -19.39 -6.65 3.83
CA SER A 141 -20.67 -7.23 4.19
C SER A 141 -21.55 -7.39 2.95
N ARG A 142 -21.80 -8.63 2.55
CA ARG A 142 -22.63 -8.92 1.39
C ARG A 142 -23.32 -10.26 1.54
N ASP A 143 -24.63 -10.28 1.26
CA ASP A 143 -25.42 -11.49 1.37
C ASP A 143 -26.31 -11.67 0.14
N THR A 144 -27.16 -10.69 -0.11
CA THR A 144 -28.07 -10.74 -1.25
C THR A 144 -27.34 -11.15 -2.52
N SER A 145 -28.09 -11.55 -3.54
CA SER A 145 -27.51 -11.97 -4.81
C SER A 145 -28.17 -11.24 -5.97
N SER A 146 -27.40 -10.42 -6.67
CA SER A 146 -27.91 -9.66 -7.80
C SER A 146 -27.11 -9.97 -9.07
N SER A 147 -25.80 -9.73 -9.00
CA SER A 147 -24.92 -9.98 -10.14
C SER A 147 -25.12 -11.39 -10.67
N GLY A 148 -25.64 -11.49 -11.90
CA GLY A 148 -25.87 -12.79 -12.51
C GLY A 148 -26.89 -12.74 -13.63
N PRO A 149 -28.15 -13.07 -13.31
CA PRO A 149 -29.24 -13.05 -14.29
C PRO A 149 -29.62 -11.64 -14.73
N SER A 150 -29.49 -11.38 -16.02
CA SER A 150 -29.81 -10.06 -16.56
C SER A 150 -31.10 -10.11 -17.37
N SER A 151 -31.97 -9.13 -17.15
CA SER A 151 -33.25 -9.07 -17.85
C SER A 151 -33.22 -8.00 -18.93
N GLY A 152 -33.15 -8.43 -20.19
CA GLY A 152 -33.11 -7.51 -21.30
C GLY A 152 -33.65 -8.11 -22.58
N GLY A 1 29.53 16.89 11.64
CA GLY A 1 30.91 16.52 11.87
C GLY A 1 31.53 15.80 10.68
N SER A 2 31.03 14.59 10.42
CA SER A 2 31.53 13.79 9.31
C SER A 2 30.54 13.76 8.15
N SER A 3 30.85 14.49 7.09
CA SER A 3 29.97 14.54 5.92
C SER A 3 30.35 13.46 4.91
N GLY A 4 29.43 13.18 3.99
CA GLY A 4 29.68 12.17 2.98
C GLY A 4 28.43 11.81 2.19
N SER A 5 27.69 10.83 2.69
CA SER A 5 26.47 10.38 2.02
C SER A 5 25.31 11.32 2.33
N SER A 6 24.83 12.01 1.31
CA SER A 6 23.72 12.95 1.48
C SER A 6 22.49 12.48 0.71
N GLY A 7 22.20 11.19 0.81
CA GLY A 7 21.04 10.63 0.12
C GLY A 7 20.36 9.54 0.93
N GLU A 8 20.16 9.80 2.22
CA GLU A 8 19.51 8.84 3.09
C GLU A 8 18.02 8.74 2.78
N GLN A 9 17.36 9.88 2.70
CA GLN A 9 15.93 9.92 2.40
C GLN A 9 15.58 8.93 1.28
N ALA A 10 16.26 9.06 0.16
CA ALA A 10 16.03 8.19 -0.99
C ALA A 10 16.09 6.72 -0.57
N GLU A 11 17.10 6.38 0.22
CA GLU A 11 17.28 5.00 0.68
C GLU A 11 16.12 4.59 1.60
N ALA A 12 15.67 5.53 2.43
CA ALA A 12 14.57 5.25 3.35
C ALA A 12 13.39 4.62 2.63
N GLN A 13 12.97 5.25 1.54
CA GLN A 13 11.84 4.74 0.77
C GLN A 13 12.22 3.46 0.03
N LEU A 14 13.44 3.43 -0.50
CA LEU A 14 13.92 2.26 -1.24
C LEU A 14 13.86 1.01 -0.36
N ALA A 15 14.66 1.00 0.69
CA ALA A 15 14.69 -0.13 1.61
C ALA A 15 13.31 -0.76 1.77
N GLU A 16 12.36 0.05 2.24
CA GLU A 16 11.00 -0.43 2.45
C GLU A 16 10.51 -1.22 1.24
N LEU A 17 10.67 -0.63 0.05
CA LEU A 17 10.25 -1.27 -1.18
C LEU A 17 10.89 -2.65 -1.34
N ASP A 18 12.20 -2.66 -1.57
CA ASP A 18 12.95 -3.89 -1.72
C ASP A 18 12.52 -4.92 -0.69
N LEU A 19 12.35 -4.46 0.56
CA LEU A 19 11.95 -5.34 1.65
C LEU A 19 10.63 -6.04 1.32
N LEU A 20 9.56 -5.26 1.22
CA LEU A 20 8.24 -5.81 0.91
C LEU A 20 8.36 -6.97 -0.07
N ALA A 21 8.93 -6.70 -1.23
CA ALA A 21 9.10 -7.73 -2.26
C ALA A 21 9.36 -9.10 -1.63
N SER A 22 10.28 -9.12 -0.66
CA SER A 22 10.63 -10.37 0.02
C SER A 22 9.47 -10.86 0.88
N MET A 23 8.83 -9.94 1.59
CA MET A 23 7.71 -10.28 2.45
C MET A 23 6.63 -11.02 1.66
N PHE A 24 6.44 -10.63 0.41
CA PHE A 24 5.44 -11.24 -0.46
C PHE A 24 6.10 -12.09 -1.54
N PRO A 25 6.47 -13.32 -1.18
CA PRO A 25 7.11 -14.26 -2.12
C PRO A 25 6.16 -14.75 -3.20
N GLY A 26 4.87 -14.75 -2.89
CA GLY A 26 3.87 -15.18 -3.85
C GLY A 26 4.05 -14.54 -5.21
N GLU A 27 3.44 -15.14 -6.23
CA GLU A 27 3.54 -14.62 -7.59
C GLU A 27 2.48 -13.55 -7.84
N ASN A 28 1.29 -13.77 -7.30
CA ASN A 28 0.18 -12.83 -7.47
C ASN A 28 -0.15 -12.14 -6.15
N GLU A 29 0.87 -11.90 -5.34
CA GLU A 29 0.68 -11.25 -4.05
C GLU A 29 0.89 -9.74 -4.16
N LEU A 30 1.90 -9.35 -4.93
CA LEU A 30 2.21 -7.93 -5.13
C LEU A 30 2.64 -7.67 -6.56
N ILE A 31 2.20 -6.54 -7.11
CA ILE A 31 2.55 -6.17 -8.48
C ILE A 31 2.96 -4.70 -8.56
N VAL A 32 4.21 -4.46 -8.94
CA VAL A 32 4.72 -3.10 -9.06
C VAL A 32 4.54 -2.57 -10.49
N ASN A 33 3.44 -1.84 -10.70
CA ASN A 33 3.15 -1.28 -12.01
C ASN A 33 4.28 -0.37 -12.48
N ASP A 34 4.60 0.63 -11.66
CA ASP A 34 5.66 1.58 -11.98
C ASP A 34 7.03 0.96 -11.71
N GLN A 35 7.73 0.59 -12.78
CA GLN A 35 9.05 0.00 -12.65
C GLN A 35 10.14 1.04 -12.78
N LEU A 36 9.91 2.03 -13.64
CA LEU A 36 10.87 3.10 -13.87
C LEU A 36 11.10 3.90 -12.58
N ALA A 37 10.01 4.22 -11.90
CA ALA A 37 10.10 4.98 -10.65
C ALA A 37 11.18 4.41 -9.73
N VAL A 38 11.26 3.08 -9.68
CA VAL A 38 12.24 2.41 -8.84
C VAL A 38 13.64 2.54 -9.42
N ALA A 39 13.76 2.25 -10.72
CA ALA A 39 15.04 2.33 -11.41
C ALA A 39 15.75 3.65 -11.08
N GLU A 40 15.03 4.75 -11.20
CA GLU A 40 15.59 6.06 -10.91
C GLU A 40 16.08 6.15 -9.47
N LEU A 41 15.24 5.71 -8.55
CA LEU A 41 15.58 5.74 -7.13
C LEU A 41 16.93 5.07 -6.88
N LYS A 42 17.13 3.92 -7.51
CA LYS A 42 18.38 3.17 -7.35
C LYS A 42 19.52 3.88 -8.07
N ASP A 43 19.40 3.99 -9.39
CA ASP A 43 20.43 4.65 -10.20
C ASP A 43 20.94 5.92 -9.51
N CYS A 44 20.05 6.57 -8.77
CA CYS A 44 20.42 7.79 -8.06
C CYS A 44 21.35 7.49 -6.90
N ILE A 45 20.86 6.74 -5.92
CA ILE A 45 21.66 6.38 -4.75
C ILE A 45 23.00 5.79 -5.17
N GLU A 46 22.96 4.86 -6.12
CA GLU A 46 24.17 4.21 -6.60
C GLU A 46 25.14 5.24 -7.18
N LYS A 47 24.59 6.23 -7.90
CA LYS A 47 25.42 7.27 -8.51
C LYS A 47 25.68 8.40 -7.51
N LYS A 48 25.18 8.23 -6.29
CA LYS A 48 25.38 9.23 -5.24
C LYS A 48 24.85 10.60 -5.69
N THR A 49 23.70 10.59 -6.35
CA THR A 49 23.09 11.83 -6.83
C THR A 49 21.59 11.83 -6.57
N MET A 50 20.96 12.99 -6.75
CA MET A 50 19.53 13.13 -6.53
C MET A 50 18.88 13.90 -7.69
N GLU A 51 18.87 13.29 -8.87
CA GLU A 51 18.28 13.92 -10.04
C GLU A 51 16.93 14.53 -9.71
N GLY A 52 16.08 13.75 -9.04
CA GLY A 52 14.77 14.23 -8.67
C GLY A 52 13.66 13.28 -9.08
N ARG A 53 13.17 12.50 -8.13
CA ARG A 53 12.11 11.54 -8.40
C ARG A 53 10.84 12.24 -8.90
N SER A 54 10.51 12.02 -10.15
CA SER A 54 9.33 12.64 -10.75
C SER A 54 8.15 11.66 -10.76
N SER A 55 8.44 10.38 -10.99
CA SER A 55 7.42 9.36 -11.03
C SER A 55 7.27 8.68 -9.67
N LYS A 56 6.09 8.80 -9.07
CA LYS A 56 5.83 8.20 -7.77
C LYS A 56 5.83 6.68 -7.86
N VAL A 57 6.27 6.03 -6.79
CA VAL A 57 6.32 4.57 -6.76
C VAL A 57 4.92 3.98 -6.64
N TYR A 58 4.37 3.55 -7.77
CA TYR A 58 3.02 2.96 -7.79
C TYR A 58 3.11 1.45 -7.81
N PHE A 59 2.45 0.81 -6.84
CA PHE A 59 2.44 -0.64 -6.74
C PHE A 59 1.22 -1.13 -5.98
N THR A 60 0.55 -2.14 -6.53
CA THR A 60 -0.65 -2.70 -5.90
C THR A 60 -0.33 -4.02 -5.20
N ILE A 61 -1.09 -4.31 -4.14
CA ILE A 61 -0.89 -5.55 -3.39
C ILE A 61 -2.17 -6.36 -3.32
N ASN A 62 -2.11 -7.60 -3.80
CA ASN A 62 -3.26 -8.49 -3.79
C ASN A 62 -3.27 -9.37 -2.56
N MET A 63 -4.20 -9.11 -1.65
CA MET A 63 -4.32 -9.89 -0.42
C MET A 63 -5.58 -10.73 -0.43
N ASN A 64 -5.40 -12.05 -0.48
CA ASN A 64 -6.54 -12.97 -0.49
C ASN A 64 -6.97 -13.33 0.93
N LEU A 65 -8.14 -12.87 1.33
CA LEU A 65 -8.66 -13.14 2.66
C LEU A 65 -10.11 -13.63 2.59
N ASP A 66 -10.53 -14.37 3.62
CA ASP A 66 -11.89 -14.90 3.67
C ASP A 66 -12.85 -13.84 4.19
N VAL A 67 -13.83 -13.48 3.36
CA VAL A 67 -14.82 -12.48 3.74
C VAL A 67 -16.05 -13.12 4.36
N SER A 68 -16.60 -14.12 3.68
CA SER A 68 -17.78 -14.82 4.17
C SER A 68 -18.12 -16.01 3.27
N ASP A 69 -19.16 -16.75 3.64
CA ASP A 69 -19.59 -17.90 2.87
C ASP A 69 -18.42 -18.79 2.52
N GLU A 70 -17.59 -19.10 3.52
CA GLU A 70 -16.42 -19.95 3.32
C GLU A 70 -15.70 -19.58 2.03
N LYS A 71 -15.83 -18.32 1.64
CA LYS A 71 -15.18 -17.83 0.41
C LYS A 71 -14.20 -16.70 0.73
N MET A 72 -13.55 -16.18 -0.30
CA MET A 72 -12.59 -15.11 -0.13
C MET A 72 -12.58 -14.19 -1.35
N ALA A 73 -11.99 -13.01 -1.20
CA ALA A 73 -11.92 -12.05 -2.29
C ALA A 73 -10.51 -11.48 -2.43
N MET A 74 -10.30 -10.66 -3.46
CA MET A 74 -8.99 -10.05 -3.69
C MET A 74 -9.01 -8.57 -3.35
N PHE A 75 -8.23 -8.20 -2.34
CA PHE A 75 -8.15 -6.81 -1.90
C PHE A 75 -6.96 -6.10 -2.54
N SER A 76 -7.25 -5.12 -3.38
CA SER A 76 -6.20 -4.36 -4.07
C SER A 76 -5.85 -3.10 -3.28
N LEU A 77 -4.63 -3.05 -2.78
CA LEU A 77 -4.16 -1.90 -2.01
C LEU A 77 -3.21 -1.04 -2.84
N ALA A 78 -3.75 0.01 -3.45
CA ALA A 78 -2.95 0.91 -4.27
C ALA A 78 -2.09 1.83 -3.41
N CYS A 79 -0.82 1.48 -3.26
CA CYS A 79 0.10 2.28 -2.45
C CYS A 79 0.94 3.19 -3.33
N ILE A 80 1.11 4.43 -2.89
CA ILE A 80 1.90 5.41 -3.64
C ILE A 80 2.77 6.24 -2.71
N LEU A 81 4.08 6.07 -2.83
CA LEU A 81 5.03 6.82 -2.00
C LEU A 81 5.46 8.10 -2.69
N PRO A 82 5.10 9.25 -2.10
CA PRO A 82 5.44 10.57 -2.63
C PRO A 82 6.94 10.87 -2.51
N PHE A 83 7.31 12.10 -2.83
CA PHE A 83 8.70 12.52 -2.77
C PHE A 83 9.05 13.04 -1.37
N LYS A 84 8.02 13.29 -0.57
CA LYS A 84 8.21 13.78 0.79
C LYS A 84 8.59 12.66 1.74
N TYR A 85 7.81 11.58 1.72
CA TYR A 85 8.07 10.44 2.58
C TYR A 85 9.55 10.33 2.93
N PRO A 86 9.83 9.97 4.19
CA PRO A 86 8.79 9.67 5.19
C PRO A 86 8.03 10.91 5.62
N ALA A 87 8.56 12.08 5.26
CA ALA A 87 7.93 13.35 5.62
C ALA A 87 6.41 13.21 5.64
N VAL A 88 5.81 13.12 4.47
CA VAL A 88 4.36 12.99 4.35
C VAL A 88 3.96 11.53 4.12
N LEU A 89 3.13 11.01 5.01
CA LEU A 89 2.66 9.63 4.91
C LEU A 89 2.29 9.29 3.46
N PRO A 90 2.22 7.99 3.17
CA PRO A 90 1.88 7.50 1.83
C PRO A 90 0.42 7.76 1.48
N GLU A 91 0.00 7.26 0.32
CA GLU A 91 -1.38 7.45 -0.14
C GLU A 91 -2.01 6.10 -0.53
N ILE A 92 -2.07 5.20 0.43
CA ILE A 92 -2.66 3.88 0.20
C ILE A 92 -4.14 3.98 -0.09
N THR A 93 -4.60 3.27 -1.13
CA THR A 93 -6.00 3.28 -1.50
C THR A 93 -6.55 1.86 -1.61
N VAL A 94 -7.29 1.44 -0.58
CA VAL A 94 -7.88 0.11 -0.56
C VAL A 94 -9.12 0.05 -1.43
N ARG A 95 -9.28 -1.06 -2.15
CA ARG A 95 -10.43 -1.25 -3.02
C ARG A 95 -10.82 -2.72 -3.10
N SER A 96 -12.07 -2.98 -3.48
CA SER A 96 -12.57 -4.35 -3.58
C SER A 96 -13.85 -4.39 -4.40
N VAL A 97 -14.11 -5.53 -5.05
CA VAL A 97 -15.30 -5.71 -5.86
C VAL A 97 -16.52 -6.00 -5.00
N LEU A 98 -16.29 -6.21 -3.71
CA LEU A 98 -17.37 -6.50 -2.78
C LEU A 98 -17.80 -5.24 -2.03
N LEU A 99 -16.82 -4.45 -1.60
CA LEU A 99 -17.11 -3.21 -0.87
C LEU A 99 -17.65 -2.14 -1.82
N SER A 100 -18.65 -1.40 -1.35
CA SER A 100 -19.26 -0.35 -2.15
C SER A 100 -18.41 0.92 -2.12
N ARG A 101 -18.53 1.72 -3.18
CA ARG A 101 -17.76 2.95 -3.28
C ARG A 101 -17.90 3.79 -2.01
N SER A 102 -19.02 3.62 -1.31
CA SER A 102 -19.27 4.35 -0.08
C SER A 102 -18.52 3.72 1.09
N GLN A 103 -18.89 2.49 1.42
CA GLN A 103 -18.26 1.77 2.53
C GLN A 103 -16.74 1.84 2.42
N GLN A 104 -16.21 1.40 1.29
CA GLN A 104 -14.77 1.42 1.06
C GLN A 104 -14.16 2.74 1.51
N THR A 105 -14.73 3.84 1.03
CA THR A 105 -14.24 5.17 1.38
C THR A 105 -13.88 5.25 2.86
N GLN A 106 -14.80 4.80 3.71
CA GLN A 106 -14.58 4.81 5.15
C GLN A 106 -13.31 4.08 5.52
N LEU A 107 -13.28 2.77 5.23
CA LEU A 107 -12.11 1.95 5.54
C LEU A 107 -10.82 2.69 5.21
N ASN A 108 -10.85 3.49 4.15
CA ASN A 108 -9.69 4.26 3.73
C ASN A 108 -9.38 5.37 4.72
N THR A 109 -10.34 6.27 4.92
CA THR A 109 -10.18 7.39 5.84
C THR A 109 -9.55 6.92 7.16
N ASP A 110 -9.84 5.68 7.53
CA ASP A 110 -9.31 5.12 8.76
C ASP A 110 -7.95 4.45 8.52
N LEU A 111 -7.88 3.63 7.48
CA LEU A 111 -6.65 2.94 7.14
C LEU A 111 -5.44 3.82 7.41
N THR A 112 -5.51 5.07 6.97
CA THR A 112 -4.42 6.02 7.16
C THR A 112 -4.25 6.37 8.64
N ALA A 113 -5.30 6.93 9.22
CA ALA A 113 -5.27 7.31 10.63
C ALA A 113 -4.42 6.35 11.44
N PHE A 114 -4.62 5.06 11.23
CA PHE A 114 -3.88 4.03 11.94
C PHE A 114 -2.38 4.28 11.84
N LEU A 115 -1.85 4.20 10.63
CA LEU A 115 -0.42 4.42 10.40
C LEU A 115 -0.03 5.85 10.74
N GLN A 116 -1.00 6.75 10.67
CA GLN A 116 -0.76 8.16 10.98
C GLN A 116 -0.75 8.40 12.48
N LYS A 117 -1.42 7.52 13.22
CA LYS A 117 -1.49 7.63 14.67
C LYS A 117 -0.12 7.37 15.31
N HIS A 118 0.44 6.21 15.01
CA HIS A 118 1.75 5.84 15.55
C HIS A 118 2.84 5.99 14.50
N CYS A 119 2.63 5.37 13.35
CA CYS A 119 3.60 5.43 12.25
C CYS A 119 3.53 6.78 11.54
N HIS A 120 3.62 7.85 12.32
CA HIS A 120 3.57 9.20 11.77
C HIS A 120 4.88 9.57 11.09
N GLY A 121 4.95 9.34 9.78
CA GLY A 121 6.16 9.64 9.04
C GLY A 121 7.03 8.41 8.81
N ASP A 122 7.39 7.74 9.89
CA ASP A 122 8.21 6.54 9.80
C ASP A 122 7.82 5.69 8.59
N VAL A 123 8.80 5.01 8.02
CA VAL A 123 8.56 4.15 6.86
C VAL A 123 7.98 2.80 7.28
N CYS A 124 6.72 2.57 6.93
CA CYS A 124 6.05 1.32 7.27
C CYS A 124 4.81 1.11 6.40
N ILE A 125 4.92 0.21 5.44
CA ILE A 125 3.81 -0.09 4.54
C ILE A 125 3.00 -1.30 5.02
N LEU A 126 3.69 -2.22 5.68
CA LEU A 126 3.05 -3.42 6.21
C LEU A 126 1.94 -3.07 7.20
N ASN A 127 2.31 -2.34 8.24
CA ASN A 127 1.35 -1.93 9.26
C ASN A 127 0.00 -1.61 8.64
N ALA A 128 0.02 -1.16 7.39
CA ALA A 128 -1.20 -0.82 6.67
C ALA A 128 -1.99 -2.07 6.31
N THR A 129 -1.35 -2.98 5.58
CA THR A 129 -2.00 -4.22 5.16
C THR A 129 -2.55 -4.98 6.37
N GLU A 130 -1.67 -5.28 7.32
CA GLU A 130 -2.07 -6.00 8.52
C GLU A 130 -3.26 -5.33 9.20
N TRP A 131 -3.43 -4.04 8.93
CA TRP A 131 -4.54 -3.29 9.51
C TRP A 131 -5.78 -3.38 8.62
N VAL A 132 -5.57 -3.71 7.36
CA VAL A 132 -6.68 -3.83 6.41
C VAL A 132 -7.30 -5.22 6.48
N ARG A 133 -6.46 -6.25 6.35
CA ARG A 133 -6.93 -7.63 6.39
C ARG A 133 -7.83 -7.87 7.60
N GLU A 134 -7.59 -7.10 8.66
CA GLU A 134 -8.38 -7.23 9.89
C GLU A 134 -9.63 -6.35 9.83
N HIS A 135 -9.42 -5.08 9.49
CA HIS A 135 -10.53 -4.13 9.40
C HIS A 135 -11.45 -4.48 8.23
N ALA A 136 -10.89 -4.51 7.02
CA ALA A 136 -11.67 -4.83 5.83
C ALA A 136 -12.75 -5.86 6.14
N SER A 137 -12.33 -7.06 6.53
CA SER A 137 -13.26 -8.13 6.85
C SER A 137 -14.50 -7.57 7.55
N GLY A 138 -14.29 -6.69 8.51
CA GLY A 138 -15.38 -6.09 9.25
C GLY A 138 -16.34 -5.33 8.33
N TYR A 139 -15.79 -4.44 7.52
CA TYR A 139 -16.60 -3.64 6.61
C TYR A 139 -17.34 -4.53 5.62
N VAL A 140 -16.63 -5.52 5.07
CA VAL A 140 -17.23 -6.44 4.11
C VAL A 140 -18.65 -6.81 4.50
N SER A 141 -19.61 -6.29 3.76
CA SER A 141 -21.02 -6.55 4.02
C SER A 141 -21.60 -7.52 3.00
N ARG A 142 -22.57 -8.32 3.43
CA ARG A 142 -23.21 -9.29 2.55
C ARG A 142 -24.62 -8.84 2.16
N ASP A 143 -25.04 -9.21 0.96
CA ASP A 143 -26.37 -8.84 0.47
C ASP A 143 -26.79 -9.76 -0.68
N THR A 144 -28.00 -10.29 -0.58
CA THR A 144 -28.54 -11.19 -1.60
C THR A 144 -29.35 -10.41 -2.63
N SER A 145 -29.09 -10.71 -3.91
CA SER A 145 -29.79 -10.03 -5.00
C SER A 145 -30.96 -10.88 -5.50
N SER A 146 -32.15 -10.60 -4.99
CA SER A 146 -33.34 -11.36 -5.38
C SER A 146 -33.70 -11.08 -6.83
N SER A 147 -33.97 -12.15 -7.58
CA SER A 147 -34.32 -12.03 -8.99
C SER A 147 -35.69 -12.63 -9.27
N GLY A 148 -36.55 -11.84 -9.90
CA GLY A 148 -37.90 -12.30 -10.21
C GLY A 148 -37.92 -13.25 -11.40
N PRO A 149 -38.60 -12.82 -12.47
CA PRO A 149 -38.72 -13.64 -13.69
C PRO A 149 -37.40 -13.74 -14.45
N SER A 150 -37.36 -14.61 -15.44
CA SER A 150 -36.16 -14.81 -16.24
C SER A 150 -36.28 -14.13 -17.60
N SER A 151 -35.16 -13.66 -18.13
CA SER A 151 -35.15 -12.98 -19.43
C SER A 151 -35.44 -13.97 -20.56
N GLY A 152 -36.03 -13.46 -21.63
CA GLY A 152 -36.36 -14.30 -22.76
C GLY A 152 -35.12 -14.74 -23.54
#